data_4MLG
#
_entry.id   4MLG
#
_cell.length_a   124.525
_cell.length_b   148.702
_cell.length_c   125.648
_cell.angle_alpha   90
_cell.angle_beta   112.87
_cell.angle_gamma   90
#
_symmetry.space_group_name_H-M   'P 1 21 1'
#
loop_
_entity.id
_entity.type
_entity.pdbx_description
1 polymer Beta-xylosidase
2 non-polymer 'CALCIUM ION'
3 non-polymer 'SULFATE ION'
4 water water
#
_entity_poly.entity_id   1
_entity_poly.type   'polypeptide(L)'
_entity_poly.pdbx_seq_one_letter_code
;MKEPRYLVPGDYMADPAAHVFNDKLYIYPSHDWESGIPENDNGDHFNMKDYHVFSMDDVEQGEVTDHGVVLRTEDIPWAG
RQLWDSDVAFRNGKYYMYFPLKDQNDIFRIGVAISDRPEGPFIPQENPIKGSYSMDPCIWPDKDGEYYMYFGGLWGGQLQ
RYRNNKALECALLPEGDEPALCPKVVRLREDMLEFAEEPRDLMILDEKGKLLSAGDTKRRFFEASWMHYYNGKYYFSYST
GDTHLICYATGDNPYGPFTYRGVILTPVVGWTTHHSIVEFKGKWYLFHHDCVPSKGKTWLRSLKVAELKYNPDGSIQPIK
GTAE
;
_entity_poly.pdbx_strand_id   A,B,C,D,E,F,G,H,I,J,K,L
#
loop_
_chem_comp.id
_chem_comp.type
_chem_comp.name
_chem_comp.formula
CA non-polymer 'CALCIUM ION' 'Ca 2'
SO4 non-polymer 'SULFATE ION' 'O4 S -2'
#
# COMPACT_ATOMS: atom_id res chain seq x y z
N MET A 1 -4.24 -22.59 -15.15
CA MET A 1 -3.54 -21.79 -14.15
C MET A 1 -3.82 -22.30 -12.73
N LYS A 2 -2.77 -22.70 -12.03
CA LYS A 2 -2.89 -23.16 -10.65
C LYS A 2 -3.00 -21.96 -9.71
N GLU A 3 -2.38 -20.86 -10.10
CA GLU A 3 -2.41 -19.63 -9.32
C GLU A 3 -3.00 -18.49 -10.13
N PRO A 4 -3.72 -17.58 -9.46
CA PRO A 4 -4.31 -16.40 -10.11
C PRO A 4 -3.25 -15.54 -10.78
N ARG A 5 -3.53 -15.08 -12.00
CA ARG A 5 -2.56 -14.32 -12.77
C ARG A 5 -2.99 -12.86 -12.92
N TYR A 6 -2.08 -11.95 -12.59
CA TYR A 6 -2.31 -10.53 -12.80
C TYR A 6 -2.02 -10.16 -14.24
N LEU A 7 -2.96 -9.48 -14.88
CA LEU A 7 -2.87 -9.21 -16.32
C LEU A 7 -2.24 -7.86 -16.65
N VAL A 8 -2.65 -6.82 -15.93
CA VAL A 8 -2.11 -5.48 -16.18
C VAL A 8 -1.42 -4.92 -14.94
N PRO A 9 -0.10 -5.13 -14.83
CA PRO A 9 0.71 -4.68 -13.70
C PRO A 9 1.05 -3.19 -13.77
N GLY A 10 1.06 -2.63 -14.98
CA GLY A 10 1.47 -1.25 -15.18
C GLY A 10 0.46 -0.20 -14.73
N ASP A 11 -0.81 -0.57 -14.71
CA ASP A 11 -1.87 0.38 -14.36
C ASP A 11 -2.90 -0.27 -13.44
N TYR A 12 -3.82 0.54 -12.91
CA TYR A 12 -4.87 0.03 -12.04
C TYR A 12 -6.21 -0.09 -12.78
N MET A 13 -6.55 -1.31 -13.18
CA MET A 13 -7.82 -1.56 -13.87
C MET A 13 -8.73 -2.44 -13.03
N ALA A 14 -9.98 -2.03 -12.89
CA ALA A 14 -10.92 -2.72 -12.01
C ALA A 14 -12.24 -3.04 -12.70
N ASP A 15 -13.09 -3.79 -12.00
CA ASP A 15 -14.41 -4.19 -12.50
C ASP A 15 -14.35 -4.80 -13.90
N PRO A 16 -13.59 -5.90 -14.06
CA PRO A 16 -13.36 -6.44 -15.40
C PRO A 16 -14.62 -7.07 -15.99
N ALA A 17 -14.81 -6.90 -17.30
CA ALA A 17 -15.91 -7.51 -18.00
C ALA A 17 -15.38 -8.20 -19.25
N ALA A 18 -15.31 -9.53 -19.20
CA ALA A 18 -14.68 -10.29 -20.27
C ALA A 18 -15.68 -10.87 -21.27
N HIS A 19 -15.32 -10.78 -22.55
CA HIS A 19 -16.14 -11.31 -23.63
C HIS A 19 -15.25 -11.95 -24.68
N VAL A 20 -15.82 -12.88 -25.44
CA VAL A 20 -15.07 -13.54 -26.51
C VAL A 20 -15.53 -13.04 -27.88
N PHE A 21 -14.66 -12.25 -28.53
CA PHE A 21 -14.96 -11.71 -29.84
C PHE A 21 -13.87 -12.13 -30.83
N ASN A 22 -14.30 -12.70 -31.96
CA ASN A 22 -13.36 -13.14 -33.00
C ASN A 22 -12.29 -14.09 -32.48
N ASP A 23 -12.71 -15.06 -31.67
CA ASP A 23 -11.82 -16.03 -31.04
C ASP A 23 -10.75 -15.38 -30.16
N LYS A 24 -10.99 -14.13 -29.79
CA LYS A 24 -10.11 -13.40 -28.88
C LYS A 24 -10.90 -13.02 -27.64
N LEU A 25 -10.20 -12.94 -26.50
CA LEU A 25 -10.85 -12.54 -25.26
C LEU A 25 -10.60 -11.07 -24.97
N TYR A 26 -11.66 -10.26 -25.03
CA TYR A 26 -11.55 -8.84 -24.73
C TYR A 26 -12.02 -8.54 -23.31
N ILE A 27 -11.34 -7.61 -22.65
CA ILE A 27 -11.73 -7.19 -21.31
C ILE A 27 -12.08 -5.71 -21.31
N TYR A 28 -13.16 -5.36 -20.60
CA TYR A 28 -13.58 -3.97 -20.51
C TYR A 28 -13.67 -3.53 -19.05
N PRO A 29 -12.52 -3.19 -18.45
CA PRO A 29 -12.45 -2.83 -17.03
C PRO A 29 -12.58 -1.33 -16.80
N SER A 30 -12.87 -0.93 -15.57
CA SER A 30 -12.81 0.47 -15.18
C SER A 30 -11.34 0.85 -15.00
N HIS A 31 -11.06 2.15 -14.97
CA HIS A 31 -9.68 2.61 -14.81
C HIS A 31 -9.49 3.40 -13.51
N ASP A 32 -8.99 2.73 -12.48
CA ASP A 32 -8.69 3.37 -11.22
C ASP A 32 -7.45 4.25 -11.30
N TRP A 33 -7.55 5.47 -10.76
CA TRP A 33 -6.42 6.38 -10.68
C TRP A 33 -6.50 7.13 -9.37
N GLU A 34 -5.35 7.63 -8.90
CA GLU A 34 -5.31 8.36 -7.65
C GLU A 34 -5.81 9.79 -7.80
N SER A 35 -7.10 9.99 -7.57
CA SER A 35 -7.65 11.34 -7.47
C SER A 35 -7.25 11.87 -6.10
N GLY A 36 -7.11 13.19 -5.98
CA GLY A 36 -6.69 13.78 -4.73
C GLY A 36 -7.81 13.84 -3.70
N ILE A 37 -8.86 13.05 -3.91
CA ILE A 37 -10.01 13.04 -3.02
C ILE A 37 -9.85 11.97 -1.95
N PRO A 38 -10.00 12.37 -0.67
CA PRO A 38 -9.95 11.42 0.45
C PRO A 38 -11.17 10.51 0.41
N GLU A 39 -11.12 9.39 1.13
CA GLU A 39 -12.22 8.43 1.15
C GLU A 39 -13.53 9.06 1.61
N ASN A 40 -14.64 8.47 1.18
CA ASN A 40 -15.97 9.00 1.50
C ASN A 40 -17.04 7.91 1.40
N ASP A 41 -18.15 8.11 2.10
CA ASP A 41 -19.26 7.15 2.07
C ASP A 41 -19.97 7.14 0.72
N ASN A 42 -20.02 8.30 0.07
CA ASN A 42 -20.69 8.41 -1.23
C ASN A 42 -19.81 7.94 -2.39
N GLY A 43 -18.62 7.46 -2.05
CA GLY A 43 -17.72 6.90 -3.05
C GLY A 43 -17.12 7.92 -4.00
N ASP A 44 -16.87 9.12 -3.51
CA ASP A 44 -16.25 10.16 -4.33
C ASP A 44 -14.83 9.78 -4.74
N HIS A 45 -14.16 8.97 -3.92
CA HIS A 45 -12.81 8.52 -4.22
C HIS A 45 -12.76 7.60 -5.43
N PHE A 46 -13.90 7.01 -5.77
CA PHE A 46 -14.03 6.26 -7.02
C PHE A 46 -14.30 7.24 -8.15
N ASN A 47 -13.26 7.99 -8.53
CA ASN A 47 -13.40 9.05 -9.52
C ASN A 47 -12.76 8.68 -10.85
N MET A 48 -13.14 7.51 -11.37
CA MET A 48 -12.64 7.09 -12.69
C MET A 48 -13.18 8.00 -13.77
N LYS A 49 -12.44 8.14 -14.87
CA LYS A 49 -12.81 9.09 -15.91
C LYS A 49 -12.62 8.59 -17.34
N ASP A 50 -12.19 7.34 -17.49
CA ASP A 50 -11.98 6.79 -18.83
C ASP A 50 -12.05 5.27 -18.90
N TYR A 51 -12.00 4.73 -20.12
CA TYR A 51 -12.04 3.29 -20.34
C TYR A 51 -10.89 2.83 -21.23
N HIS A 52 -10.20 1.77 -20.81
CA HIS A 52 -9.24 1.10 -21.66
C HIS A 52 -9.83 -0.22 -22.14
N VAL A 53 -9.22 -0.82 -23.15
CA VAL A 53 -9.66 -2.12 -23.65
C VAL A 53 -8.48 -3.08 -23.82
N PHE A 54 -8.53 -4.21 -23.12
CA PHE A 54 -7.47 -5.20 -23.20
C PHE A 54 -7.93 -6.45 -23.91
N SER A 55 -7.01 -7.11 -24.63
CA SER A 55 -7.34 -8.34 -25.35
C SER A 55 -6.24 -9.37 -25.20
N MET A 56 -6.63 -10.65 -25.18
CA MET A 56 -5.67 -11.74 -25.05
C MET A 56 -5.94 -12.83 -26.08
N ASP A 57 -4.92 -13.65 -26.34
CA ASP A 57 -5.08 -14.81 -27.19
C ASP A 57 -5.02 -16.08 -26.35
N ASP A 58 -4.30 -15.99 -25.23
CA ASP A 58 -4.18 -17.09 -24.28
C ASP A 58 -4.23 -16.56 -22.85
N VAL A 59 -5.27 -16.91 -22.13
CA VAL A 59 -5.45 -16.36 -20.80
C VAL A 59 -4.35 -16.78 -19.84
N GLU A 60 -4.01 -18.06 -19.86
CA GLU A 60 -3.00 -18.59 -18.96
C GLU A 60 -1.52 -18.19 -19.13
N GLN A 61 -1.00 -18.20 -20.34
CA GLN A 61 0.37 -17.75 -20.57
C GLN A 61 0.51 -16.68 -21.64
N GLY A 62 -0.63 -16.20 -22.14
CA GLY A 62 -0.66 -15.23 -23.23
C GLY A 62 -0.22 -13.81 -22.95
N GLU A 63 0.29 -13.14 -23.97
CA GLU A 63 0.57 -11.71 -23.86
C GLU A 63 -0.72 -10.90 -23.78
N VAL A 64 -0.69 -9.80 -23.05
CA VAL A 64 -1.86 -8.93 -22.94
C VAL A 64 -1.64 -7.62 -23.69
N THR A 65 -2.61 -7.26 -24.51
CA THR A 65 -2.50 -6.09 -25.37
C THR A 65 -3.40 -4.94 -24.91
N ASP A 66 -2.80 -3.78 -24.67
CA ASP A 66 -3.55 -2.58 -24.32
C ASP A 66 -3.92 -1.83 -25.59
N HIS A 67 -5.22 -1.67 -25.83
CA HIS A 67 -5.69 -0.96 -27.01
C HIS A 67 -5.80 0.54 -26.75
N GLY A 68 -5.50 0.95 -25.52
CA GLY A 68 -5.53 2.34 -25.15
C GLY A 68 -6.91 2.83 -24.74
N VAL A 69 -7.05 4.14 -24.56
CA VAL A 69 -8.31 4.75 -24.18
C VAL A 69 -9.31 4.71 -25.33
N VAL A 70 -10.52 4.26 -25.04
CA VAL A 70 -11.58 4.18 -26.05
C VAL A 70 -12.74 5.10 -25.71
N LEU A 71 -12.73 5.65 -24.50
CA LEU A 71 -13.79 6.55 -24.05
C LEU A 71 -13.34 7.31 -22.82
N ARG A 72 -13.65 8.60 -22.77
CA ARG A 72 -13.39 9.42 -21.60
C ARG A 72 -14.55 10.38 -21.34
N THR A 73 -14.66 10.86 -20.11
CA THR A 73 -15.78 11.71 -19.70
C THR A 73 -15.91 12.99 -20.55
N GLU A 74 -14.78 13.50 -21.04
CA GLU A 74 -14.79 14.71 -21.86
C GLU A 74 -15.54 14.49 -23.17
N ASP A 75 -15.43 13.28 -23.72
CA ASP A 75 -16.05 12.96 -25.00
C ASP A 75 -17.56 12.75 -24.89
N ILE A 76 -18.05 12.63 -23.66
CA ILE A 76 -19.48 12.41 -23.43
C ILE A 76 -20.20 13.74 -23.22
N PRO A 77 -21.21 14.03 -24.06
CA PRO A 77 -21.92 15.31 -24.05
C PRO A 77 -22.74 15.56 -22.77
N TRP A 78 -23.37 14.51 -22.24
CA TRP A 78 -24.21 14.66 -21.05
C TRP A 78 -23.42 14.39 -19.78
N ALA A 79 -22.10 14.33 -19.91
CA ALA A 79 -21.23 13.91 -18.81
C ALA A 79 -21.28 14.80 -17.57
N GLY A 80 -21.33 14.14 -16.43
CA GLY A 80 -21.15 14.80 -15.14
C GLY A 80 -19.83 14.35 -14.55
N ARG A 81 -19.83 13.17 -13.95
CA ARG A 81 -18.61 12.60 -13.38
C ARG A 81 -18.72 11.11 -13.10
N GLN A 82 -17.58 10.46 -12.95
CA GLN A 82 -17.47 9.07 -12.51
C GLN A 82 -17.97 8.03 -13.51
N LEU A 83 -17.05 7.52 -14.33
CA LEU A 83 -17.32 6.39 -15.21
C LEU A 83 -17.09 5.09 -14.47
N TRP A 84 -18.16 4.43 -14.06
CA TRP A 84 -18.03 3.20 -13.28
C TRP A 84 -18.08 1.94 -14.15
N ASP A 85 -18.42 0.81 -13.55
CA ASP A 85 -18.36 -0.49 -14.23
C ASP A 85 -19.24 -0.57 -15.48
N SER A 86 -18.62 -0.78 -16.63
CA SER A 86 -19.35 -0.87 -17.90
C SER A 86 -19.42 -2.31 -18.43
N ASP A 87 -20.15 -2.50 -19.53
CA ASP A 87 -20.24 -3.80 -20.19
C ASP A 87 -20.50 -3.62 -21.68
N VAL A 88 -20.13 -4.63 -22.47
CA VAL A 88 -20.22 -4.53 -23.93
C VAL A 88 -21.00 -5.71 -24.51
N ALA A 89 -21.80 -5.43 -25.55
CA ALA A 89 -22.54 -6.48 -26.25
C ALA A 89 -22.41 -6.33 -27.76
N PHE A 90 -22.40 -7.46 -28.47
CA PHE A 90 -22.30 -7.45 -29.92
C PHE A 90 -23.64 -7.78 -30.57
N ARG A 91 -24.15 -6.84 -31.37
CA ARG A 91 -25.41 -7.04 -32.08
C ARG A 91 -25.46 -6.17 -33.34
N ASN A 92 -26.09 -6.70 -34.38
CA ASN A 92 -26.25 -5.98 -35.64
C ASN A 92 -24.92 -5.59 -36.28
N GLY A 93 -23.89 -6.40 -36.04
CA GLY A 93 -22.58 -6.15 -36.60
C GLY A 93 -21.83 -5.03 -35.89
N LYS A 94 -22.39 -4.54 -34.79
CA LYS A 94 -21.76 -3.46 -34.03
C LYS A 94 -21.60 -3.81 -32.56
N TYR A 95 -20.73 -3.08 -31.87
CA TYR A 95 -20.49 -3.30 -30.45
C TYR A 95 -21.04 -2.15 -29.61
N TYR A 96 -21.95 -2.48 -28.71
CA TYR A 96 -22.59 -1.47 -27.87
C TYR A 96 -22.03 -1.48 -26.46
N MET A 97 -21.36 -0.39 -26.08
CA MET A 97 -20.83 -0.26 -24.74
C MET A 97 -21.82 0.47 -23.83
N TYR A 98 -22.17 -0.15 -22.71
CA TYR A 98 -23.10 0.44 -21.77
C TYR A 98 -22.36 0.90 -20.50
N PHE A 99 -22.26 2.21 -20.33
CA PHE A 99 -21.51 2.78 -19.22
C PHE A 99 -22.41 3.54 -18.25
N PRO A 100 -22.14 3.39 -16.95
CA PRO A 100 -22.83 4.18 -15.92
C PRO A 100 -22.09 5.49 -15.69
N LEU A 101 -22.85 6.56 -15.44
CA LEU A 101 -22.25 7.88 -15.27
C LEU A 101 -23.28 8.83 -14.66
N LYS A 102 -22.88 9.53 -13.61
CA LYS A 102 -23.74 10.54 -13.03
C LYS A 102 -23.91 11.65 -14.06
N ASP A 103 -25.15 12.10 -14.26
CA ASP A 103 -25.41 13.20 -15.16
C ASP A 103 -24.98 14.52 -14.53
N GLN A 104 -25.39 15.64 -15.13
CA GLN A 104 -25.01 16.95 -14.61
C GLN A 104 -25.83 17.32 -13.38
N ASN A 105 -26.67 16.40 -12.94
CA ASN A 105 -27.43 16.56 -11.70
C ASN A 105 -26.97 15.54 -10.65
N ASP A 106 -25.79 14.96 -10.88
CA ASP A 106 -25.23 13.92 -10.01
C ASP A 106 -26.16 12.74 -9.81
N ILE A 107 -26.97 12.44 -10.82
CA ILE A 107 -27.84 11.26 -10.79
C ILE A 107 -27.29 10.21 -11.74
N PHE A 108 -27.07 9.00 -11.24
CA PHE A 108 -26.50 7.94 -12.06
C PHE A 108 -27.42 7.53 -13.20
N ARG A 109 -26.90 7.65 -14.42
CA ARG A 109 -27.63 7.23 -15.61
C ARG A 109 -26.75 6.24 -16.37
N ILE A 110 -27.31 5.64 -17.42
CA ILE A 110 -26.57 4.70 -18.24
C ILE A 110 -26.57 5.14 -19.70
N GLY A 111 -25.38 5.31 -20.27
CA GLY A 111 -25.24 5.77 -21.63
C GLY A 111 -24.77 4.69 -22.58
N VAL A 112 -24.87 4.95 -23.88
CA VAL A 112 -24.46 3.99 -24.89
C VAL A 112 -23.36 4.54 -25.79
N ALA A 113 -22.30 3.75 -25.97
CA ALA A 113 -21.23 4.09 -26.90
C ALA A 113 -21.07 2.98 -27.93
N ILE A 114 -20.92 3.36 -29.20
CA ILE A 114 -20.94 2.40 -30.29
C ILE A 114 -19.61 2.35 -31.05
N SER A 115 -19.23 1.16 -31.48
CA SER A 115 -18.02 0.97 -32.28
C SER A 115 -18.23 -0.13 -33.33
N ASP A 116 -17.43 -0.10 -34.39
CA ASP A 116 -17.53 -1.11 -35.45
C ASP A 116 -16.67 -2.33 -35.16
N ARG A 117 -15.77 -2.20 -34.19
CA ARG A 117 -14.91 -3.29 -33.78
C ARG A 117 -14.73 -3.29 -32.26
N PRO A 118 -14.49 -4.47 -31.66
CA PRO A 118 -14.54 -4.61 -30.20
C PRO A 118 -13.49 -3.78 -29.45
N GLU A 119 -12.40 -3.45 -30.11
CA GLU A 119 -11.31 -2.71 -29.45
C GLU A 119 -11.27 -1.26 -29.93
N GLY A 120 -11.91 -0.99 -31.06
CA GLY A 120 -11.90 0.33 -31.65
C GLY A 120 -12.55 1.39 -30.77
N PRO A 121 -12.33 2.66 -31.09
CA PRO A 121 -12.87 3.78 -30.32
C PRO A 121 -14.40 3.79 -30.32
N PHE A 122 -14.99 3.99 -29.14
CA PHE A 122 -16.44 3.99 -29.00
C PHE A 122 -16.98 5.42 -29.02
N ILE A 123 -17.95 5.66 -29.91
CA ILE A 123 -18.59 6.97 -29.99
C ILE A 123 -19.89 6.98 -29.18
N PRO A 124 -19.95 7.83 -28.15
CA PRO A 124 -21.10 7.87 -27.23
C PRO A 124 -22.29 8.61 -27.81
N GLN A 125 -23.49 8.22 -27.38
CA GLN A 125 -24.69 8.96 -27.74
C GLN A 125 -24.70 10.25 -26.94
N GLU A 126 -25.49 11.23 -27.39
CA GLU A 126 -25.47 12.54 -26.76
C GLU A 126 -26.27 12.58 -25.46
N ASN A 127 -27.13 11.58 -25.26
CA ASN A 127 -27.96 11.52 -24.06
C ASN A 127 -28.03 10.12 -23.48
N PRO A 128 -28.23 10.02 -22.16
CA PRO A 128 -28.33 8.70 -21.52
C PRO A 128 -29.61 7.99 -21.93
N ILE A 129 -29.66 6.69 -21.70
CA ILE A 129 -30.84 5.88 -21.99
C ILE A 129 -32.05 6.38 -21.20
N LYS A 130 -33.18 6.53 -21.90
CA LYS A 130 -34.40 7.01 -21.27
C LYS A 130 -34.88 6.04 -20.19
N GLY A 131 -35.09 6.58 -18.98
CA GLY A 131 -35.58 5.78 -17.88
C GLY A 131 -34.50 5.10 -17.09
N SER A 132 -33.27 5.14 -17.61
CA SER A 132 -32.14 4.48 -16.97
C SER A 132 -31.78 5.10 -15.63
N TYR A 133 -31.32 4.28 -14.69
CA TYR A 133 -30.89 4.75 -13.39
C TYR A 133 -29.93 3.75 -12.75
N SER A 134 -29.35 4.15 -11.62
CA SER A 134 -28.34 3.34 -10.93
C SER A 134 -27.15 3.01 -11.83
N MET A 135 -26.45 1.93 -11.53
CA MET A 135 -25.21 1.60 -12.23
C MET A 135 -24.93 0.10 -12.35
N ASP A 136 -23.66 -0.22 -12.64
CA ASP A 136 -23.21 -1.59 -12.85
C ASP A 136 -24.07 -2.41 -13.80
N PRO A 137 -24.17 -1.98 -15.07
CA PRO A 137 -24.99 -2.72 -16.03
C PRO A 137 -24.29 -3.98 -16.53
N CYS A 138 -25.08 -5.01 -16.82
CA CYS A 138 -24.58 -6.24 -17.43
C CYS A 138 -25.48 -6.59 -18.60
N ILE A 139 -24.90 -6.75 -19.79
CA ILE A 139 -25.69 -7.03 -20.97
C ILE A 139 -25.58 -8.50 -21.39
N TRP A 140 -26.71 -9.19 -21.35
CA TRP A 140 -26.72 -10.63 -21.58
C TRP A 140 -27.45 -11.04 -22.87
N PRO A 141 -26.69 -11.56 -23.84
CA PRO A 141 -27.26 -12.08 -25.10
C PRO A 141 -27.92 -13.43 -24.87
N ASP A 142 -29.20 -13.42 -24.50
CA ASP A 142 -29.93 -14.65 -24.19
C ASP A 142 -30.17 -15.49 -25.44
N LYS A 143 -30.46 -16.77 -25.22
CA LYS A 143 -30.68 -17.72 -26.30
C LYS A 143 -31.97 -17.45 -27.08
N ASP A 144 -32.85 -16.63 -26.53
CA ASP A 144 -34.11 -16.31 -27.19
C ASP A 144 -33.94 -15.30 -28.32
N GLY A 145 -32.72 -14.79 -28.47
CA GLY A 145 -32.41 -13.84 -29.52
C GLY A 145 -32.40 -12.40 -29.03
N GLU A 146 -32.94 -12.19 -27.84
CA GLU A 146 -33.01 -10.85 -27.26
C GLU A 146 -31.78 -10.54 -26.40
N TYR A 147 -31.60 -9.27 -26.08
CA TYR A 147 -30.49 -8.84 -25.22
C TYR A 147 -31.03 -8.19 -23.96
N TYR A 148 -30.60 -8.69 -22.80
CA TYR A 148 -31.10 -8.20 -21.52
C TYR A 148 -30.04 -7.45 -20.73
N MET A 149 -30.47 -6.38 -20.05
CA MET A 149 -29.58 -5.62 -19.18
C MET A 149 -29.89 -5.90 -17.71
N TYR A 150 -28.85 -6.23 -16.95
CA TYR A 150 -28.98 -6.38 -15.50
C TYR A 150 -28.19 -5.29 -14.81
N PHE A 151 -28.86 -4.47 -14.02
CA PHE A 151 -28.19 -3.36 -13.34
C PHE A 151 -28.67 -3.19 -11.91
N GLY A 152 -28.05 -2.26 -11.20
CA GLY A 152 -28.36 -2.01 -9.80
C GLY A 152 -27.12 -1.95 -8.93
N GLY A 153 -27.20 -1.20 -7.84
CA GLY A 153 -26.09 -1.09 -6.91
C GLY A 153 -26.47 -0.29 -5.68
N LEU A 154 -26.25 -0.87 -4.49
CA LEU A 154 -26.62 -0.21 -3.25
C LEU A 154 -25.76 1.00 -2.91
N TRP A 155 -26.26 1.82 -2.00
CA TRP A 155 -25.52 2.95 -1.44
C TRP A 155 -25.09 3.99 -2.48
N GLY A 156 -23.83 3.92 -2.89
CA GLY A 156 -23.30 4.85 -3.87
C GLY A 156 -23.94 4.69 -5.24
N GLY A 157 -24.56 3.53 -5.46
CA GLY A 157 -25.20 3.23 -6.73
C GLY A 157 -26.60 3.79 -6.84
N GLN A 158 -27.09 4.40 -5.76
CA GLN A 158 -28.36 5.12 -5.74
C GLN A 158 -29.57 4.24 -6.03
N LEU A 159 -29.42 2.92 -5.91
CA LEU A 159 -30.51 2.00 -6.18
C LEU A 159 -31.64 2.15 -5.16
N GLN A 160 -31.29 2.58 -3.95
CA GLN A 160 -32.27 2.74 -2.89
C GLN A 160 -33.11 4.00 -3.06
N ARG A 161 -32.70 4.88 -3.96
CA ARG A 161 -33.46 6.09 -4.24
C ARG A 161 -34.71 5.80 -5.06
N TYR A 162 -34.80 4.59 -5.59
CA TYR A 162 -35.88 4.23 -6.50
C TYR A 162 -36.74 3.08 -6.00
N ARG A 163 -38.04 3.19 -6.21
CA ARG A 163 -38.97 2.08 -6.02
C ARG A 163 -39.79 1.92 -7.29
N ASN A 164 -39.70 0.74 -7.90
CA ASN A 164 -40.36 0.45 -9.17
C ASN A 164 -39.98 1.46 -10.25
N ASN A 165 -38.67 1.66 -10.42
CA ASN A 165 -38.11 2.57 -11.42
C ASN A 165 -38.42 4.05 -11.18
N LYS A 166 -39.17 4.36 -10.12
CA LYS A 166 -39.55 5.73 -9.82
C LYS A 166 -38.78 6.26 -8.61
N ALA A 167 -38.13 7.40 -8.80
CA ALA A 167 -37.32 8.01 -7.74
C ALA A 167 -38.17 8.39 -6.52
N LEU A 168 -37.62 8.18 -5.34
CA LEU A 168 -38.30 8.54 -4.11
C LEU A 168 -37.95 9.97 -3.70
N GLU A 169 -38.84 10.61 -2.95
CA GLU A 169 -38.57 11.92 -2.38
C GLU A 169 -37.36 11.81 -1.47
N CYS A 170 -37.31 10.71 -0.72
CA CYS A 170 -36.18 10.43 0.17
C CYS A 170 -35.76 8.97 0.03
N ALA A 171 -34.46 8.75 -0.07
CA ALA A 171 -33.92 7.39 -0.22
C ALA A 171 -34.31 6.51 0.96
N LEU A 172 -34.50 5.22 0.70
CA LEU A 172 -34.93 4.29 1.73
C LEU A 172 -34.21 2.95 1.62
N LEU A 173 -33.45 2.59 2.66
CA LEU A 173 -32.78 1.31 2.72
C LEU A 173 -33.54 0.35 3.64
N PRO A 174 -34.00 -0.79 3.09
CA PRO A 174 -34.72 -1.78 3.89
C PRO A 174 -33.85 -2.32 5.02
N GLU A 175 -34.46 -2.71 6.14
CA GLU A 175 -33.70 -3.17 7.30
C GLU A 175 -34.19 -4.52 7.83
N GLY A 176 -33.24 -5.34 8.29
CA GLY A 176 -33.56 -6.57 8.98
C GLY A 176 -34.36 -7.58 8.19
N ASP A 177 -35.53 -7.93 8.73
CA ASP A 177 -36.38 -8.97 8.13
C ASP A 177 -37.11 -8.50 6.89
N GLU A 178 -37.10 -7.19 6.64
CA GLU A 178 -37.69 -6.62 5.43
C GLU A 178 -36.96 -7.18 4.21
N PRO A 179 -37.72 -7.45 3.13
CA PRO A 179 -37.10 -7.98 1.91
C PRO A 179 -36.09 -7.00 1.31
N ALA A 180 -34.89 -7.50 1.03
CA ALA A 180 -33.83 -6.67 0.49
C ALA A 180 -34.16 -6.22 -0.93
N LEU A 181 -33.55 -5.12 -1.35
CA LEU A 181 -33.73 -4.63 -2.72
C LEU A 181 -33.19 -5.63 -3.72
N CYS A 182 -33.88 -5.76 -4.84
CA CYS A 182 -33.48 -6.69 -5.89
C CYS A 182 -32.73 -5.96 -6.99
N PRO A 183 -31.82 -6.66 -7.68
CA PRO A 183 -31.22 -6.10 -8.89
C PRO A 183 -32.28 -5.98 -9.97
N LYS A 184 -32.05 -5.14 -10.97
CA LYS A 184 -33.06 -4.89 -12.00
C LYS A 184 -32.74 -5.58 -13.31
N VAL A 185 -33.77 -5.98 -14.03
CA VAL A 185 -33.63 -6.59 -15.34
C VAL A 185 -34.54 -5.89 -16.34
N VAL A 186 -34.03 -5.62 -17.53
CA VAL A 186 -34.82 -4.99 -18.58
C VAL A 186 -34.38 -5.45 -19.96
N ARG A 187 -35.35 -5.69 -20.84
CA ARG A 187 -35.05 -6.11 -22.20
C ARG A 187 -34.76 -4.89 -23.08
N LEU A 188 -33.69 -4.97 -23.85
CA LEU A 188 -33.33 -3.90 -24.78
C LEU A 188 -33.97 -4.13 -26.14
N ARG A 189 -34.39 -3.04 -26.79
CA ARG A 189 -34.93 -3.15 -28.13
C ARG A 189 -33.79 -3.37 -29.13
N GLU A 190 -34.13 -3.67 -30.38
CA GLU A 190 -33.15 -4.17 -31.34
C GLU A 190 -32.02 -3.20 -31.69
N ASP A 191 -32.31 -1.90 -31.70
CA ASP A 191 -31.29 -0.91 -32.04
C ASP A 191 -30.32 -0.67 -30.88
N MET A 192 -30.64 -1.28 -29.74
CA MET A 192 -29.77 -1.28 -28.57
C MET A 192 -29.49 0.11 -28.01
N LEU A 193 -30.39 1.05 -28.27
CA LEU A 193 -30.22 2.42 -27.80
C LEU A 193 -31.15 2.75 -26.63
N GLU A 194 -32.27 2.03 -26.55
CA GLU A 194 -33.25 2.28 -25.50
C GLU A 194 -33.80 0.98 -24.93
N PHE A 195 -34.53 1.09 -23.82
CA PHE A 195 -35.21 -0.05 -23.22
C PHE A 195 -36.42 -0.42 -24.07
N ALA A 196 -36.74 -1.71 -24.13
CA ALA A 196 -37.91 -2.16 -24.88
C ALA A 196 -39.13 -2.24 -23.97
N GLU A 197 -38.87 -2.25 -22.66
CA GLU A 197 -39.93 -2.37 -21.67
C GLU A 197 -39.51 -1.69 -20.38
N GLU A 198 -40.35 -1.79 -19.36
CA GLU A 198 -40.01 -1.28 -18.03
C GLU A 198 -39.19 -2.30 -17.26
N PRO A 199 -38.09 -1.85 -16.63
CA PRO A 199 -37.27 -2.72 -15.78
C PRO A 199 -38.09 -3.30 -14.63
N ARG A 200 -37.67 -4.45 -14.12
CA ARG A 200 -38.38 -5.11 -13.03
C ARG A 200 -37.42 -5.84 -12.10
N ASP A 201 -37.91 -6.19 -10.92
CA ASP A 201 -37.11 -6.92 -9.93
C ASP A 201 -36.65 -8.27 -10.46
N LEU A 202 -35.36 -8.54 -10.35
CA LEU A 202 -34.84 -9.87 -10.55
C LEU A 202 -34.77 -10.54 -9.18
N MET A 203 -35.85 -11.22 -8.82
CA MET A 203 -35.97 -11.78 -7.47
C MET A 203 -34.89 -12.81 -7.16
N ILE A 204 -34.14 -12.57 -6.09
CA ILE A 204 -33.19 -13.55 -5.59
C ILE A 204 -33.77 -14.16 -4.32
N LEU A 205 -33.89 -15.49 -4.30
CA LEU A 205 -34.62 -16.17 -3.24
C LEU A 205 -33.75 -17.05 -2.34
N ASP A 206 -34.38 -17.56 -1.28
CA ASP A 206 -33.77 -18.56 -0.40
C ASP A 206 -33.73 -19.91 -1.09
N GLU A 207 -33.34 -20.94 -0.35
CA GLU A 207 -33.51 -22.31 -0.80
C GLU A 207 -34.96 -22.69 -0.56
N LYS A 208 -35.64 -21.89 0.23
CA LYS A 208 -37.06 -22.07 0.52
C LYS A 208 -37.94 -21.22 -0.38
N GLY A 209 -37.31 -20.51 -1.32
CA GLY A 209 -38.03 -19.72 -2.29
C GLY A 209 -38.52 -18.39 -1.74
N LYS A 210 -37.92 -17.96 -0.64
CA LYS A 210 -38.29 -16.69 -0.03
C LYS A 210 -37.27 -15.60 -0.38
N LEU A 211 -37.77 -14.40 -0.66
CA LEU A 211 -36.91 -13.25 -0.98
C LEU A 211 -35.88 -13.00 0.11
N LEU A 212 -34.63 -12.82 -0.29
CA LEU A 212 -33.56 -12.55 0.66
C LEU A 212 -33.83 -11.27 1.44
N SER A 213 -33.65 -11.34 2.76
CA SER A 213 -33.90 -10.21 3.62
C SER A 213 -32.78 -9.19 3.55
N ALA A 214 -33.03 -8.00 4.11
CA ALA A 214 -32.06 -6.91 4.10
C ALA A 214 -30.92 -7.16 5.09
N GLY A 215 -31.23 -7.88 6.16
CA GLY A 215 -30.23 -8.21 7.16
C GLY A 215 -29.27 -9.27 6.69
N ASP A 216 -29.71 -10.10 5.75
CA ASP A 216 -28.88 -11.18 5.23
C ASP A 216 -27.79 -10.63 4.30
N THR A 217 -26.88 -9.84 4.87
CA THR A 217 -25.88 -9.13 4.07
C THR A 217 -24.82 -10.04 3.45
N LYS A 218 -24.85 -11.32 3.78
CA LYS A 218 -23.90 -12.27 3.23
C LYS A 218 -24.42 -12.92 1.95
N ARG A 219 -25.69 -12.69 1.64
CA ARG A 219 -26.33 -13.27 0.47
C ARG A 219 -27.09 -12.21 -0.33
N ARG A 220 -27.51 -11.15 0.36
CA ARG A 220 -28.26 -10.05 -0.25
C ARG A 220 -27.48 -9.37 -1.37
N PHE A 221 -28.17 -9.00 -2.44
CA PHE A 221 -27.54 -8.31 -3.56
C PHE A 221 -27.04 -6.92 -3.17
N PHE A 222 -25.83 -6.59 -3.60
CA PHE A 222 -25.27 -5.27 -3.36
C PHE A 222 -24.96 -4.59 -4.70
N GLU A 223 -24.15 -5.25 -5.53
CA GLU A 223 -23.75 -4.70 -6.83
C GLU A 223 -23.10 -5.77 -7.70
N ALA A 224 -22.54 -5.33 -8.83
CA ALA A 224 -21.78 -6.19 -9.74
C ALA A 224 -22.60 -7.34 -10.34
N SER A 225 -23.72 -7.01 -10.98
CA SER A 225 -24.56 -8.01 -11.62
C SER A 225 -23.82 -8.68 -12.79
N TRP A 226 -23.97 -10.00 -12.90
CA TRP A 226 -23.43 -10.74 -14.04
C TRP A 226 -24.25 -11.99 -14.31
N MET A 227 -24.38 -12.34 -15.59
CA MET A 227 -25.20 -13.47 -16.00
C MET A 227 -24.49 -14.30 -17.06
N HIS A 228 -24.43 -15.61 -16.84
CA HIS A 228 -23.90 -16.52 -17.85
C HIS A 228 -24.67 -17.83 -17.90
N TYR A 229 -24.32 -18.68 -18.86
CA TYR A 229 -25.10 -19.88 -19.14
C TYR A 229 -24.20 -21.11 -19.26
N TYR A 230 -24.46 -22.12 -18.44
CA TYR A 230 -23.66 -23.34 -18.43
C TYR A 230 -24.52 -24.58 -18.18
N ASN A 231 -24.36 -25.57 -19.05
CA ASN A 231 -25.04 -26.85 -18.93
C ASN A 231 -26.57 -26.73 -18.83
N GLY A 232 -27.14 -25.86 -19.66
CA GLY A 232 -28.57 -25.68 -19.68
C GLY A 232 -29.13 -25.01 -18.44
N LYS A 233 -28.32 -24.17 -17.80
CA LYS A 233 -28.74 -23.50 -16.58
C LYS A 233 -28.22 -22.06 -16.53
N TYR A 234 -29.01 -21.17 -15.94
CA TYR A 234 -28.61 -19.77 -15.79
C TYR A 234 -27.84 -19.55 -14.49
N TYR A 235 -26.85 -18.67 -14.54
CA TYR A 235 -26.06 -18.35 -13.36
C TYR A 235 -25.97 -16.84 -13.16
N PHE A 236 -26.71 -16.33 -12.18
CA PHE A 236 -26.64 -14.91 -11.85
C PHE A 236 -25.71 -14.70 -10.66
N SER A 237 -24.52 -14.17 -10.93
CA SER A 237 -23.55 -13.88 -9.89
C SER A 237 -23.50 -12.39 -9.58
N TYR A 238 -23.00 -12.05 -8.40
CA TYR A 238 -23.03 -10.66 -7.93
C TYR A 238 -22.12 -10.45 -6.73
N SER A 239 -21.95 -9.18 -6.35
CA SER A 239 -21.16 -8.82 -5.17
C SER A 239 -22.06 -8.51 -3.99
N THR A 240 -21.60 -8.82 -2.78
CA THR A 240 -22.39 -8.60 -1.58
C THR A 240 -21.90 -7.40 -0.78
N GLY A 241 -20.95 -6.66 -1.35
CA GLY A 241 -20.50 -5.40 -0.77
C GLY A 241 -19.77 -5.50 0.56
N ASP A 242 -20.49 -5.18 1.63
CA ASP A 242 -19.89 -5.08 2.96
C ASP A 242 -19.52 -6.42 3.60
N THR A 243 -19.81 -7.51 2.90
CA THR A 243 -19.35 -8.83 3.33
C THR A 243 -18.30 -9.36 2.37
N HIS A 244 -18.02 -8.58 1.33
CA HIS A 244 -16.90 -8.82 0.42
C HIS A 244 -16.96 -10.19 -0.28
N LEU A 245 -18.16 -10.61 -0.65
CA LEU A 245 -18.34 -11.92 -1.29
C LEU A 245 -18.82 -11.78 -2.73
N ILE A 246 -18.45 -12.73 -3.57
CA ILE A 246 -19.05 -12.89 -4.88
C ILE A 246 -19.89 -14.16 -4.86
N CYS A 247 -21.21 -13.99 -4.70
CA CYS A 247 -22.11 -15.12 -4.63
C CYS A 247 -22.72 -15.42 -5.99
N TYR A 248 -23.55 -16.45 -6.06
CA TYR A 248 -24.24 -16.78 -7.32
C TYR A 248 -25.55 -17.50 -7.08
N ALA A 249 -26.47 -17.34 -8.02
CA ALA A 249 -27.77 -17.99 -7.94
C ALA A 249 -28.09 -18.67 -9.28
N THR A 250 -29.15 -19.47 -9.30
CA THR A 250 -29.52 -20.19 -10.52
C THR A 250 -31.00 -20.04 -10.87
N GLY A 251 -31.30 -20.11 -12.16
CA GLY A 251 -32.65 -19.97 -12.65
C GLY A 251 -32.79 -20.62 -14.02
N ASP A 252 -34.01 -20.62 -14.56
CA ASP A 252 -34.26 -21.28 -15.84
C ASP A 252 -34.62 -20.29 -16.95
N ASN A 253 -34.65 -19.01 -16.62
CA ASN A 253 -34.96 -17.97 -17.60
C ASN A 253 -34.45 -16.60 -17.16
N PRO A 254 -34.18 -15.69 -18.11
CA PRO A 254 -33.60 -14.38 -17.80
C PRO A 254 -34.45 -13.51 -16.87
N TYR A 255 -35.74 -13.81 -16.75
CA TYR A 255 -36.62 -13.05 -15.87
C TYR A 255 -36.84 -13.75 -14.54
N GLY A 256 -37.26 -15.02 -14.62
CA GLY A 256 -37.67 -15.79 -13.47
C GLY A 256 -36.73 -15.73 -12.27
N PRO A 257 -37.29 -15.86 -11.07
CA PRO A 257 -36.56 -15.74 -9.80
C PRO A 257 -35.33 -16.64 -9.75
N PHE A 258 -34.24 -16.13 -9.18
CA PHE A 258 -33.02 -16.90 -9.04
C PHE A 258 -32.81 -17.34 -7.59
N THR A 259 -32.54 -18.63 -7.41
CA THR A 259 -32.32 -19.19 -6.09
C THR A 259 -30.84 -19.21 -5.72
N TYR A 260 -30.50 -18.58 -4.60
CA TYR A 260 -29.14 -18.56 -4.08
C TYR A 260 -28.54 -19.96 -3.98
N ARG A 261 -27.26 -20.07 -4.29
CA ARG A 261 -26.57 -21.35 -4.27
C ARG A 261 -25.38 -21.38 -3.33
N GLY A 262 -24.44 -20.44 -3.51
CA GLY A 262 -23.26 -20.40 -2.68
C GLY A 262 -22.34 -19.23 -2.93
N VAL A 263 -21.06 -19.43 -2.65
CA VAL A 263 -20.06 -18.38 -2.79
C VAL A 263 -19.02 -18.75 -3.85
N ILE A 264 -18.79 -17.84 -4.79
CA ILE A 264 -17.77 -18.05 -5.81
C ILE A 264 -16.41 -17.57 -5.31
N LEU A 265 -16.41 -16.39 -4.70
CA LEU A 265 -15.16 -15.77 -4.25
C LEU A 265 -15.24 -15.26 -2.82
N THR A 266 -14.31 -15.74 -1.99
CA THR A 266 -14.16 -15.27 -0.61
C THR A 266 -13.54 -13.87 -0.64
N PRO A 267 -13.62 -13.11 0.48
CA PRO A 267 -13.08 -11.75 0.53
C PRO A 267 -11.66 -11.61 0.00
N VAL A 268 -11.40 -10.50 -0.70
CA VAL A 268 -10.09 -10.23 -1.28
C VAL A 268 -9.47 -9.00 -0.65
N VAL A 269 -8.20 -8.73 -0.96
CA VAL A 269 -7.55 -7.53 -0.48
C VAL A 269 -8.20 -6.31 -1.11
N GLY A 270 -8.83 -5.49 -0.27
CA GLY A 270 -9.60 -4.36 -0.74
C GLY A 270 -11.05 -4.52 -0.36
N TRP A 271 -11.75 -3.40 -0.21
CA TRP A 271 -13.14 -3.43 0.23
C TRP A 271 -14.06 -3.96 -0.86
N THR A 272 -13.74 -3.62 -2.11
CA THR A 272 -14.61 -3.99 -3.23
C THR A 272 -14.20 -5.29 -3.88
N THR A 273 -15.18 -6.02 -4.40
CA THR A 273 -14.94 -7.19 -5.21
C THR A 273 -15.88 -7.18 -6.42
N HIS A 274 -15.30 -7.33 -7.61
CA HIS A 274 -16.08 -7.25 -8.84
C HIS A 274 -15.56 -8.30 -9.82
N HIS A 275 -16.43 -8.79 -10.70
CA HIS A 275 -16.07 -9.95 -11.51
C HIS A 275 -16.78 -10.03 -12.86
N SER A 276 -16.44 -11.09 -13.60
CA SER A 276 -17.12 -11.47 -14.83
C SER A 276 -16.70 -12.88 -15.20
N ILE A 277 -17.68 -13.73 -15.51
CA ILE A 277 -17.42 -15.13 -15.82
C ILE A 277 -17.60 -15.41 -17.31
N VAL A 278 -16.62 -16.07 -17.91
CA VAL A 278 -16.63 -16.35 -19.34
C VAL A 278 -15.84 -17.61 -19.67
N GLU A 279 -16.26 -18.34 -20.68
CA GLU A 279 -15.55 -19.53 -21.14
C GLU A 279 -14.61 -19.18 -22.29
N PHE A 280 -13.35 -19.61 -22.18
CA PHE A 280 -12.38 -19.37 -23.23
C PHE A 280 -11.48 -20.59 -23.43
N LYS A 281 -11.52 -21.13 -24.65
CA LYS A 281 -10.74 -22.31 -25.02
C LYS A 281 -11.01 -23.53 -24.13
N GLY A 282 -12.28 -23.80 -23.88
CA GLY A 282 -12.68 -24.99 -23.14
C GLY A 282 -12.63 -24.87 -21.64
N LYS A 283 -12.09 -23.75 -21.15
CA LYS A 283 -11.98 -23.53 -19.71
C LYS A 283 -12.68 -22.26 -19.26
N TRP A 284 -13.24 -22.28 -18.06
CA TRP A 284 -13.91 -21.12 -17.51
C TRP A 284 -12.96 -20.30 -16.63
N TYR A 285 -13.14 -18.99 -16.65
CA TYR A 285 -12.27 -18.09 -15.88
C TYR A 285 -13.08 -17.08 -15.08
N LEU A 286 -12.59 -16.74 -13.89
CA LEU A 286 -13.22 -15.72 -13.06
C LEU A 286 -12.34 -14.47 -13.01
N PHE A 287 -12.56 -13.56 -13.94
CA PHE A 287 -11.83 -12.28 -13.93
C PHE A 287 -12.32 -11.44 -12.77
N HIS A 288 -11.39 -10.89 -12.00
CA HIS A 288 -11.74 -10.06 -10.85
C HIS A 288 -10.59 -9.12 -10.50
N HIS A 289 -10.59 -8.59 -9.28
CA HIS A 289 -9.52 -7.71 -8.84
C HIS A 289 -9.28 -7.72 -7.33
N ASP A 290 -8.09 -7.29 -6.92
CA ASP A 290 -7.79 -7.01 -5.52
C ASP A 290 -6.78 -5.87 -5.42
N CYS A 291 -6.52 -5.42 -4.20
CA CYS A 291 -5.66 -4.26 -3.99
C CYS A 291 -4.29 -4.64 -3.43
N VAL A 292 -3.75 -5.76 -3.91
CA VAL A 292 -2.43 -6.21 -3.49
C VAL A 292 -1.27 -5.33 -4.01
N PRO A 293 -1.25 -5.02 -5.32
CA PRO A 293 -0.16 -4.16 -5.79
C PRO A 293 -0.20 -2.74 -5.19
N SER A 294 -1.40 -2.27 -4.85
CA SER A 294 -1.55 -0.94 -4.28
C SER A 294 -1.42 -0.99 -2.75
N LYS A 295 -1.14 -2.18 -2.24
CA LYS A 295 -0.95 -2.41 -0.81
C LYS A 295 -2.15 -2.02 0.05
N GLY A 296 -3.33 -2.44 -0.36
CA GLY A 296 -4.52 -2.29 0.46
C GLY A 296 -5.43 -1.11 0.15
N LYS A 297 -5.00 -0.27 -0.80
CA LYS A 297 -5.79 0.90 -1.17
C LYS A 297 -7.02 0.52 -1.99
N THR A 298 -8.19 0.66 -1.37
CA THR A 298 -9.47 0.27 -1.97
C THR A 298 -9.71 0.87 -3.36
N TRP A 299 -9.45 2.17 -3.51
CA TRP A 299 -9.74 2.88 -4.75
C TRP A 299 -8.70 2.62 -5.83
N LEU A 300 -7.71 1.80 -5.52
CA LEU A 300 -6.68 1.41 -6.48
C LEU A 300 -6.66 -0.10 -6.63
N ARG A 301 -7.28 -0.60 -7.71
CA ARG A 301 -7.47 -2.03 -7.87
C ARG A 301 -6.76 -2.57 -9.10
N SER A 302 -6.23 -3.79 -8.99
CA SER A 302 -5.54 -4.44 -10.09
C SER A 302 -6.28 -5.69 -10.51
N LEU A 303 -6.62 -5.79 -11.78
CA LEU A 303 -7.40 -6.93 -12.26
C LEU A 303 -6.59 -8.21 -12.34
N LYS A 304 -7.26 -9.34 -12.13
CA LYS A 304 -6.61 -10.64 -12.12
C LYS A 304 -7.57 -11.73 -12.58
N VAL A 305 -7.02 -12.87 -12.98
CA VAL A 305 -7.85 -13.96 -13.49
C VAL A 305 -7.54 -15.28 -12.81
N ALA A 306 -8.58 -15.99 -12.39
CA ALA A 306 -8.44 -17.31 -11.79
C ALA A 306 -9.35 -18.30 -12.51
N GLU A 307 -8.88 -19.52 -12.67
CA GLU A 307 -9.66 -20.56 -13.35
C GLU A 307 -10.87 -20.97 -12.53
N LEU A 308 -12.03 -21.01 -13.18
CA LEU A 308 -13.27 -21.40 -12.51
C LEU A 308 -13.68 -22.81 -12.92
N LYS A 309 -14.06 -23.63 -11.95
CA LYS A 309 -14.41 -25.02 -12.21
C LYS A 309 -15.78 -25.38 -11.63
N TYR A 310 -16.50 -26.24 -12.33
CA TYR A 310 -17.83 -26.64 -11.90
C TYR A 310 -17.84 -28.06 -11.33
N ASN A 311 -18.77 -28.31 -10.42
CA ASN A 311 -19.03 -29.66 -9.93
C ASN A 311 -20.11 -30.29 -10.79
N PRO A 312 -20.06 -31.63 -10.94
CA PRO A 312 -21.01 -32.37 -11.77
C PRO A 312 -22.48 -32.09 -11.45
N ASP A 313 -22.78 -31.62 -10.24
CA ASP A 313 -24.14 -31.29 -9.86
C ASP A 313 -24.52 -29.87 -10.27
N GLY A 314 -23.61 -29.19 -10.96
CA GLY A 314 -23.88 -27.85 -11.47
C GLY A 314 -23.29 -26.73 -10.63
N SER A 315 -22.99 -27.03 -9.37
CA SER A 315 -22.44 -26.03 -8.45
C SER A 315 -21.05 -25.57 -8.87
N ILE A 316 -20.66 -24.39 -8.38
CA ILE A 316 -19.35 -23.82 -8.70
C ILE A 316 -18.39 -24.03 -7.53
N GLN A 317 -17.19 -24.54 -7.83
CA GLN A 317 -16.17 -24.71 -6.80
C GLN A 317 -15.69 -23.35 -6.30
N PRO A 318 -15.84 -23.09 -5.00
CA PRO A 318 -15.48 -21.80 -4.39
C PRO A 318 -14.01 -21.46 -4.60
N ILE A 319 -13.73 -20.20 -4.91
CA ILE A 319 -12.36 -19.74 -5.12
C ILE A 319 -11.91 -18.86 -3.95
N LYS A 320 -10.70 -19.10 -3.46
CA LYS A 320 -10.17 -18.36 -2.32
C LYS A 320 -9.75 -16.93 -2.71
N GLY A 321 -10.31 -15.95 -2.01
CA GLY A 321 -9.88 -14.58 -2.16
C GLY A 321 -8.56 -14.38 -1.45
N THR A 322 -7.85 -13.32 -1.79
CA THR A 322 -6.51 -13.09 -1.24
C THR A 322 -6.55 -12.92 0.28
N ALA A 323 -7.51 -12.15 0.78
CA ALA A 323 -7.66 -11.93 2.21
C ALA A 323 -8.17 -13.19 2.91
N MET B 1 -61.03 47.40 -18.59
CA MET B 1 -61.89 46.43 -17.90
C MET B 1 -62.24 46.90 -16.50
N LYS B 2 -63.51 46.78 -16.14
CA LYS B 2 -63.96 47.14 -14.81
C LYS B 2 -64.28 45.90 -13.98
N GLU B 3 -63.93 44.74 -14.52
CA GLU B 3 -64.09 43.46 -13.83
C GLU B 3 -63.33 42.39 -14.63
N PRO B 4 -62.53 41.56 -13.93
CA PRO B 4 -61.70 40.52 -14.54
C PRO B 4 -62.45 39.64 -15.54
N ARG B 5 -61.79 39.32 -16.65
CA ARG B 5 -62.42 38.55 -17.72
C ARG B 5 -61.79 37.18 -17.88
N TYR B 6 -62.64 36.16 -17.99
CA TYR B 6 -62.18 34.81 -18.29
C TYR B 6 -61.99 34.65 -19.79
N LEU B 7 -61.01 33.87 -20.20
CA LEU B 7 -60.65 33.82 -21.62
C LEU B 7 -61.09 32.54 -22.33
N VAL B 8 -61.09 31.42 -21.60
CA VAL B 8 -61.55 30.17 -22.17
C VAL B 8 -62.61 29.54 -21.27
N PRO B 9 -63.84 30.07 -21.31
CA PRO B 9 -64.92 29.56 -20.44
C PRO B 9 -65.46 28.21 -20.90
N GLY B 10 -65.00 27.72 -22.04
CA GLY B 10 -65.45 26.44 -22.57
C GLY B 10 -64.60 25.26 -22.14
N ASP B 11 -63.44 25.54 -21.57
CA ASP B 11 -62.52 24.48 -21.15
C ASP B 11 -61.77 24.89 -19.88
N TYR B 12 -60.97 23.98 -19.34
CA TYR B 12 -60.19 24.27 -18.15
C TYR B 12 -58.70 24.48 -18.49
N MET B 13 -58.26 25.74 -18.38
CA MET B 13 -56.88 26.09 -18.67
C MET B 13 -56.26 26.85 -17.50
N ALA B 14 -54.96 26.67 -17.29
CA ALA B 14 -54.28 27.28 -16.16
C ALA B 14 -52.83 27.63 -16.48
N ASP B 15 -52.18 28.31 -15.55
CA ASP B 15 -50.77 28.72 -15.69
C ASP B 15 -50.52 29.46 -17.00
N PRO B 16 -51.18 30.62 -17.18
CA PRO B 16 -51.08 31.33 -18.46
C PRO B 16 -49.70 31.94 -18.66
N ALA B 17 -49.16 31.78 -19.87
CA ALA B 17 -47.89 32.38 -20.24
C ALA B 17 -48.09 33.30 -21.44
N ALA B 18 -48.33 34.58 -21.16
CA ALA B 18 -48.68 35.54 -22.20
C ALA B 18 -47.47 36.20 -22.84
N HIS B 19 -47.44 36.18 -24.18
CA HIS B 19 -46.40 36.84 -24.94
C HIS B 19 -47.01 37.64 -26.09
N VAL B 20 -46.21 38.52 -26.69
CA VAL B 20 -46.68 39.31 -27.82
C VAL B 20 -45.84 39.04 -29.07
N PHE B 21 -46.38 38.21 -29.97
CA PHE B 21 -45.69 37.91 -31.21
C PHE B 21 -46.50 38.40 -32.41
N ASN B 22 -45.83 39.14 -33.31
CA ASN B 22 -46.47 39.67 -34.51
C ASN B 22 -47.67 40.55 -34.21
N ASP B 23 -47.52 41.44 -33.23
CA ASP B 23 -48.58 42.35 -32.79
C ASP B 23 -49.84 41.63 -32.28
N LYS B 24 -49.73 40.32 -32.10
CA LYS B 24 -50.81 39.52 -31.54
C LYS B 24 -50.43 39.13 -30.12
N LEU B 25 -51.42 38.75 -29.31
CA LEU B 25 -51.17 38.28 -27.96
C LEU B 25 -51.35 36.77 -27.86
N TYR B 26 -50.27 36.05 -27.57
CA TYR B 26 -50.35 34.60 -27.48
C TYR B 26 -50.25 34.11 -26.03
N ILE B 27 -51.08 33.13 -25.69
CA ILE B 27 -51.08 32.55 -24.36
C ILE B 27 -50.76 31.05 -24.44
N TYR B 28 -49.84 30.61 -23.58
CA TYR B 28 -49.45 29.21 -23.54
C TYR B 28 -49.74 28.63 -22.15
N PRO B 29 -50.97 28.17 -21.93
CA PRO B 29 -51.43 27.68 -20.63
C PRO B 29 -51.34 26.16 -20.51
N SER B 30 -51.58 25.66 -19.30
CA SER B 30 -51.65 24.22 -19.06
C SER B 30 -53.10 23.78 -19.23
N HIS B 31 -53.30 22.52 -19.63
CA HIS B 31 -54.65 22.03 -19.92
C HIS B 31 -55.15 21.08 -18.84
N ASP B 32 -55.95 21.60 -17.90
CA ASP B 32 -56.55 20.78 -16.86
C ASP B 32 -57.68 19.92 -17.44
N TRP B 33 -57.87 18.75 -16.86
CA TRP B 33 -58.92 17.83 -17.27
C TRP B 33 -59.17 16.80 -16.18
N GLU B 34 -60.41 16.33 -16.09
CA GLU B 34 -60.75 15.31 -15.12
C GLU B 34 -60.16 13.95 -15.53
N SER B 35 -59.05 13.59 -14.90
CA SER B 35 -58.32 12.38 -15.26
C SER B 35 -58.80 11.15 -14.50
N GLY B 36 -59.70 11.37 -13.54
CA GLY B 36 -60.21 10.29 -12.72
C GLY B 36 -59.32 10.00 -11.54
N ILE B 37 -58.19 10.71 -11.46
CA ILE B 37 -57.26 10.55 -10.35
C ILE B 37 -57.65 11.43 -9.18
N PRO B 38 -57.92 10.82 -8.03
CA PRO B 38 -58.29 11.57 -6.81
C PRO B 38 -57.15 12.43 -6.28
N GLU B 39 -57.48 13.39 -5.43
CA GLU B 39 -56.49 14.33 -4.88
C GLU B 39 -55.55 13.65 -3.89
N ASN B 40 -54.27 13.99 -3.96
CA ASN B 40 -53.29 13.52 -2.99
C ASN B 40 -52.10 14.49 -2.84
N ASP B 41 -51.22 14.19 -1.90
CA ASP B 41 -50.14 15.11 -1.53
C ASP B 41 -49.05 15.29 -2.59
N ASN B 42 -48.82 14.26 -3.41
CA ASN B 42 -47.79 14.35 -4.44
C ASN B 42 -48.25 15.06 -5.71
N GLY B 43 -49.53 15.42 -5.75
CA GLY B 43 -50.08 16.20 -6.84
C GLY B 43 -50.30 15.43 -8.12
N ASP B 44 -50.74 14.18 -8.00
CA ASP B 44 -51.03 13.36 -9.18
C ASP B 44 -52.31 13.82 -9.87
N HIS B 45 -53.17 14.51 -9.13
CA HIS B 45 -54.41 15.03 -9.70
C HIS B 45 -54.16 16.12 -10.74
N PHE B 46 -53.00 16.76 -10.64
CA PHE B 46 -52.54 17.67 -11.67
C PHE B 46 -51.95 16.86 -12.82
N ASN B 47 -52.83 16.15 -13.54
CA ASN B 47 -52.39 15.22 -14.56
C ASN B 47 -52.60 15.75 -15.98
N MET B 48 -52.07 16.93 -16.26
CA MET B 48 -52.17 17.50 -17.60
C MET B 48 -51.34 16.69 -18.58
N LYS B 49 -51.80 16.62 -19.82
CA LYS B 49 -51.16 15.76 -20.82
C LYS B 49 -50.97 16.43 -22.18
N ASP B 50 -51.53 17.62 -22.36
CA ASP B 50 -51.39 18.33 -23.63
C ASP B 50 -51.36 19.85 -23.49
N TYR B 51 -50.86 20.52 -24.52
CA TYR B 51 -50.79 21.98 -24.56
C TYR B 51 -51.69 22.56 -25.65
N HIS B 52 -52.53 23.53 -25.27
CA HIS B 52 -53.27 24.31 -26.25
C HIS B 52 -52.59 25.66 -26.41
N VAL B 53 -52.89 26.36 -27.50
CA VAL B 53 -52.37 27.70 -27.72
C VAL B 53 -53.51 28.66 -28.06
N PHE B 54 -53.60 29.75 -27.31
CA PHE B 54 -54.66 30.72 -27.53
C PHE B 54 -54.08 32.07 -27.97
N SER B 55 -54.84 32.79 -28.79
CA SER B 55 -54.39 34.09 -29.29
C SER B 55 -55.52 35.10 -29.34
N MET B 56 -55.18 36.36 -29.12
CA MET B 56 -56.15 37.45 -29.20
C MET B 56 -55.55 38.66 -29.90
N ASP B 57 -56.41 39.58 -30.32
CA ASP B 57 -55.98 40.86 -30.85
C ASP B 57 -56.43 41.97 -29.91
N ASP B 58 -57.40 41.64 -29.07
CA ASP B 58 -57.89 42.55 -28.04
C ASP B 58 -58.14 41.76 -26.77
N VAL B 59 -57.48 42.17 -25.68
CA VAL B 59 -57.57 41.44 -24.43
C VAL B 59 -58.93 41.61 -23.76
N GLU B 60 -59.41 42.84 -23.72
CA GLU B 60 -60.59 43.19 -22.93
C GLU B 60 -61.89 42.57 -23.43
N GLN B 61 -62.13 42.61 -24.74
CA GLN B 61 -63.37 42.05 -25.30
C GLN B 61 -63.18 41.39 -26.65
N GLY B 62 -61.92 41.17 -27.04
CA GLY B 62 -61.64 40.55 -28.33
C GLY B 62 -61.91 39.05 -28.32
N GLU B 63 -62.06 38.48 -29.50
CA GLU B 63 -62.31 37.04 -29.63
C GLU B 63 -61.05 36.23 -29.34
N VAL B 64 -61.19 35.21 -28.50
CA VAL B 64 -60.06 34.32 -28.19
C VAL B 64 -60.05 33.14 -29.15
N THR B 65 -58.91 32.93 -29.80
CA THR B 65 -58.78 31.86 -30.79
C THR B 65 -58.11 30.62 -30.20
N ASP B 66 -58.80 29.48 -30.27
CA ASP B 66 -58.24 28.21 -29.83
C ASP B 66 -57.50 27.57 -31.01
N HIS B 67 -56.17 27.60 -30.95
CA HIS B 67 -55.36 27.03 -32.03
C HIS B 67 -55.20 25.52 -31.90
N GLY B 68 -55.85 24.95 -30.89
CA GLY B 68 -55.87 23.51 -30.71
C GLY B 68 -54.63 22.95 -30.02
N VAL B 69 -54.58 21.62 -29.90
CA VAL B 69 -53.45 20.95 -29.27
C VAL B 69 -52.20 21.09 -30.13
N VAL B 70 -51.12 21.59 -29.52
CA VAL B 70 -49.87 21.81 -30.24
C VAL B 70 -48.78 20.86 -29.74
N LEU B 71 -49.04 20.21 -28.62
CA LEU B 71 -48.10 19.26 -28.04
C LEU B 71 -48.81 18.38 -27.02
N ARG B 72 -48.55 17.08 -27.08
CA ARG B 72 -49.07 16.14 -26.10
C ARG B 72 -47.98 15.18 -25.64
N THR B 73 -48.15 14.60 -24.45
CA THR B 73 -47.16 13.72 -23.85
C THR B 73 -46.79 12.54 -24.76
N GLU B 74 -47.79 12.03 -25.48
CA GLU B 74 -47.60 10.86 -26.33
C GLU B 74 -46.63 11.12 -27.49
N ASP B 75 -46.34 12.38 -27.77
CA ASP B 75 -45.44 12.74 -28.86
C ASP B 75 -43.99 12.87 -28.38
N ILE B 76 -43.82 13.10 -27.08
CA ILE B 76 -42.50 13.28 -26.50
C ILE B 76 -41.79 11.92 -26.34
N PRO B 77 -40.63 11.76 -26.97
CA PRO B 77 -39.89 10.50 -26.95
C PRO B 77 -39.44 10.06 -25.56
N TRP B 78 -39.16 11.02 -24.68
CA TRP B 78 -38.71 10.70 -23.33
C TRP B 78 -39.85 10.83 -22.31
N ALA B 79 -41.08 10.78 -22.81
CA ALA B 79 -42.25 11.06 -21.99
C ALA B 79 -42.41 10.15 -20.78
N GLY B 80 -42.72 10.76 -19.65
CA GLY B 80 -43.16 10.05 -18.47
C GLY B 80 -44.61 10.42 -18.22
N ARG B 81 -44.82 11.52 -17.50
CA ARG B 81 -46.17 11.99 -17.19
C ARG B 81 -46.18 13.43 -16.67
N GLN B 82 -47.36 14.05 -16.68
CA GLN B 82 -47.59 15.38 -16.14
C GLN B 82 -46.85 16.52 -16.86
N LEU B 83 -47.51 17.10 -17.86
CA LEU B 83 -47.03 18.31 -18.52
C LEU B 83 -47.47 19.54 -17.73
N TRP B 84 -46.54 20.17 -17.04
CA TRP B 84 -46.89 21.32 -16.20
C TRP B 84 -46.61 22.66 -16.87
N ASP B 85 -46.54 23.72 -16.06
CA ASP B 85 -46.40 25.09 -16.57
C ASP B 85 -45.22 25.29 -17.52
N SER B 86 -45.51 25.72 -18.73
CA SER B 86 -44.47 25.92 -19.74
C SER B 86 -44.40 27.38 -20.18
N ASP B 87 -43.38 27.70 -20.98
CA ASP B 87 -43.22 29.05 -21.53
C ASP B 87 -42.51 28.96 -22.88
N VAL B 88 -42.73 29.96 -23.73
CA VAL B 88 -42.16 29.98 -25.08
C VAL B 88 -41.27 31.19 -25.27
N ALA B 89 -40.23 31.05 -26.09
CA ALA B 89 -39.33 32.15 -26.41
C ALA B 89 -39.07 32.22 -27.91
N PHE B 90 -39.00 33.45 -28.43
CA PHE B 90 -38.74 33.65 -29.85
C PHE B 90 -37.29 34.03 -30.09
N ARG B 91 -36.61 33.24 -30.91
CA ARG B 91 -35.21 33.49 -31.26
C ARG B 91 -34.85 32.72 -32.52
N ASN B 92 -33.90 33.26 -33.28
CA ASN B 92 -33.43 32.64 -34.52
C ASN B 92 -34.56 32.37 -35.51
N GLY B 93 -35.60 33.20 -35.47
CA GLY B 93 -36.74 33.04 -36.35
C GLY B 93 -37.60 31.84 -36.03
N LYS B 94 -37.41 31.28 -34.83
CA LYS B 94 -38.18 30.13 -34.39
C LYS B 94 -38.70 30.28 -32.97
N TYR B 95 -39.73 29.50 -32.62
CA TYR B 95 -40.34 29.57 -31.31
C TYR B 95 -40.03 28.32 -30.49
N TYR B 96 -39.26 28.49 -29.41
CA TYR B 96 -38.88 27.38 -28.56
C TYR B 96 -39.79 27.27 -27.34
N MET B 97 -40.50 26.15 -27.24
CA MET B 97 -41.36 25.89 -26.08
C MET B 97 -40.61 25.07 -25.03
N TYR B 98 -40.46 25.63 -23.84
CA TYR B 98 -39.79 24.94 -22.75
C TYR B 98 -40.80 24.37 -21.78
N PHE B 99 -40.93 23.04 -21.78
CA PHE B 99 -41.95 22.36 -20.99
C PHE B 99 -41.34 21.47 -19.92
N PRO B 100 -41.96 21.45 -18.73
CA PRO B 100 -41.57 20.52 -17.66
C PRO B 100 -42.34 19.21 -17.79
N LEU B 101 -41.66 18.11 -17.50
CA LEU B 101 -42.26 16.79 -17.61
C LEU B 101 -41.41 15.78 -16.85
N LYS B 102 -42.05 15.02 -15.97
CA LYS B 102 -41.35 13.95 -15.25
C LYS B 102 -40.87 12.92 -16.27
N ASP B 103 -39.61 12.50 -16.15
CA ASP B 103 -39.09 11.48 -17.05
C ASP B 103 -39.67 10.11 -16.71
N GLN B 104 -39.10 9.06 -17.29
CA GLN B 104 -39.58 7.71 -17.04
C GLN B 104 -39.20 7.22 -15.65
N ASN B 105 -38.55 8.09 -14.88
CA ASN B 105 -38.21 7.80 -13.50
C ASN B 105 -38.93 8.73 -12.53
N ASP B 106 -39.95 9.42 -13.04
CA ASP B 106 -40.72 10.40 -12.27
C ASP B 106 -39.87 11.55 -11.74
N ILE B 107 -38.76 11.83 -12.41
CA ILE B 107 -37.91 12.96 -12.07
C ILE B 107 -38.20 14.11 -13.02
N PHE B 108 -38.57 15.26 -12.46
CA PHE B 108 -38.94 16.40 -13.29
C PHE B 108 -37.77 16.93 -14.10
N ARG B 109 -37.93 16.93 -15.42
CA ARG B 109 -36.94 17.48 -16.34
C ARG B 109 -37.60 18.54 -17.20
N ILE B 110 -36.80 19.28 -17.95
CA ILE B 110 -37.34 20.30 -18.86
C ILE B 110 -36.85 20.04 -20.28
N GLY B 111 -37.80 20.00 -21.22
CA GLY B 111 -37.48 19.73 -22.61
C GLY B 111 -37.82 20.87 -23.54
N VAL B 112 -37.30 20.80 -24.76
CA VAL B 112 -37.51 21.85 -25.76
C VAL B 112 -38.36 21.35 -26.92
N ALA B 113 -39.33 22.16 -27.33
CA ALA B 113 -40.16 21.87 -28.49
C ALA B 113 -40.13 23.05 -29.45
N ILE B 114 -39.93 22.78 -30.73
CA ILE B 114 -39.68 23.84 -31.72
C ILE B 114 -40.77 23.95 -32.77
N SER B 115 -41.24 25.18 -33.02
CA SER B 115 -42.16 25.45 -34.10
C SER B 115 -41.75 26.73 -34.84
N ASP B 116 -42.17 26.86 -36.09
CA ASP B 116 -41.81 28.02 -36.89
C ASP B 116 -42.77 29.17 -36.63
N ARG B 117 -43.88 28.89 -35.97
CA ARG B 117 -44.92 29.88 -35.72
C ARG B 117 -45.41 29.81 -34.27
N PRO B 118 -45.89 30.96 -33.74
CA PRO B 118 -46.26 31.05 -32.32
C PRO B 118 -47.44 30.16 -31.92
N GLU B 119 -48.20 29.65 -32.89
CA GLU B 119 -49.37 28.85 -32.57
C GLU B 119 -49.27 27.44 -33.15
N GLY B 120 -48.40 27.26 -34.15
CA GLY B 120 -48.26 25.97 -34.80
C GLY B 120 -47.76 24.90 -33.86
N PRO B 121 -48.00 23.62 -34.21
CA PRO B 121 -47.61 22.49 -33.37
C PRO B 121 -46.10 22.46 -33.11
N PHE B 122 -45.72 22.31 -31.84
CA PHE B 122 -44.32 22.29 -31.45
C PHE B 122 -43.77 20.87 -31.44
N ILE B 123 -42.79 20.61 -32.30
CA ILE B 123 -42.14 19.31 -32.34
C ILE B 123 -41.06 19.21 -31.26
N PRO B 124 -41.25 18.28 -30.32
CA PRO B 124 -40.36 18.15 -29.15
C PRO B 124 -39.05 17.45 -29.48
N GLN B 125 -37.98 17.80 -28.77
CA GLN B 125 -36.71 17.13 -28.90
C GLN B 125 -36.80 15.74 -28.26
N GLU B 126 -35.94 14.83 -28.69
CA GLU B 126 -36.00 13.45 -28.22
C GLU B 126 -35.59 13.28 -26.76
N ASN B 127 -34.75 14.17 -26.26
CA ASN B 127 -34.28 14.11 -24.89
C ASN B 127 -34.41 15.45 -24.17
N PRO B 128 -34.58 15.41 -22.84
CA PRO B 128 -34.69 16.65 -22.08
C PRO B 128 -33.36 17.40 -22.03
N ILE B 129 -33.40 18.65 -21.58
CA ILE B 129 -32.20 19.47 -21.46
C ILE B 129 -31.25 18.89 -20.42
N LYS B 130 -29.95 18.82 -20.75
CA LYS B 130 -28.95 18.30 -19.83
C LYS B 130 -28.85 19.17 -18.58
N GLY B 131 -28.85 18.53 -17.42
CA GLY B 131 -28.73 19.24 -16.15
C GLY B 131 -30.02 19.88 -15.67
N SER B 132 -31.09 19.72 -16.46
CA SER B 132 -32.37 20.32 -16.11
C SER B 132 -33.05 19.57 -14.96
N TYR B 133 -33.79 20.31 -14.14
CA TYR B 133 -34.56 19.73 -13.06
C TYR B 133 -35.69 20.67 -12.63
N SER B 134 -36.51 20.22 -11.69
CA SER B 134 -37.67 21.00 -11.22
C SER B 134 -38.61 21.37 -12.37
N MET B 135 -39.32 22.48 -12.22
CA MET B 135 -40.31 22.87 -13.23
C MET B 135 -40.59 24.37 -13.27
N ASP B 136 -41.72 24.73 -13.87
CA ASP B 136 -42.15 26.12 -14.03
C ASP B 136 -41.08 27.04 -14.64
N PRO B 137 -40.61 26.72 -15.85
CA PRO B 137 -39.57 27.57 -16.45
C PRO B 137 -40.15 28.87 -16.99
N CYS B 138 -39.32 29.90 -17.07
CA CYS B 138 -39.71 31.18 -17.61
C CYS B 138 -38.53 31.80 -18.36
N ILE B 139 -38.66 31.90 -19.68
CA ILE B 139 -37.57 32.42 -20.50
C ILE B 139 -37.63 33.94 -20.61
N TRP B 140 -36.48 34.59 -20.43
CA TRP B 140 -36.40 36.03 -20.46
C TRP B 140 -35.37 36.55 -21.47
N PRO B 141 -35.85 37.18 -22.55
CA PRO B 141 -34.96 37.83 -23.52
C PRO B 141 -34.48 39.18 -22.99
N ASP B 142 -33.30 39.20 -22.39
CA ASP B 142 -32.76 40.42 -21.79
C ASP B 142 -32.29 41.40 -22.86
N LYS B 143 -32.08 42.65 -22.45
CA LYS B 143 -31.64 43.70 -23.35
C LYS B 143 -30.20 43.47 -23.86
N ASP B 144 -29.48 42.57 -23.20
CA ASP B 144 -28.11 42.26 -23.60
C ASP B 144 -28.06 41.32 -24.80
N GLY B 145 -29.23 40.86 -25.23
CA GLY B 145 -29.33 39.97 -26.38
C GLY B 145 -29.29 38.51 -26.00
N GLU B 146 -29.13 38.24 -24.71
CA GLU B 146 -29.05 36.86 -24.23
C GLU B 146 -30.40 36.37 -23.70
N TYR B 147 -30.50 35.07 -23.46
CA TYR B 147 -31.74 34.46 -22.99
C TYR B 147 -31.53 33.69 -21.70
N TYR B 148 -32.35 33.99 -20.70
CA TYR B 148 -32.21 33.36 -19.38
C TYR B 148 -33.46 32.58 -19.00
N MET B 149 -33.26 31.45 -18.32
CA MET B 149 -34.36 30.63 -17.85
C MET B 149 -34.50 30.72 -16.33
N TYR B 150 -35.70 31.03 -15.86
CA TYR B 150 -35.99 31.06 -14.44
C TYR B 150 -36.91 29.92 -14.06
N PHE B 151 -36.33 28.87 -13.47
CA PHE B 151 -37.11 27.69 -13.11
C PHE B 151 -37.07 27.42 -11.61
N GLY B 152 -37.90 26.49 -11.16
CA GLY B 152 -37.95 26.13 -9.76
C GLY B 152 -39.37 26.00 -9.23
N GLY B 153 -39.56 25.05 -8.32
CA GLY B 153 -40.85 24.82 -7.70
C GLY B 153 -40.73 23.91 -6.50
N LEU B 154 -41.33 24.30 -5.39
CA LEU B 154 -41.22 23.53 -4.15
C LEU B 154 -42.19 22.36 -4.12
N TRP B 155 -41.92 21.42 -3.21
CA TRP B 155 -42.79 20.27 -2.97
C TRP B 155 -42.95 19.38 -4.20
N GLY B 156 -44.06 19.56 -4.92
CA GLY B 156 -44.32 18.79 -6.12
C GLY B 156 -43.31 19.09 -7.21
N GLY B 157 -42.74 20.30 -7.17
CA GLY B 157 -41.76 20.71 -8.15
C GLY B 157 -40.38 20.12 -7.93
N GLN B 158 -40.20 19.44 -6.80
CA GLN B 158 -38.97 18.69 -6.52
C GLN B 158 -37.70 19.55 -6.37
N LEU B 159 -37.86 20.84 -6.10
CA LEU B 159 -36.70 21.72 -5.98
C LEU B 159 -35.85 21.37 -4.76
N GLN B 160 -36.52 20.97 -3.69
CA GLN B 160 -35.84 20.67 -2.43
C GLN B 160 -34.95 19.43 -2.50
N ARG B 161 -35.12 18.65 -3.57
CA ARG B 161 -34.31 17.46 -3.78
C ARG B 161 -32.90 17.82 -4.25
N TYR B 162 -32.68 19.10 -4.55
CA TYR B 162 -31.43 19.53 -5.15
C TYR B 162 -30.73 20.63 -4.34
N ARG B 163 -29.40 20.56 -4.31
CA ARG B 163 -28.59 21.65 -3.79
C ARG B 163 -27.46 21.91 -4.78
N ASN B 164 -27.39 23.14 -5.28
CA ASN B 164 -26.43 23.50 -6.31
C ASN B 164 -26.52 22.59 -7.52
N ASN B 165 -27.75 22.36 -7.98
CA ASN B 165 -28.04 21.56 -9.16
C ASN B 165 -27.69 20.07 -9.01
N LYS B 166 -27.27 19.68 -7.81
CA LYS B 166 -26.94 18.27 -7.56
C LYS B 166 -28.02 17.63 -6.71
N ALA B 167 -28.42 16.42 -7.09
CA ALA B 167 -29.48 15.71 -6.38
C ALA B 167 -29.03 15.22 -5.02
N LEU B 168 -29.87 15.46 -4.01
CA LEU B 168 -29.59 14.98 -2.66
C LEU B 168 -30.06 13.53 -2.51
N GLU B 169 -29.43 12.81 -1.58
CA GLU B 169 -29.86 11.46 -1.26
C GLU B 169 -31.28 11.49 -0.71
N CYS B 170 -31.55 12.52 0.09
CA CYS B 170 -32.88 12.72 0.67
C CYS B 170 -33.26 14.19 0.54
N ALA B 171 -34.51 14.45 0.17
CA ALA B 171 -34.99 15.81 -0.01
C ALA B 171 -34.99 16.59 1.31
N LEU B 172 -34.65 17.87 1.24
CA LEU B 172 -34.55 18.71 2.43
C LEU B 172 -35.30 20.02 2.28
N LEU B 173 -36.31 20.23 3.13
CA LEU B 173 -37.04 21.49 3.16
C LEU B 173 -36.62 22.32 4.37
N PRO B 174 -35.96 23.47 4.12
CA PRO B 174 -35.51 24.37 5.20
C PRO B 174 -36.70 24.91 6.01
N GLU B 175 -36.45 25.24 7.27
CA GLU B 175 -37.50 25.73 8.16
C GLU B 175 -37.05 26.92 9.00
N GLY B 176 -38.01 27.73 9.44
CA GLY B 176 -37.75 28.81 10.36
C GLY B 176 -36.79 29.88 9.87
N ASP B 177 -35.74 30.14 10.65
CA ASP B 177 -34.79 31.20 10.34
C ASP B 177 -33.82 30.84 9.24
N GLU B 178 -33.83 29.58 8.81
CA GLU B 178 -32.98 29.14 7.71
C GLU B 178 -33.39 29.87 6.43
N PRO B 179 -32.40 30.21 5.59
CA PRO B 179 -32.70 30.89 4.32
C PRO B 179 -33.52 29.98 3.41
N ALA B 180 -34.66 30.48 2.96
CA ALA B 180 -35.55 29.73 2.07
C ALA B 180 -34.86 29.43 0.75
N LEU B 181 -35.29 28.37 0.08
CA LEU B 181 -34.73 28.01 -1.21
C LEU B 181 -35.05 29.06 -2.27
N CYS B 182 -34.02 29.48 -3.00
CA CYS B 182 -34.17 30.49 -4.04
C CYS B 182 -34.52 29.81 -5.36
N PRO B 183 -35.24 30.53 -6.25
CA PRO B 183 -35.46 30.04 -7.60
C PRO B 183 -34.14 30.02 -8.37
N LYS B 184 -34.13 29.39 -9.54
CA LYS B 184 -32.88 29.25 -10.28
C LYS B 184 -32.85 30.11 -11.53
N VAL B 185 -31.65 30.43 -11.98
CA VAL B 185 -31.47 31.21 -13.21
C VAL B 185 -30.27 30.68 -14.00
N VAL B 186 -30.48 30.46 -15.30
CA VAL B 186 -29.42 29.95 -16.16
C VAL B 186 -29.51 30.53 -17.57
N ARG B 187 -28.39 31.04 -18.07
CA ARG B 187 -28.33 31.56 -19.42
C ARG B 187 -28.31 30.42 -20.44
N LEU B 188 -29.27 30.43 -21.34
CA LEU B 188 -29.34 29.44 -22.41
C LEU B 188 -28.27 29.76 -23.45
N ARG B 189 -27.91 28.78 -24.27
CA ARG B 189 -26.96 29.03 -25.34
C ARG B 189 -27.67 29.45 -26.62
N GLU B 190 -26.90 29.68 -27.68
CA GLU B 190 -27.43 30.25 -28.92
C GLU B 190 -28.51 29.40 -29.60
N ASP B 191 -28.26 28.10 -29.72
CA ASP B 191 -29.22 27.22 -30.39
C ASP B 191 -30.41 26.89 -29.47
N MET B 192 -30.36 27.40 -28.25
CA MET B 192 -31.46 27.28 -27.29
C MET B 192 -31.84 25.83 -26.95
N LEU B 193 -30.91 24.91 -27.19
CA LEU B 193 -31.18 23.50 -26.96
C LEU B 193 -30.67 23.02 -25.60
N GLU B 194 -29.57 23.62 -25.15
CA GLU B 194 -28.97 23.25 -23.87
C GLU B 194 -28.63 24.50 -23.06
N PHE B 195 -28.21 24.28 -21.81
CA PHE B 195 -27.75 25.37 -20.97
C PHE B 195 -26.36 25.80 -21.45
N ALA B 196 -26.05 27.09 -21.28
CA ALA B 196 -24.74 27.61 -21.65
C ALA B 196 -23.83 27.70 -20.44
N GLU B 197 -24.40 27.45 -19.27
CA GLU B 197 -23.64 27.52 -18.03
C GLU B 197 -24.32 26.71 -16.91
N GLU B 198 -23.76 26.81 -15.71
CA GLU B 198 -24.32 26.15 -14.55
C GLU B 198 -25.39 27.04 -13.94
N PRO B 199 -26.58 26.48 -13.68
CA PRO B 199 -27.68 27.22 -13.04
C PRO B 199 -27.28 27.77 -11.67
N ARG B 200 -27.63 29.02 -11.41
CA ARG B 200 -27.31 29.67 -10.14
C ARG B 200 -28.59 30.00 -9.40
N ASP B 201 -28.46 30.45 -8.16
CA ASP B 201 -29.61 30.91 -7.39
C ASP B 201 -30.01 32.31 -7.82
N LEU B 202 -31.31 32.59 -7.77
CA LEU B 202 -31.79 33.96 -7.92
C LEU B 202 -32.26 34.44 -6.56
N MET B 203 -31.35 35.08 -5.83
CA MET B 203 -31.62 35.48 -4.45
C MET B 203 -32.74 36.50 -4.34
N ILE B 204 -33.65 36.27 -3.40
CA ILE B 204 -34.71 37.23 -3.09
C ILE B 204 -34.54 37.72 -1.66
N LEU B 205 -34.15 38.99 -1.53
CA LEU B 205 -33.84 39.56 -0.22
C LEU B 205 -35.01 40.37 0.34
N ASP B 206 -34.94 40.70 1.62
CA ASP B 206 -35.88 41.63 2.23
C ASP B 206 -35.37 43.05 2.09
N GLU B 207 -35.95 43.97 2.85
CA GLU B 207 -35.54 45.38 2.79
C GLU B 207 -34.21 45.63 3.49
N LYS B 208 -33.71 44.62 4.21
CA LYS B 208 -32.43 44.73 4.91
C LYS B 208 -31.31 44.06 4.14
N GLY B 209 -31.60 43.65 2.89
CA GLY B 209 -30.63 42.96 2.08
C GLY B 209 -30.35 41.54 2.57
N LYS B 210 -31.26 41.01 3.37
CA LYS B 210 -31.11 39.68 3.95
C LYS B 210 -32.03 38.67 3.25
N LEU B 211 -31.52 37.45 3.04
CA LEU B 211 -32.29 36.39 2.41
C LEU B 211 -33.59 36.11 3.15
N LEU B 212 -34.66 35.89 2.40
CA LEU B 212 -35.94 35.55 2.99
C LEU B 212 -35.86 34.19 3.67
N SER B 213 -36.46 34.09 4.85
CA SER B 213 -36.41 32.86 5.63
C SER B 213 -37.54 31.91 5.22
N ALA B 214 -37.34 30.63 5.49
CA ALA B 214 -38.33 29.61 5.13
C ALA B 214 -39.61 29.76 5.93
N GLY B 215 -39.51 30.35 7.12
CA GLY B 215 -40.68 30.57 7.96
C GLY B 215 -41.53 31.69 7.43
N ASP B 216 -40.95 32.52 6.58
CA ASP B 216 -41.65 33.66 5.99
C ASP B 216 -42.39 33.22 4.73
N THR B 217 -43.43 32.40 4.91
CA THR B 217 -44.14 31.78 3.79
C THR B 217 -45.02 32.77 3.01
N LYS B 218 -45.17 33.98 3.52
CA LYS B 218 -45.98 34.98 2.83
C LYS B 218 -45.15 35.77 1.82
N ARG B 219 -43.86 35.46 1.73
CA ARG B 219 -42.95 36.22 0.88
C ARG B 219 -41.94 35.35 0.13
N ARG B 220 -41.57 34.21 0.71
CA ARG B 220 -40.57 33.35 0.09
C ARG B 220 -41.09 32.67 -1.17
N PHE B 221 -40.16 32.27 -2.04
CA PHE B 221 -40.50 31.66 -3.32
C PHE B 221 -41.10 30.27 -3.18
N PHE B 222 -42.07 29.96 -4.02
CA PHE B 222 -42.65 28.61 -4.08
C PHE B 222 -42.61 28.09 -5.52
N GLU B 223 -43.31 28.77 -6.42
CA GLU B 223 -43.33 28.40 -7.83
C GLU B 223 -43.75 29.59 -8.69
N ALA B 224 -44.03 29.31 -9.97
CA ALA B 224 -44.52 30.31 -10.91
C ALA B 224 -43.58 31.50 -11.11
N SER B 225 -42.35 31.21 -11.51
CA SER B 225 -41.36 32.26 -11.79
C SER B 225 -41.76 33.09 -13.00
N TRP B 226 -41.62 34.40 -12.90
CA TRP B 226 -41.86 35.27 -14.04
C TRP B 226 -40.99 36.52 -13.96
N MET B 227 -40.41 36.89 -15.10
CA MET B 227 -39.52 38.04 -15.16
C MET B 227 -39.93 39.00 -16.26
N HIS B 228 -40.07 40.28 -15.91
CA HIS B 228 -40.33 41.31 -16.91
C HIS B 228 -39.65 42.62 -16.55
N TYR B 229 -39.50 43.50 -17.54
CA TYR B 229 -38.76 44.74 -17.37
C TYR B 229 -39.69 45.94 -17.59
N TYR B 230 -39.69 46.85 -16.63
CA TYR B 230 -40.53 48.05 -16.73
C TYR B 230 -39.85 49.31 -16.19
N ASN B 231 -39.59 50.24 -17.09
CA ASN B 231 -39.06 51.56 -16.74
C ASN B 231 -37.77 51.51 -15.92
N GLY B 232 -36.73 50.91 -16.49
CA GLY B 232 -35.43 50.86 -15.84
C GLY B 232 -35.29 49.80 -14.77
N LYS B 233 -36.41 49.22 -14.35
CA LYS B 233 -36.38 48.23 -13.26
C LYS B 233 -36.84 46.85 -13.70
N TYR B 234 -36.26 45.83 -13.08
CA TYR B 234 -36.69 44.45 -13.31
C TYR B 234 -37.76 44.08 -12.30
N TYR B 235 -38.69 43.24 -12.71
CA TYR B 235 -39.75 42.78 -11.82
C TYR B 235 -39.85 41.26 -11.82
N PHE B 236 -39.34 40.63 -10.76
CA PHE B 236 -39.44 39.19 -10.63
C PHE B 236 -40.64 38.82 -9.77
N SER B 237 -41.66 38.27 -10.42
CA SER B 237 -42.88 37.86 -9.72
C SER B 237 -42.97 36.34 -9.61
N TYR B 238 -43.70 35.87 -8.61
CA TYR B 238 -43.75 34.44 -8.29
C TYR B 238 -44.92 34.09 -7.39
N SER B 239 -45.15 32.80 -7.19
CA SER B 239 -46.22 32.33 -6.29
C SER B 239 -45.64 31.94 -4.94
N THR B 240 -46.46 32.06 -3.89
CA THR B 240 -46.01 31.76 -2.54
C THR B 240 -46.60 30.46 -2.00
N GLY B 241 -47.35 29.75 -2.84
CA GLY B 241 -47.87 28.44 -2.48
C GLY B 241 -48.99 28.45 -1.45
N ASP B 242 -48.66 28.00 -0.23
CA ASP B 242 -49.66 27.78 0.81
C ASP B 242 -50.20 29.07 1.43
N THR B 243 -49.66 30.21 1.04
CA THR B 243 -50.20 31.49 1.46
C THR B 243 -50.98 32.14 0.32
N HIS B 244 -51.00 31.44 -0.81
CA HIS B 244 -51.85 31.79 -1.96
C HIS B 244 -51.62 33.20 -2.50
N LEU B 245 -50.41 33.71 -2.32
CA LEU B 245 -50.07 35.05 -2.80
C LEU B 245 -49.20 34.99 -4.04
N ILE B 246 -49.27 36.04 -4.83
CA ILE B 246 -48.29 36.29 -5.86
C ILE B 246 -47.59 37.57 -5.48
N CYS B 247 -46.29 37.49 -5.22
CA CYS B 247 -45.52 38.68 -4.88
C CYS B 247 -44.58 39.05 -6.01
N TYR B 248 -43.85 40.15 -5.83
CA TYR B 248 -42.89 40.60 -6.84
C TYR B 248 -41.69 41.27 -6.18
N ALA B 249 -40.56 41.22 -6.87
CA ALA B 249 -39.33 41.84 -6.38
C ALA B 249 -38.68 42.68 -7.48
N THR B 250 -37.76 43.56 -7.08
CA THR B 250 -37.10 44.43 -8.04
C THR B 250 -35.58 44.25 -8.07
N GLY B 251 -35.01 44.33 -9.26
CA GLY B 251 -33.57 44.19 -9.44
C GLY B 251 -33.08 45.04 -10.61
N ASP B 252 -31.78 44.99 -10.86
CA ASP B 252 -31.19 45.80 -11.92
C ASP B 252 -30.54 44.97 -13.03
N ASN B 253 -30.55 43.65 -12.87
CA ASN B 253 -29.98 42.75 -13.86
C ASN B 253 -30.51 41.32 -13.68
N PRO B 254 -30.50 40.52 -14.77
CA PRO B 254 -31.10 39.18 -14.73
C PRO B 254 -30.54 38.24 -13.66
N TYR B 255 -29.26 38.36 -13.34
CA TYR B 255 -28.65 37.51 -12.32
C TYR B 255 -28.79 38.07 -10.92
N GLY B 256 -28.60 39.38 -10.80
CA GLY B 256 -28.47 40.05 -9.52
C GLY B 256 -29.59 39.86 -8.53
N PRO B 257 -29.32 40.16 -7.25
CA PRO B 257 -30.26 39.99 -6.14
C PRO B 257 -31.54 40.81 -6.36
N PHE B 258 -32.67 40.22 -5.99
CA PHE B 258 -33.95 40.91 -6.08
C PHE B 258 -34.49 41.20 -4.67
N THR B 259 -35.00 42.40 -4.49
CA THR B 259 -35.54 42.80 -3.19
C THR B 259 -37.06 42.76 -3.19
N TYR B 260 -37.63 42.04 -2.23
CA TYR B 260 -39.08 41.92 -2.10
C TYR B 260 -39.74 43.29 -2.00
N ARG B 261 -40.85 43.45 -2.73
CA ARG B 261 -41.56 44.72 -2.74
C ARG B 261 -42.93 44.60 -2.07
N GLY B 262 -43.81 43.82 -2.67
CA GLY B 262 -45.15 43.66 -2.12
C GLY B 262 -45.97 42.57 -2.80
N VAL B 263 -47.27 42.59 -2.55
CA VAL B 263 -48.18 41.59 -3.09
C VAL B 263 -48.94 42.12 -4.29
N ILE B 264 -48.85 41.40 -5.41
CA ILE B 264 -49.59 41.78 -6.62
C ILE B 264 -51.06 41.38 -6.51
N LEU B 265 -51.30 40.13 -6.13
CA LEU B 265 -52.66 39.60 -6.07
C LEU B 265 -52.92 38.72 -4.84
N THR B 266 -53.95 39.08 -4.08
CA THR B 266 -54.37 38.32 -2.90
C THR B 266 -54.92 36.95 -3.32
N PRO B 267 -55.07 36.02 -2.36
CA PRO B 267 -55.58 34.67 -2.68
C PRO B 267 -56.82 34.64 -3.57
N VAL B 268 -56.79 33.78 -4.58
CA VAL B 268 -57.94 33.57 -5.46
C VAL B 268 -58.65 32.28 -5.07
N VAL B 269 -59.80 32.02 -5.67
CA VAL B 269 -60.53 30.79 -5.41
C VAL B 269 -59.75 29.58 -5.92
N GLY B 270 -59.33 28.72 -5.01
CA GLY B 270 -58.49 27.58 -5.33
C GLY B 270 -57.20 27.66 -4.55
N TRP B 271 -56.42 26.59 -4.59
CA TRP B 271 -55.16 26.55 -3.84
C TRP B 271 -54.03 27.17 -4.64
N THR B 272 -53.93 26.80 -5.92
CA THR B 272 -52.83 27.26 -6.76
C THR B 272 -53.08 28.65 -7.33
N THR B 273 -52.00 29.41 -7.47
CA THR B 273 -52.04 30.68 -8.18
C THR B 273 -50.83 30.78 -9.11
N HIS B 274 -51.06 31.26 -10.31
CA HIS B 274 -50.03 31.30 -11.34
C HIS B 274 -50.34 32.43 -12.30
N HIS B 275 -49.32 32.93 -13.00
CA HIS B 275 -49.51 34.16 -13.76
C HIS B 275 -48.46 34.41 -14.85
N SER B 276 -48.64 35.54 -15.53
CA SER B 276 -47.66 36.08 -16.47
C SER B 276 -48.04 37.54 -16.72
N ILE B 277 -47.04 38.42 -16.69
CA ILE B 277 -47.29 39.85 -16.87
C ILE B 277 -46.70 40.36 -18.18
N VAL B 278 -47.53 40.99 -18.99
CA VAL B 278 -47.10 41.51 -20.28
C VAL B 278 -47.87 42.78 -20.64
N GLU B 279 -47.20 43.70 -21.35
CA GLU B 279 -47.85 44.93 -21.81
C GLU B 279 -48.36 44.73 -23.23
N PHE B 280 -49.62 45.09 -23.47
CA PHE B 280 -50.21 44.93 -24.79
C PHE B 280 -51.06 46.14 -25.16
N LYS B 281 -50.63 46.87 -26.18
CA LYS B 281 -51.32 48.06 -26.68
C LYS B 281 -51.53 49.12 -25.60
N GLY B 282 -50.45 49.47 -24.90
CA GLY B 282 -50.47 50.55 -23.94
C GLY B 282 -50.92 50.16 -22.56
N LYS B 283 -51.47 48.97 -22.41
CA LYS B 283 -51.99 48.53 -21.12
C LYS B 283 -51.27 47.28 -20.60
N TRP B 284 -51.06 47.24 -19.29
CA TRP B 284 -50.45 46.07 -18.65
C TRP B 284 -51.55 45.17 -18.09
N TYR B 285 -51.38 43.87 -18.26
CA TYR B 285 -52.38 42.91 -17.81
C TYR B 285 -51.77 41.83 -16.92
N LEU B 286 -52.52 41.41 -15.90
CA LEU B 286 -52.11 40.30 -15.06
C LEU B 286 -52.93 39.05 -15.40
N PHE B 287 -52.41 38.24 -16.31
CA PHE B 287 -53.07 36.98 -16.65
C PHE B 287 -52.88 35.99 -15.51
N HIS B 288 -53.97 35.35 -15.09
CA HIS B 288 -53.91 34.35 -14.04
C HIS B 288 -55.08 33.38 -14.14
N HIS B 289 -55.44 32.74 -13.03
CA HIS B 289 -56.54 31.81 -13.02
C HIS B 289 -57.14 31.58 -11.63
N ASP B 290 -58.34 31.02 -11.60
CA ASP B 290 -58.96 30.56 -10.36
C ASP B 290 -59.94 29.42 -10.65
N CYS B 291 -60.68 28.99 -9.64
CA CYS B 291 -61.56 27.84 -9.78
C CYS B 291 -63.02 28.20 -9.53
N VAL B 292 -63.40 29.39 -9.94
CA VAL B 292 -64.80 29.83 -9.82
C VAL B 292 -65.75 29.07 -10.75
N PRO B 293 -65.39 28.89 -12.03
CA PRO B 293 -66.29 28.08 -12.88
C PRO B 293 -66.38 26.63 -12.42
N SER B 294 -65.32 26.09 -11.84
CA SER B 294 -65.33 24.70 -11.38
C SER B 294 -65.83 24.56 -9.95
N LYS B 295 -66.35 25.65 -9.40
CA LYS B 295 -66.93 25.67 -8.04
C LYS B 295 -65.93 25.24 -6.97
N GLY B 296 -64.67 25.64 -7.12
CA GLY B 296 -63.68 25.41 -6.09
C GLY B 296 -62.81 24.19 -6.27
N LYS B 297 -62.88 23.57 -7.45
CA LYS B 297 -62.07 22.38 -7.73
C LYS B 297 -60.65 22.80 -8.11
N THR B 298 -59.72 22.56 -7.20
CA THR B 298 -58.34 23.07 -7.31
C THR B 298 -57.64 22.71 -8.63
N TRP B 299 -57.82 21.48 -9.10
CA TRP B 299 -57.14 21.03 -10.31
C TRP B 299 -57.94 21.23 -11.59
N LEU B 300 -59.07 21.92 -11.51
CA LEU B 300 -59.84 22.28 -12.69
C LEU B 300 -59.93 23.80 -12.77
N ARG B 301 -58.91 24.42 -13.37
CA ARG B 301 -58.76 25.87 -13.31
C ARG B 301 -59.16 26.57 -14.61
N SER B 302 -59.52 27.85 -14.48
CA SER B 302 -59.97 28.63 -15.64
C SER B 302 -59.17 29.93 -15.74
N LEU B 303 -58.66 30.22 -16.92
CA LEU B 303 -57.88 31.43 -17.16
C LEU B 303 -58.69 32.70 -16.92
N LYS B 304 -58.00 33.77 -16.50
CA LYS B 304 -58.61 35.08 -16.34
C LYS B 304 -57.56 36.18 -16.42
N VAL B 305 -58.01 37.39 -16.70
CA VAL B 305 -57.09 38.52 -16.88
C VAL B 305 -57.60 39.77 -16.16
N ALA B 306 -56.67 40.58 -15.65
CA ALA B 306 -57.02 41.84 -15.01
C ALA B 306 -55.96 42.89 -15.30
N GLU B 307 -56.38 44.15 -15.40
CA GLU B 307 -55.44 45.23 -15.70
C GLU B 307 -54.51 45.51 -14.53
N LEU B 308 -53.23 45.68 -14.83
CA LEU B 308 -52.22 45.96 -13.81
C LEU B 308 -51.65 47.35 -13.98
N LYS B 309 -51.66 48.13 -12.90
CA LYS B 309 -51.18 49.52 -12.95
C LYS B 309 -50.02 49.75 -11.98
N TYR B 310 -49.19 50.74 -12.31
CA TYR B 310 -48.05 51.08 -11.47
C TYR B 310 -48.25 52.41 -10.77
N ASN B 311 -47.61 52.58 -9.62
CA ASN B 311 -47.50 53.87 -8.97
C ASN B 311 -46.29 54.59 -9.54
N PRO B 312 -46.24 55.93 -9.41
CA PRO B 312 -45.09 56.67 -9.94
C PRO B 312 -43.74 56.26 -9.32
N ASP B 313 -43.77 55.63 -8.16
CA ASP B 313 -42.54 55.19 -7.50
C ASP B 313 -42.04 53.86 -8.07
N GLY B 314 -42.82 53.27 -8.96
CA GLY B 314 -42.44 52.02 -9.60
C GLY B 314 -43.14 50.81 -9.04
N SER B 315 -43.79 50.96 -7.90
CA SER B 315 -44.49 49.85 -7.25
C SER B 315 -45.71 49.42 -8.06
N ILE B 316 -46.22 48.22 -7.76
CA ILE B 316 -47.38 47.68 -8.46
C ILE B 316 -48.62 47.72 -7.58
N GLN B 317 -49.71 48.26 -8.13
CA GLN B 317 -50.98 48.32 -7.40
C GLN B 317 -51.51 46.92 -7.13
N PRO B 318 -51.87 46.65 -5.86
CA PRO B 318 -52.36 45.32 -5.46
C PRO B 318 -53.73 45.01 -6.07
N ILE B 319 -53.87 43.82 -6.64
CA ILE B 319 -55.14 43.38 -7.22
C ILE B 319 -55.84 42.43 -6.26
N LYS B 320 -57.12 42.66 -6.01
CA LYS B 320 -57.87 41.86 -5.06
C LYS B 320 -58.28 40.51 -5.65
N GLY B 321 -58.00 39.43 -4.92
CA GLY B 321 -58.31 38.09 -5.37
C GLY B 321 -59.75 37.72 -5.07
N THR B 322 -60.21 36.63 -5.69
CA THR B 322 -61.59 36.19 -5.54
C THR B 322 -61.87 35.56 -4.17
N ALA B 323 -60.83 35.00 -3.56
CA ALA B 323 -60.98 34.38 -2.24
C ALA B 323 -60.89 35.42 -1.12
N MET C 1 43.45 13.65 43.62
CA MET C 1 44.16 12.43 43.21
C MET C 1 45.56 12.77 42.71
N LYS C 2 46.42 11.75 42.67
CA LYS C 2 47.80 11.95 42.23
C LYS C 2 48.00 11.34 40.85
N GLU C 3 47.19 10.34 40.52
CA GLU C 3 47.23 9.70 39.21
C GLU C 3 45.84 9.62 38.60
N PRO C 4 45.74 9.84 37.27
CA PRO C 4 44.46 9.85 36.57
C PRO C 4 43.68 8.54 36.72
N ARG C 5 42.37 8.66 36.91
CA ARG C 5 41.52 7.49 37.14
C ARG C 5 40.57 7.24 35.98
N TYR C 6 40.71 6.07 35.35
CA TYR C 6 39.81 5.66 34.28
C TYR C 6 38.44 5.32 34.86
N LEU C 7 37.42 6.08 34.46
CA LEU C 7 36.10 5.97 35.05
C LEU C 7 35.29 4.80 34.48
N VAL C 8 35.36 4.61 33.17
CA VAL C 8 34.62 3.52 32.53
C VAL C 8 35.55 2.58 31.78
N PRO C 9 36.00 1.51 32.48
CA PRO C 9 36.88 0.50 31.88
C PRO C 9 36.10 -0.57 31.15
N GLY C 10 34.79 -0.62 31.36
CA GLY C 10 33.95 -1.64 30.77
C GLY C 10 33.68 -1.44 29.29
N ASP C 11 33.71 -0.18 28.86
CA ASP C 11 33.43 0.14 27.47
C ASP C 11 34.25 1.36 27.02
N TYR C 12 34.06 1.76 25.76
CA TYR C 12 34.78 2.90 25.21
C TYR C 12 33.93 4.17 25.24
N MET C 13 34.37 5.15 26.01
CA MET C 13 33.66 6.43 26.10
C MET C 13 34.65 7.58 25.90
N ALA C 14 34.24 8.58 25.14
CA ALA C 14 35.10 9.72 24.83
C ALA C 14 34.32 11.02 24.77
N ASP C 15 35.05 12.13 24.63
CA ASP C 15 34.47 13.47 24.58
C ASP C 15 33.54 13.74 25.76
N PRO C 16 34.08 13.70 26.99
CA PRO C 16 33.22 13.84 28.17
C PRO C 16 32.72 15.27 28.38
N ALA C 17 31.55 15.40 28.98
CA ALA C 17 30.98 16.71 29.29
C ALA C 17 30.43 16.70 30.71
N ALA C 18 31.32 16.84 31.69
CA ALA C 18 30.96 16.75 33.09
C ALA C 18 30.14 17.95 33.57
N HIS C 19 29.10 17.67 34.35
CA HIS C 19 28.24 18.71 34.90
C HIS C 19 27.89 18.45 36.36
N VAL C 20 27.23 19.42 36.99
CA VAL C 20 26.79 19.28 38.37
C VAL C 20 25.28 19.48 38.48
N PHE C 21 24.55 18.38 38.61
CA PHE C 21 23.10 18.42 38.74
C PHE C 21 22.65 17.75 40.03
N ASN C 22 21.91 18.50 40.85
CA ASN C 22 21.42 17.99 42.12
C ASN C 22 22.54 17.48 43.04
N ASP C 23 23.62 18.25 43.10
CA ASP C 23 24.81 17.88 43.88
C ASP C 23 25.39 16.53 43.47
N LYS C 24 25.25 16.20 42.20
CA LYS C 24 25.83 14.97 41.64
C LYS C 24 26.60 15.29 40.38
N LEU C 25 27.63 14.50 40.08
CA LEU C 25 28.45 14.73 38.90
C LEU C 25 28.01 13.84 37.74
N TYR C 26 27.38 14.46 36.74
CA TYR C 26 26.94 13.75 35.55
C TYR C 26 27.99 13.84 34.45
N ILE C 27 28.08 12.79 33.63
CA ILE C 27 29.00 12.79 32.49
C ILE C 27 28.29 12.38 31.22
N TYR C 28 28.50 13.14 30.15
CA TYR C 28 27.85 12.85 28.87
C TYR C 28 28.88 12.64 27.77
N PRO C 29 29.46 11.45 27.70
CA PRO C 29 30.50 11.14 26.72
C PRO C 29 29.95 10.58 25.42
N SER C 30 30.81 10.48 24.41
CA SER C 30 30.42 9.86 23.14
C SER C 30 30.73 8.38 23.19
N HIS C 31 29.74 7.56 22.85
CA HIS C 31 29.88 6.11 22.92
C HIS C 31 30.59 5.53 21.70
N ASP C 32 31.88 5.26 21.83
CA ASP C 32 32.65 4.64 20.76
C ASP C 32 32.33 3.15 20.67
N TRP C 33 32.37 2.63 19.44
CA TRP C 33 32.18 1.20 19.21
C TRP C 33 32.83 0.88 17.87
N GLU C 34 33.47 -0.28 17.77
CA GLU C 34 34.20 -0.62 16.55
C GLU C 34 33.28 -1.06 15.43
N SER C 35 32.87 -0.10 14.60
CA SER C 35 32.17 -0.41 13.37
C SER C 35 33.21 -0.97 12.40
N GLY C 36 32.74 -1.53 11.29
CA GLY C 36 33.66 -2.10 10.32
C GLY C 36 34.16 -1.08 9.32
N ILE C 37 34.01 0.19 9.65
CA ILE C 37 34.48 1.25 8.76
C ILE C 37 35.94 1.56 9.02
N PRO C 38 36.80 1.29 8.02
CA PRO C 38 38.24 1.54 8.16
C PRO C 38 38.56 3.02 8.33
N GLU C 39 39.76 3.31 8.83
CA GLU C 39 40.18 4.69 9.11
C GLU C 39 40.40 5.48 7.83
N ASN C 40 39.85 6.69 7.77
CA ASN C 40 40.06 7.58 6.63
C ASN C 40 40.15 9.05 7.05
N ASP C 41 40.58 9.91 6.12
CA ASP C 41 40.77 11.33 6.42
C ASP C 41 39.46 12.07 6.69
N ASN C 42 38.34 11.49 6.28
CA ASN C 42 37.03 12.10 6.51
C ASN C 42 36.52 11.82 7.92
N GLY C 43 37.00 10.75 8.53
CA GLY C 43 36.61 10.39 9.87
C GLY C 43 35.33 9.59 9.94
N ASP C 44 35.12 8.70 8.96
CA ASP C 44 33.95 7.84 8.94
C ASP C 44 34.03 6.76 10.01
N HIS C 45 35.25 6.47 10.48
CA HIS C 45 35.45 5.47 11.52
C HIS C 45 34.87 5.92 12.86
N PHE C 46 34.77 7.22 13.06
CA PHE C 46 34.12 7.77 14.24
C PHE C 46 32.60 7.68 14.06
N ASN C 47 32.09 6.45 14.06
CA ASN C 47 30.69 6.22 13.76
C ASN C 47 29.86 5.91 15.00
N MET C 48 29.87 6.83 15.95
CA MET C 48 29.08 6.68 17.17
C MET C 48 27.61 6.82 16.85
N LYS C 49 26.77 6.01 17.51
CA LYS C 49 25.35 5.98 17.19
C LYS C 49 24.44 6.20 18.39
N ASP C 50 24.99 6.12 19.61
CA ASP C 50 24.19 6.31 20.81
C ASP C 50 24.92 7.06 21.93
N TYR C 51 24.17 7.46 22.95
CA TYR C 51 24.74 8.17 24.10
C TYR C 51 24.48 7.42 25.40
N HIS C 52 25.39 7.58 26.36
CA HIS C 52 25.20 7.05 27.70
C HIS C 52 25.40 8.15 28.73
N VAL C 53 24.66 8.08 29.83
CA VAL C 53 24.80 9.04 30.92
C VAL C 53 25.38 8.37 32.15
N PHE C 54 26.41 8.98 32.73
CA PHE C 54 27.05 8.43 33.91
C PHE C 54 26.91 9.38 35.11
N SER C 55 27.03 8.82 36.31
CA SER C 55 26.88 9.61 37.53
C SER C 55 27.90 9.21 38.58
N MET C 56 28.46 10.21 39.27
CA MET C 56 29.43 9.97 40.33
C MET C 56 29.08 10.78 41.58
N ASP C 57 29.19 10.14 42.74
CA ASP C 57 29.02 10.84 44.00
C ASP C 57 30.34 11.44 44.46
N ASP C 58 31.44 10.87 43.95
CA ASP C 58 32.77 11.40 44.21
C ASP C 58 33.73 10.95 43.12
N VAL C 59 34.56 11.88 42.64
CA VAL C 59 35.47 11.60 41.54
C VAL C 59 36.68 10.78 41.99
N GLU C 60 37.22 11.15 43.14
CA GLU C 60 38.44 10.53 43.68
C GLU C 60 38.42 9.01 43.73
N GLN C 61 37.46 8.46 44.47
CA GLN C 61 37.40 7.01 44.67
C GLN C 61 35.96 6.51 44.64
N GLY C 62 35.02 7.41 44.36
CA GLY C 62 33.61 7.07 44.34
C GLY C 62 33.24 6.05 43.26
N GLU C 63 32.00 5.59 43.30
CA GLU C 63 31.53 4.58 42.37
C GLU C 63 30.96 5.22 41.11
N VAL C 64 31.16 4.55 39.97
CA VAL C 64 30.63 5.03 38.70
C VAL C 64 29.32 4.33 38.38
N THR C 65 28.31 5.10 37.99
CA THR C 65 26.98 4.56 37.72
C THR C 65 26.58 4.72 36.26
N ASP C 66 26.27 3.61 35.60
CA ASP C 66 25.80 3.64 34.22
C ASP C 66 24.28 3.76 34.19
N HIS C 67 23.76 4.68 33.40
CA HIS C 67 22.32 4.89 33.30
C HIS C 67 21.75 4.39 31.97
N GLY C 68 22.54 3.62 31.24
CA GLY C 68 22.09 3.03 29.99
C GLY C 68 21.93 4.05 28.87
N VAL C 69 21.46 3.57 27.72
CA VAL C 69 21.27 4.43 26.55
C VAL C 69 20.17 5.46 26.80
N VAL C 70 20.46 6.72 26.51
CA VAL C 70 19.49 7.79 26.68
C VAL C 70 19.10 8.39 25.34
N LEU C 71 19.81 7.96 24.29
CA LEU C 71 19.55 8.44 22.94
C LEU C 71 20.28 7.57 21.92
N ARG C 72 19.63 7.31 20.78
CA ARG C 72 20.27 6.61 19.68
C ARG C 72 19.83 7.21 18.35
N THR C 73 20.62 6.98 17.30
CA THR C 73 20.34 7.56 15.99
C THR C 73 19.02 7.07 15.40
N GLU C 74 18.59 5.88 15.82
CA GLU C 74 17.32 5.32 15.35
C GLU C 74 16.12 6.15 15.81
N ASP C 75 16.20 6.68 17.03
CA ASP C 75 15.10 7.44 17.61
C ASP C 75 15.02 8.87 17.06
N ILE C 76 16.10 9.33 16.45
CA ILE C 76 16.14 10.68 15.89
C ILE C 76 15.53 10.71 14.49
N PRO C 77 14.45 11.48 14.33
CA PRO C 77 13.69 11.56 13.07
C PRO C 77 14.50 12.03 11.87
N TRP C 78 15.30 13.08 12.06
CA TRP C 78 16.08 13.66 10.97
C TRP C 78 17.47 13.03 10.84
N ALA C 79 17.67 11.93 11.56
CA ALA C 79 19.00 11.34 11.68
C ALA C 79 19.62 10.86 10.37
N GLY C 80 20.87 11.22 10.16
CA GLY C 80 21.68 10.68 9.09
C GLY C 80 22.67 9.70 9.68
N ARG C 81 23.78 10.22 10.22
CA ARG C 81 24.78 9.37 10.84
C ARG C 81 25.76 10.17 11.72
N GLN C 82 26.51 9.45 12.54
CA GLN C 82 27.59 10.00 13.36
C GLN C 82 27.14 10.98 14.45
N LEU C 83 26.92 10.44 15.65
CA LEU C 83 26.56 11.25 16.81
C LEU C 83 27.81 11.67 17.58
N TRP C 84 28.35 12.84 17.24
CA TRP C 84 29.58 13.30 17.86
C TRP C 84 29.35 14.02 19.18
N ASP C 85 30.40 14.67 19.70
CA ASP C 85 30.40 15.25 21.05
C ASP C 85 29.20 16.14 21.37
N SER C 86 28.46 15.77 22.42
CA SER C 86 27.29 16.53 22.83
C SER C 86 27.53 17.31 24.12
N ASP C 87 26.51 18.03 24.57
CA ASP C 87 26.58 18.77 25.83
C ASP C 87 25.17 19.02 26.38
N VAL C 88 25.07 19.21 27.70
CA VAL C 88 23.78 19.34 28.36
C VAL C 88 23.67 20.65 29.14
N ALA C 89 22.47 21.22 29.17
CA ALA C 89 22.20 22.42 29.95
C ALA C 89 20.88 22.32 30.68
N PHE C 90 20.89 22.63 31.97
CA PHE C 90 19.68 22.64 32.78
C PHE C 90 19.04 24.02 32.78
N ARG C 91 17.77 24.09 32.39
CA ARG C 91 17.05 25.35 32.36
C ARG C 91 15.54 25.17 32.42
N ASN C 92 14.88 26.01 33.22
CA ASN C 92 13.42 26.00 33.36
C ASN C 92 12.85 24.64 33.76
N GLY C 93 13.61 23.88 34.54
CA GLY C 93 13.17 22.58 35.01
C GLY C 93 13.41 21.47 34.00
N LYS C 94 13.86 21.84 32.81
CA LYS C 94 14.10 20.87 31.76
C LYS C 94 15.58 20.78 31.41
N TYR C 95 16.03 19.58 31.05
CA TYR C 95 17.44 19.35 30.72
C TYR C 95 17.63 19.21 29.22
N TYR C 96 18.29 20.21 28.62
CA TYR C 96 18.46 20.26 27.17
C TYR C 96 19.80 19.71 26.72
N MET C 97 19.77 18.59 26.01
CA MET C 97 20.97 18.01 25.42
C MET C 97 21.14 18.46 23.98
N TYR C 98 22.27 19.09 23.69
CA TYR C 98 22.55 19.55 22.33
C TYR C 98 23.53 18.63 21.63
N PHE C 99 23.03 17.87 20.66
CA PHE C 99 23.84 16.88 19.98
C PHE C 99 24.09 17.24 18.52
N PRO C 100 25.31 16.99 18.04
CA PRO C 100 25.65 17.16 16.63
C PRO C 100 25.40 15.87 15.86
N LEU C 101 24.99 15.99 14.60
CA LEU C 101 24.65 14.83 13.80
C LEU C 101 24.53 15.26 12.34
N LYS C 102 25.21 14.53 11.45
CA LYS C 102 25.08 14.77 10.02
C LYS C 102 23.64 14.45 9.60
N ASP C 103 23.02 15.37 8.87
CA ASP C 103 21.67 15.14 8.38
C ASP C 103 21.69 14.15 7.21
N GLN C 104 20.56 13.96 6.56
CA GLN C 104 20.46 12.99 5.48
C GLN C 104 21.20 13.43 4.23
N ASN C 105 21.84 14.60 4.30
CA ASN C 105 22.69 15.10 3.23
C ASN C 105 24.15 15.13 3.66
N ASP C 106 24.45 14.43 4.75
CA ASP C 106 25.79 14.38 5.33
C ASP C 106 26.35 15.76 5.69
N ILE C 107 25.47 16.67 6.07
CA ILE C 107 25.86 17.99 6.54
C ILE C 107 25.64 18.07 8.05
N PHE C 108 26.69 18.42 8.79
CA PHE C 108 26.60 18.46 10.25
C PHE C 108 25.63 19.52 10.76
N ARG C 109 24.60 19.07 11.46
CA ARG C 109 23.65 19.96 12.10
C ARG C 109 23.70 19.75 13.61
N ILE C 110 22.92 20.53 14.35
CA ILE C 110 22.82 20.35 15.79
C ILE C 110 21.34 20.26 16.20
N GLY C 111 21.01 19.20 16.93
CA GLY C 111 19.63 18.98 17.35
C GLY C 111 19.45 19.10 18.85
N VAL C 112 18.21 19.32 19.28
CA VAL C 112 17.90 19.46 20.69
C VAL C 112 17.17 18.22 21.23
N ALA C 113 17.63 17.72 22.37
CA ALA C 113 16.98 16.61 23.04
C ALA C 113 16.61 17.01 24.47
N ILE C 114 15.40 16.67 24.88
CA ILE C 114 14.86 17.16 26.16
C ILE C 114 14.55 16.04 27.15
N SER C 115 14.86 16.28 28.42
CA SER C 115 14.51 15.37 29.50
C SER C 115 14.00 16.14 30.72
N ASP C 116 13.12 15.51 31.49
CA ASP C 116 12.67 16.08 32.75
C ASP C 116 13.69 15.77 33.85
N ARG C 117 14.55 14.79 33.58
CA ARG C 117 15.55 14.34 34.54
C ARG C 117 16.89 14.12 33.85
N PRO C 118 17.99 14.47 34.53
CA PRO C 118 19.34 14.50 33.94
C PRO C 118 19.86 13.14 33.47
N GLU C 119 19.22 12.06 33.91
CA GLU C 119 19.73 10.72 33.62
C GLU C 119 18.79 9.93 32.70
N GLY C 120 17.52 10.32 32.67
CA GLY C 120 16.53 9.63 31.86
C GLY C 120 16.72 9.91 30.38
N PRO C 121 16.21 9.00 29.54
CA PRO C 121 16.32 9.10 28.07
C PRO C 121 15.78 10.43 27.53
N PHE C 122 16.48 11.01 26.57
CA PHE C 122 16.13 12.31 26.03
C PHE C 122 15.26 12.18 24.78
N ILE C 123 14.19 12.97 24.72
CA ILE C 123 13.33 13.01 23.55
C ILE C 123 13.79 14.11 22.61
N PRO C 124 14.38 13.73 21.46
CA PRO C 124 14.92 14.70 20.50
C PRO C 124 13.83 15.31 19.64
N GLN C 125 14.01 16.57 19.23
CA GLN C 125 13.08 17.21 18.33
C GLN C 125 13.17 16.56 16.95
N GLU C 126 12.11 16.70 16.16
CA GLU C 126 12.03 16.04 14.86
C GLU C 126 13.03 16.62 13.87
N ASN C 127 13.34 17.90 14.02
CA ASN C 127 14.25 18.57 13.10
C ASN C 127 15.37 19.30 13.85
N PRO C 128 16.55 19.43 13.23
CA PRO C 128 17.68 20.10 13.88
C PRO C 128 17.45 21.60 14.06
N ILE C 129 18.36 22.25 14.79
CA ILE C 129 18.28 23.69 15.00
C ILE C 129 18.48 24.45 13.70
N LYS C 130 17.66 25.46 13.47
CA LYS C 130 17.74 26.27 12.25
C LYS C 130 19.02 27.11 12.25
N GLY C 131 19.76 27.05 11.16
CA GLY C 131 21.00 27.80 11.03
C GLY C 131 22.19 27.15 11.69
N SER C 132 21.97 25.98 12.28
CA SER C 132 23.03 25.26 12.97
C SER C 132 23.97 24.58 11.99
N TYR C 133 25.24 24.50 12.34
CA TYR C 133 26.24 23.83 11.52
C TYR C 133 27.44 23.41 12.37
N SER C 134 28.34 22.63 11.77
CA SER C 134 29.49 22.07 12.47
C SER C 134 29.08 21.22 13.68
N MET C 135 30.00 21.08 14.64
CA MET C 135 29.75 20.20 15.78
C MET C 135 30.39 20.68 17.08
N ASP C 136 30.62 19.73 17.98
CA ASP C 136 31.15 20.00 19.33
C ASP C 136 30.53 21.19 20.05
N PRO C 137 29.20 21.16 20.27
CA PRO C 137 28.59 22.29 20.97
C PRO C 137 28.87 22.26 22.46
N CYS C 138 29.03 23.44 23.05
CA CYS C 138 29.21 23.58 24.49
C CYS C 138 28.27 24.65 25.01
N ILE C 139 27.43 24.29 25.96
CA ILE C 139 26.46 25.24 26.50
C ILE C 139 26.90 25.80 27.85
N TRP C 140 26.92 27.12 27.94
CA TRP C 140 27.43 27.80 29.12
C TRP C 140 26.36 28.67 29.81
N PRO C 141 26.02 28.32 31.05
CA PRO C 141 25.13 29.13 31.89
C PRO C 141 25.88 30.34 32.44
N ASP C 142 25.77 31.48 31.78
CA ASP C 142 26.51 32.68 32.16
C ASP C 142 25.94 33.32 33.43
N LYS C 143 26.58 34.38 33.90
CA LYS C 143 26.13 35.09 35.09
C LYS C 143 24.92 35.96 34.79
N ASP C 144 24.72 36.26 33.51
CA ASP C 144 23.63 37.15 33.09
C ASP C 144 22.31 36.41 32.92
N GLY C 145 22.26 35.16 33.36
CA GLY C 145 21.05 34.36 33.29
C GLY C 145 20.87 33.66 31.97
N GLU C 146 21.48 34.20 30.92
CA GLU C 146 21.35 33.63 29.58
C GLU C 146 22.19 32.37 29.43
N TYR C 147 21.86 31.57 28.42
CA TYR C 147 22.64 30.38 28.08
C TYR C 147 23.24 30.55 26.69
N TYR C 148 24.52 30.21 26.55
CA TYR C 148 25.23 30.41 25.28
C TYR C 148 25.79 29.12 24.72
N MET C 149 25.83 29.01 23.39
CA MET C 149 26.38 27.84 22.72
C MET C 149 27.70 28.16 22.00
N TYR C 150 28.72 27.37 22.29
CA TYR C 150 30.00 27.48 21.59
C TYR C 150 30.20 26.23 20.74
N PHE C 151 30.39 26.42 19.44
CA PHE C 151 30.57 25.27 18.54
C PHE C 151 31.63 25.53 17.47
N GLY C 152 31.94 24.50 16.70
CA GLY C 152 32.94 24.61 15.65
C GLY C 152 33.99 23.51 15.70
N GLY C 153 34.38 23.02 14.53
CA GLY C 153 35.40 21.99 14.42
C GLY C 153 35.99 21.94 13.03
N LEU C 154 37.31 21.96 12.94
CA LEU C 154 38.00 21.97 11.65
C LEU C 154 37.95 20.61 10.96
N TRP C 155 38.19 20.63 9.66
CA TRP C 155 38.31 19.42 8.85
C TRP C 155 37.04 18.57 8.86
N GLY C 156 37.03 17.53 9.69
CA GLY C 156 35.88 16.64 9.77
C GLY C 156 34.65 17.30 10.38
N GLY C 157 34.85 18.43 11.04
CA GLY C 157 33.76 19.16 11.64
C GLY C 157 33.08 20.12 10.69
N GLN C 158 33.64 20.24 9.49
CA GLN C 158 33.04 21.02 8.40
C GLN C 158 32.90 22.52 8.69
N LEU C 159 33.74 23.06 9.58
CA LEU C 159 33.67 24.47 9.91
C LEU C 159 34.15 25.34 8.75
N GLN C 160 35.09 24.82 7.99
CA GLN C 160 35.70 25.56 6.88
C GLN C 160 34.78 25.67 5.66
N ARG C 161 33.63 25.01 5.73
CA ARG C 161 32.65 25.08 4.66
C ARG C 161 31.83 26.36 4.79
N TYR C 162 32.02 27.08 5.88
CA TYR C 162 31.19 28.23 6.19
C TYR C 162 31.98 29.53 6.41
N ARG C 163 31.41 30.63 5.93
CA ARG C 163 31.91 31.97 6.22
C ARG C 163 30.72 32.84 6.58
N ASN C 164 30.76 33.41 7.79
CA ASN C 164 29.63 34.18 8.32
C ASN C 164 28.33 33.38 8.30
N ASN C 165 28.42 32.14 8.79
CA ASN C 165 27.27 31.24 8.89
C ASN C 165 26.69 30.78 7.55
N LYS C 166 27.32 31.18 6.45
CA LYS C 166 26.84 30.82 5.12
C LYS C 166 27.74 29.77 4.47
N ALA C 167 27.13 28.78 3.84
CA ALA C 167 27.88 27.70 3.19
C ALA C 167 28.62 28.20 1.96
N LEU C 168 29.87 27.76 1.82
CA LEU C 168 30.68 28.12 0.68
C LEU C 168 30.46 27.11 -0.46
N GLU C 169 30.69 27.56 -1.69
CA GLU C 169 30.63 26.68 -2.84
C GLU C 169 31.75 25.64 -2.72
N CYS C 170 32.91 26.10 -2.30
CA CYS C 170 34.05 25.22 -2.06
C CYS C 170 34.70 25.56 -0.72
N ALA C 171 35.00 24.53 0.07
CA ALA C 171 35.58 24.71 1.40
C ALA C 171 36.91 25.46 1.33
N LEU C 172 37.17 26.29 2.34
CA LEU C 172 38.38 27.10 2.35
C LEU C 172 39.11 27.06 3.70
N LEU C 173 40.25 26.39 3.72
CA LEU C 173 41.09 26.35 4.90
C LEU C 173 42.20 27.40 4.79
N PRO C 174 42.23 28.34 5.75
CA PRO C 174 43.23 29.41 5.78
C PRO C 174 44.66 28.87 5.86
N GLU C 175 45.62 29.63 5.34
CA GLU C 175 47.01 29.18 5.27
C GLU C 175 47.98 30.13 5.98
N GLY C 176 48.61 29.65 7.03
CA GLY C 176 49.68 30.38 7.70
C GLY C 176 49.36 31.77 8.19
N ASP C 177 49.78 32.77 7.41
CA ASP C 177 49.64 34.18 7.78
C ASP C 177 48.20 34.60 8.04
N GLU C 178 47.27 34.05 7.26
CA GLU C 178 45.86 34.40 7.36
C GLU C 178 45.29 34.06 8.73
N PRO C 179 44.32 34.88 9.20
CA PRO C 179 43.67 34.63 10.49
C PRO C 179 43.00 33.27 10.52
N ALA C 180 43.37 32.44 11.48
CA ALA C 180 42.80 31.10 11.62
C ALA C 180 41.31 31.17 11.91
N LEU C 181 40.59 30.11 11.56
CA LEU C 181 39.15 30.06 11.79
C LEU C 181 38.84 30.11 13.27
N CYS C 182 37.77 30.81 13.63
CA CYS C 182 37.39 30.98 15.03
C CYS C 182 36.23 30.07 15.40
N PRO C 183 36.19 29.62 16.66
CA PRO C 183 35.00 28.92 17.15
C PRO C 183 33.84 29.91 17.21
N LYS C 184 32.62 29.42 17.04
CA LYS C 184 31.46 30.30 17.01
C LYS C 184 30.75 30.37 18.35
N VAL C 185 30.12 31.50 18.63
CA VAL C 185 29.31 31.67 19.84
C VAL C 185 27.96 32.28 19.48
N VAL C 186 26.89 31.70 20.01
CA VAL C 186 25.54 32.17 19.72
C VAL C 186 24.66 32.12 20.96
N ARG C 187 23.88 33.18 21.18
CA ARG C 187 22.96 33.22 22.30
C ARG C 187 21.71 32.42 21.99
N LEU C 188 21.32 31.55 22.92
CA LEU C 188 20.15 30.69 22.73
C LEU C 188 18.86 31.43 23.05
N ARG C 189 17.74 30.93 22.52
CA ARG C 189 16.44 31.52 22.78
C ARG C 189 15.92 31.03 24.13
N GLU C 190 14.76 31.53 24.54
CA GLU C 190 14.20 31.18 25.85
C GLU C 190 13.71 29.74 25.90
N ASP C 191 13.15 29.26 24.79
CA ASP C 191 12.66 27.89 24.72
C ASP C 191 13.79 26.88 24.58
N MET C 192 15.01 27.39 24.36
CA MET C 192 16.20 26.56 24.22
C MET C 192 16.09 25.58 23.05
N LEU C 193 15.29 25.93 22.06
CA LEU C 193 15.09 25.09 20.89
C LEU C 193 15.74 25.70 19.65
N GLU C 194 15.90 27.01 19.66
CA GLU C 194 16.49 27.73 18.53
C GLU C 194 17.46 28.81 18.99
N PHE C 195 18.16 29.40 18.03
CA PHE C 195 19.08 30.50 18.31
C PHE C 195 18.31 31.80 18.46
N ALA C 196 18.76 32.65 19.38
CA ALA C 196 18.14 33.96 19.57
C ALA C 196 18.83 35.01 18.71
N GLU C 197 19.84 34.58 17.97
CA GLU C 197 20.61 35.47 17.10
C GLU C 197 21.46 34.65 16.15
N GLU C 198 22.27 35.34 15.35
CA GLU C 198 23.21 34.67 14.46
C GLU C 198 24.54 34.46 15.17
N PRO C 199 25.16 33.28 14.97
CA PRO C 199 26.46 32.97 15.56
C PRO C 199 27.54 33.97 15.13
N ARG C 200 28.47 34.28 16.04
CA ARG C 200 29.54 35.21 15.74
C ARG C 200 30.90 34.56 15.98
N ASP C 201 31.95 35.18 15.46
CA ASP C 201 33.31 34.71 15.71
C ASP C 201 33.70 34.96 17.16
N LEU C 202 34.10 33.89 17.85
CA LEU C 202 34.69 34.04 19.17
C LEU C 202 36.20 34.12 19.01
N MET C 203 36.69 35.34 18.81
CA MET C 203 38.09 35.57 18.49
C MET C 203 39.03 35.16 19.62
N ILE C 204 39.99 34.30 19.30
CA ILE C 204 41.06 33.97 20.23
C ILE C 204 42.33 34.69 19.80
N LEU C 205 42.84 35.56 20.68
CA LEU C 205 43.97 36.42 20.34
C LEU C 205 45.28 35.90 20.91
N ASP C 206 46.40 36.42 20.39
CA ASP C 206 47.71 36.11 20.94
C ASP C 206 47.98 36.98 22.16
N GLU C 207 49.20 36.92 22.67
CA GLU C 207 49.60 37.74 23.81
C GLU C 207 49.63 39.22 23.43
N LYS C 208 49.82 39.49 22.15
CA LYS C 208 49.91 40.86 21.65
C LYS C 208 48.54 41.42 21.26
N GLY C 209 47.50 40.60 21.40
CA GLY C 209 46.14 41.02 21.11
C GLY C 209 45.73 40.85 19.66
N LYS C 210 46.58 40.17 18.89
CA LYS C 210 46.29 39.92 17.48
C LYS C 210 45.66 38.53 17.30
N LEU C 211 44.76 38.41 16.33
CA LEU C 211 44.10 37.14 16.02
C LEU C 211 45.13 36.04 15.72
N LEU C 212 44.84 34.83 16.18
CA LEU C 212 45.73 33.70 15.96
C LEU C 212 45.83 33.31 14.49
N SER C 213 47.04 32.99 14.05
CA SER C 213 47.30 32.65 12.66
C SER C 213 47.00 31.19 12.36
N ALA C 214 46.82 30.87 11.08
CA ALA C 214 46.48 29.52 10.66
C ALA C 214 47.64 28.54 10.82
N GLY C 215 48.86 29.03 10.58
CA GLY C 215 50.05 28.21 10.70
C GLY C 215 50.41 27.96 12.16
N ASP C 216 49.84 28.76 13.05
CA ASP C 216 50.08 28.61 14.48
C ASP C 216 49.26 27.45 15.03
N THR C 217 49.58 26.24 14.58
CA THR C 217 48.77 25.06 14.85
C THR C 217 48.84 24.55 16.29
N LYS C 218 49.65 25.19 17.12
CA LYS C 218 49.78 24.78 18.51
C LYS C 218 48.89 25.61 19.42
N ARG C 219 48.28 26.65 18.87
CA ARG C 219 47.48 27.57 19.65
C ARG C 219 46.12 27.85 19.03
N ARG C 220 46.05 27.79 17.70
CA ARG C 220 44.80 28.08 16.99
C ARG C 220 43.72 27.05 17.30
N PHE C 221 42.46 27.45 17.20
CA PHE C 221 41.35 26.58 17.54
C PHE C 221 41.15 25.46 16.51
N PHE C 222 40.83 24.27 17.00
CA PHE C 222 40.51 23.13 16.14
C PHE C 222 39.12 22.61 16.46
N GLU C 223 38.93 22.15 17.69
CA GLU C 223 37.64 21.63 18.13
C GLU C 223 37.57 21.54 19.66
N ALA C 224 36.52 20.91 20.16
CA ALA C 224 36.32 20.66 21.59
C ALA C 224 36.24 21.94 22.43
N SER C 225 35.32 22.83 22.05
CA SER C 225 35.12 24.06 22.81
C SER C 225 34.55 23.79 24.19
N TRP C 226 35.06 24.51 25.19
CA TRP C 226 34.53 24.40 26.54
C TRP C 226 34.72 25.71 27.30
N MET C 227 33.70 26.10 28.06
CA MET C 227 33.70 27.38 28.77
C MET C 227 33.40 27.20 30.25
N HIS C 228 34.18 27.86 31.10
CA HIS C 228 33.90 27.89 32.53
C HIS C 228 34.40 29.18 33.18
N TYR C 229 34.10 29.35 34.46
CA TYR C 229 34.38 30.60 35.16
C TYR C 229 35.04 30.33 36.51
N TYR C 230 36.25 30.87 36.68
CA TYR C 230 36.98 30.74 37.95
C TYR C 230 37.74 32.01 38.29
N ASN C 231 37.48 32.54 39.49
CA ASN C 231 38.14 33.76 39.96
C ASN C 231 38.04 34.94 39.00
N GLY C 232 36.81 35.37 38.74
CA GLY C 232 36.57 36.56 37.94
C GLY C 232 36.91 36.48 36.47
N LYS C 233 37.43 35.33 36.03
CA LYS C 233 37.90 35.21 34.65
C LYS C 233 37.18 34.10 33.88
N TYR C 234 36.93 34.35 32.59
CA TYR C 234 36.40 33.35 31.70
C TYR C 234 37.54 32.51 31.13
N TYR C 235 37.39 31.19 31.17
CA TYR C 235 38.40 30.30 30.61
C TYR C 235 37.84 29.52 29.43
N PHE C 236 38.29 29.88 28.22
CA PHE C 236 37.89 29.16 27.03
C PHE C 236 38.96 28.12 26.68
N SER C 237 38.67 26.86 26.97
CA SER C 237 39.59 25.78 26.69
C SER C 237 39.12 24.94 25.50
N TYR C 238 40.08 24.43 24.72
CA TYR C 238 39.76 23.75 23.46
C TYR C 238 40.85 22.78 23.05
N SER C 239 40.63 22.11 21.92
CA SER C 239 41.63 21.21 21.35
C SER C 239 42.36 21.88 20.18
N THR C 240 43.55 21.39 19.88
CA THR C 240 44.36 21.98 18.81
C THR C 240 44.51 21.05 17.61
N GLY C 241 43.98 19.84 17.73
CA GLY C 241 43.95 18.91 16.63
C GLY C 241 45.28 18.24 16.33
N ASP C 242 45.94 18.66 15.26
CA ASP C 242 47.14 18.00 14.77
C ASP C 242 48.37 18.18 15.66
N THR C 243 48.27 19.02 16.68
CA THR C 243 49.34 19.15 17.66
C THR C 243 48.96 18.47 18.96
N HIS C 244 47.75 17.92 19.00
CA HIS C 244 47.29 17.05 20.09
C HIS C 244 47.32 17.72 21.46
N LEU C 245 47.04 19.02 21.50
CA LEU C 245 47.09 19.78 22.75
C LEU C 245 45.71 20.19 23.23
N ILE C 246 45.60 20.49 24.51
CA ILE C 246 44.43 21.16 25.07
C ILE C 246 44.88 22.51 25.59
N CYS C 247 44.62 23.57 24.83
CA CYS C 247 45.01 24.91 25.23
C CYS C 247 43.84 25.68 25.80
N TYR C 248 44.11 26.84 26.39
CA TYR C 248 43.06 27.65 26.97
C TYR C 248 43.34 29.15 26.81
N ALA C 249 42.27 29.92 26.63
CA ALA C 249 42.38 31.37 26.54
C ALA C 249 41.62 32.01 27.70
N THR C 250 41.65 33.33 27.77
CA THR C 250 41.00 34.04 28.87
C THR C 250 40.26 35.29 28.40
N GLY C 251 39.05 35.49 28.90
CA GLY C 251 38.24 36.63 28.52
C GLY C 251 37.44 37.19 29.68
N ASP C 252 36.58 38.17 29.39
CA ASP C 252 35.82 38.87 30.42
C ASP C 252 34.31 38.70 30.23
N ASN C 253 33.91 38.26 29.04
CA ASN C 253 32.49 38.10 28.73
C ASN C 253 32.29 37.01 27.67
N PRO C 254 31.08 36.43 27.62
CA PRO C 254 30.78 35.35 26.66
C PRO C 254 31.08 35.69 25.21
N TYR C 255 30.74 36.90 24.78
CA TYR C 255 30.97 37.30 23.39
C TYR C 255 32.40 37.75 23.14
N GLY C 256 32.93 38.54 24.07
CA GLY C 256 34.20 39.24 23.89
C GLY C 256 35.40 38.42 23.48
N PRO C 257 36.47 39.11 23.04
CA PRO C 257 37.72 38.50 22.60
C PRO C 257 38.39 37.71 23.72
N PHE C 258 39.07 36.64 23.35
CA PHE C 258 39.79 35.82 24.33
C PHE C 258 41.27 35.81 24.02
N THR C 259 42.09 35.83 25.07
CA THR C 259 43.54 35.93 24.92
C THR C 259 44.21 34.63 25.33
N TYR C 260 45.03 34.08 24.44
CA TYR C 260 45.74 32.82 24.69
C TYR C 260 46.60 32.90 25.95
N ARG C 261 46.73 31.77 26.64
CA ARG C 261 47.51 31.72 27.88
C ARG C 261 48.52 30.58 27.88
N GLY C 262 48.04 29.35 27.71
CA GLY C 262 48.93 28.20 27.73
C GLY C 262 48.27 26.86 27.43
N VAL C 263 48.96 25.79 27.80
CA VAL C 263 48.50 24.44 27.53
C VAL C 263 47.97 23.75 28.80
N ILE C 264 46.76 23.22 28.72
CA ILE C 264 46.18 22.48 29.84
C ILE C 264 46.63 21.02 29.82
N LEU C 265 46.66 20.43 28.63
CA LEU C 265 47.01 19.02 28.50
C LEU C 265 47.99 18.75 27.36
N THR C 266 49.07 18.03 27.67
CA THR C 266 50.06 17.61 26.69
C THR C 266 49.50 16.40 25.92
N PRO C 267 50.06 16.07 24.75
CA PRO C 267 49.53 14.98 23.91
C PRO C 267 49.27 13.66 24.66
N VAL C 268 48.17 13.02 24.31
CA VAL C 268 47.80 11.73 24.90
C VAL C 268 47.94 10.61 23.89
N VAL C 269 47.76 9.37 24.35
CA VAL C 269 47.79 8.21 23.46
C VAL C 269 46.61 8.25 22.51
N GLY C 270 46.91 8.30 21.22
CA GLY C 270 45.88 8.45 20.20
C GLY C 270 46.00 9.82 19.55
N TRP C 271 45.22 10.03 18.50
CA TRP C 271 45.28 11.30 17.77
C TRP C 271 44.41 12.36 18.43
N THR C 272 43.20 11.98 18.81
CA THR C 272 42.23 12.93 19.32
C THR C 272 42.44 13.28 20.78
N THR C 273 42.01 14.48 21.16
CA THR C 273 41.94 14.88 22.56
C THR C 273 40.75 15.80 22.77
N HIS C 274 40.00 15.54 23.84
CA HIS C 274 38.77 16.26 24.12
C HIS C 274 38.61 16.33 25.63
N HIS C 275 37.87 17.31 26.12
CA HIS C 275 37.81 17.52 27.56
C HIS C 275 36.56 18.25 28.05
N SER C 276 36.54 18.48 29.35
CA SER C 276 35.51 19.29 30.02
C SER C 276 35.99 19.59 31.43
N ILE C 277 36.00 20.87 31.80
CA ILE C 277 36.48 21.27 33.13
C ILE C 277 35.31 21.63 34.04
N VAL C 278 35.24 20.96 35.19
CA VAL C 278 34.18 21.21 36.16
C VAL C 278 34.71 21.12 37.59
N GLU C 279 34.02 21.80 38.50
CA GLU C 279 34.41 21.79 39.91
C GLU C 279 33.41 20.98 40.73
N PHE C 280 33.90 20.01 41.48
CA PHE C 280 33.04 19.18 42.31
C PHE C 280 33.63 18.99 43.71
N LYS C 281 32.89 19.46 44.71
CA LYS C 281 33.27 19.34 46.12
C LYS C 281 34.63 19.98 46.43
N GLY C 282 34.82 21.21 45.97
CA GLY C 282 36.01 21.98 46.34
C GLY C 282 37.22 21.78 45.45
N LYS C 283 37.19 20.74 44.61
CA LYS C 283 38.32 20.47 43.72
C LYS C 283 37.96 20.69 42.26
N TRP C 284 38.98 20.95 41.45
CA TRP C 284 38.77 21.12 40.01
C TRP C 284 39.34 19.92 39.24
N TYR C 285 38.54 19.38 38.33
CA TYR C 285 38.94 18.19 37.60
C TYR C 285 39.02 18.42 36.10
N LEU C 286 39.95 17.74 35.45
CA LEU C 286 40.04 17.74 33.99
C LEU C 286 39.67 16.36 33.45
N PHE C 287 38.47 16.24 32.93
CA PHE C 287 38.03 15.00 32.30
C PHE C 287 38.51 14.99 30.86
N HIS C 288 38.97 13.84 30.40
CA HIS C 288 39.47 13.70 29.03
C HIS C 288 39.50 12.23 28.63
N HIS C 289 40.31 11.89 27.62
CA HIS C 289 40.42 10.51 27.18
C HIS C 289 41.76 10.20 26.52
N ASP C 290 42.04 8.90 26.39
CA ASP C 290 43.22 8.42 25.68
C ASP C 290 42.99 6.97 25.26
N CYS C 291 43.89 6.44 24.42
CA CYS C 291 43.71 5.12 23.85
C CYS C 291 44.69 4.08 24.38
N VAL C 292 45.00 4.16 25.67
CA VAL C 292 45.90 3.19 26.30
C VAL C 292 45.34 1.76 26.32
N PRO C 293 44.08 1.57 26.78
CA PRO C 293 43.56 0.20 26.74
C PRO C 293 43.29 -0.29 25.32
N SER C 294 43.20 0.65 24.37
CA SER C 294 42.97 0.31 22.98
C SER C 294 44.28 0.06 22.25
N LYS C 295 45.39 0.32 22.95
CA LYS C 295 46.73 0.20 22.38
C LYS C 295 46.94 1.09 21.15
N GLY C 296 46.35 2.27 21.16
CA GLY C 296 46.58 3.25 20.12
C GLY C 296 45.44 3.45 19.15
N LYS C 297 44.40 2.62 19.26
CA LYS C 297 43.25 2.73 18.37
C LYS C 297 42.49 4.04 18.60
N THR C 298 42.65 4.98 17.68
CA THR C 298 42.13 6.33 17.84
C THR C 298 40.62 6.39 17.97
N TRP C 299 39.92 5.53 17.24
CA TRP C 299 38.46 5.53 17.26
C TRP C 299 37.90 4.78 18.48
N LEU C 300 38.78 4.15 19.24
CA LEU C 300 38.38 3.45 20.46
C LEU C 300 39.02 4.12 21.68
N ARG C 301 38.28 5.03 22.31
CA ARG C 301 38.83 5.84 23.39
C ARG C 301 38.15 5.54 24.72
N SER C 302 38.93 5.60 25.79
CA SER C 302 38.41 5.43 27.15
C SER C 302 38.64 6.72 27.93
N LEU C 303 37.62 7.18 28.64
CA LEU C 303 37.71 8.42 29.38
C LEU C 303 38.45 8.28 30.71
N LYS C 304 38.80 9.42 31.30
CA LYS C 304 39.57 9.45 32.53
C LYS C 304 39.43 10.83 33.17
N VAL C 305 40.06 11.00 34.33
CA VAL C 305 39.99 12.28 35.03
C VAL C 305 41.26 12.55 35.83
N ALA C 306 41.81 13.76 35.66
CA ALA C 306 42.97 14.20 36.41
C ALA C 306 42.60 15.48 37.16
N GLU C 307 43.18 15.67 38.34
CA GLU C 307 42.90 16.87 39.11
C GLU C 307 43.56 18.10 38.49
N LEU C 308 42.78 19.15 38.29
CA LEU C 308 43.29 20.39 37.72
C LEU C 308 43.51 21.43 38.81
N LYS C 309 44.69 22.04 38.81
CA LYS C 309 45.03 23.04 39.81
C LYS C 309 45.47 24.35 39.17
N TYR C 310 45.21 25.45 39.86
CA TYR C 310 45.53 26.78 39.33
C TYR C 310 46.74 27.39 40.02
N ASN C 311 47.40 28.31 39.32
CA ASN C 311 48.42 29.16 39.93
C ASN C 311 47.71 30.36 40.54
N PRO C 312 48.35 31.03 41.51
CA PRO C 312 47.69 32.16 42.19
C PRO C 312 47.39 33.33 41.26
N ASP C 313 48.08 33.41 40.12
CA ASP C 313 47.87 34.50 39.18
C ASP C 313 46.65 34.25 38.28
N GLY C 314 46.07 33.07 38.42
CA GLY C 314 44.89 32.71 37.64
C GLY C 314 45.20 31.69 36.54
N SER C 315 46.49 31.43 36.32
CA SER C 315 46.92 30.50 35.30
C SER C 315 46.64 29.05 35.70
N ILE C 316 46.79 28.13 34.75
CA ILE C 316 46.52 26.72 35.00
C ILE C 316 47.79 25.88 34.84
N GLN C 317 48.03 24.99 35.80
CA GLN C 317 49.20 24.14 35.77
C GLN C 317 49.04 23.06 34.71
N PRO C 318 50.02 22.95 33.80
CA PRO C 318 49.96 22.00 32.67
C PRO C 318 49.95 20.54 33.13
N ILE C 319 48.92 19.81 32.72
CA ILE C 319 48.82 18.39 33.02
C ILE C 319 49.44 17.58 31.89
N LYS C 320 50.26 16.60 32.24
CA LYS C 320 50.99 15.81 31.25
C LYS C 320 50.16 14.66 30.70
N GLY C 321 50.13 14.54 29.38
CA GLY C 321 49.41 13.46 28.72
C GLY C 321 50.17 12.16 28.75
N THR C 322 49.58 11.12 28.18
CA THR C 322 50.17 9.79 28.23
C THR C 322 51.18 9.53 27.10
N ALA C 323 51.10 10.32 26.04
CA ALA C 323 52.00 10.16 24.91
C ALA C 323 53.43 10.57 25.26
N MET D 1 -4.21 28.62 -30.20
CA MET D 1 -3.73 29.92 -30.64
C MET D 1 -2.49 29.79 -31.51
N LYS D 2 -2.24 30.81 -32.33
CA LYS D 2 -1.06 30.83 -33.19
C LYS D 2 -0.02 31.76 -32.58
N GLU D 3 -0.50 32.70 -31.76
CA GLU D 3 0.37 33.68 -31.12
C GLU D 3 0.51 33.43 -29.62
N PRO D 4 1.77 33.42 -29.13
CA PRO D 4 2.04 33.29 -27.70
C PRO D 4 1.44 34.45 -26.91
N ARG D 5 0.49 34.15 -26.03
CA ARG D 5 -0.24 35.18 -25.29
C ARG D 5 0.36 35.46 -23.91
N TYR D 6 0.67 36.73 -23.65
CA TYR D 6 1.11 37.13 -22.32
C TYR D 6 -0.11 37.23 -21.40
N LEU D 7 0.05 36.81 -20.15
CA LEU D 7 -1.09 36.72 -19.24
C LEU D 7 -1.18 37.88 -18.25
N VAL D 8 -0.11 38.11 -17.49
CA VAL D 8 -0.10 39.17 -16.50
C VAL D 8 0.87 40.28 -16.91
N PRO D 9 0.35 41.30 -17.62
CA PRO D 9 1.19 42.37 -18.15
C PRO D 9 1.58 43.38 -17.09
N GLY D 10 0.92 43.34 -15.94
CA GLY D 10 1.13 44.34 -14.91
C GLY D 10 2.20 43.99 -13.90
N ASP D 11 2.61 42.72 -13.85
CA ASP D 11 3.58 42.28 -12.86
C ASP D 11 4.58 41.28 -13.43
N TYR D 12 5.79 41.27 -12.86
CA TYR D 12 6.83 40.34 -13.27
C TYR D 12 6.63 38.97 -12.65
N MET D 13 6.29 37.99 -13.48
CA MET D 13 6.10 36.62 -13.01
C MET D 13 6.90 35.63 -13.86
N ALA D 14 7.43 34.59 -13.24
CA ALA D 14 8.26 33.62 -13.94
C ALA D 14 8.08 32.20 -13.40
N ASP D 15 8.70 31.24 -14.10
CA ASP D 15 8.68 29.84 -13.72
C ASP D 15 7.27 29.30 -13.47
N PRO D 16 6.38 29.42 -14.47
CA PRO D 16 4.98 29.08 -14.22
C PRO D 16 4.74 27.58 -14.11
N ALA D 17 4.09 27.17 -13.03
CA ALA D 17 3.72 25.77 -12.83
C ALA D 17 2.20 25.65 -12.90
N ALA D 18 1.69 25.25 -14.06
CA ALA D 18 0.26 25.21 -14.31
C ALA D 18 -0.38 23.88 -13.95
N HIS D 19 -1.48 23.93 -13.20
CA HIS D 19 -2.23 22.74 -12.85
C HIS D 19 -3.72 22.97 -13.10
N VAL D 20 -4.46 21.89 -13.34
CA VAL D 20 -5.90 21.98 -13.55
C VAL D 20 -6.66 21.44 -12.35
N PHE D 21 -7.16 22.36 -11.51
CA PHE D 21 -7.92 21.99 -10.33
C PHE D 21 -9.38 22.43 -10.47
N ASN D 22 -10.29 21.48 -10.28
CA ASN D 22 -11.73 21.74 -10.36
C ASN D 22 -12.15 22.39 -11.67
N ASP D 23 -11.60 21.87 -12.78
CA ASP D 23 -11.84 22.40 -14.12
C ASP D 23 -11.46 23.87 -14.25
N LYS D 24 -10.51 24.30 -13.44
CA LYS D 24 -9.95 25.64 -13.52
C LYS D 24 -8.44 25.55 -13.52
N LEU D 25 -7.81 26.24 -14.46
CA LEU D 25 -6.36 26.18 -14.60
C LEU D 25 -5.66 27.13 -13.64
N TYR D 26 -4.96 26.58 -12.66
CA TYR D 26 -4.24 27.37 -11.69
C TYR D 26 -2.76 27.47 -12.01
N ILE D 27 -2.21 28.68 -11.94
CA ILE D 27 -0.80 28.92 -12.24
C ILE D 27 -0.03 29.30 -10.98
N TYR D 28 1.10 28.65 -10.76
CA TYR D 28 1.95 28.95 -9.62
C TYR D 28 3.33 29.42 -10.06
N PRO D 29 3.46 30.73 -10.36
CA PRO D 29 4.71 31.28 -10.87
C PRO D 29 5.59 31.86 -9.76
N SER D 30 6.80 32.28 -10.11
CA SER D 30 7.67 32.97 -9.17
C SER D 30 7.47 34.48 -9.32
N HIS D 31 7.58 35.21 -8.21
CA HIS D 31 7.32 36.65 -8.21
C HIS D 31 8.61 37.46 -8.31
N ASP D 32 9.00 37.79 -9.53
CA ASP D 32 10.17 38.64 -9.75
C ASP D 32 9.88 40.08 -9.33
N TRP D 33 10.92 40.76 -8.85
CA TRP D 33 10.82 42.17 -8.49
C TRP D 33 12.21 42.78 -8.49
N GLU D 34 12.29 44.09 -8.63
CA GLU D 34 13.59 44.76 -8.71
C GLU D 34 14.12 45.13 -7.33
N SER D 35 14.93 44.26 -6.75
CA SER D 35 15.67 44.59 -5.54
C SER D 35 16.91 45.37 -5.96
N GLY D 36 17.52 46.06 -5.02
CA GLY D 36 18.68 46.88 -5.33
C GLY D 36 19.94 46.07 -5.54
N ILE D 37 19.86 44.77 -5.28
CA ILE D 37 21.01 43.89 -5.43
C ILE D 37 21.38 43.74 -6.90
N PRO D 38 22.59 44.18 -7.27
CA PRO D 38 23.06 44.13 -8.66
C PRO D 38 23.41 42.71 -9.08
N GLU D 39 23.66 42.52 -10.37
CA GLU D 39 23.94 41.19 -10.92
C GLU D 39 25.19 40.54 -10.35
N ASN D 40 25.16 39.21 -10.25
CA ASN D 40 26.32 38.41 -9.93
C ASN D 40 26.11 36.96 -10.34
N ASP D 41 27.18 36.16 -10.33
CA ASP D 41 27.09 34.77 -10.74
C ASP D 41 26.31 33.90 -9.75
N ASN D 42 26.24 34.35 -8.50
CA ASN D 42 25.56 33.59 -7.46
C ASN D 42 24.03 33.76 -7.53
N GLY D 43 23.59 34.66 -8.40
CA GLY D 43 22.17 34.91 -8.61
C GLY D 43 21.46 35.50 -7.40
N ASP D 44 22.16 36.32 -6.63
CA ASP D 44 21.56 36.95 -5.46
C ASP D 44 20.46 37.94 -5.86
N HIS D 45 20.57 38.48 -7.06
CA HIS D 45 19.59 39.45 -7.56
C HIS D 45 18.23 38.78 -7.81
N PHE D 46 18.25 37.49 -8.11
CA PHE D 46 17.03 36.69 -8.14
C PHE D 46 16.51 36.53 -6.73
N ASN D 47 15.93 37.60 -6.18
CA ASN D 47 15.59 37.64 -4.76
C ASN D 47 14.07 37.60 -4.54
N MET D 48 13.40 36.68 -5.22
CA MET D 48 11.95 36.54 -5.08
C MET D 48 11.59 36.14 -3.66
N LYS D 49 10.53 36.74 -3.13
CA LYS D 49 10.12 36.47 -1.75
C LYS D 49 8.62 36.21 -1.62
N ASP D 50 7.90 36.28 -2.73
CA ASP D 50 6.46 36.10 -2.72
C ASP D 50 5.99 35.00 -3.67
N TYR D 51 4.78 34.51 -3.40
CA TYR D 51 4.13 33.54 -4.28
C TYR D 51 2.71 34.00 -4.58
N HIS D 52 2.43 34.26 -5.85
CA HIS D 52 1.08 34.59 -6.28
C HIS D 52 0.42 33.39 -6.94
N VAL D 53 -0.90 33.33 -6.86
CA VAL D 53 -1.65 32.26 -7.51
C VAL D 53 -2.64 32.85 -8.50
N PHE D 54 -2.56 32.37 -9.75
CA PHE D 54 -3.45 32.84 -10.80
C PHE D 54 -4.35 31.72 -11.28
N SER D 55 -5.54 32.07 -11.78
CA SER D 55 -6.48 31.08 -12.28
C SER D 55 -7.18 31.55 -13.55
N MET D 56 -7.44 30.62 -14.46
CA MET D 56 -8.10 30.92 -15.72
C MET D 56 -9.19 29.90 -16.02
N ASP D 57 -10.26 30.35 -16.68
CA ASP D 57 -11.31 29.46 -17.14
C ASP D 57 -11.14 29.21 -18.63
N ASP D 58 -10.48 30.15 -19.30
CA ASP D 58 -10.19 30.05 -20.72
C ASP D 58 -8.75 30.50 -20.94
N VAL D 59 -7.95 29.66 -21.57
CA VAL D 59 -6.54 29.97 -21.81
C VAL D 59 -6.38 30.80 -23.08
N GLU D 60 -7.20 30.50 -24.09
CA GLU D 60 -7.12 31.16 -25.37
C GLU D 60 -7.48 32.66 -25.28
N GLN D 61 -8.65 32.96 -24.74
CA GLN D 61 -9.14 34.34 -24.72
C GLN D 61 -9.67 34.78 -23.35
N GLY D 62 -9.53 33.94 -22.34
CA GLY D 62 -10.06 34.23 -21.02
C GLY D 62 -9.33 35.34 -20.29
N GLU D 63 -9.76 35.61 -19.06
CA GLU D 63 -9.16 36.67 -18.25
C GLU D 63 -8.50 36.12 -16.99
N VAL D 64 -7.23 36.44 -16.81
CA VAL D 64 -6.47 35.92 -15.68
C VAL D 64 -6.93 36.55 -14.36
N THR D 65 -7.15 35.70 -13.36
CA THR D 65 -7.57 36.17 -12.04
C THR D 65 -6.45 36.05 -11.01
N ASP D 66 -6.07 37.18 -10.43
CA ASP D 66 -5.04 37.21 -9.40
C ASP D 66 -5.66 36.97 -8.03
N HIS D 67 -5.08 36.04 -7.27
CA HIS D 67 -5.59 35.71 -5.94
C HIS D 67 -4.69 36.28 -4.85
N GLY D 68 -3.69 37.06 -5.24
CA GLY D 68 -2.82 37.73 -4.29
C GLY D 68 -1.71 36.84 -3.75
N VAL D 69 -1.06 37.31 -2.70
CA VAL D 69 0.03 36.56 -2.07
C VAL D 69 -0.52 35.41 -1.22
N VAL D 70 0.05 34.23 -1.40
CA VAL D 70 -0.37 33.06 -0.64
C VAL D 70 0.75 32.53 0.25
N LEU D 71 1.96 33.04 0.01
CA LEU D 71 3.12 32.65 0.81
C LEU D 71 4.23 33.69 0.68
N ARG D 72 4.75 34.13 1.82
CA ARG D 72 5.86 35.07 1.84
C ARG D 72 6.96 34.55 2.76
N THR D 73 8.20 34.97 2.50
CA THR D 73 9.35 34.51 3.28
C THR D 73 9.24 34.82 4.76
N GLU D 74 8.54 35.90 5.11
CA GLU D 74 8.37 36.28 6.51
C GLU D 74 7.59 35.23 7.31
N ASP D 75 6.69 34.52 6.63
CA ASP D 75 5.84 33.56 7.29
C ASP D 75 6.48 32.17 7.39
N ILE D 76 7.68 32.03 6.85
CA ILE D 76 8.40 30.76 6.89
C ILE D 76 9.37 30.73 8.08
N PRO D 77 9.11 29.86 9.06
CA PRO D 77 9.87 29.79 10.31
C PRO D 77 11.35 29.48 10.12
N TRP D 78 11.72 28.82 9.02
CA TRP D 78 13.11 28.46 8.77
C TRP D 78 13.72 29.30 7.66
N ALA D 79 13.05 30.40 7.33
CA ALA D 79 13.41 31.22 6.17
C ALA D 79 14.85 31.75 6.19
N GLY D 80 15.47 31.69 5.02
CA GLY D 80 16.73 32.37 4.76
C GLY D 80 16.48 33.44 3.72
N ARG D 81 16.46 33.02 2.45
CA ARG D 81 16.22 33.94 1.34
C ARG D 81 15.97 33.21 0.02
N GLN D 82 15.48 33.95 -0.96
CA GLN D 82 15.31 33.47 -2.33
C GLN D 82 14.29 32.34 -2.50
N LEU D 83 13.03 32.72 -2.69
CA LEU D 83 11.96 31.79 -3.00
C LEU D 83 11.89 31.55 -4.51
N TRP D 84 12.39 30.41 -4.95
CA TRP D 84 12.46 30.13 -6.39
C TRP D 84 11.30 29.26 -6.88
N ASP D 85 11.50 28.61 -8.03
CA ASP D 85 10.41 27.89 -8.71
C ASP D 85 9.75 26.80 -7.87
N SER D 86 8.45 26.94 -7.64
CA SER D 86 7.70 25.98 -6.83
C SER D 86 6.78 25.10 -7.66
N ASP D 87 6.11 24.18 -6.98
CA ASP D 87 5.11 23.33 -7.63
C ASP D 87 4.08 22.87 -6.59
N VAL D 88 2.87 22.56 -7.06
CA VAL D 88 1.77 22.20 -6.15
C VAL D 88 1.12 20.88 -6.54
N ALA D 89 0.81 20.06 -5.54
CA ALA D 89 0.14 18.78 -5.78
C ALA D 89 -1.15 18.68 -4.97
N PHE D 90 -2.16 18.03 -5.55
CA PHE D 90 -3.42 17.81 -4.87
C PHE D 90 -3.53 16.37 -4.38
N ARG D 91 -3.56 16.19 -3.06
CA ARG D 91 -3.66 14.87 -2.46
C ARG D 91 -4.27 14.96 -1.06
N ASN D 92 -5.00 13.92 -0.68
CA ASN D 92 -5.67 13.84 0.62
C ASN D 92 -6.61 15.02 0.89
N GLY D 93 -7.18 15.57 -0.18
CA GLY D 93 -8.12 16.67 -0.07
C GLY D 93 -7.46 17.99 0.26
N LYS D 94 -6.14 18.06 0.06
CA LYS D 94 -5.39 19.27 0.35
C LYS D 94 -4.42 19.61 -0.78
N TYR D 95 -3.89 20.83 -0.75
CA TYR D 95 -2.95 21.27 -1.77
C TYR D 95 -1.57 21.51 -1.16
N TYR D 96 -0.62 20.63 -1.47
CA TYR D 96 0.72 20.72 -0.92
C TYR D 96 1.65 21.50 -1.85
N MET D 97 2.06 22.69 -1.41
CA MET D 97 2.98 23.51 -2.17
C MET D 97 4.42 23.18 -1.79
N TYR D 98 5.24 22.88 -2.81
CA TYR D 98 6.64 22.56 -2.58
C TYR D 98 7.54 23.70 -3.07
N PHE D 99 8.14 24.41 -2.13
CA PHE D 99 8.94 25.59 -2.45
C PHE D 99 10.42 25.41 -2.09
N PRO D 100 11.31 25.81 -3.00
CA PRO D 100 12.74 25.84 -2.73
C PRO D 100 13.13 27.15 -2.03
N LEU D 101 13.93 27.06 -0.99
CA LEU D 101 14.38 28.25 -0.30
C LEU D 101 15.77 28.00 0.24
N LYS D 102 16.64 28.99 0.17
CA LYS D 102 17.92 28.90 0.84
C LYS D 102 17.63 29.01 2.32
N ASP D 103 18.32 28.22 3.12
CA ASP D 103 18.13 28.22 4.55
C ASP D 103 18.99 29.28 5.21
N GLN D 104 19.07 29.22 6.52
CA GLN D 104 19.81 30.19 7.30
C GLN D 104 21.31 30.09 7.04
N ASN D 105 21.72 29.02 6.37
CA ASN D 105 23.12 28.76 6.08
C ASN D 105 23.43 28.91 4.60
N ASP D 106 22.51 29.56 3.88
CA ASP D 106 22.60 29.73 2.43
C ASP D 106 22.66 28.40 1.69
N ILE D 107 22.07 27.37 2.29
CA ILE D 107 21.97 26.07 1.66
C ILE D 107 20.54 25.85 1.18
N PHE D 108 20.38 25.52 -0.10
CA PHE D 108 19.05 25.36 -0.68
C PHE D 108 18.31 24.16 -0.11
N ARG D 109 17.13 24.42 0.41
CA ARG D 109 16.27 23.37 0.96
C ARG D 109 14.89 23.43 0.29
N ILE D 110 14.09 22.40 0.49
CA ILE D 110 12.73 22.38 -0.02
C ILE D 110 11.73 22.23 1.12
N GLY D 111 10.74 23.10 1.17
CA GLY D 111 9.75 23.06 2.23
C GLY D 111 8.35 22.77 1.70
N VAL D 112 7.44 22.47 2.62
CA VAL D 112 6.06 22.16 2.24
C VAL D 112 5.09 23.21 2.81
N ALA D 113 4.21 23.70 1.95
CA ALA D 113 3.17 24.63 2.37
C ALA D 113 1.80 24.04 2.06
N ILE D 114 0.92 24.00 3.06
CA ILE D 114 -0.37 23.33 2.92
C ILE D 114 -1.54 24.30 2.94
N SER D 115 -2.49 24.10 2.03
CA SER D 115 -3.71 24.89 1.99
C SER D 115 -4.92 23.99 1.69
N ASP D 116 -6.11 24.45 2.09
CA ASP D 116 -7.35 23.72 1.82
C ASP D 116 -7.86 24.03 0.42
N ARG D 117 -7.35 25.11 -0.17
CA ARG D 117 -7.83 25.60 -1.45
C ARG D 117 -6.66 25.80 -2.42
N PRO D 118 -6.91 25.64 -3.72
CA PRO D 118 -5.83 25.75 -4.71
C PRO D 118 -5.29 27.18 -4.84
N GLU D 119 -6.01 28.15 -4.30
CA GLU D 119 -5.55 29.53 -4.29
C GLU D 119 -5.51 30.09 -2.88
N GLY D 120 -6.02 29.30 -1.93
CA GLY D 120 -6.06 29.71 -0.54
C GLY D 120 -4.66 29.84 0.05
N PRO D 121 -4.56 30.49 1.22
CA PRO D 121 -3.26 30.74 1.86
C PRO D 121 -2.54 29.44 2.21
N PHE D 122 -1.32 29.28 1.72
CA PHE D 122 -0.52 28.10 1.99
C PHE D 122 0.28 28.25 3.27
N ILE D 123 -0.03 27.42 4.28
CA ILE D 123 0.66 27.47 5.56
C ILE D 123 1.86 26.53 5.55
N PRO D 124 3.07 27.10 5.67
CA PRO D 124 4.32 26.33 5.57
C PRO D 124 4.66 25.58 6.85
N GLN D 125 5.37 24.46 6.71
CA GLN D 125 5.87 23.72 7.86
C GLN D 125 7.04 24.49 8.48
N GLU D 126 7.28 24.26 9.76
CA GLU D 126 8.32 25.00 10.47
C GLU D 126 9.73 24.64 9.99
N ASN D 127 9.89 23.43 9.47
CA ASN D 127 11.20 22.96 9.05
C ASN D 127 11.19 22.35 7.65
N PRO D 128 12.27 22.52 6.89
CA PRO D 128 12.36 22.01 5.52
C PRO D 128 12.34 20.48 5.48
N ILE D 129 12.07 19.92 4.30
CA ILE D 129 12.01 18.47 4.13
C ILE D 129 13.37 17.84 4.45
N LYS D 130 13.34 16.74 5.21
CA LYS D 130 14.56 16.03 5.56
C LYS D 130 15.23 15.45 4.32
N GLY D 131 16.53 15.69 4.19
CA GLY D 131 17.28 15.15 3.07
C GLY D 131 17.13 15.95 1.79
N SER D 132 16.24 16.95 1.81
CA SER D 132 15.99 17.76 0.63
C SER D 132 17.15 18.72 0.35
N TYR D 133 17.47 18.88 -0.93
CA TYR D 133 18.53 19.80 -1.35
C TYR D 133 18.25 20.32 -2.76
N SER D 134 19.05 21.29 -3.18
CA SER D 134 18.87 21.94 -4.48
C SER D 134 17.48 22.58 -4.62
N MET D 135 17.04 22.77 -5.85
CA MET D 135 15.78 23.48 -6.10
C MET D 135 15.02 22.99 -7.32
N ASP D 136 14.06 23.79 -7.77
CA ASP D 136 13.22 23.48 -8.91
C ASP D 136 12.54 22.11 -8.83
N PRO D 137 11.63 21.93 -7.87
CA PRO D 137 10.93 20.65 -7.72
C PRO D 137 9.72 20.55 -8.64
N CYS D 138 9.38 19.32 -9.03
CA CYS D 138 8.19 19.05 -9.80
C CYS D 138 7.51 17.83 -9.20
N ILE D 139 6.26 17.99 -8.76
CA ILE D 139 5.53 16.90 -8.16
C ILE D 139 4.63 16.22 -9.18
N TRP D 140 4.93 14.96 -9.49
CA TRP D 140 4.22 14.22 -10.53
C TRP D 140 3.38 13.07 -9.96
N PRO D 141 2.05 13.20 -10.03
CA PRO D 141 1.13 12.10 -9.68
C PRO D 141 1.20 11.00 -10.72
N ASP D 142 1.81 9.87 -10.37
CA ASP D 142 2.02 8.78 -11.32
C ASP D 142 0.82 7.83 -11.34
N LYS D 143 0.77 6.97 -12.36
CA LYS D 143 -0.34 6.02 -12.50
C LYS D 143 -0.27 4.88 -11.49
N ASP D 144 0.84 4.77 -10.77
CA ASP D 144 0.96 3.77 -9.72
C ASP D 144 0.37 4.27 -8.41
N GLY D 145 -0.24 5.44 -8.45
CA GLY D 145 -0.88 6.02 -7.28
C GLY D 145 0.08 6.81 -6.41
N GLU D 146 1.35 6.84 -6.80
CA GLU D 146 2.37 7.52 -6.01
C GLU D 146 2.70 8.91 -6.54
N TYR D 147 3.27 9.74 -5.68
CA TYR D 147 3.66 11.09 -6.05
C TYR D 147 5.18 11.23 -6.04
N TYR D 148 5.75 11.71 -7.14
CA TYR D 148 7.20 11.81 -7.27
C TYR D 148 7.68 13.25 -7.41
N MET D 149 8.77 13.57 -6.72
CA MET D 149 9.39 14.90 -6.83
C MET D 149 10.61 14.85 -7.74
N TYR D 150 10.60 15.66 -8.78
CA TYR D 150 11.77 15.81 -9.64
C TYR D 150 12.41 17.18 -9.41
N PHE D 151 13.60 17.17 -8.83
CA PHE D 151 14.29 18.42 -8.51
C PHE D 151 15.72 18.44 -9.03
N GLY D 152 16.42 19.54 -8.78
CA GLY D 152 17.80 19.70 -9.22
C GLY D 152 17.99 20.95 -10.05
N GLY D 153 19.17 21.54 -9.96
CA GLY D 153 19.51 22.73 -10.71
C GLY D 153 20.99 23.04 -10.62
N LEU D 154 21.64 23.20 -11.77
CA LEU D 154 23.08 23.47 -11.81
C LEU D 154 23.44 24.87 -11.31
N TRP D 155 24.72 25.04 -11.00
CA TRP D 155 25.28 26.35 -10.66
C TRP D 155 24.63 27.00 -9.45
N GLY D 156 23.71 27.92 -9.70
CA GLY D 156 23.02 28.62 -8.62
C GLY D 156 22.10 27.72 -7.82
N GLY D 157 21.79 26.55 -8.35
CA GLY D 157 20.90 25.61 -7.70
C GLY D 157 21.64 24.61 -6.82
N GLN D 158 22.97 24.73 -6.80
CA GLN D 158 23.83 23.95 -5.90
C GLN D 158 23.78 22.44 -6.12
N LEU D 159 23.41 22.00 -7.32
CA LEU D 159 23.33 20.57 -7.59
C LEU D 159 24.71 19.93 -7.64
N GLN D 160 25.71 20.71 -8.06
CA GLN D 160 27.07 20.21 -8.19
C GLN D 160 27.76 20.06 -6.83
N ARG D 161 27.11 20.54 -5.78
CA ARG D 161 27.63 20.39 -4.43
C ARG D 161 27.39 18.97 -3.91
N TYR D 162 26.55 18.21 -4.61
CA TYR D 162 26.10 16.92 -4.10
C TYR D 162 26.45 15.74 -5.01
N ARG D 163 26.70 14.59 -4.39
CA ARG D 163 26.83 13.32 -5.09
C ARG D 163 26.10 12.26 -4.29
N ASN D 164 25.08 11.66 -4.89
CA ASN D 164 24.23 10.70 -4.22
C ASN D 164 23.61 11.29 -2.95
N ASN D 165 23.04 12.48 -3.09
CA ASN D 165 22.39 13.20 -2.00
C ASN D 165 23.32 13.61 -0.85
N LYS D 166 24.63 13.42 -1.02
CA LYS D 166 25.59 13.76 0.02
C LYS D 166 26.43 14.95 -0.39
N ALA D 167 26.57 15.92 0.52
CA ALA D 167 27.32 17.14 0.24
C ALA D 167 28.81 16.88 0.10
N LEU D 168 29.41 17.46 -0.93
CA LEU D 168 30.84 17.34 -1.15
C LEU D 168 31.58 18.43 -0.39
N GLU D 169 32.83 18.17 -0.04
CA GLU D 169 33.67 19.16 0.60
C GLU D 169 33.88 20.34 -0.36
N CYS D 170 34.02 20.03 -1.64
CA CYS D 170 34.18 21.05 -2.67
C CYS D 170 33.29 20.73 -3.86
N ALA D 171 32.56 21.73 -4.34
CA ALA D 171 31.64 21.55 -5.46
C ALA D 171 32.37 21.12 -6.72
N LEU D 172 31.78 20.20 -7.46
CA LEU D 172 32.42 19.64 -8.64
C LEU D 172 31.50 19.63 -9.84
N LEU D 173 31.91 20.34 -10.89
CA LEU D 173 31.18 20.36 -12.15
C LEU D 173 31.89 19.51 -13.18
N PRO D 174 31.19 18.52 -13.73
CA PRO D 174 31.78 17.62 -14.74
C PRO D 174 32.06 18.37 -16.04
N GLU D 175 33.12 17.97 -16.74
CA GLU D 175 33.49 18.61 -18.01
C GLU D 175 33.73 17.57 -19.10
N GLY D 176 33.62 17.99 -20.35
CA GLY D 176 33.95 17.14 -21.48
C GLY D 176 33.13 15.87 -21.61
N ASP D 177 33.81 14.74 -21.76
CA ASP D 177 33.14 13.46 -21.96
C ASP D 177 32.60 12.85 -20.67
N GLU D 178 32.88 13.50 -19.54
CA GLU D 178 32.36 13.04 -18.26
C GLU D 178 30.83 13.11 -18.28
N PRO D 179 30.17 12.09 -17.72
CA PRO D 179 28.71 12.07 -17.68
C PRO D 179 28.15 13.27 -16.92
N ALA D 180 27.25 14.02 -17.56
CA ALA D 180 26.68 15.20 -16.95
C ALA D 180 25.85 14.83 -15.72
N LEU D 181 25.69 15.80 -14.83
CA LEU D 181 24.83 15.61 -13.66
C LEU D 181 23.40 15.36 -14.11
N CYS D 182 22.71 14.49 -13.38
CA CYS D 182 21.32 14.13 -13.70
C CYS D 182 20.36 14.82 -12.75
N PRO D 183 19.13 15.07 -13.21
CA PRO D 183 18.07 15.52 -12.31
C PRO D 183 17.76 14.42 -11.30
N LYS D 184 17.14 14.78 -10.18
CA LYS D 184 16.90 13.83 -9.10
C LYS D 184 15.43 13.45 -8.96
N VAL D 185 15.18 12.16 -8.80
CA VAL D 185 13.83 11.66 -8.60
C VAL D 185 13.71 11.01 -7.22
N VAL D 186 12.62 11.32 -6.53
CA VAL D 186 12.35 10.75 -5.21
C VAL D 186 10.85 10.55 -4.98
N ARG D 187 10.49 9.47 -4.31
CA ARG D 187 9.09 9.20 -4.02
C ARG D 187 8.68 9.85 -2.70
N LEU D 188 7.58 10.60 -2.74
CA LEU D 188 7.05 11.25 -1.54
C LEU D 188 6.17 10.28 -0.77
N ARG D 189 6.26 10.30 0.55
CA ARG D 189 5.40 9.45 1.37
C ARG D 189 3.98 10.00 1.41
N GLU D 190 3.06 9.22 1.95
CA GLU D 190 1.63 9.52 1.83
C GLU D 190 1.20 10.87 2.39
N ASP D 191 1.72 11.25 3.56
CA ASP D 191 1.33 12.52 4.18
C ASP D 191 1.95 13.72 3.48
N MET D 192 2.79 13.45 2.49
CA MET D 192 3.38 14.49 1.63
C MET D 192 4.26 15.49 2.39
N LEU D 193 4.70 15.12 3.58
CA LEU D 193 5.51 16.00 4.40
C LEU D 193 7.01 15.67 4.28
N GLU D 194 7.32 14.40 4.03
CA GLU D 194 8.70 13.96 3.93
C GLU D 194 8.90 13.05 2.72
N PHE D 195 10.15 12.70 2.46
CA PHE D 195 10.47 11.73 1.41
C PHE D 195 10.13 10.34 1.92
N ALA D 196 9.84 9.42 1.00
CA ALA D 196 9.56 8.04 1.35
C ALA D 196 10.79 7.18 1.16
N GLU D 197 11.78 7.74 0.46
CA GLU D 197 13.00 7.02 0.16
C GLU D 197 14.14 8.01 -0.10
N GLU D 198 15.33 7.48 -0.38
CA GLU D 198 16.46 8.33 -0.77
C GLU D 198 16.34 8.69 -2.24
N PRO D 199 16.54 9.98 -2.57
CA PRO D 199 16.52 10.42 -3.97
C PRO D 199 17.55 9.68 -4.82
N ARG D 200 17.32 9.61 -6.12
CA ARG D 200 18.24 8.93 -7.03
C ARG D 200 18.30 9.63 -8.38
N ASP D 201 19.30 9.27 -9.18
CA ASP D 201 19.47 9.84 -10.51
C ASP D 201 18.32 9.47 -11.44
N LEU D 202 17.66 10.49 -12.00
CA LEU D 202 16.77 10.28 -13.13
C LEU D 202 17.60 10.44 -14.38
N MET D 203 18.16 9.33 -14.85
CA MET D 203 19.14 9.37 -15.94
C MET D 203 18.53 9.83 -17.26
N ILE D 204 19.26 10.68 -17.97
CA ILE D 204 18.88 11.11 -19.31
C ILE D 204 19.92 10.62 -20.31
N LEU D 205 19.48 9.74 -21.20
CA LEU D 205 20.40 9.08 -22.13
C LEU D 205 20.31 9.70 -23.53
N ASP D 206 21.25 9.33 -24.39
CA ASP D 206 21.21 9.76 -25.78
C ASP D 206 20.47 8.73 -26.62
N GLU D 207 20.56 8.88 -27.94
CA GLU D 207 19.89 7.98 -28.87
C GLU D 207 20.51 6.58 -28.84
N LYS D 208 21.75 6.48 -28.38
CA LYS D 208 22.46 5.20 -28.37
C LYS D 208 22.41 4.52 -27.01
N GLY D 209 21.80 5.18 -26.03
CA GLY D 209 21.64 4.59 -24.71
C GLY D 209 22.69 4.99 -23.70
N LYS D 210 23.64 5.81 -24.13
CA LYS D 210 24.70 6.29 -23.25
C LYS D 210 24.27 7.58 -22.55
N LEU D 211 24.78 7.80 -21.33
CA LEU D 211 24.49 9.02 -20.59
C LEU D 211 24.98 10.25 -21.36
N LEU D 212 24.25 11.36 -21.20
CA LEU D 212 24.61 12.61 -21.85
C LEU D 212 25.86 13.20 -21.21
N SER D 213 26.85 13.50 -22.04
CA SER D 213 28.11 14.07 -21.54
C SER D 213 27.92 15.51 -21.08
N ALA D 214 28.89 16.01 -20.32
CA ALA D 214 28.81 17.36 -19.77
C ALA D 214 29.05 18.43 -20.82
N GLY D 215 29.86 18.11 -21.83
CA GLY D 215 30.15 19.04 -22.90
C GLY D 215 28.98 19.22 -23.85
N ASP D 216 27.99 18.34 -23.73
CA ASP D 216 26.80 18.39 -24.57
C ASP D 216 25.77 19.32 -23.94
N THR D 217 26.11 20.61 -23.87
CA THR D 217 25.30 21.59 -23.16
C THR D 217 23.97 21.91 -23.83
N LYS D 218 23.76 21.40 -25.05
CA LYS D 218 22.51 21.62 -25.76
C LYS D 218 21.44 20.60 -25.36
N ARG D 219 21.85 19.52 -24.70
CA ARG D 219 20.94 18.44 -24.38
C ARG D 219 20.93 18.05 -22.90
N ARG D 220 22.05 18.28 -22.21
CA ARG D 220 22.16 17.90 -20.80
C ARG D 220 21.27 18.76 -19.89
N PHE D 221 20.88 18.19 -18.76
CA PHE D 221 19.97 18.86 -17.84
C PHE D 221 20.62 20.04 -17.12
N PHE D 222 19.85 21.11 -16.93
CA PHE D 222 20.31 22.25 -16.14
C PHE D 222 19.32 22.55 -15.01
N GLU D 223 18.08 22.83 -15.36
CA GLU D 223 17.02 23.07 -14.37
C GLU D 223 15.64 22.94 -14.99
N ALA D 224 14.63 23.42 -14.25
CA ALA D 224 13.24 23.43 -14.72
C ALA D 224 12.69 22.04 -15.03
N SER D 225 12.82 21.13 -14.07
CA SER D 225 12.30 19.77 -14.23
C SER D 225 10.78 19.76 -14.35
N TRP D 226 10.27 19.04 -15.33
CA TRP D 226 8.83 18.87 -15.47
C TRP D 226 8.49 17.53 -16.11
N MET D 227 7.42 16.91 -15.62
CA MET D 227 7.00 15.60 -16.10
C MET D 227 5.51 15.61 -16.46
N HIS D 228 5.17 14.97 -17.56
CA HIS D 228 3.76 14.81 -17.94
C HIS D 228 3.55 13.55 -18.78
N TYR D 229 2.29 13.15 -18.93
CA TYR D 229 1.97 11.90 -19.59
C TYR D 229 1.01 12.12 -20.76
N TYR D 230 1.36 11.58 -21.91
CA TYR D 230 0.52 11.71 -23.09
C TYR D 230 0.55 10.45 -23.96
N ASN D 231 -0.62 9.85 -24.16
CA ASN D 231 -0.79 8.71 -25.05
C ASN D 231 0.17 7.55 -24.77
N GLY D 232 0.17 7.08 -23.53
CA GLY D 232 0.94 5.91 -23.15
C GLY D 232 2.44 6.13 -23.05
N LYS D 233 2.87 7.39 -23.04
CA LYS D 233 4.29 7.70 -23.01
C LYS D 233 4.63 8.79 -21.99
N TYR D 234 5.74 8.62 -21.29
CA TYR D 234 6.22 9.62 -20.33
C TYR D 234 7.04 10.71 -21.01
N TYR D 235 6.87 11.93 -20.56
CA TYR D 235 7.62 13.07 -21.11
C TYR D 235 8.32 13.83 -19.99
N PHE D 236 9.64 13.85 -20.01
CA PHE D 236 10.40 14.62 -19.05
C PHE D 236 11.08 15.80 -19.74
N SER D 237 10.60 17.00 -19.45
CA SER D 237 11.13 18.20 -20.08
C SER D 237 11.88 19.07 -19.08
N TYR D 238 12.81 19.88 -19.58
CA TYR D 238 13.73 20.60 -18.72
C TYR D 238 14.42 21.74 -19.46
N SER D 239 15.13 22.58 -18.72
CA SER D 239 15.92 23.66 -19.30
C SER D 239 17.38 23.25 -19.45
N THR D 240 18.04 23.79 -20.45
CA THR D 240 19.44 23.44 -20.72
C THR D 240 20.39 24.56 -20.31
N GLY D 241 19.86 25.59 -19.67
CA GLY D 241 20.68 26.65 -19.11
C GLY D 241 21.36 27.57 -20.10
N ASP D 242 22.68 27.43 -20.23
CA ASP D 242 23.48 28.35 -21.03
C ASP D 242 23.27 28.21 -22.54
N THR D 243 22.57 27.16 -22.95
CA THR D 243 22.20 27.01 -24.35
C THR D 243 20.76 27.47 -24.55
N HIS D 244 20.10 27.80 -23.45
CA HIS D 244 18.79 28.46 -23.46
C HIS D 244 17.71 27.65 -24.20
N LEU D 245 17.69 26.34 -23.98
CA LEU D 245 16.69 25.51 -24.64
C LEU D 245 15.77 24.84 -23.62
N ILE D 246 14.57 24.51 -24.07
CA ILE D 246 13.69 23.61 -23.33
C ILE D 246 13.60 22.31 -24.11
N CYS D 247 14.30 21.29 -23.66
CA CYS D 247 14.30 19.99 -24.34
C CYS D 247 13.37 19.03 -23.63
N TYR D 248 13.32 17.79 -24.10
CA TYR D 248 12.53 16.75 -23.45
C TYR D 248 13.01 15.35 -23.79
N ALA D 249 12.61 14.39 -22.97
CA ALA D 249 12.95 13.00 -23.18
C ALA D 249 11.73 12.11 -22.97
N THR D 250 11.80 10.87 -23.46
CA THR D 250 10.68 9.95 -23.32
C THR D 250 11.06 8.71 -22.51
N GLY D 251 10.07 8.16 -21.80
CA GLY D 251 10.29 6.98 -20.98
C GLY D 251 8.98 6.24 -20.75
N ASP D 252 9.00 5.23 -19.89
CA ASP D 252 7.80 4.43 -19.63
C ASP D 252 7.49 4.26 -18.14
N ASN D 253 8.24 4.95 -17.29
CA ASN D 253 8.03 4.90 -15.84
C ASN D 253 8.76 6.03 -15.13
N PRO D 254 8.29 6.43 -13.93
CA PRO D 254 8.85 7.58 -13.20
C PRO D 254 10.35 7.48 -12.88
N TYR D 255 10.88 6.27 -12.76
CA TYR D 255 12.29 6.10 -12.42
C TYR D 255 13.16 5.87 -13.65
N GLY D 256 12.65 5.06 -14.57
CA GLY D 256 13.41 4.55 -15.69
C GLY D 256 14.17 5.58 -16.50
N PRO D 257 15.25 5.14 -17.17
CA PRO D 257 16.11 6.00 -17.99
C PRO D 257 15.31 6.69 -19.09
N PHE D 258 15.42 8.02 -19.16
CA PHE D 258 14.73 8.77 -20.19
C PHE D 258 15.64 9.05 -21.38
N THR D 259 15.13 8.79 -22.58
CA THR D 259 15.90 8.98 -23.79
C THR D 259 15.57 10.30 -24.48
N TYR D 260 16.59 11.10 -24.74
CA TYR D 260 16.43 12.40 -25.39
C TYR D 260 15.67 12.29 -26.70
N ARG D 261 14.78 13.24 -26.96
CA ARG D 261 14.00 13.23 -28.19
C ARG D 261 14.24 14.47 -29.05
N GLY D 262 14.13 15.65 -28.44
CA GLY D 262 14.34 16.88 -29.18
C GLY D 262 14.14 18.14 -28.35
N VAL D 263 13.87 19.24 -29.03
CA VAL D 263 13.72 20.54 -28.38
C VAL D 263 12.29 21.06 -28.47
N ILE D 264 11.74 21.48 -27.33
CA ILE D 264 10.40 22.05 -27.29
C ILE D 264 10.43 23.56 -27.59
N LEU D 265 11.34 24.27 -26.94
CA LEU D 265 11.37 25.72 -27.02
C LEU D 265 12.75 26.29 -27.36
N THR D 266 12.84 26.98 -28.49
CA THR D 266 14.05 27.70 -28.88
C THR D 266 14.28 28.86 -27.91
N PRO D 267 15.52 29.40 -27.87
CA PRO D 267 15.83 30.46 -26.89
C PRO D 267 14.88 31.66 -26.94
N VAL D 268 14.45 32.11 -25.77
CA VAL D 268 13.57 33.25 -25.64
C VAL D 268 14.38 34.51 -25.35
N VAL D 269 13.70 35.64 -25.23
CA VAL D 269 14.36 36.88 -24.86
C VAL D 269 14.72 36.85 -23.38
N GLY D 270 16.01 36.94 -23.08
CA GLY D 270 16.49 36.81 -21.71
C GLY D 270 17.24 35.50 -21.52
N TRP D 271 18.09 35.46 -20.51
CA TRP D 271 18.94 34.30 -20.27
C TRP D 271 18.12 33.06 -19.92
N THR D 272 17.30 33.17 -18.88
CA THR D 272 16.58 32.01 -18.35
C THR D 272 15.33 31.67 -19.15
N THR D 273 15.02 30.38 -19.19
CA THR D 273 13.76 29.91 -19.74
C THR D 273 13.22 28.78 -18.85
N HIS D 274 11.95 28.89 -18.48
CA HIS D 274 11.34 27.95 -17.55
C HIS D 274 9.92 27.67 -17.99
N HIS D 275 9.41 26.48 -17.69
CA HIS D 275 8.13 26.07 -18.26
C HIS D 275 7.35 25.05 -17.43
N SER D 276 6.17 24.71 -17.95
CA SER D 276 5.35 23.61 -17.46
C SER D 276 4.32 23.27 -18.53
N ILE D 277 4.01 21.98 -18.65
CA ILE D 277 3.10 21.52 -19.70
C ILE D 277 1.85 20.89 -19.09
N VAL D 278 0.68 21.34 -19.54
CA VAL D 278 -0.58 20.87 -18.98
C VAL D 278 -1.65 20.76 -20.07
N GLU D 279 -2.62 19.88 -19.85
CA GLU D 279 -3.75 19.72 -20.77
C GLU D 279 -5.00 20.38 -20.21
N PHE D 280 -5.63 21.24 -20.99
CA PHE D 280 -6.82 21.95 -20.54
C PHE D 280 -7.86 22.08 -21.64
N LYS D 281 -8.97 21.35 -21.48
CA LYS D 281 -10.08 21.37 -22.43
C LYS D 281 -9.65 20.99 -23.85
N GLY D 282 -9.10 19.80 -24.00
CA GLY D 282 -8.76 19.25 -25.30
C GLY D 282 -7.53 19.86 -25.95
N LYS D 283 -6.86 20.74 -25.22
CA LYS D 283 -5.67 21.40 -25.76
C LYS D 283 -4.49 21.27 -24.81
N TRP D 284 -3.29 21.25 -25.39
CA TRP D 284 -2.06 21.22 -24.61
C TRP D 284 -1.34 22.56 -24.74
N TYR D 285 -0.90 23.12 -23.62
CA TYR D 285 -0.25 24.42 -23.63
C TYR D 285 1.15 24.39 -23.01
N LEU D 286 1.96 25.39 -23.34
CA LEU D 286 3.29 25.53 -22.78
C LEU D 286 3.43 26.87 -22.06
N PHE D 287 3.22 26.86 -20.75
CA PHE D 287 3.37 28.06 -19.95
C PHE D 287 4.85 28.34 -19.69
N HIS D 288 5.32 29.48 -20.18
CA HIS D 288 6.73 29.85 -20.01
C HIS D 288 6.88 31.35 -19.85
N HIS D 289 8.06 31.88 -20.14
CA HIS D 289 8.30 33.32 -20.01
C HIS D 289 9.46 33.85 -20.86
N ASP D 290 9.48 35.16 -21.06
CA ASP D 290 10.62 35.84 -21.65
C ASP D 290 10.76 37.25 -21.07
N CYS D 291 11.77 37.97 -21.51
CA CYS D 291 12.05 39.29 -20.94
C CYS D 291 11.86 40.42 -21.97
N VAL D 292 10.71 40.42 -22.63
CA VAL D 292 10.37 41.48 -23.58
C VAL D 292 9.83 42.76 -22.93
N PRO D 293 8.85 42.63 -21.99
CA PRO D 293 8.38 43.85 -21.34
C PRO D 293 9.44 44.51 -20.45
N SER D 294 10.51 43.80 -20.15
CA SER D 294 11.59 44.34 -19.32
C SER D 294 12.80 44.73 -20.17
N LYS D 295 12.64 44.63 -21.49
CA LYS D 295 13.69 44.99 -22.45
C LYS D 295 14.97 44.17 -22.29
N GLY D 296 14.81 42.88 -21.94
CA GLY D 296 15.94 41.96 -21.90
C GLY D 296 16.57 41.79 -20.53
N LYS D 297 15.91 42.28 -19.48
CA LYS D 297 16.42 42.12 -18.13
C LYS D 297 16.06 40.75 -17.58
N THR D 298 17.08 39.91 -17.39
CA THR D 298 16.90 38.50 -17.07
C THR D 298 16.06 38.23 -15.83
N TRP D 299 16.31 38.98 -14.76
CA TRP D 299 15.65 38.74 -13.48
C TRP D 299 14.26 39.37 -13.42
N LEU D 300 13.84 39.98 -14.53
CA LEU D 300 12.52 40.59 -14.62
C LEU D 300 11.74 39.95 -15.77
N ARG D 301 10.91 38.98 -15.44
CA ARG D 301 10.29 38.13 -16.45
C ARG D 301 8.76 38.22 -16.47
N SER D 302 8.18 38.06 -17.65
CA SER D 302 6.72 38.04 -17.79
C SER D 302 6.29 36.72 -18.40
N LEU D 303 5.29 36.09 -17.80
CA LEU D 303 4.86 34.76 -18.25
C LEU D 303 3.95 34.80 -19.49
N LYS D 304 3.99 33.71 -20.26
CA LYS D 304 3.26 33.62 -21.51
C LYS D 304 2.79 32.20 -21.78
N VAL D 305 1.93 32.03 -22.78
CA VAL D 305 1.38 30.72 -23.12
C VAL D 305 1.46 30.44 -24.61
N ALA D 306 1.96 29.25 -24.97
CA ALA D 306 1.94 28.80 -26.36
C ALA D 306 1.23 27.45 -26.44
N GLU D 307 0.46 27.23 -27.50
CA GLU D 307 -0.23 25.95 -27.67
C GLU D 307 0.75 24.87 -28.10
N LEU D 308 0.69 23.73 -27.44
CA LEU D 308 1.58 22.62 -27.73
C LEU D 308 0.83 21.52 -28.49
N LYS D 309 1.40 21.11 -29.62
CA LYS D 309 0.81 20.07 -30.45
C LYS D 309 1.74 18.88 -30.59
N TYR D 310 1.16 17.69 -30.72
CA TYR D 310 1.95 16.47 -30.87
C TYR D 310 1.93 15.98 -32.31
N ASN D 311 3.05 15.40 -32.75
CA ASN D 311 3.09 14.68 -34.01
C ASN D 311 2.54 13.28 -33.79
N PRO D 312 2.05 12.62 -34.85
CA PRO D 312 1.46 11.28 -34.71
C PRO D 312 2.45 10.22 -34.16
N ASP D 313 3.75 10.49 -34.22
CA ASP D 313 4.72 9.55 -33.67
C ASP D 313 5.05 9.84 -32.21
N GLY D 314 4.31 10.77 -31.61
CA GLY D 314 4.46 11.07 -30.20
C GLY D 314 5.33 12.28 -29.91
N SER D 315 6.18 12.65 -30.85
CA SER D 315 7.07 13.80 -30.68
C SER D 315 6.29 15.11 -30.60
N ILE D 316 6.95 16.14 -30.08
CA ILE D 316 6.31 17.45 -29.90
C ILE D 316 6.78 18.46 -30.95
N GLN D 317 5.83 19.16 -31.56
CA GLN D 317 6.14 20.18 -32.55
C GLN D 317 6.87 21.37 -31.90
N PRO D 318 8.00 21.79 -32.50
CA PRO D 318 8.86 22.86 -31.97
C PRO D 318 8.15 24.21 -31.89
N ILE D 319 8.31 24.89 -30.76
CA ILE D 319 7.70 26.19 -30.54
C ILE D 319 8.77 27.28 -30.52
N LYS D 320 8.54 28.37 -31.25
CA LYS D 320 9.49 29.47 -31.30
C LYS D 320 9.39 30.34 -30.05
N GLY D 321 10.50 30.51 -29.35
CA GLY D 321 10.53 31.30 -28.14
C GLY D 321 10.76 32.78 -28.40
N THR D 322 11.37 33.08 -29.54
CA THR D 322 11.64 34.45 -29.93
C THR D 322 11.40 34.65 -31.42
N MET E 1 15.17 26.50 -57.46
CA MET E 1 16.46 25.85 -57.62
C MET E 1 16.80 25.67 -59.10
N LYS E 2 17.94 26.22 -59.52
CA LYS E 2 18.36 26.17 -60.91
C LYS E 2 19.48 25.14 -61.10
N GLU E 3 20.30 24.96 -60.06
CA GLU E 3 21.38 24.00 -60.11
C GLU E 3 21.15 22.93 -59.04
N PRO E 4 21.27 21.66 -59.42
CA PRO E 4 21.12 20.52 -58.49
C PRO E 4 22.05 20.66 -57.29
N ARG E 5 21.55 20.35 -56.10
CA ARG E 5 22.32 20.55 -54.87
C ARG E 5 22.85 19.25 -54.29
N TYR E 6 24.16 19.21 -54.02
CA TYR E 6 24.77 18.08 -53.34
C TYR E 6 24.60 18.23 -51.84
N LEU E 7 23.88 17.30 -51.23
CA LEU E 7 23.49 17.42 -49.83
C LEU E 7 24.56 16.94 -48.84
N VAL E 8 25.23 15.84 -49.16
CA VAL E 8 26.25 15.29 -48.28
C VAL E 8 27.61 15.21 -48.96
N PRO E 9 28.34 16.34 -48.98
CA PRO E 9 29.66 16.39 -49.62
C PRO E 9 30.76 15.82 -48.72
N GLY E 10 30.43 15.50 -47.48
CA GLY E 10 31.40 15.00 -46.53
C GLY E 10 31.58 13.50 -46.59
N ASP E 11 30.63 12.81 -47.22
CA ASP E 11 30.68 11.36 -47.33
C ASP E 11 30.01 10.89 -48.61
N TYR E 12 30.13 9.60 -48.91
CA TYR E 12 29.52 9.04 -50.11
C TYR E 12 28.23 8.30 -49.80
N MET E 13 27.10 8.90 -50.20
CA MET E 13 25.79 8.31 -49.95
C MET E 13 25.04 8.14 -51.27
N ALA E 14 24.22 7.09 -51.36
CA ALA E 14 23.50 6.79 -52.58
C ALA E 14 22.14 6.16 -52.30
N ASP E 15 21.37 5.93 -53.37
CA ASP E 15 20.03 5.34 -53.27
C ASP E 15 19.14 6.07 -52.27
N PRO E 16 18.92 7.39 -52.49
CA PRO E 16 18.18 8.17 -51.50
C PRO E 16 16.69 7.83 -51.49
N ALA E 17 16.13 7.67 -50.29
CA ALA E 17 14.70 7.45 -50.13
C ALA E 17 14.13 8.55 -49.23
N ALA E 18 13.52 9.56 -49.86
CA ALA E 18 13.06 10.74 -49.13
C ALA E 18 11.61 10.62 -48.65
N HIS E 19 11.40 10.96 -47.38
CA HIS E 19 10.07 10.97 -46.79
C HIS E 19 9.85 12.23 -45.97
N VAL E 20 8.59 12.65 -45.84
CA VAL E 20 8.26 13.81 -45.04
C VAL E 20 7.68 13.40 -43.68
N PHE E 21 8.49 13.56 -42.64
CA PHE E 21 8.08 13.24 -41.27
C PHE E 21 8.24 14.45 -40.37
N ASN E 22 7.19 14.77 -39.61
CA ASN E 22 7.21 15.88 -38.65
C ASN E 22 7.63 17.22 -39.26
N ASP E 23 7.05 17.56 -40.41
CA ASP E 23 7.38 18.78 -41.14
C ASP E 23 8.87 18.88 -41.52
N LYS E 24 9.54 17.73 -41.51
CA LYS E 24 10.94 17.65 -41.90
C LYS E 24 11.09 16.62 -43.01
N LEU E 25 12.08 16.83 -43.88
CA LEU E 25 12.35 15.88 -44.95
C LEU E 25 13.51 14.96 -44.59
N TYR E 26 13.20 13.68 -44.37
CA TYR E 26 14.21 12.70 -44.01
C TYR E 26 14.66 11.90 -45.23
N ILE E 27 15.95 11.59 -45.27
CA ILE E 27 16.51 10.79 -46.36
C ILE E 27 17.17 9.53 -45.79
N TYR E 28 16.86 8.38 -46.38
CA TYR E 28 17.42 7.11 -45.94
C TYR E 28 18.24 6.47 -47.05
N PRO E 29 19.49 6.90 -47.21
CA PRO E 29 20.35 6.41 -48.28
C PRO E 29 21.20 5.22 -47.82
N SER E 30 21.92 4.62 -48.76
CA SER E 30 22.90 3.58 -48.44
C SER E 30 24.27 4.23 -48.34
N HIS E 31 25.13 3.68 -47.49
CA HIS E 31 26.43 4.29 -47.25
C HIS E 31 27.56 3.62 -48.04
N ASP E 32 27.92 4.24 -49.16
CA ASP E 32 29.05 3.77 -49.96
C ASP E 32 30.38 4.00 -49.24
N TRP E 33 31.31 3.08 -49.43
CA TRP E 33 32.66 3.23 -48.91
C TRP E 33 33.65 2.44 -49.76
N GLU E 34 34.86 2.98 -49.91
CA GLU E 34 35.86 2.35 -50.76
C GLU E 34 36.45 1.10 -50.13
N SER E 35 35.86 -0.05 -50.46
CA SER E 35 36.38 -1.33 -50.02
C SER E 35 37.48 -1.78 -50.97
N GLY E 36 38.43 -2.56 -50.46
CA GLY E 36 39.54 -3.03 -51.27
C GLY E 36 39.11 -3.96 -52.39
N ILE E 37 37.88 -4.45 -52.30
CA ILE E 37 37.34 -5.38 -53.29
C ILE E 37 37.31 -4.78 -54.69
N PRO E 38 38.01 -5.42 -55.63
CA PRO E 38 38.02 -4.99 -57.03
C PRO E 38 36.63 -5.06 -57.67
N GLU E 39 36.42 -4.27 -58.72
CA GLU E 39 35.13 -4.21 -59.40
C GLU E 39 34.89 -5.45 -60.26
N ASN E 40 33.79 -6.14 -60.03
CA ASN E 40 33.44 -7.33 -60.81
C ASN E 40 31.97 -7.37 -61.21
N ASP E 41 31.61 -8.32 -62.07
CA ASP E 41 30.25 -8.43 -62.61
C ASP E 41 29.20 -8.78 -61.56
N ASN E 42 29.61 -9.42 -60.48
CA ASN E 42 28.68 -9.83 -59.44
C ASN E 42 28.18 -8.67 -58.60
N GLY E 43 28.87 -7.53 -58.72
CA GLY E 43 28.54 -6.36 -57.93
C GLY E 43 29.02 -6.51 -56.49
N ASP E 44 30.18 -7.13 -56.33
CA ASP E 44 30.74 -7.36 -55.00
C ASP E 44 31.53 -6.16 -54.49
N HIS E 45 31.51 -5.07 -55.24
CA HIS E 45 32.15 -3.84 -54.80
C HIS E 45 31.17 -2.93 -54.07
N PHE E 46 29.87 -3.16 -54.30
CA PHE E 46 28.83 -2.48 -53.54
C PHE E 46 28.64 -3.16 -52.20
N ASN E 47 29.64 -3.04 -51.31
CA ASN E 47 29.58 -3.69 -50.01
C ASN E 47 29.26 -2.73 -48.87
N MET E 48 28.14 -2.02 -49.00
CA MET E 48 27.69 -1.11 -47.96
C MET E 48 27.33 -1.90 -46.69
N LYS E 49 27.82 -1.41 -45.55
CA LYS E 49 27.71 -2.15 -44.29
C LYS E 49 26.83 -1.47 -43.25
N ASP E 50 26.38 -0.25 -43.53
CA ASP E 50 25.54 0.48 -42.60
C ASP E 50 24.65 1.53 -43.27
N TYR E 51 23.73 2.11 -42.48
CA TYR E 51 22.83 3.15 -42.96
C TYR E 51 22.96 4.42 -42.13
N HIS E 52 22.93 5.56 -42.81
CA HIS E 52 22.85 6.85 -42.15
C HIS E 52 21.46 7.45 -42.37
N VAL E 53 21.09 8.44 -41.57
CA VAL E 53 19.82 9.14 -41.76
C VAL E 53 20.06 10.65 -41.77
N PHE E 54 19.56 11.31 -42.81
CA PHE E 54 19.72 12.76 -42.92
C PHE E 54 18.37 13.46 -42.84
N SER E 55 18.38 14.73 -42.45
CA SER E 55 17.15 15.50 -42.34
C SER E 55 17.37 16.98 -42.57
N MET E 56 16.42 17.63 -43.22
CA MET E 56 16.49 19.05 -43.46
C MET E 56 15.17 19.69 -43.18
N ASP E 57 15.18 20.98 -42.87
CA ASP E 57 13.96 21.77 -42.77
C ASP E 57 13.77 22.57 -44.04
N ASP E 58 14.80 22.57 -44.89
CA ASP E 58 14.78 23.32 -46.13
C ASP E 58 15.63 22.59 -47.16
N VAL E 59 15.00 22.10 -48.22
CA VAL E 59 15.69 21.38 -49.28
C VAL E 59 16.57 22.32 -50.08
N GLU E 60 16.09 23.54 -50.28
CA GLU E 60 16.78 24.54 -51.09
C GLU E 60 18.16 24.90 -50.55
N GLN E 61 18.18 25.48 -49.35
CA GLN E 61 19.42 25.99 -48.78
C GLN E 61 19.60 25.67 -47.29
N GLY E 62 18.75 24.80 -46.77
CA GLY E 62 18.85 24.40 -45.38
C GLY E 62 20.00 23.44 -45.13
N GLU E 63 20.53 23.45 -43.92
CA GLU E 63 21.63 22.57 -43.58
C GLU E 63 21.16 21.12 -43.45
N VAL E 64 22.03 20.18 -43.79
CA VAL E 64 21.70 18.76 -43.70
C VAL E 64 22.24 18.17 -42.40
N THR E 65 21.35 17.64 -41.57
CA THR E 65 21.74 17.03 -40.30
C THR E 65 22.06 15.54 -40.45
N ASP E 66 23.29 15.17 -40.16
CA ASP E 66 23.69 13.76 -40.17
C ASP E 66 23.39 13.15 -38.81
N HIS E 67 22.38 12.27 -38.76
CA HIS E 67 21.97 11.65 -37.51
C HIS E 67 22.83 10.45 -37.14
N GLY E 68 23.80 10.12 -37.99
CA GLY E 68 24.73 9.04 -37.72
C GLY E 68 24.23 7.67 -38.14
N VAL E 69 24.98 6.64 -37.77
CA VAL E 69 24.62 5.28 -38.11
C VAL E 69 23.46 4.79 -37.25
N VAL E 70 22.41 4.29 -37.90
CA VAL E 70 21.22 3.83 -37.21
C VAL E 70 21.03 2.33 -37.36
N LEU E 71 21.79 1.74 -38.27
CA LEU E 71 21.72 0.30 -38.51
C LEU E 71 22.98 -0.20 -39.23
N ARG E 72 23.54 -1.29 -38.75
CA ARG E 72 24.68 -1.91 -39.39
C ARG E 72 24.58 -3.44 -39.37
N THR E 73 25.35 -4.10 -40.22
CA THR E 73 25.25 -5.54 -40.41
C THR E 73 25.56 -6.36 -39.16
N GLU E 74 26.48 -5.88 -38.33
CA GLU E 74 26.87 -6.61 -37.12
C GLU E 74 25.70 -6.80 -36.15
N ASP E 75 24.81 -5.81 -36.09
CA ASP E 75 23.69 -5.85 -35.16
C ASP E 75 22.53 -6.68 -35.72
N ILE E 76 22.62 -7.08 -36.98
CA ILE E 76 21.60 -7.92 -37.60
C ILE E 76 21.91 -9.40 -37.39
N PRO E 77 21.00 -10.12 -36.72
CA PRO E 77 21.19 -11.53 -36.34
C PRO E 77 21.44 -12.46 -37.52
N TRP E 78 20.65 -12.33 -38.58
CA TRP E 78 20.74 -13.22 -39.73
C TRP E 78 21.68 -12.68 -40.81
N ALA E 79 22.53 -11.73 -40.42
CA ALA E 79 23.34 -11.00 -41.40
C ALA E 79 24.30 -11.84 -42.22
N GLY E 80 24.31 -11.60 -43.51
CA GLY E 80 25.31 -12.14 -44.41
C GLY E 80 26.24 -11.03 -44.85
N ARG E 81 25.82 -10.27 -45.86
CA ARG E 81 26.61 -9.14 -46.35
C ARG E 81 25.81 -8.24 -47.30
N GLN E 82 26.36 -7.06 -47.58
CA GLN E 82 25.80 -6.12 -48.56
C GLN E 82 24.44 -5.53 -48.22
N LEU E 83 24.44 -4.43 -47.46
CA LEU E 83 23.23 -3.66 -47.20
C LEU E 83 22.96 -2.72 -48.35
N TRP E 84 21.90 -3.00 -49.11
CA TRP E 84 21.59 -2.18 -50.28
C TRP E 84 20.42 -1.24 -50.04
N ASP E 85 19.78 -0.78 -51.12
CA ASP E 85 18.74 0.24 -51.05
C ASP E 85 17.57 -0.12 -50.14
N SER E 86 17.32 0.70 -49.13
CA SER E 86 16.24 0.45 -48.18
C SER E 86 15.18 1.54 -48.23
N ASP E 87 14.10 1.35 -47.47
CA ASP E 87 13.03 2.33 -47.39
C ASP E 87 12.31 2.23 -46.05
N VAL E 88 11.73 3.34 -45.60
CA VAL E 88 11.09 3.40 -44.28
C VAL E 88 9.60 3.71 -44.41
N ALA E 89 8.80 3.18 -43.49
CA ALA E 89 7.37 3.47 -43.45
C ALA E 89 6.90 3.73 -42.02
N PHE E 90 6.01 4.70 -41.87
CA PHE E 90 5.43 5.01 -40.57
C PHE E 90 4.03 4.43 -40.43
N ARG E 91 3.83 3.64 -39.37
CA ARG E 91 2.52 3.05 -39.09
C ARG E 91 2.40 2.67 -37.62
N ASN E 92 1.21 2.86 -37.06
CA ASN E 92 0.92 2.50 -35.68
C ASN E 92 1.83 3.21 -34.67
N GLY E 93 2.22 4.44 -34.99
CA GLY E 93 3.09 5.21 -34.12
C GLY E 93 4.53 4.77 -34.17
N LYS E 94 4.85 3.89 -35.11
CA LYS E 94 6.21 3.36 -35.24
C LYS E 94 6.80 3.57 -36.63
N TYR E 95 8.12 3.50 -36.72
CA TYR E 95 8.81 3.60 -38.00
C TYR E 95 9.49 2.27 -38.34
N TYR E 96 9.12 1.70 -39.49
CA TYR E 96 9.68 0.42 -39.90
C TYR E 96 10.64 0.60 -41.08
N MET E 97 11.87 0.11 -40.92
CA MET E 97 12.86 0.18 -41.99
C MET E 97 12.95 -1.16 -42.72
N TYR E 98 12.59 -1.14 -44.00
CA TYR E 98 12.68 -2.33 -44.83
C TYR E 98 13.98 -2.33 -45.61
N PHE E 99 14.88 -3.24 -45.24
CA PHE E 99 16.22 -3.29 -45.83
C PHE E 99 16.49 -4.64 -46.48
N PRO E 100 17.16 -4.61 -47.64
CA PRO E 100 17.61 -5.83 -48.33
C PRO E 100 18.99 -6.25 -47.82
N LEU E 101 19.23 -7.55 -47.80
CA LEU E 101 20.51 -8.08 -47.33
C LEU E 101 20.64 -9.53 -47.74
N LYS E 102 21.81 -9.90 -48.29
CA LYS E 102 22.09 -11.29 -48.57
C LYS E 102 22.17 -12.04 -47.26
N ASP E 103 21.50 -13.18 -47.16
CA ASP E 103 21.56 -13.99 -45.96
C ASP E 103 22.88 -14.74 -45.88
N GLN E 104 22.98 -15.68 -44.95
CA GLN E 104 24.21 -16.44 -44.79
C GLN E 104 24.41 -17.44 -45.92
N ASN E 105 23.41 -17.54 -46.79
CA ASN E 105 23.49 -18.39 -47.96
C ASN E 105 23.70 -17.56 -49.23
N ASP E 106 24.02 -16.28 -49.03
CA ASP E 106 24.18 -15.32 -50.12
C ASP E 106 22.92 -15.20 -50.98
N ILE E 107 21.77 -15.37 -50.36
CA ILE E 107 20.49 -15.16 -51.04
C ILE E 107 19.87 -13.88 -50.52
N PHE E 108 19.57 -12.95 -51.42
CA PHE E 108 18.98 -11.67 -51.03
C PHE E 108 17.61 -11.84 -50.38
N ARG E 109 17.50 -11.41 -49.12
CA ARG E 109 16.23 -11.40 -48.42
C ARG E 109 15.90 -9.95 -48.08
N ILE E 110 14.75 -9.74 -47.44
CA ILE E 110 14.38 -8.41 -46.98
C ILE E 110 13.95 -8.46 -45.52
N GLY E 111 14.58 -7.65 -44.68
CA GLY E 111 14.30 -7.64 -43.26
C GLY E 111 13.62 -6.36 -42.79
N VAL E 112 13.15 -6.38 -41.55
CA VAL E 112 12.46 -5.23 -40.97
C VAL E 112 13.20 -4.73 -39.74
N ALA E 113 13.39 -3.42 -39.66
CA ALA E 113 14.00 -2.80 -38.50
C ALA E 113 13.07 -1.72 -37.95
N ILE E 114 12.80 -1.78 -36.65
CA ILE E 114 11.83 -0.88 -36.04
C ILE E 114 12.47 0.21 -35.17
N SER E 115 12.02 1.45 -35.34
CA SER E 115 12.46 2.56 -34.49
C SER E 115 11.26 3.34 -33.97
N ASP E 116 11.45 4.04 -32.86
CA ASP E 116 10.38 4.83 -32.26
C ASP E 116 10.38 6.25 -32.84
N ARG E 117 11.41 6.55 -33.61
CA ARG E 117 11.58 7.88 -34.19
C ARG E 117 12.25 7.74 -35.56
N PRO E 118 12.00 8.71 -36.47
CA PRO E 118 12.53 8.61 -37.84
C PRO E 118 14.05 8.73 -37.93
N GLU E 119 14.69 9.28 -36.90
CA GLU E 119 16.13 9.48 -36.94
C GLU E 119 16.89 8.49 -36.04
N GLY E 120 16.22 7.98 -35.02
CA GLY E 120 16.86 7.11 -34.04
C GLY E 120 17.31 5.78 -34.62
N PRO E 121 18.01 4.98 -33.80
CA PRO E 121 18.52 3.67 -34.23
C PRO E 121 17.38 2.70 -34.53
N PHE E 122 17.56 1.90 -35.58
CA PHE E 122 16.55 0.92 -35.95
C PHE E 122 16.95 -0.48 -35.47
N ILE E 123 16.06 -1.11 -34.71
CA ILE E 123 16.31 -2.45 -34.18
C ILE E 123 15.85 -3.51 -35.16
N PRO E 124 16.80 -4.26 -35.75
CA PRO E 124 16.47 -5.27 -36.75
C PRO E 124 15.80 -6.51 -36.14
N GLN E 125 14.86 -7.10 -36.86
CA GLN E 125 14.23 -8.34 -36.43
C GLN E 125 15.26 -9.47 -36.52
N GLU E 126 14.99 -10.57 -35.81
CA GLU E 126 15.95 -11.67 -35.75
C GLU E 126 16.01 -12.46 -37.07
N ASN E 127 14.88 -12.51 -37.78
CA ASN E 127 14.81 -13.23 -39.04
C ASN E 127 14.17 -12.39 -40.14
N PRO E 128 14.59 -12.60 -41.40
CA PRO E 128 14.03 -11.84 -42.53
C PRO E 128 12.57 -12.19 -42.79
N ILE E 129 11.89 -11.38 -43.60
CA ILE E 129 10.48 -11.60 -43.91
C ILE E 129 10.29 -12.92 -44.65
N LYS E 130 9.25 -13.67 -44.28
CA LYS E 130 8.96 -14.95 -44.91
C LYS E 130 8.58 -14.76 -46.38
N GLY E 131 9.23 -15.52 -47.25
CA GLY E 131 8.95 -15.44 -48.68
C GLY E 131 9.62 -14.28 -49.37
N SER E 132 10.34 -13.44 -48.62
CA SER E 132 11.00 -12.29 -49.19
C SER E 132 12.18 -12.69 -50.06
N TYR E 133 12.41 -11.93 -51.13
CA TYR E 133 13.55 -12.16 -52.01
C TYR E 133 13.88 -10.89 -52.79
N SER E 134 15.00 -10.93 -53.51
CA SER E 134 15.50 -9.77 -54.27
C SER E 134 15.77 -8.58 -53.36
N MET E 135 15.73 -7.37 -53.94
CA MET E 135 16.11 -6.17 -53.19
C MET E 135 15.37 -4.91 -53.65
N ASP E 136 15.93 -3.76 -53.24
CA ASP E 136 15.37 -2.44 -53.55
C ASP E 136 13.87 -2.31 -53.26
N PRO E 137 13.47 -2.47 -51.98
CA PRO E 137 12.04 -2.34 -51.67
C PRO E 137 11.58 -0.89 -51.57
N CYS E 138 10.33 -0.66 -51.93
CA CYS E 138 9.71 0.65 -51.77
C CYS E 138 8.38 0.47 -51.07
N ILE E 139 8.15 1.21 -49.99
CA ILE E 139 6.94 1.05 -49.22
C ILE E 139 5.97 2.20 -49.47
N TRP E 140 4.78 1.85 -49.94
CA TRP E 140 3.78 2.86 -50.30
C TRP E 140 2.54 2.77 -49.41
N PRO E 141 2.29 3.83 -48.64
CA PRO E 141 1.06 3.97 -47.85
C PRO E 141 -0.06 4.49 -48.75
N ASP E 142 -0.97 3.61 -49.17
CA ASP E 142 -2.02 3.97 -50.11
C ASP E 142 -3.17 4.71 -49.42
N LYS E 143 -4.02 5.35 -50.22
CA LYS E 143 -5.18 6.05 -49.69
C LYS E 143 -6.25 5.09 -49.17
N ASP E 144 -6.11 3.80 -49.47
CA ASP E 144 -7.04 2.80 -48.98
C ASP E 144 -6.77 2.42 -47.53
N GLY E 145 -5.60 2.81 -47.02
CA GLY E 145 -5.24 2.55 -45.64
C GLY E 145 -4.20 1.45 -45.49
N GLU E 146 -4.01 0.68 -46.56
CA GLU E 146 -3.05 -0.42 -46.53
C GLU E 146 -1.66 0.02 -46.99
N TYR E 147 -0.66 -0.80 -46.72
CA TYR E 147 0.71 -0.51 -47.13
C TYR E 147 1.19 -1.54 -48.14
N TYR E 148 1.87 -1.08 -49.19
CA TYR E 148 2.30 -1.95 -50.27
C TYR E 148 3.81 -1.87 -50.50
N MET E 149 4.45 -3.01 -50.67
CA MET E 149 5.88 -3.05 -50.96
C MET E 149 6.15 -3.38 -52.42
N TYR E 150 6.96 -2.53 -53.05
CA TYR E 150 7.41 -2.79 -54.41
C TYR E 150 8.90 -3.12 -54.38
N PHE E 151 9.27 -4.29 -54.89
CA PHE E 151 10.67 -4.70 -54.86
C PHE E 151 11.08 -5.40 -56.16
N GLY E 152 12.38 -5.61 -56.31
CA GLY E 152 12.91 -6.29 -57.47
C GLY E 152 14.12 -5.60 -58.06
N GLY E 153 15.02 -6.38 -58.63
CA GLY E 153 16.21 -5.85 -59.27
C GLY E 153 16.90 -6.89 -60.13
N LEU E 154 17.17 -6.54 -61.39
CA LEU E 154 17.81 -7.46 -62.32
C LEU E 154 19.28 -7.72 -61.97
N TRP E 155 19.83 -8.78 -62.56
CA TRP E 155 21.25 -9.13 -62.43
C TRP E 155 21.67 -9.36 -60.98
N GLY E 156 22.38 -8.38 -60.40
CA GLY E 156 22.87 -8.49 -59.05
C GLY E 156 21.76 -8.56 -58.01
N GLY E 157 20.56 -8.14 -58.40
CA GLY E 157 19.42 -8.16 -57.51
C GLY E 157 18.74 -9.51 -57.45
N GLN E 158 19.22 -10.45 -58.27
CA GLN E 158 18.77 -11.84 -58.24
C GLN E 158 17.29 -12.05 -58.59
N LEU E 159 16.69 -11.09 -59.29
CA LEU E 159 15.28 -11.21 -59.66
C LEU E 159 15.08 -12.32 -60.69
N GLN E 160 16.08 -12.51 -61.55
CA GLN E 160 16.00 -13.51 -62.61
C GLN E 160 16.06 -14.94 -62.08
N ARG E 161 16.35 -15.09 -60.79
CA ARG E 161 16.40 -16.41 -60.17
C ARG E 161 15.01 -16.90 -59.80
N TYR E 162 14.01 -16.05 -59.96
CA TYR E 162 12.66 -16.36 -59.50
C TYR E 162 11.59 -16.26 -60.58
N ARG E 163 10.61 -17.15 -60.48
CA ARG E 163 9.38 -17.07 -61.27
C ARG E 163 8.21 -17.36 -60.35
N ASN E 164 7.27 -16.41 -60.29
CA ASN E 164 6.15 -16.50 -59.36
C ASN E 164 6.59 -16.73 -57.92
N ASN E 165 7.57 -15.93 -57.48
CA ASN E 165 8.11 -16.00 -56.13
C ASN E 165 8.79 -17.33 -55.78
N LYS E 166 9.09 -18.13 -56.79
CA LYS E 166 9.70 -19.44 -56.57
C LYS E 166 11.11 -19.51 -57.17
N ALA E 167 12.03 -20.09 -56.41
CA ALA E 167 13.42 -20.18 -56.86
C ALA E 167 13.59 -21.17 -58.00
N LEU E 168 14.30 -20.75 -59.03
CA LEU E 168 14.60 -21.61 -60.17
C LEU E 168 15.90 -22.37 -59.94
N GLU E 169 16.00 -23.55 -60.57
CA GLU E 169 17.22 -24.33 -60.51
C GLU E 169 18.36 -23.57 -61.17
N CYS E 170 18.04 -22.95 -62.31
CA CYS E 170 19.00 -22.12 -63.02
C CYS E 170 18.38 -20.77 -63.33
N ALA E 171 19.18 -19.71 -63.20
CA ALA E 171 18.71 -18.35 -63.45
C ALA E 171 18.30 -18.18 -64.91
N LEU E 172 17.28 -17.37 -65.15
CA LEU E 172 16.77 -17.16 -66.50
C LEU E 172 16.51 -15.68 -66.80
N LEU E 173 17.31 -15.13 -67.71
CA LEU E 173 17.13 -13.75 -68.15
C LEU E 173 16.47 -13.72 -69.52
N PRO E 174 15.26 -13.14 -69.60
CA PRO E 174 14.51 -13.02 -70.85
C PRO E 174 15.28 -12.26 -71.92
N GLU E 175 15.05 -12.58 -73.18
CA GLU E 175 15.77 -11.94 -74.29
C GLU E 175 14.84 -11.55 -75.43
N GLY E 176 15.14 -10.42 -76.07
CA GLY E 176 14.44 -10.00 -77.27
C GLY E 176 12.96 -9.73 -77.09
N ASP E 177 12.15 -10.45 -77.87
CA ASP E 177 10.70 -10.22 -77.90
C ASP E 177 9.99 -10.79 -76.68
N GLU E 178 10.69 -11.63 -75.93
CA GLU E 178 10.13 -12.20 -74.70
C GLU E 178 9.81 -11.08 -73.71
N PRO E 179 8.67 -11.20 -73.02
CA PRO E 179 8.27 -10.19 -72.03
C PRO E 179 9.29 -10.06 -70.91
N ALA E 180 9.73 -8.83 -70.65
CA ALA E 180 10.73 -8.57 -69.62
C ALA E 180 10.20 -8.90 -68.24
N LEU E 181 11.10 -9.07 -67.28
CA LEU E 181 10.72 -9.33 -65.90
C LEU E 181 10.11 -8.08 -65.28
N CYS E 182 8.97 -8.27 -64.61
CA CYS E 182 8.27 -7.17 -63.97
C CYS E 182 8.72 -6.98 -62.53
N PRO E 183 8.62 -5.76 -62.01
CA PRO E 183 8.85 -5.53 -60.58
C PRO E 183 7.71 -6.16 -59.78
N LYS E 184 7.95 -6.49 -58.52
CA LYS E 184 6.96 -7.20 -57.72
C LYS E 184 6.25 -6.29 -56.72
N VAL E 185 4.98 -6.59 -56.49
CA VAL E 185 4.17 -5.83 -55.54
C VAL E 185 3.50 -6.78 -54.54
N VAL E 186 3.48 -6.39 -53.27
CA VAL E 186 2.84 -7.21 -52.24
C VAL E 186 2.33 -6.35 -51.09
N ARG E 187 1.10 -6.62 -50.66
CA ARG E 187 0.51 -5.90 -49.54
C ARG E 187 1.03 -6.45 -48.22
N LEU E 188 1.41 -5.55 -47.31
CA LEU E 188 1.90 -5.95 -46.01
C LEU E 188 0.75 -6.05 -45.01
N ARG E 189 0.92 -6.87 -43.97
CA ARG E 189 -0.11 -6.98 -42.94
C ARG E 189 0.05 -5.85 -41.92
N GLU E 190 -0.85 -5.82 -40.94
CA GLU E 190 -0.96 -4.69 -40.03
C GLU E 190 0.27 -4.46 -39.16
N ASP E 191 0.87 -5.53 -38.66
CA ASP E 191 2.06 -5.38 -37.80
C ASP E 191 3.32 -5.06 -38.60
N MET E 192 3.18 -5.05 -39.92
CA MET E 192 4.27 -4.66 -40.83
C MET E 192 5.49 -5.58 -40.75
N LEU E 193 5.30 -6.78 -40.21
CA LEU E 193 6.40 -7.73 -40.04
C LEU E 193 6.46 -8.76 -41.16
N GLU E 194 5.30 -9.12 -41.69
CA GLU E 194 5.24 -10.12 -42.76
C GLU E 194 4.35 -9.67 -43.91
N PHE E 195 4.42 -10.41 -45.02
CA PHE E 195 3.53 -10.19 -46.16
C PHE E 195 2.12 -10.61 -45.78
N ALA E 196 1.12 -9.93 -46.35
CA ALA E 196 -0.26 -10.29 -46.12
C ALA E 196 -0.79 -11.19 -47.24
N GLU E 197 0.05 -11.39 -48.26
CA GLU E 197 -0.33 -12.17 -49.42
C GLU E 197 0.90 -12.54 -50.23
N GLU E 198 0.71 -13.32 -51.29
CA GLU E 198 1.80 -13.64 -52.20
C GLU E 198 2.08 -12.46 -53.12
N PRO E 199 3.36 -12.11 -53.28
CA PRO E 199 3.78 -11.01 -54.17
C PRO E 199 3.32 -11.25 -55.61
N ARG E 200 2.87 -10.18 -56.27
CA ARG E 200 2.36 -10.29 -57.62
C ARG E 200 3.25 -9.57 -58.63
N ASP E 201 3.02 -9.84 -59.91
CA ASP E 201 3.67 -9.10 -60.97
C ASP E 201 3.07 -7.70 -61.07
N LEU E 202 3.92 -6.68 -61.00
CA LEU E 202 3.46 -5.32 -61.31
C LEU E 202 3.81 -5.06 -62.76
N MET E 203 2.84 -5.30 -63.64
CA MET E 203 3.07 -5.24 -65.07
C MET E 203 3.33 -3.82 -65.56
N ILE E 204 4.37 -3.65 -66.36
CA ILE E 204 4.64 -2.38 -67.02
C ILE E 204 4.36 -2.52 -68.51
N LEU E 205 3.42 -1.72 -69.00
CA LEU E 205 2.91 -1.85 -70.37
C LEU E 205 3.39 -0.69 -71.24
N ASP E 206 3.48 -0.94 -72.54
CA ASP E 206 3.82 0.12 -73.49
C ASP E 206 2.60 0.92 -73.89
N GLU E 207 2.69 1.62 -75.02
CA GLU E 207 1.62 2.48 -75.50
C GLU E 207 0.34 1.71 -75.86
N LYS E 208 0.51 0.52 -76.43
CA LYS E 208 -0.60 -0.27 -76.92
C LYS E 208 -1.25 -1.14 -75.84
N GLY E 209 -0.60 -1.24 -74.68
CA GLY E 209 -1.09 -2.08 -73.61
C GLY E 209 -0.42 -3.43 -73.63
N LYS E 210 0.72 -3.51 -74.31
CA LYS E 210 1.49 -4.73 -74.42
C LYS E 210 2.67 -4.71 -73.44
N LEU E 211 2.97 -5.86 -72.86
CA LEU E 211 4.10 -5.97 -71.93
C LEU E 211 5.43 -5.60 -72.59
N LEU E 212 6.24 -4.83 -71.87
CA LEU E 212 7.53 -4.40 -72.39
C LEU E 212 8.46 -5.59 -72.62
N SER E 213 9.03 -5.66 -73.83
CA SER E 213 9.93 -6.74 -74.20
C SER E 213 11.26 -6.62 -73.47
N ALA E 214 11.95 -7.74 -73.34
CA ALA E 214 13.24 -7.79 -72.64
C ALA E 214 14.32 -7.02 -73.38
N GLY E 215 14.17 -6.90 -74.70
CA GLY E 215 15.14 -6.21 -75.53
C GLY E 215 14.98 -4.70 -75.45
N ASP E 216 13.88 -4.25 -74.86
CA ASP E 216 13.59 -2.82 -74.74
C ASP E 216 14.27 -2.26 -73.49
N THR E 217 15.60 -2.20 -73.51
CA THR E 217 16.39 -1.82 -72.34
C THR E 217 16.19 -0.37 -71.89
N LYS E 218 15.65 0.47 -72.75
CA LYS E 218 15.45 1.87 -72.41
C LYS E 218 14.17 2.08 -71.60
N ARG E 219 13.32 1.06 -71.56
CA ARG E 219 12.00 1.21 -70.98
C ARG E 219 11.66 0.15 -69.93
N ARG E 220 12.22 -1.05 -70.08
CA ARG E 220 11.92 -2.15 -69.16
C ARG E 220 12.53 -1.93 -67.78
N PHE E 221 11.90 -2.52 -66.77
CA PHE E 221 12.34 -2.38 -65.39
C PHE E 221 13.70 -3.05 -65.14
N PHE E 222 14.56 -2.38 -64.38
CA PHE E 222 15.82 -2.96 -63.96
C PHE E 222 15.91 -3.00 -62.44
N GLU E 223 15.75 -1.84 -61.81
CA GLU E 223 15.79 -1.73 -60.35
C GLU E 223 15.23 -0.39 -59.88
N ALA E 224 15.41 -0.09 -58.59
CA ALA E 224 15.02 1.18 -58.00
C ALA E 224 13.53 1.51 -58.11
N SER E 225 12.68 0.63 -57.61
CA SER E 225 11.23 0.87 -57.63
C SER E 225 10.85 2.06 -56.77
N TRP E 226 9.95 2.90 -57.29
CA TRP E 226 9.38 3.99 -56.51
C TRP E 226 7.94 4.29 -56.91
N MET E 227 7.12 4.63 -55.92
CA MET E 227 5.72 4.91 -56.14
C MET E 227 5.29 6.18 -55.41
N HIS E 228 4.63 7.09 -56.12
CA HIS E 228 4.06 8.28 -55.50
C HIS E 228 2.73 8.67 -56.14
N TYR E 229 1.99 9.53 -55.46
CA TYR E 229 0.64 9.88 -55.89
C TYR E 229 0.52 11.39 -56.12
N TYR E 230 0.15 11.77 -57.34
CA TYR E 230 -0.04 13.17 -57.67
C TYR E 230 -1.22 13.41 -58.62
N ASN E 231 -2.09 14.33 -58.23
CA ASN E 231 -3.23 14.74 -59.04
C ASN E 231 -4.13 13.58 -59.47
N GLY E 232 -4.43 12.68 -58.54
CA GLY E 232 -5.29 11.56 -58.81
C GLY E 232 -4.66 10.47 -59.66
N LYS E 233 -3.35 10.50 -59.79
CA LYS E 233 -2.63 9.51 -60.59
C LYS E 233 -1.54 8.80 -59.79
N TYR E 234 -1.34 7.52 -60.09
CA TYR E 234 -0.23 6.77 -59.53
C TYR E 234 0.96 6.83 -60.48
N TYR E 235 2.12 7.16 -59.93
CA TYR E 235 3.34 7.24 -60.73
C TYR E 235 4.33 6.18 -60.28
N PHE E 236 4.63 5.22 -61.14
CA PHE E 236 5.64 4.23 -60.84
C PHE E 236 6.93 4.54 -61.59
N SER E 237 7.99 4.83 -60.84
CA SER E 237 9.26 5.17 -61.44
C SER E 237 10.35 4.15 -61.05
N TYR E 238 11.40 4.09 -61.86
CA TYR E 238 12.40 3.03 -61.73
C TYR E 238 13.66 3.33 -62.52
N SER E 239 14.71 2.54 -62.29
CA SER E 239 15.93 2.65 -63.07
C SER E 239 15.92 1.61 -64.18
N THR E 240 16.62 1.90 -65.28
CA THR E 240 16.63 1.00 -66.43
C THR E 240 17.99 0.33 -66.63
N GLY E 241 18.87 0.50 -65.66
CA GLY E 241 20.14 -0.21 -65.65
C GLY E 241 21.13 0.19 -66.72
N ASP E 242 21.29 -0.67 -67.73
CA ASP E 242 22.33 -0.51 -68.74
C ASP E 242 22.09 0.67 -69.69
N THR E 243 20.89 1.25 -69.64
CA THR E 243 20.61 2.46 -70.40
C THR E 243 20.71 3.69 -69.51
N HIS E 244 20.97 3.46 -68.23
CA HIS E 244 21.25 4.51 -67.25
C HIS E 244 20.14 5.56 -67.14
N LEU E 245 18.91 5.13 -67.38
CA LEU E 245 17.77 6.03 -67.36
C LEU E 245 16.85 5.80 -66.17
N ILE E 246 16.08 6.82 -65.83
CA ILE E 246 15.01 6.69 -64.84
C ILE E 246 13.69 7.07 -65.48
N CYS E 247 12.85 6.07 -65.72
CA CYS E 247 11.58 6.27 -66.40
C CYS E 247 10.41 6.18 -65.43
N TYR E 248 9.22 6.59 -65.88
CA TYR E 248 8.05 6.54 -65.03
C TYR E 248 6.82 6.04 -65.78
N ALA E 249 5.90 5.41 -65.05
CA ALA E 249 4.67 4.88 -65.63
C ALA E 249 3.47 5.29 -64.80
N THR E 250 2.28 5.25 -65.40
CA THR E 250 1.07 5.71 -64.72
C THR E 250 0.00 4.63 -64.63
N GLY E 251 -0.76 4.67 -63.53
CA GLY E 251 -1.83 3.72 -63.28
C GLY E 251 -2.86 4.31 -62.34
N ASP E 252 -3.96 3.59 -62.11
CA ASP E 252 -5.04 4.12 -61.28
C ASP E 252 -5.15 3.45 -59.91
N ASN E 253 -4.27 2.48 -59.66
CA ASN E 253 -4.28 1.75 -58.39
C ASN E 253 -2.96 1.01 -58.17
N PRO E 254 -2.61 0.71 -56.90
CA PRO E 254 -1.34 0.06 -56.55
C PRO E 254 -1.02 -1.22 -57.33
N TYR E 255 -1.99 -2.14 -57.41
CA TYR E 255 -1.77 -3.40 -58.11
C TYR E 255 -1.81 -3.24 -59.62
N GLY E 256 -2.61 -2.27 -60.08
CA GLY E 256 -2.98 -2.14 -61.48
C GLY E 256 -1.83 -2.06 -62.47
N PRO E 257 -2.13 -2.38 -63.74
CA PRO E 257 -1.16 -2.30 -64.84
C PRO E 257 -0.72 -0.87 -65.08
N PHE E 258 0.59 -0.64 -65.11
CA PHE E 258 1.13 0.69 -65.34
C PHE E 258 1.62 0.86 -66.77
N THR E 259 1.32 2.01 -67.37
CA THR E 259 1.71 2.30 -68.74
C THR E 259 2.91 3.24 -68.79
N TYR E 260 3.95 2.83 -69.51
CA TYR E 260 5.14 3.64 -69.70
C TYR E 260 4.78 5.01 -70.27
N ARG E 261 5.37 6.07 -69.69
CA ARG E 261 5.05 7.41 -70.13
C ARG E 261 6.26 8.16 -70.71
N GLY E 262 7.41 8.05 -70.05
CA GLY E 262 8.60 8.72 -70.52
C GLY E 262 9.78 8.65 -69.56
N VAL E 263 10.79 9.47 -69.83
CA VAL E 263 12.02 9.48 -69.05
C VAL E 263 12.06 10.66 -68.09
N ILE E 264 12.41 10.40 -66.83
CA ILE E 264 12.56 11.45 -65.84
C ILE E 264 13.99 12.00 -65.83
N LEU E 265 14.96 11.10 -65.79
CA LEU E 265 16.35 11.50 -65.66
C LEU E 265 17.23 10.91 -66.78
N THR E 266 17.93 11.78 -67.50
CA THR E 266 18.90 11.35 -68.51
C THR E 266 20.12 10.78 -67.78
N PRO E 267 20.95 9.98 -68.49
CA PRO E 267 22.09 9.33 -67.83
C PRO E 267 23.01 10.28 -67.06
N VAL E 268 23.28 9.94 -65.81
CA VAL E 268 24.20 10.70 -64.98
C VAL E 268 25.57 10.01 -64.98
N VAL E 269 26.58 10.69 -64.47
CA VAL E 269 27.91 10.09 -64.38
C VAL E 269 27.90 8.97 -63.35
N GLY E 270 28.64 7.90 -63.64
CA GLY E 270 28.56 6.69 -62.85
C GLY E 270 27.52 5.77 -63.47
N TRP E 271 27.72 4.46 -63.32
CA TRP E 271 26.86 3.49 -63.99
C TRP E 271 25.45 3.46 -63.42
N THR E 272 25.32 3.48 -62.10
CA THR E 272 24.03 3.36 -61.45
C THR E 272 23.28 4.70 -61.39
N THR E 273 21.96 4.61 -61.23
CA THR E 273 21.12 5.79 -61.06
C THR E 273 19.86 5.44 -60.25
N HIS E 274 19.84 5.87 -58.99
CA HIS E 274 18.73 5.58 -58.09
C HIS E 274 18.03 6.89 -57.74
N HIS E 275 16.82 6.81 -57.21
CA HIS E 275 16.05 8.02 -56.94
C HIS E 275 14.88 7.84 -55.97
N SER E 276 14.20 8.96 -55.72
CA SER E 276 12.95 8.99 -54.96
C SER E 276 12.27 10.33 -55.21
N ILE E 277 10.94 10.34 -55.23
CA ILE E 277 10.19 11.55 -55.52
C ILE E 277 9.23 11.89 -54.37
N VAL E 278 9.29 13.13 -53.91
CA VAL E 278 8.45 13.56 -52.79
C VAL E 278 8.20 15.07 -52.82
N GLU E 279 7.01 15.48 -52.40
CA GLU E 279 6.67 16.90 -52.33
C GLU E 279 6.92 17.44 -50.92
N PHE E 280 7.71 18.50 -50.84
CA PHE E 280 8.02 19.11 -49.55
C PHE E 280 7.81 20.61 -49.55
N LYS E 281 6.93 21.07 -48.66
CA LYS E 281 6.61 22.49 -48.51
C LYS E 281 6.10 23.16 -49.79
N GLY E 282 5.41 22.38 -50.64
CA GLY E 282 4.79 22.92 -51.82
C GLY E 282 5.52 22.66 -53.12
N LYS E 283 6.73 22.13 -53.03
CA LYS E 283 7.53 21.83 -54.23
C LYS E 283 7.88 20.35 -54.32
N TRP E 284 7.96 19.85 -55.55
CA TRP E 284 8.35 18.46 -55.79
C TRP E 284 9.84 18.37 -56.12
N TYR E 285 10.51 17.41 -55.50
CA TYR E 285 11.95 17.24 -55.71
C TYR E 285 12.32 15.83 -56.17
N LEU E 286 13.35 15.74 -57.01
CA LEU E 286 13.87 14.45 -57.43
C LEU E 286 15.21 14.19 -56.76
N PHE E 287 15.20 13.43 -55.68
CA PHE E 287 16.43 13.07 -54.99
C PHE E 287 17.09 11.91 -55.72
N HIS E 288 18.38 12.07 -56.03
CA HIS E 288 19.13 11.05 -56.74
C HIS E 288 20.62 11.20 -56.46
N HIS E 289 21.46 10.63 -57.32
CA HIS E 289 22.90 10.70 -57.12
C HIS E 289 23.70 10.57 -58.42
N ASP E 290 24.99 10.90 -58.32
CA ASP E 290 25.94 10.65 -59.40
C ASP E 290 27.35 10.52 -58.84
N CYS E 291 28.35 10.48 -59.72
CA CYS E 291 29.73 10.25 -59.30
C CYS E 291 30.66 11.39 -59.69
N VAL E 292 30.21 12.63 -59.55
CA VAL E 292 31.06 13.79 -59.82
C VAL E 292 32.17 14.00 -58.78
N PRO E 293 31.83 14.00 -57.47
CA PRO E 293 32.90 14.20 -56.50
C PRO E 293 33.93 13.06 -56.50
N SER E 294 33.48 11.84 -56.79
CA SER E 294 34.38 10.69 -56.83
C SER E 294 35.08 10.59 -58.17
N LYS E 295 34.77 11.51 -59.08
CA LYS E 295 35.39 11.60 -60.39
C LYS E 295 35.22 10.34 -61.23
N GLY E 296 34.00 9.81 -61.27
CA GLY E 296 33.68 8.69 -62.13
C GLY E 296 33.86 7.32 -61.50
N LYS E 297 33.76 7.24 -60.19
CA LYS E 297 33.81 5.96 -59.49
C LYS E 297 32.42 5.50 -59.10
N THR E 298 31.91 4.53 -59.85
CA THR E 298 30.53 4.06 -59.72
C THR E 298 30.14 3.65 -58.31
N TRP E 299 31.03 2.96 -57.60
CA TRP E 299 30.71 2.46 -56.26
C TRP E 299 30.86 3.53 -55.18
N LEU E 300 31.28 4.72 -55.57
CA LEU E 300 31.36 5.85 -54.65
C LEU E 300 30.46 6.99 -55.12
N ARG E 301 29.21 6.98 -54.66
CA ARG E 301 28.21 7.93 -55.14
C ARG E 301 27.88 8.99 -54.08
N SER E 302 27.49 10.17 -54.55
CA SER E 302 27.06 11.24 -53.66
C SER E 302 25.64 11.66 -54.01
N LEU E 303 24.76 11.66 -53.02
CA LEU E 303 23.36 11.97 -53.27
C LEU E 303 23.13 13.46 -53.54
N LYS E 304 22.15 13.76 -54.37
CA LYS E 304 21.81 15.14 -54.71
C LYS E 304 20.31 15.30 -54.85
N VAL E 305 19.88 16.51 -55.15
CA VAL E 305 18.45 16.81 -55.29
C VAL E 305 18.17 17.85 -56.38
N ALA E 306 17.24 17.54 -57.26
CA ALA E 306 16.80 18.47 -58.29
C ALA E 306 15.30 18.71 -58.15
N GLU E 307 14.84 19.85 -58.64
CA GLU E 307 13.42 20.19 -58.56
C GLU E 307 12.63 19.55 -59.68
N LEU E 308 11.57 18.83 -59.31
CA LEU E 308 10.72 18.16 -60.30
C LEU E 308 9.45 18.98 -60.54
N LYS E 309 9.05 19.06 -61.80
CA LYS E 309 7.85 19.82 -62.18
C LYS E 309 7.00 19.05 -63.18
N TYR E 310 5.68 19.21 -63.06
CA TYR E 310 4.73 18.48 -63.90
C TYR E 310 4.18 19.34 -65.03
N ASN E 311 3.76 18.68 -66.11
CA ASN E 311 3.00 19.32 -67.17
C ASN E 311 1.52 19.16 -66.89
N PRO E 312 0.68 20.08 -67.39
CA PRO E 312 -0.77 20.07 -67.12
C PRO E 312 -1.45 18.72 -67.39
N ASP E 313 -0.92 17.94 -68.33
CA ASP E 313 -1.51 16.64 -68.64
C ASP E 313 -1.08 15.57 -67.63
N GLY E 314 -0.24 15.96 -66.69
CA GLY E 314 0.21 15.05 -65.64
C GLY E 314 1.56 14.43 -65.92
N SER E 315 2.12 14.71 -67.09
CA SER E 315 3.41 14.17 -67.46
C SER E 315 4.53 14.89 -66.70
N ILE E 316 5.69 14.24 -66.61
CA ILE E 316 6.82 14.80 -65.86
C ILE E 316 7.87 15.40 -66.80
N GLN E 317 8.24 16.65 -66.55
CA GLN E 317 9.27 17.31 -67.34
C GLN E 317 10.62 16.64 -67.11
N PRO E 318 11.22 16.11 -68.18
CA PRO E 318 12.49 15.36 -68.10
C PRO E 318 13.64 16.20 -67.52
N ILE E 319 14.31 15.65 -66.52
CA ILE E 319 15.43 16.33 -65.89
C ILE E 319 16.75 15.80 -66.45
N LYS E 320 17.56 16.70 -67.02
CA LYS E 320 18.82 16.29 -67.63
C LYS E 320 19.86 15.88 -66.59
N GLY E 321 20.46 14.71 -66.80
CA GLY E 321 21.49 14.21 -65.91
C GLY E 321 22.83 14.88 -66.15
N THR E 322 23.85 14.43 -65.45
CA THR E 322 25.18 15.04 -65.53
C THR E 322 25.84 14.74 -66.88
N ALA E 323 25.83 13.47 -67.27
CA ALA E 323 26.44 13.05 -68.53
C ALA E 323 25.62 13.50 -69.74
N MET F 1 16.34 -61.32 -35.62
CA MET F 1 15.33 -61.73 -36.59
C MET F 1 15.96 -62.31 -37.85
N LYS F 2 15.23 -63.16 -38.55
CA LYS F 2 15.74 -63.82 -39.74
C LYS F 2 15.28 -63.15 -41.03
N GLU F 3 14.02 -62.72 -41.06
CA GLU F 3 13.46 -62.02 -42.22
C GLU F 3 13.03 -60.61 -41.86
N PRO F 4 13.21 -59.66 -42.80
CA PRO F 4 12.83 -58.25 -42.61
C PRO F 4 11.37 -58.10 -42.21
N ARG F 5 11.10 -57.28 -41.20
CA ARG F 5 9.75 -57.09 -40.69
C ARG F 5 9.16 -55.74 -41.08
N TYR F 6 7.98 -55.76 -41.68
CA TYR F 6 7.22 -54.54 -41.93
C TYR F 6 6.48 -54.15 -40.66
N LEU F 7 6.54 -52.87 -40.29
CA LEU F 7 6.01 -52.43 -39.00
C LEU F 7 4.62 -51.79 -39.09
N VAL F 8 4.42 -50.93 -40.08
CA VAL F 8 3.14 -50.24 -40.24
C VAL F 8 2.48 -50.59 -41.57
N PRO F 9 1.68 -51.67 -41.59
CA PRO F 9 1.00 -52.11 -42.81
C PRO F 9 -0.17 -51.20 -43.19
N GLY F 10 -0.76 -50.56 -42.19
CA GLY F 10 -1.94 -49.73 -42.41
C GLY F 10 -1.71 -48.48 -43.24
N ASP F 11 -0.57 -47.82 -43.00
CA ASP F 11 -0.28 -46.57 -43.68
C ASP F 11 1.04 -46.67 -44.46
N TYR F 12 1.44 -45.55 -45.06
CA TYR F 12 2.70 -45.50 -45.80
C TYR F 12 3.69 -44.56 -45.14
N MET F 13 4.71 -45.14 -44.51
CA MET F 13 5.72 -44.35 -43.80
C MET F 13 7.11 -44.66 -44.34
N ALA F 14 7.90 -43.62 -44.57
CA ALA F 14 9.23 -43.78 -45.16
C ALA F 14 10.27 -42.92 -44.45
N ASP F 15 11.52 -43.07 -44.89
CA ASP F 15 12.64 -42.33 -44.32
C ASP F 15 12.71 -42.44 -42.79
N PRO F 16 12.86 -43.67 -42.27
CA PRO F 16 12.79 -43.85 -40.82
C PRO F 16 14.04 -43.39 -40.10
N ALA F 17 13.85 -42.63 -39.03
CA ALA F 17 14.95 -42.22 -38.16
C ALA F 17 14.69 -42.75 -36.75
N ALA F 18 15.43 -43.77 -36.35
CA ALA F 18 15.19 -44.45 -35.08
C ALA F 18 16.16 -44.04 -33.97
N HIS F 19 15.61 -43.84 -32.78
CA HIS F 19 16.41 -43.49 -31.60
C HIS F 19 15.93 -44.25 -30.37
N VAL F 20 16.80 -44.34 -29.37
CA VAL F 20 16.43 -45.00 -28.12
C VAL F 20 16.24 -43.97 -27.00
N PHE F 21 15.00 -43.60 -26.76
CA PHE F 21 14.68 -42.62 -25.73
C PHE F 21 13.92 -43.29 -24.57
N ASN F 22 14.46 -43.13 -23.36
CA ASN F 22 13.89 -43.75 -22.17
C ASN F 22 13.75 -45.26 -22.30
N ASP F 23 14.78 -45.89 -22.88
CA ASP F 23 14.81 -47.34 -23.09
C ASP F 23 13.70 -47.87 -24.00
N LYS F 24 12.94 -46.96 -24.60
CA LYS F 24 11.98 -47.32 -25.64
C LYS F 24 12.58 -46.95 -26.99
N LEU F 25 12.11 -47.62 -28.04
CA LEU F 25 12.62 -47.35 -29.38
C LEU F 25 11.66 -46.48 -30.18
N TYR F 26 12.02 -45.21 -30.35
CA TYR F 26 11.18 -44.28 -31.09
C TYR F 26 11.64 -44.11 -32.54
N ILE F 27 10.66 -44.06 -33.45
CA ILE F 27 10.95 -43.94 -34.88
C ILE F 27 10.32 -42.67 -35.43
N TYR F 28 11.09 -41.90 -36.20
CA TYR F 28 10.61 -40.65 -36.79
C TYR F 28 10.71 -40.69 -38.31
N PRO F 29 9.69 -41.27 -38.97
CA PRO F 29 9.68 -41.42 -40.42
C PRO F 29 8.93 -40.30 -41.12
N SER F 30 8.92 -40.33 -42.45
CA SER F 30 8.11 -39.41 -43.24
C SER F 30 6.76 -40.06 -43.50
N HIS F 31 5.76 -39.27 -43.88
CA HIS F 31 4.42 -39.79 -44.09
C HIS F 31 3.99 -39.64 -45.55
N ASP F 32 4.18 -40.71 -46.33
CA ASP F 32 3.73 -40.74 -47.71
C ASP F 32 2.21 -40.82 -47.78
N TRP F 33 1.62 -40.04 -48.67
CA TRP F 33 0.18 -40.03 -48.87
C TRP F 33 -0.12 -39.74 -50.34
N GLU F 34 -1.24 -40.25 -50.82
CA GLU F 34 -1.59 -40.08 -52.23
C GLU F 34 -2.14 -38.69 -52.52
N SER F 35 -1.24 -37.78 -52.90
CA SER F 35 -1.64 -36.49 -53.43
C SER F 35 -1.91 -36.69 -54.91
N GLY F 36 -2.84 -35.91 -55.46
CA GLY F 36 -3.22 -36.08 -56.86
C GLY F 36 -2.19 -35.56 -57.84
N ILE F 37 -1.01 -35.23 -57.35
CA ILE F 37 0.06 -34.70 -58.18
C ILE F 37 0.80 -35.83 -58.90
N PRO F 38 0.79 -35.81 -60.23
CA PRO F 38 1.50 -36.81 -61.04
C PRO F 38 3.01 -36.67 -60.87
N GLU F 39 3.74 -37.76 -61.08
CA GLU F 39 5.18 -37.77 -60.85
C GLU F 39 5.96 -37.01 -61.93
N ASN F 40 7.07 -36.41 -61.52
CA ASN F 40 7.98 -35.74 -62.45
C ASN F 40 9.38 -35.60 -61.84
N ASP F 41 10.34 -35.18 -62.66
CA ASP F 41 11.75 -35.18 -62.27
C ASP F 41 12.10 -34.24 -61.11
N ASN F 42 11.19 -33.30 -60.79
CA ASN F 42 11.42 -32.39 -59.67
C ASN F 42 10.88 -32.92 -58.35
N GLY F 43 10.21 -34.08 -58.42
CA GLY F 43 9.72 -34.75 -57.23
C GLY F 43 8.61 -34.02 -56.49
N ASP F 44 7.68 -33.44 -57.23
CA ASP F 44 6.54 -32.77 -56.61
C ASP F 44 5.57 -33.78 -56.00
N HIS F 45 5.61 -35.02 -56.49
CA HIS F 45 4.74 -36.08 -56.01
C HIS F 45 5.11 -36.53 -54.59
N PHE F 46 6.35 -36.25 -54.19
CA PHE F 46 6.75 -36.47 -52.80
C PHE F 46 6.26 -35.31 -51.95
N ASN F 47 4.95 -35.22 -51.79
CA ASN F 47 4.34 -34.07 -51.12
C ASN F 47 3.86 -34.41 -49.71
N MET F 48 4.76 -34.91 -48.87
CA MET F 48 4.42 -35.21 -47.49
C MET F 48 4.06 -33.93 -46.76
N LYS F 49 3.11 -34.02 -45.82
CA LYS F 49 2.59 -32.82 -45.16
C LYS F 49 2.54 -32.94 -43.64
N ASP F 50 2.77 -34.13 -43.10
CA ASP F 50 2.75 -34.30 -41.65
C ASP F 50 3.77 -35.32 -41.13
N TYR F 51 3.93 -35.35 -39.82
CA TYR F 51 4.85 -36.28 -39.17
C TYR F 51 4.14 -37.14 -38.13
N HIS F 52 4.41 -38.44 -38.18
CA HIS F 52 3.96 -39.36 -37.14
C HIS F 52 5.17 -39.89 -36.38
N VAL F 53 4.95 -40.28 -35.13
CA VAL F 53 6.00 -40.94 -34.36
C VAL F 53 5.54 -42.33 -33.94
N PHE F 54 6.39 -43.33 -34.16
CA PHE F 54 6.08 -44.69 -33.78
C PHE F 54 7.05 -45.20 -32.73
N SER F 55 6.56 -46.08 -31.86
CA SER F 55 7.39 -46.62 -30.79
C SER F 55 7.07 -48.08 -30.53
N MET F 56 8.02 -48.80 -29.93
CA MET F 56 7.84 -50.21 -29.60
C MET F 56 8.81 -50.68 -28.52
N ASP F 57 8.33 -51.58 -27.66
CA ASP F 57 9.15 -52.14 -26.60
C ASP F 57 10.02 -53.27 -27.14
N ASP F 58 9.45 -54.08 -28.01
CA ASP F 58 10.18 -55.14 -28.69
C ASP F 58 10.13 -54.90 -30.20
N VAL F 59 11.21 -55.24 -30.89
CA VAL F 59 11.31 -54.97 -32.32
C VAL F 59 10.87 -56.17 -33.16
N GLU F 60 11.26 -57.37 -32.75
CA GLU F 60 10.91 -58.59 -33.47
C GLU F 60 9.41 -58.89 -33.38
N GLN F 61 8.92 -59.11 -32.16
CA GLN F 61 7.54 -59.53 -31.96
C GLN F 61 6.71 -58.52 -31.17
N GLY F 62 7.28 -57.33 -30.95
CA GLY F 62 6.58 -56.29 -30.20
C GLY F 62 5.66 -55.44 -31.06
N GLU F 63 4.59 -54.94 -30.46
CA GLU F 63 3.63 -54.12 -31.17
C GLU F 63 4.19 -52.73 -31.46
N VAL F 64 3.75 -52.16 -32.58
CA VAL F 64 4.20 -50.83 -32.97
C VAL F 64 3.14 -49.79 -32.64
N THR F 65 3.40 -49.00 -31.60
CA THR F 65 2.43 -48.02 -31.12
C THR F 65 2.48 -46.71 -31.90
N ASP F 66 1.33 -46.27 -32.40
CA ASP F 66 1.23 -45.00 -33.09
C ASP F 66 0.82 -43.91 -32.10
N HIS F 67 1.38 -42.72 -32.28
CA HIS F 67 1.06 -41.60 -31.40
C HIS F 67 0.34 -40.50 -32.17
N GLY F 68 0.07 -40.75 -33.44
CA GLY F 68 -0.64 -39.80 -34.27
C GLY F 68 0.25 -38.70 -34.83
N VAL F 69 -0.38 -37.64 -35.34
CA VAL F 69 0.34 -36.52 -35.91
C VAL F 69 0.99 -35.68 -34.81
N VAL F 70 2.26 -35.34 -35.00
CA VAL F 70 2.97 -34.52 -34.03
C VAL F 70 3.44 -33.20 -34.64
N LEU F 71 3.44 -33.13 -35.97
CA LEU F 71 3.83 -31.93 -36.69
C LEU F 71 3.28 -31.96 -38.12
N ARG F 72 2.73 -30.84 -38.56
CA ARG F 72 2.22 -30.72 -39.92
C ARG F 72 2.51 -29.34 -40.52
N THR F 73 2.45 -29.25 -41.83
CA THR F 73 2.84 -28.03 -42.55
C THR F 73 1.99 -26.81 -42.22
N GLU F 74 0.70 -27.01 -42.00
CA GLU F 74 -0.20 -25.89 -41.73
C GLU F 74 -0.05 -25.32 -40.32
N ASP F 75 0.80 -25.96 -39.51
CA ASP F 75 1.08 -25.46 -38.17
C ASP F 75 2.45 -24.79 -38.11
N ILE F 76 3.17 -24.85 -39.21
CA ILE F 76 4.49 -24.21 -39.31
C ILE F 76 4.34 -22.82 -39.94
N PRO F 77 4.77 -21.78 -39.21
CA PRO F 77 4.63 -20.37 -39.63
C PRO F 77 5.27 -20.06 -40.99
N TRP F 78 6.50 -20.51 -41.20
CA TRP F 78 7.23 -20.19 -42.41
C TRP F 78 7.05 -21.24 -43.50
N ALA F 79 6.07 -22.12 -43.31
CA ALA F 79 5.91 -23.28 -44.18
C ALA F 79 5.59 -22.93 -45.63
N GLY F 80 6.28 -23.63 -46.53
CA GLY F 80 5.93 -23.63 -47.94
C GLY F 80 5.28 -24.96 -48.26
N ARG F 81 6.11 -25.98 -48.51
CA ARG F 81 5.61 -27.31 -48.84
C ARG F 81 6.68 -28.39 -48.71
N GLN F 82 6.23 -29.64 -48.68
CA GLN F 82 7.10 -30.82 -48.71
C GLN F 82 7.97 -31.03 -47.47
N LEU F 83 7.43 -31.76 -46.49
CA LEU F 83 8.17 -32.16 -45.31
C LEU F 83 8.89 -33.48 -45.56
N TRP F 84 10.19 -33.42 -45.77
CA TRP F 84 10.95 -34.63 -46.08
C TRP F 84 11.65 -35.19 -44.84
N ASP F 85 12.62 -36.07 -45.04
CA ASP F 85 13.26 -36.80 -43.93
C ASP F 85 13.78 -35.92 -42.80
N SER F 86 13.25 -36.12 -41.60
CA SER F 86 13.66 -35.36 -40.43
C SER F 86 14.45 -36.24 -39.43
N ASP F 87 14.95 -35.60 -38.37
CA ASP F 87 15.66 -36.32 -37.32
C ASP F 87 15.49 -35.59 -35.98
N VAL F 88 15.60 -36.34 -34.89
CA VAL F 88 15.37 -35.80 -33.55
C VAL F 88 16.58 -36.05 -32.63
N ALA F 89 16.90 -35.06 -31.80
CA ALA F 89 17.98 -35.20 -30.83
C ALA F 89 17.50 -34.81 -29.43
N PHE F 90 18.09 -35.42 -28.41
CA PHE F 90 17.73 -35.13 -27.02
C PHE F 90 18.79 -34.29 -26.34
N ARG F 91 18.40 -33.12 -25.84
CA ARG F 91 19.33 -32.22 -25.17
C ARG F 91 18.59 -31.25 -24.26
N ASN F 92 19.20 -30.94 -23.11
CA ASN F 92 18.64 -29.98 -22.16
C ASN F 92 17.28 -30.39 -21.63
N GLY F 93 17.00 -31.69 -21.62
CA GLY F 93 15.72 -32.20 -21.15
C GLY F 93 14.60 -31.96 -22.13
N LYS F 94 14.95 -31.65 -23.38
CA LYS F 94 13.97 -31.39 -24.43
C LYS F 94 14.25 -32.25 -25.66
N TYR F 95 13.26 -32.32 -26.55
CA TYR F 95 13.41 -33.06 -27.80
C TYR F 95 13.38 -32.11 -29.00
N TYR F 96 14.48 -32.07 -29.73
CA TYR F 96 14.62 -31.14 -30.86
C TYR F 96 14.49 -31.87 -32.20
N MET F 97 13.33 -31.72 -32.84
CA MET F 97 13.09 -32.31 -34.15
C MET F 97 13.55 -31.36 -35.25
N TYR F 98 14.37 -31.87 -36.16
CA TYR F 98 14.90 -31.07 -37.26
C TYR F 98 14.30 -31.51 -38.60
N PHE F 99 13.37 -30.71 -39.11
CA PHE F 99 12.68 -31.04 -40.34
C PHE F 99 13.17 -30.20 -41.52
N PRO F 100 13.25 -30.81 -42.71
CA PRO F 100 13.51 -30.08 -43.95
C PRO F 100 12.20 -29.64 -44.58
N LEU F 101 12.20 -28.48 -45.22
CA LEU F 101 10.98 -27.92 -45.77
C LEU F 101 11.29 -26.77 -46.71
N LYS F 102 10.72 -26.81 -47.91
CA LYS F 102 10.83 -25.69 -48.82
C LYS F 102 10.10 -24.48 -48.23
N ASP F 103 10.76 -23.33 -48.22
CA ASP F 103 10.12 -22.11 -47.72
C ASP F 103 9.08 -21.59 -48.71
N GLN F 104 8.66 -20.33 -48.51
CA GLN F 104 7.67 -19.72 -49.38
C GLN F 104 8.29 -19.30 -50.72
N ASN F 105 9.58 -19.61 -50.90
CA ASN F 105 10.26 -19.36 -52.16
C ASN F 105 10.72 -20.67 -52.80
N ASP F 106 10.16 -21.78 -52.31
CA ASP F 106 10.53 -23.12 -52.76
C ASP F 106 12.03 -23.43 -52.58
N ILE F 107 12.63 -22.80 -51.58
CA ILE F 107 14.01 -23.10 -51.22
C ILE F 107 14.04 -23.96 -49.96
N PHE F 108 14.67 -25.13 -50.06
CA PHE F 108 14.75 -26.04 -48.92
C PHE F 108 15.49 -25.44 -47.75
N ARG F 109 14.81 -25.35 -46.61
CA ARG F 109 15.40 -24.88 -45.37
C ARG F 109 15.20 -25.93 -44.28
N ILE F 110 15.87 -25.74 -43.15
CA ILE F 110 15.74 -26.67 -42.04
C ILE F 110 15.22 -25.95 -40.79
N GLY F 111 14.13 -26.46 -40.23
CA GLY F 111 13.52 -25.84 -39.07
C GLY F 111 13.63 -26.69 -37.82
N VAL F 112 13.31 -26.08 -36.67
CA VAL F 112 13.41 -26.78 -35.40
C VAL F 112 12.04 -26.89 -34.71
N ALA F 113 11.65 -28.11 -34.37
CA ALA F 113 10.41 -28.34 -33.62
C ALA F 113 10.75 -28.89 -32.24
N ILE F 114 10.10 -28.36 -31.22
CA ILE F 114 10.44 -28.69 -29.84
C ILE F 114 9.31 -29.37 -29.08
N SER F 115 9.64 -30.44 -28.36
CA SER F 115 8.69 -31.13 -27.50
C SER F 115 9.36 -31.56 -26.20
N ASP F 116 8.55 -31.81 -25.18
CA ASP F 116 9.06 -32.30 -23.89
C ASP F 116 9.19 -33.81 -23.92
N ARG F 117 8.35 -34.45 -24.73
CA ARG F 117 8.32 -35.91 -24.82
C ARG F 117 8.75 -36.35 -26.21
N PRO F 118 9.31 -37.57 -26.32
CA PRO F 118 9.77 -38.07 -27.63
C PRO F 118 8.61 -38.37 -28.57
N GLU F 119 7.40 -38.46 -28.04
CA GLU F 119 6.23 -38.75 -28.85
C GLU F 119 5.21 -37.62 -28.81
N GLY F 120 5.40 -36.69 -27.88
CA GLY F 120 4.50 -35.57 -27.71
C GLY F 120 4.49 -34.63 -28.90
N PRO F 121 3.52 -33.71 -28.94
CA PRO F 121 3.39 -32.76 -30.05
C PRO F 121 4.59 -31.82 -30.13
N PHE F 122 5.13 -31.65 -31.33
CA PHE F 122 6.29 -30.79 -31.53
C PHE F 122 5.87 -29.39 -32.00
N ILE F 123 6.36 -28.37 -31.31
CA ILE F 123 6.04 -26.99 -31.66
C ILE F 123 7.22 -26.31 -32.36
N PRO F 124 7.04 -25.96 -33.64
CA PRO F 124 8.11 -25.41 -34.47
C PRO F 124 8.40 -23.94 -34.17
N GLN F 125 9.60 -23.49 -34.54
CA GLN F 125 9.96 -22.09 -34.41
C GLN F 125 9.23 -21.27 -35.47
N GLU F 126 9.23 -19.95 -35.30
CA GLU F 126 8.56 -19.07 -36.25
C GLU F 126 9.28 -19.06 -37.61
N ASN F 127 10.60 -19.11 -37.56
CA ASN F 127 11.42 -19.05 -38.77
C ASN F 127 12.47 -20.15 -38.80
N PRO F 128 12.95 -20.53 -40.00
CA PRO F 128 13.93 -21.61 -40.10
C PRO F 128 15.31 -21.22 -39.56
N ILE F 129 16.23 -22.18 -39.56
CA ILE F 129 17.59 -21.95 -39.08
C ILE F 129 18.36 -21.06 -40.05
N LYS F 130 19.06 -20.06 -39.52
CA LYS F 130 19.83 -19.14 -40.34
C LYS F 130 20.98 -19.85 -41.04
N GLY F 131 21.11 -19.66 -42.34
CA GLY F 131 22.17 -20.26 -43.13
C GLY F 131 21.91 -21.70 -43.52
N SER F 132 20.76 -22.23 -43.12
CA SER F 132 20.42 -23.61 -43.44
C SER F 132 19.97 -23.75 -44.89
N TYR F 133 20.26 -24.91 -45.49
CA TYR F 133 19.85 -25.21 -46.85
C TYR F 133 19.81 -26.70 -47.09
N SER F 134 19.38 -27.10 -48.28
CA SER F 134 19.23 -28.51 -48.65
C SER F 134 18.31 -29.25 -47.68
N MET F 135 18.55 -30.54 -47.50
CA MET F 135 17.68 -31.36 -46.67
C MET F 135 18.37 -32.59 -46.08
N ASP F 136 17.57 -33.54 -45.60
CA ASP F 136 18.05 -34.76 -44.95
C ASP F 136 19.08 -34.52 -43.84
N PRO F 137 18.63 -33.92 -42.72
CA PRO F 137 19.54 -33.69 -41.59
C PRO F 137 19.67 -34.93 -40.70
N CYS F 138 20.88 -35.14 -40.18
CA CYS F 138 21.12 -36.20 -39.22
C CYS F 138 21.86 -35.63 -38.01
N ILE F 139 21.19 -35.63 -36.86
CA ILE F 139 21.77 -35.03 -35.66
C ILE F 139 22.51 -36.06 -34.81
N TRP F 140 23.84 -35.96 -34.80
CA TRP F 140 24.66 -36.91 -34.07
C TRP F 140 25.24 -36.34 -32.77
N PRO F 141 24.79 -36.88 -31.63
CA PRO F 141 25.34 -36.52 -30.32
C PRO F 141 26.67 -37.21 -30.10
N ASP F 142 27.77 -36.46 -30.18
CA ASP F 142 29.11 -37.03 -30.10
C ASP F 142 29.55 -37.27 -28.67
N LYS F 143 30.66 -37.99 -28.50
CA LYS F 143 31.22 -38.29 -27.19
C LYS F 143 31.89 -37.06 -26.57
N ASP F 144 32.08 -36.01 -27.37
CA ASP F 144 32.67 -34.77 -26.87
C ASP F 144 31.61 -33.84 -26.29
N GLY F 145 30.36 -34.28 -26.33
CA GLY F 145 29.26 -33.51 -25.77
C GLY F 145 28.67 -32.50 -26.73
N GLU F 146 29.15 -32.51 -27.97
CA GLU F 146 28.68 -31.57 -28.97
C GLU F 146 27.83 -32.26 -30.03
N TYR F 147 26.66 -31.69 -30.31
CA TYR F 147 25.74 -32.25 -31.29
C TYR F 147 26.06 -31.72 -32.69
N TYR F 148 26.06 -32.61 -33.67
CA TYR F 148 26.38 -32.24 -35.05
C TYR F 148 25.25 -32.57 -36.01
N MET F 149 25.08 -31.74 -37.03
CA MET F 149 24.09 -32.01 -38.07
C MET F 149 24.75 -32.46 -39.36
N TYR F 150 24.23 -33.52 -39.96
CA TYR F 150 24.73 -34.02 -41.24
C TYR F 150 23.63 -33.93 -42.29
N PHE F 151 23.79 -33.03 -43.25
CA PHE F 151 22.73 -32.78 -44.19
C PHE F 151 23.20 -32.73 -45.63
N GLY F 152 22.25 -32.95 -46.56
CA GLY F 152 22.49 -32.73 -47.96
C GLY F 152 21.77 -33.70 -48.87
N GLY F 153 21.32 -33.19 -50.00
CA GLY F 153 20.68 -34.01 -51.01
C GLY F 153 20.98 -33.54 -52.41
N LEU F 154 21.17 -34.47 -53.32
CA LEU F 154 21.36 -34.19 -54.72
C LEU F 154 20.04 -33.97 -55.46
N TRP F 155 20.12 -33.27 -56.59
CA TRP F 155 18.97 -33.10 -57.47
C TRP F 155 17.81 -32.37 -56.80
N GLY F 156 16.84 -33.14 -56.31
CA GLY F 156 15.67 -32.56 -55.67
C GLY F 156 15.99 -31.90 -54.33
N GLY F 157 17.16 -32.19 -53.80
CA GLY F 157 17.58 -31.63 -52.52
C GLY F 157 18.30 -30.31 -52.63
N GLN F 158 18.45 -29.83 -53.86
CA GLN F 158 18.99 -28.49 -54.13
C GLN F 158 20.44 -28.28 -53.66
N LEU F 159 21.18 -29.36 -53.43
CA LEU F 159 22.56 -29.25 -52.95
C LEU F 159 23.48 -28.63 -54.00
N GLN F 160 23.22 -28.93 -55.26
CA GLN F 160 24.05 -28.44 -56.37
C GLN F 160 23.87 -26.94 -56.62
N ARG F 161 22.92 -26.33 -55.94
CA ARG F 161 22.70 -24.89 -56.06
C ARG F 161 23.67 -24.12 -55.18
N TYR F 162 24.44 -24.84 -54.37
CA TYR F 162 25.32 -24.20 -53.41
C TYR F 162 26.77 -24.65 -53.53
N ARG F 163 27.70 -23.71 -53.36
CA ARG F 163 29.11 -24.01 -53.20
C ARG F 163 29.60 -23.23 -51.99
N ASN F 164 30.16 -23.95 -51.01
CA ASN F 164 30.58 -23.35 -49.74
C ASN F 164 29.44 -22.60 -49.07
N ASN F 165 28.27 -23.24 -49.05
CA ASN F 165 27.06 -22.70 -48.42
C ASN F 165 26.49 -21.45 -49.09
N LYS F 166 27.08 -21.07 -50.22
CA LYS F 166 26.62 -19.88 -50.94
C LYS F 166 25.88 -20.28 -52.21
N ALA F 167 24.69 -19.73 -52.40
CA ALA F 167 23.85 -20.06 -53.55
C ALA F 167 24.47 -19.55 -54.85
N LEU F 168 24.53 -20.42 -55.85
CA LEU F 168 25.07 -20.07 -57.15
C LEU F 168 24.00 -19.39 -58.00
N GLU F 169 24.43 -18.69 -59.05
CA GLU F 169 23.51 -18.08 -59.98
C GLU F 169 22.77 -19.18 -60.76
N CYS F 170 23.54 -20.17 -61.21
CA CYS F 170 22.98 -21.34 -61.87
C CYS F 170 23.52 -22.60 -61.20
N ALA F 171 22.62 -23.54 -60.91
CA ALA F 171 23.00 -24.80 -60.27
C ALA F 171 24.03 -25.56 -61.12
N LEU F 172 24.99 -26.18 -60.45
CA LEU F 172 26.06 -26.89 -61.16
C LEU F 172 26.30 -28.29 -60.59
N LEU F 173 26.14 -29.30 -61.44
CA LEU F 173 26.42 -30.67 -61.06
C LEU F 173 27.81 -31.08 -61.54
N PRO F 174 28.62 -31.66 -60.64
CA PRO F 174 29.93 -32.19 -61.04
C PRO F 174 29.74 -33.43 -61.90
N GLU F 175 30.69 -33.71 -62.79
CA GLU F 175 30.59 -34.87 -63.67
C GLU F 175 31.94 -35.53 -63.92
N GLY F 176 31.93 -36.85 -64.08
CA GLY F 176 33.12 -37.60 -64.43
C GLY F 176 34.22 -37.57 -63.38
N ASP F 177 35.41 -37.16 -63.81
CA ASP F 177 36.58 -37.12 -62.93
C ASP F 177 36.44 -36.12 -61.79
N GLU F 178 35.63 -35.09 -62.00
CA GLU F 178 35.42 -34.06 -60.98
C GLU F 178 34.89 -34.69 -59.70
N PRO F 179 35.39 -34.21 -58.55
CA PRO F 179 34.97 -34.77 -57.26
C PRO F 179 33.49 -34.55 -57.00
N ALA F 180 32.82 -35.57 -56.49
CA ALA F 180 31.40 -35.49 -56.21
C ALA F 180 31.14 -34.48 -55.09
N LEU F 181 29.94 -33.92 -55.08
CA LEU F 181 29.52 -33.02 -54.01
C LEU F 181 29.53 -33.78 -52.69
N CYS F 182 30.07 -33.14 -51.65
CA CYS F 182 30.18 -33.77 -50.34
C CYS F 182 29.01 -33.38 -49.45
N PRO F 183 28.54 -34.33 -48.63
CA PRO F 183 27.54 -34.01 -47.60
C PRO F 183 28.12 -33.01 -46.61
N LYS F 184 27.29 -32.14 -46.05
CA LYS F 184 27.78 -31.09 -45.18
C LYS F 184 27.65 -31.44 -43.71
N VAL F 185 28.59 -30.96 -42.91
CA VAL F 185 28.58 -31.17 -41.46
C VAL F 185 28.75 -29.84 -40.71
N VAL F 186 27.86 -29.59 -39.76
CA VAL F 186 27.92 -28.36 -38.98
C VAL F 186 27.60 -28.64 -37.51
N ARG F 187 28.31 -27.98 -36.61
CA ARG F 187 28.07 -28.12 -35.18
C ARG F 187 26.98 -27.17 -34.72
N LEU F 188 26.09 -27.65 -33.87
CA LEU F 188 25.00 -26.84 -33.33
C LEU F 188 25.41 -26.27 -31.97
N ARG F 189 24.83 -25.13 -31.60
CA ARG F 189 25.07 -24.55 -30.29
C ARG F 189 24.12 -25.17 -29.27
N GLU F 190 24.29 -24.84 -28.00
CA GLU F 190 23.59 -25.53 -26.92
C GLU F 190 22.06 -25.41 -26.96
N ASP F 191 21.54 -24.23 -27.26
CA ASP F 191 20.08 -24.06 -27.34
C ASP F 191 19.51 -24.83 -28.53
N MET F 192 20.39 -25.18 -29.45
CA MET F 192 20.05 -26.01 -30.61
C MET F 192 18.98 -25.37 -31.49
N LEU F 193 19.08 -24.05 -31.66
CA LEU F 193 18.15 -23.33 -32.53
C LEU F 193 18.86 -22.85 -33.79
N GLU F 194 20.16 -22.63 -33.68
CA GLU F 194 20.97 -22.15 -34.81
C GLU F 194 22.24 -22.97 -34.96
N PHE F 195 23.04 -22.63 -35.96
CA PHE F 195 24.35 -23.25 -36.13
C PHE F 195 25.35 -22.59 -35.19
N ALA F 196 26.32 -23.36 -34.71
CA ALA F 196 27.38 -22.82 -33.86
C ALA F 196 28.56 -22.38 -34.72
N GLU F 197 28.54 -22.79 -35.99
CA GLU F 197 29.60 -22.46 -36.92
C GLU F 197 29.09 -22.50 -38.35
N GLU F 198 30.02 -22.48 -39.31
CA GLU F 198 29.66 -22.56 -40.73
C GLU F 198 29.88 -23.98 -41.24
N PRO F 199 28.87 -24.52 -41.94
CA PRO F 199 28.92 -25.88 -42.49
C PRO F 199 30.13 -26.10 -43.41
N ARG F 200 30.63 -27.33 -43.43
CA ARG F 200 31.79 -27.67 -44.26
C ARG F 200 31.64 -29.06 -44.87
N ASP F 201 32.51 -29.38 -45.82
CA ASP F 201 32.47 -30.66 -46.51
C ASP F 201 32.82 -31.83 -45.58
N LEU F 202 31.95 -32.82 -45.56
CA LEU F 202 32.29 -34.10 -44.94
C LEU F 202 32.86 -34.99 -46.03
N MET F 203 34.16 -34.84 -46.27
CA MET F 203 34.84 -35.50 -47.38
C MET F 203 34.77 -37.02 -47.30
N ILE F 204 34.24 -37.63 -48.35
CA ILE F 204 34.18 -39.09 -48.45
C ILE F 204 35.23 -39.60 -49.43
N LEU F 205 36.24 -40.29 -48.91
CA LEU F 205 37.37 -40.72 -49.72
C LEU F 205 37.22 -42.16 -50.21
N ASP F 206 38.07 -42.55 -51.15
CA ASP F 206 38.14 -43.93 -51.58
C ASP F 206 39.19 -44.70 -50.77
N GLU F 207 39.67 -45.79 -51.33
CA GLU F 207 40.68 -46.60 -50.67
C GLU F 207 42.07 -45.95 -50.74
N LYS F 208 42.29 -45.19 -51.81
CA LYS F 208 43.59 -44.54 -52.02
C LYS F 208 43.64 -43.17 -51.35
N GLY F 209 42.55 -42.78 -50.71
CA GLY F 209 42.49 -41.50 -50.01
C GLY F 209 42.03 -40.36 -50.88
N LYS F 210 41.59 -40.67 -52.09
CA LYS F 210 41.10 -39.65 -53.02
C LYS F 210 39.60 -39.47 -52.86
N LEU F 211 39.13 -38.23 -53.03
CA LEU F 211 37.69 -37.94 -53.00
C LEU F 211 36.96 -38.70 -54.09
N LEU F 212 35.72 -39.10 -53.79
CA LEU F 212 34.92 -39.84 -54.76
C LEU F 212 34.54 -38.94 -55.93
N SER F 213 34.84 -39.41 -57.14
CA SER F 213 34.50 -38.67 -58.34
C SER F 213 32.99 -38.65 -58.55
N ALA F 214 32.52 -37.69 -59.33
CA ALA F 214 31.08 -37.55 -59.58
C ALA F 214 30.55 -38.69 -60.45
N GLY F 215 31.41 -39.26 -61.27
CA GLY F 215 31.04 -40.36 -62.14
C GLY F 215 30.86 -41.65 -61.38
N ASP F 216 31.54 -41.77 -60.24
CA ASP F 216 31.45 -42.96 -59.40
C ASP F 216 30.09 -43.03 -58.73
N THR F 217 29.04 -43.27 -59.52
CA THR F 217 27.67 -43.21 -59.02
C THR F 217 27.28 -44.38 -58.12
N LYS F 218 28.19 -45.33 -57.93
CA LYS F 218 27.91 -46.48 -57.07
C LYS F 218 28.40 -46.27 -55.63
N ARG F 219 29.13 -45.19 -55.40
CA ARG F 219 29.72 -44.94 -54.08
C ARG F 219 29.55 -43.48 -53.61
N ARG F 220 29.46 -42.55 -54.55
CA ARG F 220 29.37 -41.13 -54.19
C ARG F 220 28.08 -40.80 -53.45
N PHE F 221 28.12 -39.74 -52.65
CA PHE F 221 26.98 -39.34 -51.84
C PHE F 221 25.82 -38.79 -52.67
N PHE F 222 24.60 -39.10 -52.25
CA PHE F 222 23.41 -38.57 -52.89
C PHE F 222 22.48 -37.97 -51.85
N GLU F 223 22.10 -38.78 -50.85
CA GLU F 223 21.21 -38.33 -49.80
C GLU F 223 21.23 -39.29 -48.60
N ALA F 224 20.33 -39.06 -47.65
CA ALA F 224 20.13 -39.96 -46.52
C ALA F 224 21.36 -40.12 -45.62
N SER F 225 21.92 -39.01 -45.15
CA SER F 225 23.05 -39.05 -44.24
C SER F 225 22.67 -39.68 -42.91
N TRP F 226 23.56 -40.53 -42.39
CA TRP F 226 23.36 -41.11 -41.07
C TRP F 226 24.69 -41.38 -40.37
N MET F 227 24.71 -41.18 -39.06
CA MET F 227 25.92 -41.37 -38.27
C MET F 227 25.63 -42.17 -37.00
N HIS F 228 26.48 -43.15 -36.72
CA HIS F 228 26.41 -43.88 -35.46
C HIS F 228 27.80 -44.35 -35.02
N TYR F 229 27.93 -44.73 -33.75
CA TYR F 229 29.22 -45.09 -33.19
C TYR F 229 29.22 -46.52 -32.67
N TYR F 230 30.10 -47.35 -33.22
CA TYR F 230 30.21 -48.74 -32.79
C TYR F 230 31.66 -49.19 -32.66
N ASN F 231 32.05 -49.57 -31.44
CA ASN F 231 33.34 -50.19 -31.17
C ASN F 231 34.57 -49.37 -31.58
N GLY F 232 34.62 -48.12 -31.15
CA GLY F 232 35.78 -47.28 -31.34
C GLY F 232 35.92 -46.63 -32.70
N LYS F 233 34.86 -46.67 -33.51
CA LYS F 233 34.91 -46.09 -34.84
C LYS F 233 33.57 -45.50 -35.28
N TYR F 234 33.63 -44.43 -36.06
CA TYR F 234 32.42 -43.77 -36.54
C TYR F 234 31.95 -44.36 -37.87
N TYR F 235 30.63 -44.42 -38.04
CA TYR F 235 30.04 -44.95 -39.26
C TYR F 235 29.16 -43.91 -39.95
N PHE F 236 29.59 -43.47 -41.14
CA PHE F 236 28.76 -42.57 -41.92
C PHE F 236 28.12 -43.32 -43.09
N SER F 237 26.84 -43.64 -42.93
CA SER F 237 26.11 -44.36 -43.97
C SER F 237 25.14 -43.43 -44.70
N TYR F 238 24.96 -43.67 -46.00
CA TYR F 238 24.19 -42.78 -46.86
C TYR F 238 23.59 -43.51 -48.08
N SER F 239 22.53 -42.95 -48.64
CA SER F 239 21.94 -43.44 -49.89
C SER F 239 22.77 -43.09 -51.11
N THR F 240 22.74 -43.95 -52.12
CA THR F 240 23.46 -43.73 -53.37
C THR F 240 22.59 -43.13 -54.49
N GLY F 241 21.33 -42.82 -54.17
CA GLY F 241 20.46 -42.26 -55.20
C GLY F 241 20.16 -43.20 -56.35
N ASP F 242 20.56 -42.81 -57.55
CA ASP F 242 20.19 -43.54 -58.76
C ASP F 242 20.70 -44.97 -58.71
N THR F 243 21.83 -45.17 -58.04
CA THR F 243 22.34 -46.52 -57.79
C THR F 243 21.37 -47.32 -56.91
N HIS F 244 20.72 -46.66 -55.96
CA HIS F 244 19.74 -47.31 -55.09
C HIS F 244 20.39 -48.07 -53.94
N LEU F 245 21.66 -47.81 -53.73
CA LEU F 245 22.45 -48.49 -52.71
C LEU F 245 22.54 -47.66 -51.44
N ILE F 246 22.78 -48.35 -50.32
CA ILE F 246 23.09 -47.67 -49.07
C ILE F 246 24.51 -48.03 -48.65
N CYS F 247 25.43 -47.09 -48.84
CA CYS F 247 26.84 -47.34 -48.56
C CYS F 247 27.27 -46.66 -47.25
N TYR F 248 28.30 -47.21 -46.62
CA TYR F 248 28.80 -46.67 -45.36
C TYR F 248 30.31 -46.40 -45.41
N ALA F 249 30.74 -45.37 -44.69
CA ALA F 249 32.15 -45.05 -44.60
C ALA F 249 32.57 -44.99 -43.12
N THR F 250 33.85 -45.19 -42.87
CA THR F 250 34.38 -45.18 -41.50
C THR F 250 35.30 -44.00 -41.23
N GLY F 251 35.31 -43.55 -39.98
CA GLY F 251 36.13 -42.42 -39.58
C GLY F 251 36.40 -42.43 -38.09
N ASP F 252 37.21 -41.47 -37.63
CA ASP F 252 37.61 -41.43 -36.22
C ASP F 252 37.14 -40.17 -35.51
N ASN F 253 36.50 -39.27 -36.24
CA ASN F 253 36.01 -38.01 -35.68
C ASN F 253 34.92 -37.39 -36.55
N PRO F 254 34.02 -36.60 -35.95
CA PRO F 254 32.88 -35.98 -36.63
C PRO F 254 33.22 -35.28 -37.95
N TYR F 255 34.30 -34.53 -37.97
CA TYR F 255 34.67 -33.75 -39.15
C TYR F 255 35.58 -34.54 -40.09
N GLY F 256 36.49 -35.31 -39.52
CA GLY F 256 37.52 -36.01 -40.26
C GLY F 256 37.04 -36.80 -41.46
N PRO F 257 37.88 -36.89 -42.49
CA PRO F 257 37.57 -37.57 -43.76
C PRO F 257 37.15 -39.02 -43.55
N PHE F 258 36.05 -39.42 -44.17
CA PHE F 258 35.58 -40.79 -44.07
C PHE F 258 36.04 -41.63 -45.25
N THR F 259 36.37 -42.89 -44.99
CA THR F 259 36.83 -43.80 -46.03
C THR F 259 35.74 -44.81 -46.38
N TYR F 260 35.42 -44.90 -47.66
CA TYR F 260 34.40 -45.86 -48.14
C TYR F 260 34.79 -47.29 -47.76
N ARG F 261 33.80 -48.06 -47.32
CA ARG F 261 34.05 -49.44 -46.90
C ARG F 261 33.29 -50.45 -47.75
N GLY F 262 31.98 -50.30 -47.85
CA GLY F 262 31.17 -51.24 -48.62
C GLY F 262 29.69 -50.89 -48.69
N VAL F 263 28.90 -51.87 -49.13
CA VAL F 263 27.47 -51.69 -49.30
C VAL F 263 26.69 -52.36 -48.17
N ILE F 264 25.84 -51.59 -47.51
CA ILE F 264 24.99 -52.13 -46.45
C ILE F 264 23.74 -52.78 -47.04
N LEU F 265 23.08 -52.04 -47.93
CA LEU F 265 21.81 -52.50 -48.50
C LEU F 265 21.79 -52.43 -50.02
N THR F 266 21.50 -53.57 -50.65
CA THR F 266 21.32 -53.65 -52.09
C THR F 266 19.99 -52.99 -52.47
N PRO F 267 19.77 -52.69 -53.78
CA PRO F 267 18.54 -52.01 -54.19
C PRO F 267 17.27 -52.67 -53.70
N VAL F 268 16.27 -51.85 -53.37
CA VAL F 268 14.98 -52.33 -52.90
C VAL F 268 13.90 -52.02 -53.93
N VAL F 269 12.69 -52.49 -53.67
CA VAL F 269 11.57 -52.19 -54.55
C VAL F 269 11.20 -50.71 -54.45
N GLY F 270 11.34 -50.01 -55.57
CA GLY F 270 11.14 -48.57 -55.59
C GLY F 270 12.44 -47.88 -55.93
N TRP F 271 12.37 -46.58 -56.20
CA TRP F 271 13.56 -45.82 -56.59
C TRP F 271 14.36 -45.38 -55.37
N THR F 272 13.67 -44.84 -54.37
CA THR F 272 14.36 -44.31 -53.20
C THR F 272 14.72 -45.39 -52.20
N THR F 273 15.76 -45.12 -51.41
CA THR F 273 16.12 -45.97 -50.29
C THR F 273 16.71 -45.12 -49.16
N HIS F 274 16.10 -45.20 -47.98
CA HIS F 274 16.50 -44.40 -46.85
C HIS F 274 16.65 -45.28 -45.62
N HIS F 275 17.43 -44.82 -44.64
CA HIS F 275 17.73 -45.67 -43.49
C HIS F 275 18.14 -44.92 -42.21
N SER F 276 18.32 -45.70 -41.15
CA SER F 276 18.91 -45.24 -39.90
C SER F 276 19.35 -46.46 -39.10
N ILE F 277 20.53 -46.39 -38.50
CA ILE F 277 21.09 -47.52 -37.76
C ILE F 277 21.12 -47.24 -36.25
N VAL F 278 20.54 -48.14 -35.47
CA VAL F 278 20.48 -47.96 -34.03
C VAL F 278 20.58 -49.31 -33.29
N GLU F 279 21.18 -49.29 -32.10
CA GLU F 279 21.29 -50.48 -31.28
C GLU F 279 20.14 -50.54 -30.28
N PHE F 280 19.48 -51.70 -30.22
CA PHE F 280 18.34 -51.86 -29.32
C PHE F 280 18.37 -53.22 -28.63
N LYS F 281 18.66 -53.19 -27.33
CA LYS F 281 18.74 -54.41 -26.51
C LYS F 281 19.75 -55.43 -27.04
N GLY F 282 21.01 -55.02 -27.12
CA GLY F 282 22.10 -55.92 -27.47
C GLY F 282 22.24 -56.25 -28.94
N LYS F 283 21.31 -55.73 -29.75
CA LYS F 283 21.30 -56.05 -31.18
C LYS F 283 21.14 -54.79 -32.03
N TRP F 284 21.81 -54.79 -33.19
CA TRP F 284 21.73 -53.65 -34.11
C TRP F 284 20.72 -53.92 -35.23
N TYR F 285 20.03 -52.88 -35.66
CA TYR F 285 19.01 -53.04 -36.70
C TYR F 285 19.13 -51.96 -37.77
N LEU F 286 18.71 -52.30 -38.99
CA LEU F 286 18.68 -51.34 -40.08
C LEU F 286 17.24 -51.01 -40.46
N PHE F 287 16.77 -49.86 -40.00
CA PHE F 287 15.43 -49.39 -40.36
C PHE F 287 15.46 -48.77 -41.75
N HIS F 288 14.59 -49.24 -42.63
CA HIS F 288 14.54 -48.74 -44.01
C HIS F 288 13.14 -48.89 -44.58
N HIS F 289 13.04 -48.92 -45.91
CA HIS F 289 11.74 -49.06 -46.56
C HIS F 289 11.83 -49.56 -48.00
N ASP F 290 10.70 -50.02 -48.54
CA ASP F 290 10.59 -50.35 -49.95
C ASP F 290 9.14 -50.18 -50.42
N CYS F 291 8.87 -50.51 -51.68
CA CYS F 291 7.55 -50.30 -52.25
C CYS F 291 6.83 -51.60 -52.60
N VAL F 292 6.97 -52.60 -51.73
CA VAL F 292 6.28 -53.87 -51.94
C VAL F 292 4.76 -53.80 -51.68
N PRO F 293 4.34 -53.23 -50.53
CA PRO F 293 2.89 -53.13 -50.32
C PRO F 293 2.20 -52.14 -51.26
N SER F 294 2.97 -51.35 -51.99
CA SER F 294 2.40 -50.42 -52.96
C SER F 294 2.71 -50.88 -54.38
N LYS F 295 3.15 -52.13 -54.50
CA LYS F 295 3.50 -52.76 -55.78
C LYS F 295 4.32 -51.90 -56.75
N GLY F 296 5.20 -51.06 -56.21
CA GLY F 296 6.12 -50.30 -57.04
C GLY F 296 5.93 -48.79 -57.02
N LYS F 297 4.85 -48.33 -56.40
CA LYS F 297 4.61 -46.89 -56.29
C LYS F 297 5.69 -46.24 -55.42
N THR F 298 6.64 -45.59 -56.07
CA THR F 298 7.81 -45.02 -55.39
C THR F 298 7.43 -44.02 -54.30
N TRP F 299 6.39 -43.23 -54.56
CA TRP F 299 5.96 -42.21 -53.61
C TRP F 299 5.10 -42.76 -52.47
N LEU F 300 4.89 -44.08 -52.48
CA LEU F 300 4.17 -44.74 -51.40
C LEU F 300 5.02 -45.86 -50.82
N ARG F 301 5.63 -45.59 -49.67
CA ARG F 301 6.62 -46.52 -49.10
C ARG F 301 6.24 -47.00 -47.70
N SER F 302 6.54 -48.27 -47.43
CA SER F 302 6.28 -48.87 -46.12
C SER F 302 7.60 -49.14 -45.42
N LEU F 303 7.75 -48.65 -44.19
CA LEU F 303 8.99 -48.84 -43.46
C LEU F 303 9.17 -50.27 -42.95
N LYS F 304 10.42 -50.70 -42.84
CA LYS F 304 10.73 -52.05 -42.41
C LYS F 304 12.00 -52.08 -41.58
N VAL F 305 12.24 -53.19 -40.89
CA VAL F 305 13.42 -53.32 -40.05
C VAL F 305 14.10 -54.68 -40.22
N ALA F 306 15.40 -54.65 -40.44
CA ALA F 306 16.18 -55.88 -40.59
C ALA F 306 17.36 -55.88 -39.63
N GLU F 307 17.78 -57.08 -39.21
CA GLU F 307 18.92 -57.21 -38.30
C GLU F 307 20.24 -56.87 -39.00
N LEU F 308 21.03 -56.03 -38.36
CA LEU F 308 22.34 -55.65 -38.88
C LEU F 308 23.45 -56.22 -38.01
N LYS F 309 24.44 -56.84 -38.64
CA LYS F 309 25.53 -57.47 -37.91
C LYS F 309 26.90 -56.98 -38.37
N TYR F 310 27.85 -56.92 -37.45
CA TYR F 310 29.21 -56.51 -37.78
C TYR F 310 30.15 -57.71 -37.83
N ASN F 311 31.22 -57.59 -38.59
CA ASN F 311 32.28 -58.58 -38.61
C ASN F 311 33.33 -58.21 -37.55
N PRO F 312 34.15 -59.18 -37.12
CA PRO F 312 35.16 -58.90 -36.08
C PRO F 312 36.12 -57.77 -36.43
N ASP F 313 36.34 -57.52 -37.72
CA ASP F 313 37.21 -56.43 -38.14
C ASP F 313 36.48 -55.09 -38.13
N GLY F 314 35.16 -55.15 -38.09
CA GLY F 314 34.34 -53.94 -37.98
C GLY F 314 33.46 -53.68 -39.18
N SER F 315 33.68 -54.42 -40.27
CA SER F 315 32.89 -54.26 -41.48
C SER F 315 31.44 -54.69 -41.24
N ILE F 316 30.53 -54.11 -42.03
CA ILE F 316 29.11 -54.42 -41.88
C ILE F 316 28.67 -55.48 -42.89
N GLN F 317 28.02 -56.52 -42.39
CA GLN F 317 27.53 -57.61 -43.24
C GLN F 317 26.44 -57.11 -44.18
N PRO F 318 26.63 -57.32 -45.49
CA PRO F 318 25.70 -56.89 -46.55
C PRO F 318 24.31 -57.47 -46.40
N ILE F 319 23.30 -56.61 -46.41
CA ILE F 319 21.91 -57.05 -46.34
C ILE F 319 21.27 -57.00 -47.72
N LYS F 320 20.56 -58.06 -48.09
CA LYS F 320 19.94 -58.16 -49.40
C LYS F 320 18.71 -57.27 -49.52
N GLY F 321 18.61 -56.56 -50.64
CA GLY F 321 17.47 -55.71 -50.91
C GLY F 321 16.33 -56.48 -51.56
N THR F 322 15.19 -55.82 -51.72
CA THR F 322 13.99 -56.46 -52.26
C THR F 322 13.95 -56.49 -53.78
N ALA F 323 14.87 -55.78 -54.43
CA ALA F 323 14.92 -55.75 -55.88
C ALA F 323 15.53 -57.03 -56.43
N MET G 1 35.06 -85.91 -1.84
CA MET G 1 34.56 -85.62 -3.17
C MET G 1 35.67 -85.80 -4.20
N LYS G 2 35.66 -86.94 -4.88
CA LYS G 2 36.71 -87.29 -5.84
C LYS G 2 36.78 -86.32 -7.01
N GLU G 3 35.61 -85.85 -7.46
CA GLU G 3 35.55 -84.92 -8.58
C GLU G 3 34.74 -83.67 -8.21
N PRO G 4 35.26 -82.48 -8.57
CA PRO G 4 34.61 -81.20 -8.32
C PRO G 4 33.19 -81.16 -8.89
N ARG G 5 32.23 -80.78 -8.06
CA ARG G 5 30.82 -80.79 -8.45
C ARG G 5 30.33 -79.39 -8.84
N TYR G 6 29.53 -79.32 -9.89
CA TYR G 6 28.89 -78.07 -10.28
C TYR G 6 27.48 -77.99 -9.69
N LEU G 7 27.21 -76.88 -9.01
CA LEU G 7 25.96 -76.74 -8.26
C LEU G 7 24.89 -75.95 -9.02
N VAL G 8 25.33 -75.12 -9.98
CA VAL G 8 24.39 -74.36 -10.79
C VAL G 8 24.71 -74.46 -12.28
N PRO G 9 24.13 -75.47 -12.96
CA PRO G 9 24.32 -75.65 -14.40
C PRO G 9 23.37 -74.78 -15.24
N GLY G 10 22.21 -74.47 -14.68
CA GLY G 10 21.18 -73.75 -15.41
C GLY G 10 21.33 -72.24 -15.40
N ASP G 11 22.32 -71.74 -14.66
CA ASP G 11 22.55 -70.31 -14.58
C ASP G 11 24.05 -70.02 -14.48
N TYR G 12 24.40 -68.74 -14.35
CA TYR G 12 25.79 -68.34 -14.21
C TYR G 12 26.05 -67.59 -12.90
N MET G 13 26.51 -68.33 -11.89
CA MET G 13 26.84 -67.74 -10.60
C MET G 13 28.34 -67.69 -10.40
N ALA G 14 28.80 -66.70 -9.65
CA ALA G 14 30.24 -66.52 -9.42
C ALA G 14 30.51 -65.88 -8.07
N ASP G 15 31.78 -65.91 -7.66
CA ASP G 15 32.22 -65.34 -6.39
C ASP G 15 31.39 -65.85 -5.20
N PRO G 16 31.44 -67.17 -4.94
CA PRO G 16 30.58 -67.73 -3.90
C PRO G 16 31.10 -67.47 -2.49
N ALA G 17 30.19 -67.19 -1.57
CA ALA G 17 30.52 -67.03 -0.16
C ALA G 17 29.65 -67.96 0.68
N ALA G 18 30.23 -69.08 1.11
CA ALA G 18 29.46 -70.10 1.81
C ALA G 18 29.48 -69.92 3.33
N HIS G 19 28.32 -70.12 3.95
CA HIS G 19 28.20 -70.05 5.39
C HIS G 19 27.26 -71.13 5.91
N VAL G 20 27.37 -71.46 7.19
CA VAL G 20 26.52 -72.49 7.79
C VAL G 20 25.55 -71.90 8.79
N PHE G 21 24.28 -71.80 8.39
CA PHE G 21 23.23 -71.31 9.28
C PHE G 21 22.14 -72.36 9.45
N ASN G 22 21.70 -72.55 10.69
CA ASN G 22 20.64 -73.50 11.01
C ASN G 22 20.94 -74.92 10.50
N ASP G 23 22.19 -75.34 10.68
CA ASP G 23 22.65 -76.65 10.22
C ASP G 23 22.53 -76.82 8.71
N LYS G 24 22.42 -75.71 7.98
CA LYS G 24 22.31 -75.74 6.53
C LYS G 24 23.39 -74.86 5.91
N LEU G 25 23.82 -75.21 4.71
CA LEU G 25 24.87 -74.47 4.02
C LEU G 25 24.29 -73.49 3.01
N TYR G 26 24.49 -72.20 3.26
CA TYR G 26 23.98 -71.16 2.37
C TYR G 26 25.09 -70.56 1.51
N ILE G 27 24.78 -70.31 0.23
CA ILE G 27 25.74 -69.71 -0.69
C ILE G 27 25.22 -68.37 -1.20
N TYR G 28 26.06 -67.34 -1.10
CA TYR G 28 25.71 -66.02 -1.57
C TYR G 28 26.67 -65.57 -2.67
N PRO G 29 26.39 -65.96 -3.92
CA PRO G 29 27.27 -65.66 -5.05
C PRO G 29 26.82 -64.44 -5.84
N SER G 30 27.64 -64.03 -6.79
CA SER G 30 27.27 -62.97 -7.73
C SER G 30 26.61 -63.61 -8.94
N HIS G 31 25.63 -62.92 -9.51
CA HIS G 31 24.87 -63.45 -10.64
C HIS G 31 25.30 -62.82 -11.96
N ASP G 32 26.12 -63.54 -12.71
CA ASP G 32 26.59 -63.07 -14.00
C ASP G 32 25.51 -63.21 -15.07
N TRP G 33 25.66 -62.46 -16.16
CA TRP G 33 24.73 -62.53 -17.28
C TRP G 33 25.37 -61.91 -18.52
N GLU G 34 24.99 -62.39 -19.70
CA GLU G 34 25.54 -61.87 -20.94
C GLU G 34 25.09 -60.43 -21.18
N SER G 35 25.89 -59.49 -20.74
CA SER G 35 25.61 -58.07 -20.95
C SER G 35 26.14 -57.65 -22.32
N GLY G 36 25.37 -56.82 -23.03
CA GLY G 36 25.74 -56.37 -24.35
C GLY G 36 27.07 -55.64 -24.40
N ILE G 37 27.51 -55.16 -23.25
CA ILE G 37 28.78 -54.42 -23.14
C ILE G 37 29.97 -55.34 -23.42
N PRO G 38 30.78 -54.97 -24.43
CA PRO G 38 31.99 -55.73 -24.79
C PRO G 38 33.02 -55.76 -23.68
N GLU G 39 34.09 -56.54 -23.87
CA GLU G 39 35.13 -56.67 -22.85
C GLU G 39 35.99 -55.41 -22.77
N ASN G 40 36.39 -55.04 -21.56
CA ASN G 40 37.18 -53.84 -21.33
C ASN G 40 37.97 -53.90 -20.02
N ASP G 41 38.95 -53.02 -19.87
CA ASP G 41 39.81 -52.99 -18.70
C ASP G 41 39.06 -52.60 -17.43
N ASN G 42 38.06 -51.73 -17.57
CA ASN G 42 37.31 -51.24 -16.41
C ASN G 42 36.36 -52.27 -15.81
N GLY G 43 36.20 -53.40 -16.52
CA GLY G 43 35.34 -54.47 -16.04
C GLY G 43 33.87 -54.10 -16.12
N ASP G 44 33.50 -53.32 -17.14
CA ASP G 44 32.11 -52.95 -17.35
C ASP G 44 31.28 -54.17 -17.76
N HIS G 45 31.93 -55.13 -18.41
CA HIS G 45 31.26 -56.37 -18.79
C HIS G 45 30.86 -57.18 -17.56
N PHE G 46 31.56 -56.96 -16.45
CA PHE G 46 31.13 -57.49 -15.16
C PHE G 46 30.01 -56.59 -14.63
N ASN G 47 28.84 -56.71 -15.23
CA ASN G 47 27.72 -55.82 -14.92
C ASN G 47 26.59 -56.55 -14.22
N MET G 48 26.91 -57.26 -13.14
CA MET G 48 25.90 -57.96 -12.35
C MET G 48 24.96 -56.95 -11.70
N LYS G 49 23.72 -57.37 -11.48
CA LYS G 49 22.68 -56.46 -11.00
C LYS G 49 21.76 -57.09 -9.96
N ASP G 50 21.93 -58.39 -9.73
CA ASP G 50 21.06 -59.11 -8.80
C ASP G 50 21.82 -60.13 -7.95
N TYR G 51 21.20 -60.58 -6.88
CA TYR G 51 21.77 -61.60 -6.01
C TYR G 51 20.84 -62.79 -5.83
N HIS G 52 21.40 -63.98 -5.79
CA HIS G 52 20.63 -65.19 -5.51
C HIS G 52 21.13 -65.85 -4.23
N VAL G 53 20.24 -66.53 -3.52
CA VAL G 53 20.61 -67.26 -2.31
C VAL G 53 20.30 -68.74 -2.46
N PHE G 54 21.31 -69.57 -2.25
CA PHE G 54 21.16 -71.01 -2.35
C PHE G 54 21.27 -71.67 -0.98
N SER G 55 20.77 -72.90 -0.86
CA SER G 55 20.84 -73.63 0.40
C SER G 55 20.92 -75.13 0.16
N MET G 56 21.78 -75.80 0.93
CA MET G 56 21.94 -77.25 0.82
C MET G 56 21.89 -77.90 2.19
N ASP G 57 21.37 -79.13 2.24
CA ASP G 57 21.40 -79.93 3.45
C ASP G 57 22.63 -80.84 3.43
N ASP G 58 23.05 -81.19 2.21
CA ASP G 58 24.23 -82.02 2.02
C ASP G 58 25.00 -81.52 0.79
N VAL G 59 26.32 -81.62 0.84
CA VAL G 59 27.16 -81.05 -0.22
C VAL G 59 27.67 -82.10 -1.19
N GLU G 60 28.00 -83.28 -0.67
CA GLU G 60 28.55 -84.37 -1.49
C GLU G 60 27.66 -84.70 -2.69
N GLN G 61 26.41 -85.07 -2.42
CA GLN G 61 25.46 -85.37 -3.48
C GLN G 61 24.07 -84.83 -3.15
N GLY G 62 24.04 -83.66 -2.50
CA GLY G 62 22.78 -83.07 -2.07
C GLY G 62 22.14 -82.16 -3.09
N GLU G 63 20.85 -81.90 -2.91
CA GLU G 63 20.09 -81.04 -3.82
C GLU G 63 20.38 -79.57 -3.55
N VAL G 64 20.53 -78.80 -4.62
CA VAL G 64 20.75 -77.35 -4.51
C VAL G 64 19.44 -76.58 -4.67
N THR G 65 19.02 -75.91 -3.60
CA THR G 65 17.77 -75.17 -3.60
C THR G 65 17.98 -73.70 -3.99
N ASP G 66 17.24 -73.23 -4.98
CA ASP G 66 17.29 -71.83 -5.38
C ASP G 66 16.17 -71.06 -4.69
N HIS G 67 16.54 -69.95 -4.05
CA HIS G 67 15.56 -69.13 -3.34
C HIS G 67 15.25 -67.86 -4.09
N GLY G 68 15.81 -67.73 -5.29
CA GLY G 68 15.52 -66.61 -6.17
C GLY G 68 16.26 -65.33 -5.80
N VAL G 69 15.82 -64.22 -6.38
CA VAL G 69 16.45 -62.93 -6.14
C VAL G 69 16.09 -62.38 -4.76
N VAL G 70 17.10 -61.95 -4.01
CA VAL G 70 16.88 -61.37 -2.68
C VAL G 70 17.26 -59.89 -2.65
N LEU G 71 17.98 -59.44 -3.67
CA LEU G 71 18.39 -58.05 -3.75
C LEU G 71 18.74 -57.65 -5.18
N ARG G 72 18.17 -56.53 -5.63
CA ARG G 72 18.47 -56.01 -6.96
C ARG G 72 18.86 -54.54 -6.85
N THR G 73 19.66 -54.08 -7.81
CA THR G 73 20.16 -52.70 -7.80
C THR G 73 19.05 -51.67 -7.80
N GLU G 74 17.97 -51.93 -8.53
CA GLU G 74 16.86 -51.00 -8.63
C GLU G 74 16.17 -50.76 -7.28
N ASP G 75 16.39 -51.66 -6.32
CA ASP G 75 15.80 -51.54 -5.01
C ASP G 75 16.71 -50.80 -4.03
N ILE G 76 17.95 -50.58 -4.43
CA ILE G 76 18.92 -49.87 -3.60
C ILE G 76 18.83 -48.36 -3.82
N PRO G 77 18.47 -47.62 -2.75
CA PRO G 77 18.22 -46.18 -2.82
C PRO G 77 19.39 -45.35 -3.34
N TRP G 78 20.62 -45.81 -3.11
CA TRP G 78 21.80 -45.07 -3.53
C TRP G 78 22.50 -45.72 -4.72
N ALA G 79 21.80 -46.64 -5.38
CA ALA G 79 22.41 -47.46 -6.43
C ALA G 79 22.95 -46.69 -7.62
N GLY G 80 24.16 -47.07 -8.03
CA GLY G 80 24.75 -46.57 -9.26
C GLY G 80 24.77 -47.69 -10.28
N ARG G 81 25.72 -48.61 -10.14
CA ARG G 81 25.81 -49.78 -11.01
C ARG G 81 26.78 -50.83 -10.48
N GLN G 82 26.68 -52.04 -11.04
CA GLN G 82 27.62 -53.14 -10.76
C GLN G 82 27.61 -53.67 -9.32
N LEU G 83 26.83 -54.73 -9.10
CA LEU G 83 26.87 -55.46 -7.84
C LEU G 83 27.94 -56.54 -7.92
N TRP G 84 28.95 -56.45 -7.07
CA TRP G 84 30.03 -57.42 -7.11
C TRP G 84 30.03 -58.34 -5.89
N ASP G 85 31.17 -58.96 -5.60
CA ASP G 85 31.25 -59.98 -4.55
C ASP G 85 30.82 -59.49 -3.18
N SER G 86 29.80 -60.13 -2.61
CA SER G 86 29.27 -59.75 -1.31
C SER G 86 29.59 -60.80 -0.25
N ASP G 87 29.07 -60.59 0.96
CA ASP G 87 29.23 -61.54 2.06
C ASP G 87 28.15 -61.30 3.11
N VAL G 88 27.82 -62.35 3.86
CA VAL G 88 26.75 -62.28 4.85
C VAL G 88 27.23 -62.71 6.24
N ALA G 89 26.81 -61.97 7.27
CA ALA G 89 27.14 -62.32 8.64
C ALA G 89 25.89 -62.38 9.50
N PHE G 90 25.92 -63.23 10.53
CA PHE G 90 24.79 -63.38 11.43
C PHE G 90 25.10 -62.85 12.82
N ARG G 91 24.31 -61.89 13.28
CA ARG G 91 24.50 -61.28 14.59
C ARG G 91 23.21 -60.65 15.08
N ASN G 92 23.03 -60.63 16.39
CA ASN G 92 21.86 -60.02 17.03
C ASN G 92 20.53 -60.63 16.60
N GLY G 93 20.59 -61.83 16.05
CA GLY G 93 19.39 -62.51 15.57
C GLY G 93 19.01 -62.09 14.16
N LYS G 94 19.85 -61.27 13.54
CA LYS G 94 19.60 -60.78 12.20
C LYS G 94 20.73 -61.13 11.25
N TYR G 95 20.45 -61.06 9.95
CA TYR G 95 21.45 -61.35 8.93
C TYR G 95 21.82 -60.09 8.15
N TYR G 96 23.11 -59.79 8.08
CA TYR G 96 23.59 -58.59 7.43
C TYR G 96 24.41 -58.90 6.18
N MET G 97 23.87 -58.57 5.01
CA MET G 97 24.60 -58.73 3.76
C MET G 97 25.38 -57.47 3.43
N TYR G 98 26.69 -57.62 3.27
CA TYR G 98 27.55 -56.50 2.93
C TYR G 98 27.91 -56.54 1.45
N PHE G 99 27.29 -55.65 0.69
CA PHE G 99 27.43 -55.67 -0.76
C PHE G 99 28.19 -54.46 -1.27
N PRO G 100 29.12 -54.68 -2.21
CA PRO G 100 29.83 -53.59 -2.89
C PRO G 100 29.00 -53.07 -4.06
N LEU G 101 29.08 -51.77 -4.30
CA LEU G 101 28.30 -51.13 -5.36
C LEU G 101 28.83 -49.73 -5.65
N LYS G 102 29.12 -49.46 -6.91
CA LYS G 102 29.49 -48.12 -7.32
C LYS G 102 28.29 -47.20 -7.06
N ASP G 103 28.56 -46.01 -6.52
CA ASP G 103 27.50 -45.05 -6.24
C ASP G 103 27.15 -44.29 -7.52
N GLN G 104 26.44 -43.17 -7.36
CA GLN G 104 26.05 -42.38 -8.52
C GLN G 104 27.21 -41.55 -9.04
N ASN G 105 28.38 -41.73 -8.44
CA ASN G 105 29.60 -41.04 -8.88
C ASN G 105 30.64 -42.02 -9.43
N ASP G 106 30.22 -43.25 -9.69
CA ASP G 106 31.10 -44.32 -10.15
C ASP G 106 32.28 -44.56 -9.20
N ILE G 107 32.01 -44.44 -7.90
CA ILE G 107 33.00 -44.74 -6.87
C ILE G 107 32.51 -45.92 -6.04
N PHE G 108 33.34 -46.95 -5.90
CA PHE G 108 32.93 -48.15 -5.19
C PHE G 108 32.71 -47.91 -3.70
N ARG G 109 31.51 -48.26 -3.24
CA ARG G 109 31.15 -48.17 -1.84
C ARG G 109 30.60 -49.53 -1.40
N ILE G 110 30.52 -49.73 -0.09
CA ILE G 110 29.94 -50.96 0.44
C ILE G 110 28.71 -50.64 1.28
N GLY G 111 27.60 -51.33 1.01
CA GLY G 111 26.37 -51.07 1.73
C GLY G 111 25.90 -52.25 2.56
N VAL G 112 24.89 -52.01 3.40
CA VAL G 112 24.36 -53.05 4.26
C VAL G 112 22.92 -53.38 3.90
N ALA G 113 22.64 -54.68 3.81
CA ALA G 113 21.27 -55.15 3.58
C ALA G 113 20.89 -56.16 4.65
N ILE G 114 19.68 -56.04 5.18
CA ILE G 114 19.26 -56.82 6.34
C ILE G 114 18.15 -57.82 6.02
N SER G 115 18.20 -58.99 6.65
CA SER G 115 17.15 -59.98 6.53
C SER G 115 16.97 -60.71 7.86
N ASP G 116 15.74 -61.14 8.15
CA ASP G 116 15.45 -61.85 9.39
C ASP G 116 15.72 -63.34 9.27
N ARG G 117 16.09 -63.78 8.07
CA ARG G 117 16.39 -65.19 7.82
C ARG G 117 17.42 -65.32 6.71
N PRO G 118 18.26 -66.37 6.77
CA PRO G 118 19.40 -66.52 5.85
C PRO G 118 18.98 -66.65 4.38
N GLU G 119 17.71 -67.02 4.14
CA GLU G 119 17.23 -67.15 2.77
C GLU G 119 16.37 -65.96 2.37
N GLY G 120 15.86 -65.24 3.37
CA GLY G 120 14.93 -64.14 3.13
C GLY G 120 15.50 -63.01 2.31
N PRO G 121 14.62 -62.16 1.74
CA PRO G 121 15.02 -61.01 0.95
C PRO G 121 15.75 -59.96 1.78
N PHE G 122 16.80 -59.38 1.23
CA PHE G 122 17.60 -58.40 1.95
C PHE G 122 17.17 -56.97 1.66
N ILE G 123 16.73 -56.26 2.71
CA ILE G 123 16.36 -54.87 2.57
C ILE G 123 17.55 -53.95 2.86
N PRO G 124 18.05 -53.26 1.82
CA PRO G 124 19.25 -52.43 1.91
C PRO G 124 19.01 -51.11 2.63
N GLN G 125 20.05 -50.59 3.26
CA GLN G 125 19.99 -49.27 3.88
C GLN G 125 20.03 -48.20 2.80
N GLU G 126 19.44 -47.04 3.08
CA GLU G 126 19.34 -45.98 2.08
C GLU G 126 20.68 -45.40 1.64
N ASN G 127 21.69 -45.53 2.51
CA ASN G 127 23.01 -44.99 2.24
C ASN G 127 24.12 -45.99 2.53
N PRO G 128 25.23 -45.90 1.77
CA PRO G 128 26.36 -46.82 1.98
C PRO G 128 27.04 -46.60 3.32
N ILE G 129 27.93 -47.52 3.70
CA ILE G 129 28.66 -47.43 4.95
C ILE G 129 29.60 -46.22 4.94
N LYS G 130 29.58 -45.45 6.01
CA LYS G 130 30.42 -44.26 6.13
C LYS G 130 31.91 -44.62 6.07
N GLY G 131 32.64 -43.98 5.16
CA GLY G 131 34.07 -44.21 5.04
C GLY G 131 34.44 -45.41 4.20
N SER G 132 33.44 -46.19 3.80
CA SER G 132 33.67 -47.41 3.01
C SER G 132 34.18 -47.09 1.61
N TYR G 133 34.97 -48.02 1.06
CA TYR G 133 35.49 -47.89 -0.29
C TYR G 133 35.92 -49.25 -0.83
N SER G 134 36.33 -49.28 -2.10
CA SER G 134 36.73 -50.52 -2.78
C SER G 134 35.62 -51.57 -2.75
N MET G 135 35.98 -52.85 -2.79
CA MET G 135 34.98 -53.91 -2.84
C MET G 135 35.44 -55.24 -2.21
N ASP G 136 34.71 -56.30 -2.54
CA ASP G 136 34.96 -57.65 -2.03
C ASP G 136 35.15 -57.73 -0.52
N PRO G 137 34.08 -57.44 0.25
CA PRO G 137 34.18 -57.52 1.71
C PRO G 137 34.02 -58.94 2.22
N CYS G 138 34.78 -59.28 3.27
CA CYS G 138 34.62 -60.56 3.95
C CYS G 138 34.41 -60.29 5.43
N ILE G 139 33.28 -60.75 5.96
CA ILE G 139 32.96 -60.51 7.35
C ILE G 139 33.35 -61.69 8.23
N TRP G 140 34.28 -61.45 9.15
CA TRP G 140 34.79 -62.50 10.02
C TRP G 140 34.28 -62.39 11.45
N PRO G 141 33.44 -63.35 11.87
CA PRO G 141 33.00 -63.46 13.25
C PRO G 141 34.10 -64.07 14.11
N ASP G 142 34.85 -63.22 14.81
CA ASP G 142 36.01 -63.68 15.58
C ASP G 142 35.59 -64.23 16.95
N LYS G 143 36.45 -65.06 17.53
CA LYS G 143 36.19 -65.67 18.83
C LYS G 143 36.08 -64.64 19.96
N ASP G 144 36.67 -63.47 19.77
CA ASP G 144 36.63 -62.42 20.79
C ASP G 144 35.23 -61.84 20.96
N GLY G 145 34.35 -62.14 20.01
CA GLY G 145 32.98 -61.64 20.07
C GLY G 145 32.76 -60.47 19.13
N GLU G 146 33.81 -60.10 18.40
CA GLU G 146 33.74 -58.97 17.47
C GLU G 146 33.68 -59.44 16.03
N TYR G 147 33.22 -58.56 15.14
CA TYR G 147 33.11 -58.86 13.72
C TYR G 147 34.02 -57.94 12.92
N TYR G 148 34.79 -58.51 12.01
CA TYR G 148 35.77 -57.74 11.24
C TYR G 148 35.53 -57.88 9.74
N MET G 149 35.59 -56.76 9.02
CA MET G 149 35.44 -56.79 7.57
C MET G 149 36.79 -56.74 6.87
N TYR G 150 37.03 -57.71 5.99
CA TYR G 150 38.24 -57.72 5.17
C TYR G 150 37.85 -57.39 3.73
N PHE G 151 38.21 -56.19 3.29
CA PHE G 151 37.84 -55.73 1.96
C PHE G 151 39.04 -55.21 1.18
N GLY G 152 38.85 -54.99 -0.11
CA GLY G 152 39.90 -54.48 -0.96
C GLY G 152 40.00 -55.25 -2.27
N GLY G 153 40.25 -54.54 -3.36
CA GLY G 153 40.41 -55.14 -4.68
C GLY G 153 41.26 -54.27 -5.58
N LEU G 154 42.23 -54.89 -6.24
CA LEU G 154 43.17 -54.14 -7.08
C LEU G 154 42.56 -53.78 -8.43
N TRP G 155 43.18 -52.81 -9.10
CA TRP G 155 42.77 -52.36 -10.43
C TRP G 155 41.31 -51.90 -10.51
N GLY G 156 40.43 -52.80 -10.91
CA GLY G 156 39.02 -52.48 -11.06
C GLY G 156 38.32 -52.27 -9.73
N GLY G 157 38.99 -52.64 -8.64
CA GLY G 157 38.44 -52.49 -7.31
C GLY G 157 38.73 -51.14 -6.70
N GLN G 158 39.43 -50.29 -7.47
CA GLN G 158 39.71 -48.90 -7.09
C GLN G 158 40.52 -48.75 -5.80
N LEU G 159 41.21 -49.80 -5.38
CA LEU G 159 42.00 -49.75 -4.14
C LEU G 159 43.20 -48.80 -4.27
N GLN G 160 43.77 -48.73 -5.46
CA GLN G 160 44.95 -47.91 -5.71
C GLN G 160 44.64 -46.42 -5.66
N ARG G 161 43.36 -46.08 -5.57
CA ARG G 161 42.93 -44.69 -5.46
C ARG G 161 43.06 -44.20 -4.02
N TYR G 162 43.44 -45.09 -3.12
CA TYR G 162 43.46 -44.76 -1.71
C TYR G 162 44.78 -45.07 -1.00
N ARG G 163 45.16 -44.18 -0.08
CA ARG G 163 46.24 -44.44 0.86
C ARG G 163 45.73 -44.06 2.23
N ASN G 164 45.77 -45.01 3.16
CA ASN G 164 45.21 -44.83 4.50
C ASN G 164 43.74 -44.39 4.46
N ASN G 165 42.96 -45.08 3.64
CA ASN G 165 41.52 -44.84 3.49
C ASN G 165 41.17 -43.47 2.90
N LYS G 166 42.17 -42.70 2.49
CA LYS G 166 41.94 -41.38 1.92
C LYS G 166 42.17 -41.37 0.41
N ALA G 167 41.24 -40.77 -0.32
CA ALA G 167 41.30 -40.75 -1.78
C ALA G 167 42.43 -39.89 -2.30
N LEU G 168 43.15 -40.39 -3.30
CA LEU G 168 44.23 -39.66 -3.94
C LEU G 168 43.70 -38.81 -5.09
N GLU G 169 44.43 -37.76 -5.42
CA GLU G 169 44.10 -36.92 -6.56
C GLU G 169 44.23 -37.74 -7.83
N CYS G 170 45.22 -38.65 -7.83
CA CYS G 170 45.43 -39.56 -8.95
C CYS G 170 45.84 -40.93 -8.43
N ALA G 171 45.24 -41.98 -8.99
CA ALA G 171 45.52 -43.35 -8.56
C ALA G 171 46.99 -43.72 -8.74
N LEU G 172 47.49 -44.59 -7.88
CA LEU G 172 48.89 -44.99 -7.93
C LEU G 172 49.08 -46.48 -7.65
N LEU G 173 49.56 -47.21 -8.65
CA LEU G 173 49.87 -48.63 -8.50
C LEU G 173 51.36 -48.81 -8.26
N PRO G 174 51.72 -49.45 -7.13
CA PRO G 174 53.13 -49.72 -6.80
C PRO G 174 53.75 -50.68 -7.80
N GLU G 175 55.05 -50.50 -8.05
CA GLU G 175 55.76 -51.32 -9.04
C GLU G 175 57.13 -51.74 -8.51
N GLY G 176 57.64 -52.85 -9.02
CA GLY G 176 58.98 -53.31 -8.66
C GLY G 176 59.09 -53.81 -7.23
N ASP G 177 60.11 -53.32 -6.52
CA ASP G 177 60.38 -53.76 -5.16
C ASP G 177 59.55 -53.01 -4.12
N GLU G 178 58.75 -52.06 -4.59
CA GLU G 178 57.86 -51.31 -3.71
C GLU G 178 56.86 -52.27 -3.06
N PRO G 179 56.58 -52.06 -1.76
CA PRO G 179 55.62 -52.90 -1.04
C PRO G 179 54.23 -52.84 -1.67
N ALA G 180 53.73 -54.00 -2.09
CA ALA G 180 52.43 -54.10 -2.75
C ALA G 180 51.30 -53.65 -1.83
N LEU G 181 50.18 -53.27 -2.43
CA LEU G 181 49.01 -52.86 -1.67
C LEU G 181 48.48 -54.03 -0.83
N CYS G 182 48.08 -53.72 0.41
CA CYS G 182 47.57 -54.73 1.31
C CYS G 182 46.05 -54.68 1.35
N PRO G 183 45.41 -55.84 1.64
CA PRO G 183 43.97 -55.84 1.90
C PRO G 183 43.68 -55.06 3.18
N LYS G 184 42.44 -54.64 3.36
CA LYS G 184 42.09 -53.80 4.50
C LYS G 184 41.29 -54.56 5.54
N VAL G 185 41.42 -54.13 6.79
CA VAL G 185 40.70 -54.77 7.89
C VAL G 185 40.14 -53.71 8.84
N VAL G 186 38.87 -53.86 9.20
CA VAL G 186 38.21 -52.92 10.09
C VAL G 186 37.18 -53.62 10.96
N ARG G 187 37.15 -53.29 12.25
CA ARG G 187 36.19 -53.89 13.17
C ARG G 187 34.83 -53.22 13.03
N LEU G 188 33.80 -54.03 12.83
CA LEU G 188 32.44 -53.53 12.74
C LEU G 188 31.88 -53.26 14.14
N ARG G 189 30.97 -52.30 14.25
CA ARG G 189 30.35 -52.02 15.53
C ARG G 189 29.17 -52.95 15.76
N GLU G 190 28.50 -52.82 16.91
CA GLU G 190 27.51 -53.80 17.33
C GLU G 190 26.26 -53.89 16.43
N ASP G 191 25.73 -52.75 16.00
CA ASP G 191 24.54 -52.76 15.16
C ASP G 191 24.83 -53.14 13.72
N MET G 192 26.11 -53.39 13.43
CA MET G 192 26.56 -53.89 12.12
C MET G 192 26.19 -52.96 10.97
N LEU G 193 26.03 -51.68 11.26
CA LEU G 193 25.65 -50.69 10.25
C LEU G 193 26.85 -49.84 9.82
N GLU G 194 27.73 -49.53 10.75
CA GLU G 194 28.90 -48.70 10.46
C GLU G 194 30.17 -49.33 11.01
N PHE G 195 31.32 -48.79 10.61
CA PHE G 195 32.60 -49.22 11.13
C PHE G 195 32.74 -48.74 12.57
N ALA G 196 33.50 -49.47 13.37
CA ALA G 196 33.74 -49.07 14.75
C ALA G 196 35.09 -48.35 14.89
N GLU G 197 35.82 -48.28 13.79
CA GLU G 197 37.14 -47.67 13.76
C GLU G 197 37.53 -47.32 12.33
N GLU G 198 38.81 -47.02 12.12
CA GLU G 198 39.33 -46.79 10.78
C GLU G 198 39.99 -48.07 10.26
N PRO G 199 39.73 -48.40 8.98
CA PRO G 199 40.35 -49.55 8.33
C PRO G 199 41.88 -49.49 8.37
N ARG G 200 42.52 -50.63 8.59
CA ARG G 200 43.98 -50.69 8.67
C ARG G 200 44.55 -51.60 7.59
N ASP G 201 45.85 -51.50 7.36
CA ASP G 201 46.53 -52.40 6.44
C ASP G 201 46.63 -53.80 7.05
N LEU G 202 46.22 -54.81 6.30
CA LEU G 202 46.44 -56.19 6.70
C LEU G 202 47.73 -56.68 6.06
N MET G 203 48.81 -56.68 6.83
CA MET G 203 50.12 -57.02 6.30
C MET G 203 50.21 -58.49 5.89
N ILE G 204 50.64 -58.72 4.64
CA ILE G 204 50.91 -60.07 4.17
C ILE G 204 52.40 -60.20 3.88
N LEU G 205 53.09 -61.04 4.67
CA LEU G 205 54.54 -61.14 4.61
C LEU G 205 55.02 -62.41 3.93
N ASP G 206 56.28 -62.43 3.54
CA ASP G 206 56.89 -63.62 2.95
C ASP G 206 57.49 -64.53 4.03
N GLU G 207 58.39 -65.42 3.63
CA GLU G 207 59.03 -66.32 4.58
C GLU G 207 59.95 -65.57 5.54
N LYS G 208 60.49 -64.44 5.09
CA LYS G 208 61.48 -63.70 5.90
C LYS G 208 60.87 -62.54 6.68
N GLY G 209 59.55 -62.38 6.60
CA GLY G 209 58.86 -61.36 7.37
C GLY G 209 58.77 -60.01 6.68
N LYS G 210 59.21 -59.95 5.43
CA LYS G 210 59.14 -58.71 4.66
C LYS G 210 57.80 -58.65 3.92
N LEU G 211 57.27 -57.45 3.74
CA LEU G 211 56.04 -57.26 2.98
C LEU G 211 56.22 -57.74 1.55
N LEU G 212 55.16 -58.31 0.98
CA LEU G 212 55.19 -58.77 -0.40
C LEU G 212 55.36 -57.60 -1.35
N SER G 213 56.31 -57.74 -2.28
CA SER G 213 56.60 -56.68 -3.24
C SER G 213 55.54 -56.58 -4.32
N ALA G 214 55.49 -55.45 -5.00
CA ALA G 214 54.50 -55.21 -6.06
C ALA G 214 54.76 -56.11 -7.26
N GLY G 215 56.03 -56.37 -7.54
CA GLY G 215 56.41 -57.22 -8.66
C GLY G 215 56.24 -58.69 -8.34
N ASP G 216 55.89 -58.99 -7.09
CA ASP G 216 55.68 -60.36 -6.65
C ASP G 216 54.24 -60.79 -6.95
N THR G 217 53.89 -60.74 -8.24
CA THR G 217 52.51 -60.96 -8.69
C THR G 217 51.94 -62.33 -8.35
N LYS G 218 52.81 -63.30 -8.12
CA LYS G 218 52.36 -64.66 -7.82
C LYS G 218 51.93 -64.85 -6.37
N ARG G 219 52.15 -63.83 -5.54
CA ARG G 219 51.88 -63.96 -4.12
C ARG G 219 51.10 -62.78 -3.53
N ARG G 220 51.27 -61.59 -4.10
CA ARG G 220 50.65 -60.38 -3.56
C ARG G 220 49.13 -60.36 -3.73
N PHE G 221 48.45 -59.68 -2.81
CA PHE G 221 46.99 -59.61 -2.80
C PHE G 221 46.44 -58.89 -4.03
N PHE G 222 45.25 -59.31 -4.48
CA PHE G 222 44.57 -58.67 -5.60
C PHE G 222 43.10 -58.46 -5.25
N GLU G 223 42.44 -59.53 -4.84
CA GLU G 223 41.02 -59.48 -4.46
C GLU G 223 40.61 -60.77 -3.74
N ALA G 224 39.30 -60.91 -3.52
CA ALA G 224 38.73 -62.13 -2.94
C ALA G 224 39.24 -62.45 -1.53
N SER G 225 39.12 -61.47 -0.63
CA SER G 225 39.54 -61.65 0.76
C SER G 225 38.67 -62.70 1.45
N TRP G 226 39.30 -63.56 2.25
CA TRP G 226 38.57 -64.54 3.03
C TRP G 226 39.32 -64.96 4.29
N MET G 227 38.58 -65.16 5.37
CA MET G 227 39.18 -65.48 6.66
C MET G 227 38.44 -66.63 7.33
N HIS G 228 39.17 -67.67 7.72
CA HIS G 228 38.59 -68.77 8.48
C HIS G 228 39.55 -69.28 9.56
N TYR G 229 39.02 -70.03 10.51
CA TYR G 229 39.80 -70.48 11.67
C TYR G 229 39.83 -72.00 11.74
N TYR G 230 41.01 -72.58 11.54
CA TYR G 230 41.18 -74.02 11.65
C TYR G 230 42.35 -74.41 12.53
N ASN G 231 42.09 -75.28 13.50
CA ASN G 231 43.12 -75.87 14.35
C ASN G 231 43.99 -74.83 15.05
N GLY G 232 43.35 -73.88 15.72
CA GLY G 232 44.06 -72.86 16.47
C GLY G 232 44.91 -71.96 15.60
N LYS G 233 44.44 -71.67 14.40
CA LYS G 233 45.18 -70.83 13.46
C LYS G 233 44.25 -70.05 12.54
N TYR G 234 44.65 -68.81 12.24
CA TYR G 234 43.91 -67.97 11.30
C TYR G 234 44.43 -68.20 9.89
N TYR G 235 43.51 -68.35 8.94
CA TYR G 235 43.88 -68.54 7.54
C TYR G 235 43.30 -67.44 6.67
N PHE G 236 44.16 -66.64 6.07
CA PHE G 236 43.73 -65.60 5.16
C PHE G 236 44.06 -65.97 3.72
N SER G 237 43.02 -66.26 2.94
CA SER G 237 43.19 -66.64 1.54
C SER G 237 42.62 -65.57 0.61
N TYR G 238 43.13 -65.53 -0.62
CA TYR G 238 42.79 -64.46 -1.54
C TYR G 238 43.12 -64.81 -2.99
N SER G 239 42.74 -63.92 -3.91
CA SER G 239 43.08 -64.07 -5.31
C SER G 239 44.31 -63.24 -5.65
N THR G 240 45.02 -63.61 -6.70
CA THR G 240 46.23 -62.90 -7.09
C THR G 240 46.08 -62.15 -8.41
N GLY G 241 44.94 -62.34 -9.07
CA GLY G 241 44.62 -61.57 -10.26
C GLY G 241 45.23 -62.09 -11.55
N ASP G 242 46.27 -61.40 -12.02
CA ASP G 242 46.86 -61.69 -13.33
C ASP G 242 47.72 -62.96 -13.33
N THR G 243 47.84 -63.61 -12.18
CA THR G 243 48.49 -64.91 -12.12
C THR G 243 47.46 -66.00 -11.87
N HIS G 244 46.23 -65.57 -11.57
CA HIS G 244 45.09 -66.47 -11.44
C HIS G 244 45.27 -67.51 -10.33
N LEU G 245 45.92 -67.11 -9.25
CA LEU G 245 46.19 -68.01 -8.13
C LEU G 245 45.34 -67.69 -6.91
N ILE G 246 44.94 -68.73 -6.18
CA ILE G 246 44.33 -68.57 -4.87
C ILE G 246 45.35 -68.96 -3.79
N CYS G 247 45.98 -67.97 -3.19
CA CYS G 247 47.00 -68.21 -2.18
C CYS G 247 46.40 -68.07 -0.78
N TYR G 248 47.15 -68.48 0.23
CA TYR G 248 46.69 -68.36 1.61
C TYR G 248 47.84 -68.03 2.57
N ALA G 249 47.49 -67.36 3.68
CA ALA G 249 48.48 -66.98 4.67
C ALA G 249 47.96 -67.28 6.08
N THR G 250 48.87 -67.40 7.03
CA THR G 250 48.50 -67.77 8.39
C THR G 250 48.90 -66.73 9.43
N GLY G 251 48.07 -66.58 10.46
CA GLY G 251 48.31 -65.62 11.53
C GLY G 251 47.68 -66.08 12.83
N ASP G 252 47.80 -65.28 13.88
CA ASP G 252 47.30 -65.65 15.19
C ASP G 252 46.24 -64.71 15.74
N ASN G 253 45.87 -63.70 14.95
CA ASN G 253 44.83 -62.74 15.35
C ASN G 253 44.31 -61.95 14.14
N PRO G 254 43.06 -61.45 14.21
CA PRO G 254 42.42 -60.76 13.10
C PRO G 254 43.24 -59.60 12.50
N TYR G 255 43.89 -58.80 13.34
CA TYR G 255 44.66 -57.67 12.85
C TYR G 255 46.08 -58.07 12.44
N GLY G 256 46.65 -59.00 13.18
CA GLY G 256 48.06 -59.35 13.07
C GLY G 256 48.53 -59.71 11.67
N PRO G 257 49.83 -59.53 11.42
CA PRO G 257 50.45 -59.80 10.12
C PRO G 257 50.31 -61.27 9.73
N PHE G 258 49.97 -61.52 8.47
CA PHE G 258 49.84 -62.89 7.97
C PHE G 258 51.03 -63.26 7.10
N THR G 259 51.50 -64.50 7.27
CA THR G 259 52.64 -64.98 6.51
C THR G 259 52.20 -65.91 5.37
N TYR G 260 52.58 -65.56 4.15
CA TYR G 260 52.29 -66.37 2.97
C TYR G 260 52.76 -67.80 3.15
N ARG G 261 51.87 -68.75 2.88
CA ARG G 261 52.19 -70.16 3.05
C ARG G 261 52.38 -70.87 1.71
N GLY G 262 51.38 -70.78 0.85
CA GLY G 262 51.44 -71.42 -0.45
C GLY G 262 50.23 -71.15 -1.31
N VAL G 263 49.93 -72.08 -2.22
CA VAL G 263 48.79 -71.91 -3.11
C VAL G 263 47.67 -72.89 -2.79
N ILE G 264 46.51 -72.38 -2.39
CA ILE G 264 45.33 -73.24 -2.28
C ILE G 264 44.89 -73.78 -3.63
N LEU G 265 44.93 -72.92 -4.65
CA LEU G 265 44.40 -73.27 -5.96
C LEU G 265 45.24 -72.75 -7.12
N THR G 266 45.09 -73.37 -8.27
CA THR G 266 45.89 -73.08 -9.45
C THR G 266 45.00 -72.56 -10.56
N PRO G 267 45.59 -72.05 -11.63
CA PRO G 267 44.80 -71.26 -12.57
C PRO G 267 43.60 -72.04 -13.09
N VAL G 268 42.45 -71.38 -13.04
CA VAL G 268 41.19 -71.91 -13.53
C VAL G 268 40.85 -71.21 -14.84
N VAL G 269 40.32 -71.97 -15.80
CA VAL G 269 39.93 -71.42 -17.09
C VAL G 269 38.99 -70.23 -16.89
N GLY G 270 39.21 -69.17 -17.66
CA GLY G 270 38.57 -67.90 -17.39
C GLY G 270 39.55 -67.05 -16.58
N TRP G 271 39.57 -65.76 -16.83
CA TRP G 271 40.59 -64.89 -16.25
C TRP G 271 40.55 -64.80 -14.73
N THR G 272 39.33 -64.81 -14.17
CA THR G 272 39.15 -64.59 -12.74
C THR G 272 39.12 -65.88 -11.92
N THR G 273 39.29 -65.73 -10.61
CA THR G 273 39.17 -66.85 -9.68
C THR G 273 38.79 -66.34 -8.28
N HIS G 274 37.62 -66.76 -7.80
CA HIS G 274 37.13 -66.34 -6.49
C HIS G 274 36.73 -67.56 -5.68
N HIS G 275 36.78 -67.44 -4.35
CA HIS G 275 36.56 -68.61 -3.49
C HIS G 275 35.97 -68.27 -2.12
N SER G 276 35.73 -69.31 -1.35
CA SER G 276 35.34 -69.19 0.06
C SER G 276 35.57 -70.55 0.73
N ILE G 277 35.95 -70.52 2.01
CA ILE G 277 36.26 -71.74 2.73
C ILE G 277 35.36 -71.93 3.95
N VAL G 278 34.77 -73.10 4.07
CA VAL G 278 33.89 -73.41 5.19
C VAL G 278 33.87 -74.91 5.49
N GLU G 279 33.76 -75.26 6.77
CA GLU G 279 33.63 -76.64 7.18
C GLU G 279 32.17 -77.03 7.32
N PHE G 280 31.79 -78.17 6.76
CA PHE G 280 30.43 -78.67 6.87
C PHE G 280 30.40 -80.18 7.08
N LYS G 281 29.82 -80.59 8.20
CA LYS G 281 29.73 -82.01 8.57
C LYS G 281 31.09 -82.68 8.65
N GLY G 282 32.05 -82.02 9.30
CA GLY G 282 33.37 -82.57 9.51
C GLY G 282 34.20 -82.63 8.25
N LYS G 283 33.82 -81.85 7.24
CA LYS G 283 34.53 -81.84 5.97
C LYS G 283 34.73 -80.41 5.49
N TRP G 284 35.92 -80.10 4.98
CA TRP G 284 36.22 -78.77 4.47
C TRP G 284 36.05 -78.71 2.95
N TYR G 285 35.33 -77.71 2.47
CA TYR G 285 35.09 -77.56 1.04
C TYR G 285 35.59 -76.21 0.53
N LEU G 286 36.07 -76.20 -0.71
CA LEU G 286 36.50 -74.96 -1.36
C LEU G 286 35.50 -74.56 -2.43
N PHE G 287 34.55 -73.71 -2.07
CA PHE G 287 33.58 -73.20 -3.03
C PHE G 287 34.22 -72.16 -3.93
N HIS G 288 34.09 -72.34 -5.24
CA HIS G 288 34.72 -71.43 -6.20
C HIS G 288 33.97 -71.46 -7.53
N HIS G 289 34.52 -70.78 -8.54
CA HIS G 289 33.88 -70.77 -9.86
C HIS G 289 34.82 -71.15 -11.00
N ASP G 290 34.24 -71.47 -12.14
CA ASP G 290 34.98 -71.92 -13.30
C ASP G 290 34.34 -71.35 -14.56
N CYS G 291 35.07 -71.43 -15.68
CA CYS G 291 34.51 -71.01 -16.97
C CYS G 291 34.50 -72.18 -17.95
N VAL G 292 34.00 -73.33 -17.50
CA VAL G 292 33.92 -74.51 -18.35
C VAL G 292 32.66 -74.58 -19.23
N PRO G 293 31.46 -74.40 -18.63
CA PRO G 293 30.29 -74.41 -19.51
C PRO G 293 30.05 -73.06 -20.19
N SER G 294 31.10 -72.26 -20.29
CA SER G 294 31.05 -71.01 -21.04
C SER G 294 32.15 -71.00 -22.09
N LYS G 295 32.92 -72.08 -22.11
CA LYS G 295 34.01 -72.29 -23.07
C LYS G 295 35.12 -71.24 -23.00
N GLY G 296 35.19 -70.52 -21.88
CA GLY G 296 36.26 -69.56 -21.66
C GLY G 296 35.81 -68.12 -21.55
N LYS G 297 34.51 -67.88 -21.63
CA LYS G 297 33.97 -66.53 -21.47
C LYS G 297 34.12 -66.05 -20.03
N THR G 298 35.03 -65.10 -19.82
CA THR G 298 35.38 -64.64 -18.49
C THR G 298 34.18 -64.08 -17.70
N TRP G 299 33.38 -63.26 -18.37
CA TRP G 299 32.24 -62.61 -17.71
C TRP G 299 31.13 -63.60 -17.34
N LEU G 300 31.21 -64.80 -17.90
CA LEU G 300 30.24 -65.85 -17.61
C LEU G 300 30.90 -66.98 -16.83
N ARG G 301 30.66 -67.01 -15.52
CA ARG G 301 31.30 -67.99 -14.65
C ARG G 301 30.28 -68.94 -14.02
N SER G 302 30.74 -70.13 -13.63
CA SER G 302 29.85 -71.14 -13.05
C SER G 302 30.31 -71.63 -11.68
N LEU G 303 29.39 -71.61 -10.72
CA LEU G 303 29.67 -72.00 -9.35
C LEU G 303 29.95 -73.50 -9.21
N LYS G 304 31.10 -73.83 -8.64
CA LYS G 304 31.48 -75.21 -8.40
C LYS G 304 32.00 -75.39 -6.97
N VAL G 305 32.43 -76.59 -6.63
CA VAL G 305 32.94 -76.88 -5.29
C VAL G 305 33.83 -78.12 -5.28
N ALA G 306 34.91 -78.07 -4.50
CA ALA G 306 35.81 -79.21 -4.37
C ALA G 306 36.17 -79.42 -2.90
N GLU G 307 36.69 -80.61 -2.58
CA GLU G 307 37.08 -80.92 -1.20
C GLU G 307 38.40 -80.25 -0.84
N LEU G 308 38.50 -79.78 0.40
CA LEU G 308 39.72 -79.16 0.90
C LEU G 308 40.27 -79.97 2.06
N LYS G 309 41.55 -80.31 1.99
CA LYS G 309 42.19 -81.09 3.04
C LYS G 309 43.39 -80.38 3.66
N TYR G 310 43.63 -80.63 4.93
CA TYR G 310 44.77 -80.05 5.63
C TYR G 310 45.83 -81.10 5.91
N ASN G 311 47.09 -80.68 5.79
CA ASN G 311 48.21 -81.50 6.24
C ASN G 311 48.42 -81.26 7.74
N PRO G 312 48.99 -82.25 8.45
CA PRO G 312 49.12 -82.17 9.91
C PRO G 312 49.94 -80.97 10.40
N ASP G 313 50.76 -80.40 9.53
CA ASP G 313 51.54 -79.22 9.88
C ASP G 313 50.71 -77.94 9.75
N GLY G 314 49.51 -78.08 9.22
CA GLY G 314 48.62 -76.95 9.05
C GLY G 314 48.50 -76.51 7.60
N SER G 315 49.40 -77.01 6.77
CA SER G 315 49.41 -76.67 5.35
C SER G 315 48.15 -77.16 4.65
N ILE G 316 47.73 -76.43 3.61
CA ILE G 316 46.55 -76.81 2.84
C ILE G 316 46.95 -77.54 1.57
N GLN G 317 46.32 -78.68 1.32
CA GLN G 317 46.64 -79.49 0.16
C GLN G 317 46.27 -78.79 -1.15
N PRO G 318 47.22 -78.73 -2.09
CA PRO G 318 47.02 -78.05 -3.38
C PRO G 318 45.93 -78.70 -4.22
N ILE G 319 44.97 -77.90 -4.66
CA ILE G 319 43.88 -78.38 -5.49
C ILE G 319 44.14 -78.05 -6.96
N LYS G 320 44.13 -79.08 -7.80
CA LYS G 320 44.46 -78.93 -9.22
C LYS G 320 43.52 -77.95 -9.92
N GLY G 321 44.09 -76.97 -10.60
CA GLY G 321 43.33 -75.98 -11.33
C GLY G 321 42.86 -76.50 -12.67
N THR G 322 41.98 -75.75 -13.32
CA THR G 322 41.42 -76.16 -14.60
C THR G 322 42.40 -75.89 -15.75
N ALA G 323 42.95 -74.67 -15.78
CA ALA G 323 43.85 -74.28 -16.86
C ALA G 323 45.26 -73.98 -16.34
N GLU G 324 46.04 -75.04 -16.14
CA GLU G 324 47.41 -74.90 -15.68
C GLU G 324 48.41 -75.24 -16.79
N MET H 1 26.65 3.91 1.98
CA MET H 1 28.08 3.86 2.26
C MET H 1 28.91 4.10 1.01
N LYS H 2 30.08 4.72 1.19
CA LYS H 2 31.01 4.97 0.09
C LYS H 2 32.21 4.04 0.20
N GLU H 3 32.39 3.46 1.38
CA GLU H 3 33.47 2.50 1.62
C GLU H 3 32.91 1.25 2.27
N PRO H 4 33.45 0.08 1.88
CA PRO H 4 32.98 -1.21 2.41
C PRO H 4 33.08 -1.30 3.93
N ARG H 5 32.05 -1.84 4.56
CA ARG H 5 32.03 -2.01 6.01
C ARG H 5 32.26 -3.45 6.40
N TYR H 6 33.13 -3.66 7.39
CA TYR H 6 33.35 -4.99 7.94
C TYR H 6 32.22 -5.31 8.92
N LEU H 7 31.66 -6.51 8.82
CA LEU H 7 30.47 -6.84 9.60
C LEU H 7 30.79 -7.60 10.88
N VAL H 8 31.85 -8.41 10.84
CA VAL H 8 32.29 -9.16 12.01
C VAL H 8 33.77 -8.91 12.30
N PRO H 9 34.08 -7.78 12.94
CA PRO H 9 35.48 -7.45 13.26
C PRO H 9 35.97 -8.18 14.50
N GLY H 10 35.07 -8.89 15.17
CA GLY H 10 35.42 -9.60 16.38
C GLY H 10 35.86 -11.04 16.15
N ASP H 11 35.79 -11.50 14.91
CA ASP H 11 36.19 -12.86 14.56
C ASP H 11 36.61 -12.94 13.10
N TYR H 12 36.71 -14.16 12.58
CA TYR H 12 37.10 -14.38 11.20
C TYR H 12 36.05 -15.19 10.44
N MET H 13 35.30 -14.51 9.57
CA MET H 13 34.28 -15.15 8.75
C MET H 13 34.56 -14.91 7.27
N ALA H 14 34.27 -15.91 6.45
CA ALA H 14 34.55 -15.82 5.02
C ALA H 14 33.44 -16.48 4.19
N ASP H 15 33.55 -16.33 2.87
CA ASP H 15 32.59 -16.93 1.93
C ASP H 15 31.14 -16.60 2.31
N PRO H 16 30.79 -15.30 2.29
CA PRO H 16 29.48 -14.89 2.79
C PRO H 16 28.33 -15.30 1.86
N ALA H 17 27.24 -15.77 2.44
CA ALA H 17 26.04 -16.09 1.69
C ALA H 17 24.87 -15.32 2.28
N ALA H 18 24.44 -14.28 1.58
CA ALA H 18 23.42 -13.38 2.10
C ALA H 18 22.04 -13.63 1.51
N HIS H 19 21.05 -13.81 2.39
CA HIS H 19 19.66 -13.96 1.97
C HIS H 19 18.79 -13.00 2.78
N VAL H 20 17.59 -12.74 2.29
CA VAL H 20 16.64 -11.88 3.01
C VAL H 20 15.46 -12.69 3.53
N PHE H 21 15.47 -12.98 4.82
CA PHE H 21 14.40 -13.76 5.45
C PHE H 21 13.70 -12.95 6.53
N ASN H 22 12.37 -12.94 6.47
CA ASN H 22 11.54 -12.18 7.41
C ASN H 22 11.94 -10.70 7.49
N ASP H 23 12.16 -10.11 6.32
CA ASP H 23 12.57 -8.71 6.19
C ASP H 23 13.91 -8.39 6.86
N LYS H 24 14.60 -9.43 7.31
CA LYS H 24 15.95 -9.29 7.84
C LYS H 24 16.95 -9.88 6.85
N LEU H 25 18.17 -9.35 6.87
CA LEU H 25 19.23 -9.88 6.02
C LEU H 25 20.13 -10.82 6.81
N TYR H 26 20.02 -12.12 6.53
CA TYR H 26 20.85 -13.12 7.20
C TYR H 26 22.08 -13.45 6.38
N ILE H 27 23.19 -13.69 7.06
CA ILE H 27 24.44 -14.07 6.40
C ILE H 27 24.92 -15.42 6.90
N TYR H 28 25.30 -16.28 5.96
CA TYR H 28 25.79 -17.62 6.30
C TYR H 28 27.21 -17.81 5.76
N PRO H 29 28.21 -17.40 6.55
CA PRO H 29 29.62 -17.45 6.14
C PRO H 29 30.35 -18.65 6.69
N SER H 30 31.56 -18.88 6.19
CA SER H 30 32.47 -19.86 6.74
C SER H 30 33.06 -19.29 8.02
N HIS H 31 33.68 -20.15 8.83
CA HIS H 31 34.29 -19.69 10.08
C HIS H 31 35.78 -20.02 10.15
N ASP H 32 36.61 -19.09 9.70
CA ASP H 32 38.06 -19.28 9.74
C ASP H 32 38.58 -19.19 11.17
N TRP H 33 39.49 -20.08 11.52
CA TRP H 33 40.13 -20.05 12.83
C TRP H 33 41.55 -20.59 12.72
N GLU H 34 42.44 -20.12 13.57
CA GLU H 34 43.84 -20.51 13.49
C GLU H 34 44.08 -21.91 14.04
N SER H 35 44.00 -22.91 13.17
CA SER H 35 44.41 -24.26 13.52
C SER H 35 45.91 -24.35 13.33
N GLY H 36 46.54 -25.31 14.00
CA GLY H 36 48.00 -25.42 13.99
C GLY H 36 48.56 -25.83 12.63
N ILE H 37 47.69 -26.30 11.74
CA ILE H 37 48.10 -26.80 10.45
C ILE H 37 48.65 -25.68 9.55
N PRO H 38 49.93 -25.80 9.15
CA PRO H 38 50.58 -24.81 8.29
C PRO H 38 50.01 -24.83 6.88
N GLU H 39 50.32 -23.80 6.10
CA GLU H 39 49.79 -23.65 4.75
C GLU H 39 50.46 -24.60 3.75
N ASN H 40 49.65 -25.20 2.89
CA ASN H 40 50.16 -25.98 1.77
C ASN H 40 49.13 -26.12 0.65
N ASP H 41 49.54 -26.74 -0.45
CA ASP H 41 48.74 -26.78 -1.67
C ASP H 41 47.40 -27.52 -1.56
N ASN H 42 47.32 -28.49 -0.66
CA ASN H 42 46.09 -29.27 -0.52
C ASN H 42 44.96 -28.50 0.17
N GLY H 43 45.30 -27.36 0.75
CA GLY H 43 44.31 -26.51 1.39
C GLY H 43 43.91 -26.97 2.78
N ASP H 44 44.82 -27.65 3.47
CA ASP H 44 44.55 -28.14 4.82
C ASP H 44 44.39 -27.01 5.82
N HIS H 45 45.03 -25.88 5.54
CA HIS H 45 44.96 -24.71 6.41
C HIS H 45 43.54 -24.13 6.48
N PHE H 46 42.75 -24.37 5.44
CA PHE H 46 41.33 -24.05 5.47
C PHE H 46 40.60 -25.14 6.26
N ASN H 47 40.80 -25.13 7.57
CA ASN H 47 40.31 -26.22 8.42
C ASN H 47 39.12 -25.79 9.28
N MET H 48 38.15 -25.12 8.65
CA MET H 48 36.96 -24.65 9.35
C MET H 48 36.13 -25.81 9.89
N LYS H 49 35.58 -25.65 11.08
CA LYS H 49 34.89 -26.76 11.74
C LYS H 49 33.49 -26.41 12.23
N ASP H 50 33.06 -25.16 12.04
CA ASP H 50 31.72 -24.76 12.48
C ASP H 50 31.12 -23.63 11.66
N TYR H 51 29.83 -23.37 11.87
CA TYR H 51 29.11 -22.33 11.14
C TYR H 51 28.43 -21.35 12.09
N HIS H 52 28.53 -20.06 11.76
CA HIS H 52 27.83 -19.01 12.50
C HIS H 52 26.79 -18.36 11.60
N VAL H 53 25.79 -17.73 12.23
CA VAL H 53 24.76 -17.03 11.48
C VAL H 53 24.65 -15.59 11.97
N PHE H 54 24.75 -14.65 11.03
CA PHE H 54 24.65 -13.23 11.36
C PHE H 54 23.43 -12.60 10.69
N SER H 55 22.76 -11.69 11.41
CA SER H 55 21.57 -11.03 10.89
C SER H 55 21.66 -9.51 11.09
N MET H 56 21.18 -8.76 10.10
CA MET H 56 21.20 -7.30 10.17
C MET H 56 19.82 -6.72 9.90
N ASP H 57 19.63 -5.46 10.29
CA ASP H 57 18.42 -4.72 9.94
C ASP H 57 18.80 -3.57 9.02
N ASP H 58 20.08 -3.19 9.08
CA ASP H 58 20.60 -2.12 8.24
C ASP H 58 22.06 -2.40 7.89
N VAL H 59 22.33 -2.52 6.60
CA VAL H 59 23.67 -2.84 6.13
C VAL H 59 24.67 -1.72 6.41
N GLU H 60 24.20 -0.48 6.27
CA GLU H 60 25.07 0.68 6.44
C GLU H 60 25.68 0.78 7.84
N GLN H 61 24.85 1.08 8.83
CA GLN H 61 25.34 1.27 10.20
C GLN H 61 24.48 0.55 11.23
N GLY H 62 23.88 -0.57 10.83
CA GLY H 62 23.05 -1.35 11.73
C GLY H 62 23.88 -2.23 12.64
N GLU H 63 23.21 -2.90 13.57
CA GLU H 63 23.88 -3.75 14.53
C GLU H 63 23.88 -5.21 14.05
N VAL H 64 25.07 -5.79 13.92
CA VAL H 64 25.20 -7.17 13.45
C VAL H 64 25.08 -8.15 14.61
N THR H 65 24.02 -8.96 14.60
CA THR H 65 23.77 -9.91 15.67
C THR H 65 24.37 -11.28 15.38
N ASP H 66 25.15 -11.80 16.32
CA ASP H 66 25.72 -13.13 16.19
C ASP H 66 24.79 -14.13 16.86
N HIS H 67 24.33 -15.11 16.08
CA HIS H 67 23.41 -16.12 16.61
C HIS H 67 24.15 -17.35 17.13
N GLY H 68 25.48 -17.29 17.11
CA GLY H 68 26.30 -18.36 17.63
C GLY H 68 26.44 -19.53 16.65
N VAL H 69 27.00 -20.63 17.14
CA VAL H 69 27.20 -21.82 16.32
C VAL H 69 25.89 -22.56 16.09
N VAL H 70 25.56 -22.79 14.82
CA VAL H 70 24.33 -23.49 14.45
C VAL H 70 24.64 -24.88 13.90
N LEU H 71 25.90 -25.10 13.55
CA LEU H 71 26.33 -26.39 13.02
C LEU H 71 27.83 -26.56 13.22
N ARG H 72 28.24 -27.76 13.60
CA ARG H 72 29.65 -28.06 13.78
C ARG H 72 29.97 -29.49 13.33
N THR H 73 31.19 -29.68 12.84
CA THR H 73 31.63 -30.94 12.26
C THR H 73 31.34 -32.16 13.14
N GLU H 74 31.49 -31.98 14.44
CA GLU H 74 31.31 -33.08 15.39
C GLU H 74 29.86 -33.57 15.44
N ASP H 75 28.92 -32.73 15.03
CA ASP H 75 27.50 -33.08 15.10
C ASP H 75 26.99 -33.71 13.79
N ILE H 76 27.89 -33.87 12.82
CA ILE H 76 27.54 -34.47 11.55
C ILE H 76 28.00 -35.93 11.53
N PRO H 77 27.04 -36.87 11.46
CA PRO H 77 27.31 -38.31 11.56
C PRO H 77 28.33 -38.83 10.54
N TRP H 78 28.33 -38.27 9.33
CA TRP H 78 29.22 -38.74 8.28
C TRP H 78 30.46 -37.87 8.14
N ALA H 79 30.69 -37.01 9.13
CA ALA H 79 31.73 -35.99 9.01
C ALA H 79 33.16 -36.52 8.90
N GLY H 80 33.91 -35.89 8.02
CA GLY H 80 35.34 -36.09 7.93
C GLY H 80 36.03 -34.84 8.43
N ARG H 81 36.10 -33.82 7.58
CA ARG H 81 36.75 -32.56 7.92
C ARG H 81 36.46 -31.45 6.91
N GLN H 82 36.80 -30.21 7.30
CA GLN H 82 36.75 -29.04 6.43
C GLN H 82 35.36 -28.61 5.96
N LEU H 83 34.69 -27.82 6.80
CA LEU H 83 33.43 -27.17 6.43
C LEU H 83 33.71 -25.93 5.60
N TRP H 84 33.40 -25.99 4.31
CA TRP H 84 33.68 -24.88 3.42
C TRP H 84 32.40 -24.09 3.09
N ASP H 85 32.45 -23.32 2.00
CA ASP H 85 31.36 -22.39 1.66
C ASP H 85 30.00 -23.06 1.53
N SER H 86 29.05 -22.66 2.36
CA SER H 86 27.70 -23.21 2.35
C SER H 86 26.67 -22.21 1.83
N ASP H 87 25.41 -22.63 1.79
CA ASP H 87 24.30 -21.75 1.42
C ASP H 87 23.00 -22.26 2.02
N VAL H 88 22.01 -21.37 2.15
CA VAL H 88 20.74 -21.72 2.76
C VAL H 88 19.54 -21.40 1.86
N ALA H 89 18.63 -22.35 1.74
CA ALA H 89 17.41 -22.16 0.97
C ALA H 89 16.18 -22.28 1.85
N PHE H 90 15.12 -21.57 1.50
CA PHE H 90 13.87 -21.65 2.24
C PHE H 90 12.76 -22.28 1.42
N ARG H 91 12.16 -23.35 1.94
CA ARG H 91 11.09 -24.06 1.25
C ARG H 91 10.29 -24.89 2.25
N ASN H 92 8.99 -25.06 1.96
CA ASN H 92 8.10 -25.88 2.78
C ASN H 92 8.03 -25.41 4.23
N GLY H 93 8.27 -24.12 4.45
CA GLY H 93 8.26 -23.56 5.79
C GLY H 93 9.46 -23.98 6.60
N LYS H 94 10.49 -24.50 5.91
CA LYS H 94 11.71 -24.95 6.56
C LYS H 94 12.94 -24.30 5.94
N TYR H 95 14.02 -24.21 6.71
CA TYR H 95 15.27 -23.64 6.21
C TYR H 95 16.33 -24.72 6.04
N TYR H 96 16.69 -25.00 4.79
CA TYR H 96 17.65 -26.05 4.48
C TYR H 96 19.05 -25.49 4.22
N MET H 97 20.01 -25.96 5.00
CA MET H 97 21.41 -25.56 4.80
C MET H 97 22.16 -26.62 4.01
N TYR H 98 22.83 -26.20 2.95
CA TYR H 98 23.58 -27.11 2.09
C TYR H 98 25.08 -26.86 2.24
N PHE H 99 25.73 -27.74 3.00
CA PHE H 99 27.15 -27.55 3.32
C PHE H 99 28.04 -28.57 2.61
N PRO H 100 29.22 -28.12 2.16
CA PRO H 100 30.24 -29.00 1.59
C PRO H 100 31.14 -29.56 2.70
N LEU H 101 31.61 -30.79 2.52
CA LEU H 101 32.43 -31.44 3.53
C LEU H 101 33.08 -32.68 2.95
N LYS H 102 34.36 -32.86 3.22
CA LYS H 102 35.00 -34.08 2.86
C LYS H 102 34.49 -35.16 3.77
N ASP H 103 34.26 -36.34 3.22
CA ASP H 103 33.87 -37.48 4.02
C ASP H 103 35.10 -38.16 4.60
N GLN H 104 34.89 -39.33 5.17
CA GLN H 104 35.92 -40.05 5.86
C GLN H 104 36.98 -40.57 4.92
N ASN H 105 36.72 -40.47 3.63
CA ASN H 105 37.73 -40.81 2.63
C ASN H 105 38.47 -39.62 2.01
N ASP H 106 38.22 -38.43 2.54
CA ASP H 106 38.72 -37.16 1.99
C ASP H 106 38.14 -36.85 0.63
N ILE H 107 36.88 -37.23 0.42
CA ILE H 107 36.15 -36.92 -0.81
C ILE H 107 35.06 -35.91 -0.48
N PHE H 108 35.05 -34.78 -1.19
CA PHE H 108 34.08 -33.74 -0.92
C PHE H 108 32.65 -34.17 -1.26
N ARG H 109 31.79 -34.10 -0.26
CA ARG H 109 30.38 -34.40 -0.44
C ARG H 109 29.54 -33.23 0.07
N ILE H 110 28.28 -33.18 -0.34
CA ILE H 110 27.38 -32.11 0.10
C ILE H 110 26.23 -32.67 0.93
N GLY H 111 26.09 -32.18 2.16
CA GLY H 111 25.04 -32.64 3.05
C GLY H 111 23.95 -31.59 3.21
N VAL H 112 22.92 -31.94 3.97
CA VAL H 112 21.80 -31.03 4.20
C VAL H 112 21.48 -30.90 5.69
N ALA H 113 21.41 -29.66 6.17
CA ALA H 113 21.01 -29.39 7.54
C ALA H 113 19.68 -28.66 7.55
N ILE H 114 18.79 -29.04 8.46
CA ILE H 114 17.42 -28.52 8.47
C ILE H 114 17.10 -27.75 9.75
N SER H 115 16.42 -26.62 9.60
CA SER H 115 16.00 -25.82 10.74
C SER H 115 14.67 -25.12 10.48
N ASP H 116 13.92 -24.85 11.55
CA ASP H 116 12.65 -24.15 11.43
C ASP H 116 12.87 -22.64 11.38
N ARG H 117 14.06 -22.21 11.79
CA ARG H 117 14.39 -20.80 11.82
C ARG H 117 15.60 -20.50 10.93
N PRO H 118 15.66 -19.29 10.37
CA PRO H 118 16.80 -18.88 9.55
C PRO H 118 18.06 -18.70 10.38
N GLU H 119 17.89 -18.54 11.70
CA GLU H 119 19.01 -18.36 12.60
C GLU H 119 19.13 -19.54 13.57
N GLY H 120 18.04 -20.29 13.68
CA GLY H 120 17.98 -21.42 14.60
C GLY H 120 18.97 -22.52 14.27
N PRO H 121 19.20 -23.42 15.24
CA PRO H 121 20.14 -24.55 15.09
C PRO H 121 19.80 -25.43 13.89
N PHE H 122 20.79 -25.75 13.06
CA PHE H 122 20.58 -26.59 11.89
C PHE H 122 20.98 -28.03 12.16
N ILE H 123 20.00 -28.93 12.08
CA ILE H 123 20.23 -30.35 12.32
C ILE H 123 20.54 -31.08 11.01
N PRO H 124 21.76 -31.61 10.89
CA PRO H 124 22.24 -32.25 9.65
C PRO H 124 21.71 -33.67 9.47
N GLN H 125 21.58 -34.09 8.22
CA GLN H 125 21.16 -35.46 7.90
C GLN H 125 22.33 -36.40 8.13
N GLU H 126 22.02 -37.66 8.42
CA GLU H 126 23.06 -38.64 8.77
C GLU H 126 23.99 -38.98 7.61
N ASN H 127 23.56 -38.69 6.38
CA ASN H 127 24.34 -39.03 5.21
C ASN H 127 24.34 -37.91 4.16
N PRO H 128 25.42 -37.83 3.36
CA PRO H 128 25.49 -36.80 2.32
C PRO H 128 24.50 -37.06 1.18
N ILE H 129 24.26 -36.04 0.37
CA ILE H 129 23.37 -36.16 -0.78
C ILE H 129 23.90 -37.19 -1.77
N LYS H 130 23.04 -38.09 -2.23
CA LYS H 130 23.44 -39.11 -3.20
C LYS H 130 23.90 -38.47 -4.50
N GLY H 131 25.06 -38.88 -4.99
CA GLY H 131 25.58 -38.38 -6.24
C GLY H 131 26.28 -37.04 -6.12
N SER H 132 26.21 -36.43 -4.93
CA SER H 132 26.83 -35.13 -4.71
C SER H 132 28.36 -35.25 -4.70
N TYR H 133 29.02 -34.16 -5.10
CA TYR H 133 30.48 -34.10 -5.10
C TYR H 133 30.93 -32.65 -5.21
N SER H 134 32.25 -32.45 -5.10
CA SER H 134 32.85 -31.11 -5.12
C SER H 134 32.30 -30.23 -3.99
N MET H 135 32.31 -28.92 -4.21
CA MET H 135 31.93 -27.99 -3.15
C MET H 135 31.37 -26.66 -3.66
N ASP H 136 31.32 -25.69 -2.74
CA ASP H 136 30.80 -24.35 -3.02
C ASP H 136 29.41 -24.33 -3.66
N PRO H 137 28.40 -24.84 -2.94
CA PRO H 137 27.06 -24.82 -3.52
C PRO H 137 26.29 -23.53 -3.24
N CYS H 138 25.62 -23.01 -4.26
CA CYS H 138 24.65 -21.95 -4.07
C CYS H 138 23.29 -22.43 -4.56
N ILE H 139 22.23 -22.07 -3.83
CA ILE H 139 20.90 -22.55 -4.16
C ILE H 139 20.02 -21.41 -4.70
N TRP H 140 19.49 -21.60 -5.90
CA TRP H 140 18.70 -20.58 -6.55
C TRP H 140 17.21 -20.91 -6.62
N PRO H 141 16.38 -20.18 -5.87
CA PRO H 141 14.93 -20.27 -5.95
C PRO H 141 14.42 -19.57 -7.22
N ASP H 142 14.15 -20.35 -8.26
CA ASP H 142 13.82 -19.79 -9.57
C ASP H 142 12.36 -19.34 -9.66
N LYS H 143 12.04 -18.61 -10.71
CA LYS H 143 10.69 -18.11 -10.95
C LYS H 143 9.74 -19.23 -11.37
N ASP H 144 10.30 -20.35 -11.80
CA ASP H 144 9.49 -21.51 -12.18
C ASP H 144 9.02 -22.30 -10.97
N GLY H 145 9.55 -21.94 -9.80
CA GLY H 145 9.16 -22.59 -8.55
C GLY H 145 10.16 -23.62 -8.07
N GLU H 146 11.01 -24.09 -8.96
CA GLU H 146 11.98 -25.13 -8.63
C GLU H 146 13.25 -24.55 -8.02
N TYR H 147 13.94 -25.36 -7.21
CA TYR H 147 15.18 -24.94 -6.57
C TYR H 147 16.38 -25.61 -7.21
N TYR H 148 17.34 -24.82 -7.65
CA TYR H 148 18.51 -25.35 -8.35
C TYR H 148 19.80 -25.13 -7.56
N MET H 149 20.65 -26.15 -7.54
CA MET H 149 21.95 -26.04 -6.89
C MET H 149 23.06 -25.86 -7.92
N TYR H 150 23.91 -24.87 -7.68
CA TYR H 150 25.10 -24.67 -8.52
C TYR H 150 26.33 -24.90 -7.66
N PHE H 151 27.19 -25.84 -8.08
CA PHE H 151 28.38 -26.17 -7.31
C PHE H 151 29.59 -26.45 -8.21
N GLY H 152 30.74 -26.60 -7.59
CA GLY H 152 31.97 -26.87 -8.31
C GLY H 152 33.14 -26.05 -7.80
N GLY H 153 34.35 -26.61 -7.91
CA GLY H 153 35.54 -25.93 -7.46
C GLY H 153 36.81 -26.60 -7.94
N LEU H 154 37.67 -25.85 -8.61
CA LEU H 154 38.90 -26.41 -9.16
C LEU H 154 39.94 -26.70 -8.08
N TRP H 155 40.97 -27.45 -8.48
CA TRP H 155 42.11 -27.77 -7.60
C TRP H 155 41.69 -28.46 -6.31
N GLY H 156 41.61 -27.69 -5.24
CA GLY H 156 41.27 -28.24 -3.93
C GLY H 156 39.80 -28.57 -3.77
N GLY H 157 39.01 -28.32 -4.81
CA GLY H 157 37.59 -28.59 -4.78
C GLY H 157 37.22 -29.90 -5.47
N GLN H 158 38.23 -30.56 -6.04
CA GLN H 158 38.09 -31.88 -6.62
C GLN H 158 37.18 -31.96 -7.85
N LEU H 159 36.93 -30.82 -8.49
CA LEU H 159 36.06 -30.80 -9.66
C LEU H 159 36.73 -31.48 -10.86
N GLN H 160 38.06 -31.46 -10.89
CA GLN H 160 38.81 -32.06 -11.97
C GLN H 160 38.85 -33.59 -11.88
N ARG H 161 38.43 -34.13 -10.75
CA ARG H 161 38.41 -35.57 -10.55
C ARG H 161 37.22 -36.21 -11.26
N TYR H 162 36.30 -35.39 -11.74
CA TYR H 162 35.06 -35.90 -12.31
C TYR H 162 34.82 -35.45 -13.75
N ARG H 163 34.24 -36.34 -14.54
CA ARG H 163 33.74 -36.01 -15.87
C ARG H 163 32.34 -36.57 -15.98
N ASN H 164 31.36 -35.67 -16.14
CA ASN H 164 29.95 -36.05 -16.16
C ASN H 164 29.54 -36.80 -14.90
N ASN H 165 29.89 -36.24 -13.75
CA ASN H 165 29.51 -36.78 -12.43
C ASN H 165 30.10 -38.15 -12.14
N LYS H 166 31.11 -38.56 -12.91
CA LYS H 166 31.77 -39.83 -12.68
C LYS H 166 33.25 -39.60 -12.34
N ALA H 167 33.71 -40.22 -11.26
CA ALA H 167 35.08 -40.04 -10.80
C ALA H 167 36.08 -40.73 -11.74
N LEU H 168 37.17 -40.04 -12.03
CA LEU H 168 38.20 -40.59 -12.90
C LEU H 168 39.24 -41.35 -12.10
N GLU H 169 40.04 -42.16 -12.78
CA GLU H 169 41.14 -42.88 -12.13
C GLU H 169 42.23 -41.87 -11.78
N CYS H 170 42.51 -40.96 -12.72
CA CYS H 170 43.47 -39.89 -12.51
C CYS H 170 42.84 -38.55 -12.90
N ALA H 171 42.87 -37.59 -11.97
CA ALA H 171 42.28 -36.27 -12.20
C ALA H 171 42.95 -35.56 -13.37
N LEU H 172 42.16 -34.86 -14.17
CA LEU H 172 42.67 -34.19 -15.36
C LEU H 172 42.27 -32.71 -15.42
N LEU H 173 43.28 -31.84 -15.44
CA LEU H 173 43.06 -30.42 -15.60
C LEU H 173 43.42 -29.97 -17.01
N PRO H 174 42.44 -29.44 -17.76
CA PRO H 174 42.65 -28.99 -19.14
C PRO H 174 43.65 -27.84 -19.22
N GLU H 175 44.33 -27.73 -20.36
CA GLU H 175 45.34 -26.68 -20.57
C GLU H 175 45.18 -26.05 -21.95
N GLY H 176 45.62 -24.79 -22.06
CA GLY H 176 45.65 -24.10 -23.34
C GLY H 176 44.30 -23.88 -23.99
N ASP H 177 44.21 -24.26 -25.26
CA ASP H 177 43.00 -24.04 -26.05
C ASP H 177 41.83 -24.92 -25.65
N GLU H 178 42.13 -25.98 -24.90
CA GLU H 178 41.11 -26.93 -24.45
C GLU H 178 40.02 -26.25 -23.63
N PRO H 179 38.78 -26.71 -23.78
CA PRO H 179 37.64 -26.15 -23.04
C PRO H 179 37.81 -26.30 -21.53
N ALA H 180 37.73 -25.18 -20.81
CA ALA H 180 37.87 -25.18 -19.36
C ALA H 180 36.70 -25.90 -18.70
N LEU H 181 36.88 -26.28 -17.44
CA LEU H 181 35.83 -26.95 -16.69
C LEU H 181 34.67 -26.01 -16.35
N CYS H 182 33.46 -26.46 -16.60
CA CYS H 182 32.26 -25.68 -16.31
C CYS H 182 31.75 -26.03 -14.92
N PRO H 183 31.03 -25.09 -14.27
CA PRO H 183 30.37 -25.40 -13.00
C PRO H 183 29.18 -26.33 -13.25
N LYS H 184 28.62 -26.89 -12.18
CA LYS H 184 27.53 -27.85 -12.33
C LYS H 184 26.21 -27.28 -11.82
N VAL H 185 25.11 -27.72 -12.43
CA VAL H 185 23.77 -27.27 -12.04
C VAL H 185 22.83 -28.47 -11.89
N VAL H 186 22.12 -28.53 -10.77
CA VAL H 186 21.17 -29.60 -10.51
C VAL H 186 19.84 -29.06 -10.00
N ARG H 187 18.75 -29.62 -10.49
CA ARG H 187 17.44 -29.33 -9.92
C ARG H 187 17.25 -30.18 -8.67
N LEU H 188 16.93 -29.54 -7.56
CA LEU H 188 16.73 -30.26 -6.31
C LEU H 188 15.35 -30.89 -6.26
N ARG H 189 15.22 -31.95 -5.47
CA ARG H 189 13.94 -32.61 -5.26
C ARG H 189 13.07 -31.74 -4.37
N GLU H 190 11.78 -32.00 -4.35
CA GLU H 190 10.84 -31.19 -3.57
C GLU H 190 11.15 -31.19 -2.08
N ASP H 191 11.46 -32.37 -1.54
CA ASP H 191 11.75 -32.50 -0.12
C ASP H 191 13.12 -31.91 0.23
N MET H 192 13.85 -31.47 -0.78
CA MET H 192 15.13 -30.78 -0.61
C MET H 192 16.16 -31.64 0.13
N LEU H 193 16.17 -32.94 -0.18
CA LEU H 193 17.09 -33.86 0.46
C LEU H 193 18.03 -34.52 -0.55
N GLU H 194 17.55 -34.67 -1.78
CA GLU H 194 18.34 -35.30 -2.83
C GLU H 194 18.22 -34.55 -4.15
N PHE H 195 19.04 -34.94 -5.12
CA PHE H 195 18.94 -34.38 -6.47
C PHE H 195 17.70 -34.93 -7.16
N ALA H 196 17.07 -34.10 -7.98
CA ALA H 196 15.90 -34.54 -8.74
C ALA H 196 16.31 -35.04 -10.12
N GLU H 197 17.58 -34.82 -10.45
CA GLU H 197 18.13 -35.23 -11.74
C GLU H 197 19.64 -35.38 -11.64
N GLU H 198 20.28 -35.75 -12.75
CA GLU H 198 21.73 -35.82 -12.79
C GLU H 198 22.33 -34.46 -13.17
N PRO H 199 23.37 -34.05 -12.44
CA PRO H 199 24.05 -32.76 -12.65
C PRO H 199 24.54 -32.59 -14.09
N ARG H 200 24.44 -31.38 -14.62
CA ARG H 200 24.96 -31.08 -15.96
C ARG H 200 25.89 -29.87 -15.91
N ASP H 201 26.62 -29.65 -17.00
CA ASP H 201 27.49 -28.49 -17.11
C ASP H 201 26.68 -27.20 -17.30
N LEU H 202 26.95 -26.22 -16.45
CA LEU H 202 26.43 -24.88 -16.67
C LEU H 202 27.48 -24.09 -17.42
N MET H 203 27.54 -24.32 -18.73
CA MET H 203 28.65 -23.80 -19.54
C MET H 203 28.64 -22.27 -19.68
N ILE H 204 29.82 -21.69 -19.53
CA ILE H 204 30.00 -20.25 -19.63
C ILE H 204 30.70 -19.89 -20.94
N LEU H 205 29.99 -19.16 -21.79
CA LEU H 205 30.49 -18.83 -23.12
C LEU H 205 31.09 -17.43 -23.20
N ASP H 206 31.92 -17.20 -24.21
CA ASP H 206 32.45 -15.87 -24.47
C ASP H 206 31.48 -15.11 -25.36
N GLU H 207 31.85 -13.89 -25.76
CA GLU H 207 31.00 -13.05 -26.59
C GLU H 207 30.72 -13.67 -27.95
N LYS H 208 31.64 -14.51 -28.41
CA LYS H 208 31.49 -15.18 -29.69
C LYS H 208 30.54 -16.37 -29.60
N GLY H 209 30.51 -17.01 -28.44
CA GLY H 209 29.65 -18.16 -28.22
C GLY H 209 30.43 -19.45 -27.98
N LYS H 210 31.75 -19.34 -28.03
CA LYS H 210 32.63 -20.48 -27.82
C LYS H 210 32.93 -20.69 -26.34
N LEU H 211 33.02 -21.95 -25.92
CA LEU H 211 33.38 -22.28 -24.55
C LEU H 211 34.72 -21.66 -24.14
N LEU H 212 34.76 -21.08 -22.95
CA LEU H 212 35.97 -20.46 -22.45
C LEU H 212 37.11 -21.48 -22.31
N SER H 213 38.29 -21.08 -22.78
CA SER H 213 39.46 -21.96 -22.75
C SER H 213 40.02 -22.11 -21.35
N ALA H 214 40.87 -23.11 -21.16
CA ALA H 214 41.50 -23.35 -19.87
C ALA H 214 42.62 -22.36 -19.61
N GLY H 215 43.22 -21.85 -20.68
CA GLY H 215 44.28 -20.87 -20.57
C GLY H 215 43.75 -19.51 -20.15
N ASP H 216 42.50 -19.24 -20.50
CA ASP H 216 41.86 -17.97 -20.16
C ASP H 216 41.57 -17.93 -18.66
N THR H 217 42.63 -17.75 -17.88
CA THR H 217 42.56 -17.83 -16.42
C THR H 217 41.72 -16.71 -15.82
N LYS H 218 41.61 -15.60 -16.54
CA LYS H 218 40.94 -14.41 -16.03
C LYS H 218 39.42 -14.46 -16.19
N ARG H 219 38.91 -15.50 -16.84
CA ARG H 219 37.48 -15.56 -17.15
C ARG H 219 36.83 -16.91 -16.87
N ARG H 220 37.60 -17.99 -16.94
CA ARG H 220 37.04 -19.32 -16.72
C ARG H 220 36.63 -19.53 -15.26
N PHE H 221 35.83 -20.58 -15.02
CA PHE H 221 35.32 -20.85 -13.69
C PHE H 221 36.35 -21.52 -12.80
N PHE H 222 36.37 -21.13 -11.52
CA PHE H 222 37.24 -21.75 -10.54
C PHE H 222 36.43 -22.21 -9.33
N GLU H 223 35.65 -21.29 -8.77
CA GLU H 223 34.79 -21.59 -7.63
C GLU H 223 33.81 -20.45 -7.34
N ALA H 224 33.15 -20.52 -6.19
CA ALA H 224 32.27 -19.46 -5.70
C ALA H 224 31.09 -19.15 -6.62
N SER H 225 30.29 -20.16 -6.92
CA SER H 225 29.11 -19.96 -7.76
C SER H 225 28.07 -19.12 -7.04
N TRP H 226 27.38 -18.27 -7.79
CA TRP H 226 26.28 -17.49 -7.26
C TRP H 226 25.32 -17.04 -8.36
N MET H 227 24.03 -17.14 -8.08
CA MET H 227 23.01 -16.81 -9.06
C MET H 227 22.00 -15.81 -8.49
N HIS H 228 21.68 -14.79 -9.27
CA HIS H 228 20.63 -13.84 -8.89
C HIS H 228 19.93 -13.25 -10.12
N TYR H 229 18.64 -12.97 -9.97
CA TYR H 229 17.81 -12.51 -11.09
C TYR H 229 17.45 -11.03 -10.94
N TYR H 230 18.03 -10.20 -11.79
CA TYR H 230 17.77 -8.77 -11.75
C TYR H 230 17.34 -8.21 -13.10
N ASN H 231 16.19 -7.53 -13.11
CA ASN H 231 15.69 -6.81 -14.28
C ASN H 231 15.59 -7.68 -15.53
N GLY H 232 15.04 -8.88 -15.37
CA GLY H 232 14.81 -9.77 -16.50
C GLY H 232 15.96 -10.70 -16.82
N LYS H 233 17.14 -10.39 -16.31
CA LYS H 233 18.33 -11.19 -16.61
C LYS H 233 18.72 -12.14 -15.46
N TYR H 234 19.32 -13.26 -15.83
CA TYR H 234 19.93 -14.16 -14.85
C TYR H 234 21.40 -13.83 -14.75
N TYR H 235 21.88 -13.61 -13.53
CA TYR H 235 23.28 -13.26 -13.31
C TYR H 235 24.05 -14.38 -12.63
N PHE H 236 24.99 -14.98 -13.34
CA PHE H 236 25.87 -15.98 -12.76
C PHE H 236 27.26 -15.41 -12.53
N SER H 237 27.60 -15.17 -11.27
CA SER H 237 28.92 -14.64 -10.92
C SER H 237 29.73 -15.70 -10.18
N TYR H 238 31.06 -15.60 -10.29
CA TYR H 238 31.95 -16.64 -9.75
C TYR H 238 33.34 -16.12 -9.41
N SER H 239 34.22 -17.03 -8.99
CA SER H 239 35.61 -16.71 -8.73
C SER H 239 36.51 -17.28 -9.82
N THR H 240 37.65 -16.65 -10.05
CA THR H 240 38.55 -17.08 -11.11
C THR H 240 39.81 -17.75 -10.57
N GLY H 241 39.97 -17.73 -9.25
CA GLY H 241 41.06 -18.44 -8.60
C GLY H 241 42.37 -17.69 -8.59
N ASP H 242 43.30 -18.11 -9.44
CA ASP H 242 44.67 -17.58 -9.42
C ASP H 242 44.82 -16.21 -10.10
N THR H 243 43.71 -15.66 -10.59
CA THR H 243 43.72 -14.29 -11.08
C THR H 243 42.96 -13.39 -10.10
N HIS H 244 42.42 -14.01 -9.06
CA HIS H 244 41.80 -13.30 -7.95
C HIS H 244 40.66 -12.37 -8.37
N LEU H 245 39.80 -12.86 -9.26
CA LEU H 245 38.72 -12.03 -9.80
C LEU H 245 37.33 -12.57 -9.53
N ILE H 246 36.36 -11.66 -9.48
CA ILE H 246 34.95 -12.03 -9.43
C ILE H 246 34.30 -11.60 -10.75
N CYS H 247 34.13 -12.55 -11.66
CA CYS H 247 33.53 -12.26 -12.97
C CYS H 247 32.08 -12.70 -12.99
N TYR H 248 31.30 -12.09 -13.89
CA TYR H 248 29.87 -12.42 -13.98
C TYR H 248 29.44 -12.69 -15.42
N ALA H 249 28.34 -13.42 -15.56
CA ALA H 249 27.79 -13.75 -16.87
C ALA H 249 26.27 -13.66 -16.83
N THR H 250 25.65 -13.49 -18.00
CA THR H 250 24.20 -13.36 -18.08
C THR H 250 23.55 -14.43 -18.96
N GLY H 251 22.34 -14.83 -18.58
CA GLY H 251 21.61 -15.86 -19.31
C GLY H 251 20.11 -15.66 -19.26
N ASP H 252 19.38 -16.48 -19.99
CA ASP H 252 17.93 -16.35 -20.08
C ASP H 252 17.18 -17.27 -19.12
N ASN H 253 17.80 -18.39 -18.76
CA ASN H 253 17.19 -19.36 -17.85
C ASN H 253 18.25 -20.03 -16.98
N PRO H 254 17.84 -20.66 -15.86
CA PRO H 254 18.78 -21.31 -14.95
C PRO H 254 19.72 -22.32 -15.61
N TYR H 255 19.20 -23.16 -16.49
CA TYR H 255 20.00 -24.19 -17.14
C TYR H 255 20.89 -23.65 -18.26
N GLY H 256 20.31 -22.78 -19.09
CA GLY H 256 20.94 -22.33 -20.32
C GLY H 256 22.31 -21.71 -20.21
N PRO H 257 22.98 -21.53 -21.36
CA PRO H 257 24.36 -21.02 -21.42
C PRO H 257 24.45 -19.57 -21.00
N PHE H 258 25.48 -19.24 -20.23
CA PHE H 258 25.73 -17.87 -19.81
C PHE H 258 26.88 -17.27 -20.62
N THR H 259 26.86 -15.96 -20.79
CA THR H 259 27.88 -15.28 -21.58
C THR H 259 28.69 -14.32 -20.71
N TYR H 260 30.01 -14.50 -20.69
CA TYR H 260 30.89 -13.65 -19.89
C TYR H 260 30.72 -12.18 -20.23
N ARG H 261 30.49 -11.35 -19.21
CA ARG H 261 30.26 -9.93 -19.44
C ARG H 261 31.40 -9.06 -18.93
N GLY H 262 31.75 -9.20 -17.66
CA GLY H 262 32.78 -8.36 -17.08
C GLY H 262 33.28 -8.81 -15.72
N VAL H 263 34.02 -7.92 -15.07
CA VAL H 263 34.61 -8.22 -13.77
C VAL H 263 33.94 -7.40 -12.67
N ILE H 264 33.25 -8.08 -11.76
CA ILE H 264 32.59 -7.41 -10.65
C ILE H 264 33.61 -6.84 -9.66
N LEU H 265 34.50 -7.71 -9.17
CA LEU H 265 35.48 -7.31 -8.16
C LEU H 265 36.92 -7.59 -8.59
N THR H 266 37.80 -6.64 -8.30
CA THR H 266 39.23 -6.77 -8.59
C THR H 266 39.90 -7.55 -7.46
N PRO H 267 41.19 -7.94 -7.63
CA PRO H 267 41.87 -8.68 -6.55
C PRO H 267 41.83 -7.99 -5.19
N VAL H 268 41.65 -8.78 -4.15
CA VAL H 268 41.62 -8.27 -2.78
C VAL H 268 42.78 -8.81 -1.98
N VAL H 269 43.00 -8.27 -0.78
CA VAL H 269 44.05 -8.74 0.11
C VAL H 269 43.74 -10.17 0.56
N GLY H 270 44.64 -11.09 0.23
CA GLY H 270 44.41 -12.50 0.46
C GLY H 270 44.17 -13.20 -0.86
N TRP H 271 44.56 -14.47 -0.94
CA TRP H 271 44.50 -15.20 -2.20
C TRP H 271 43.07 -15.47 -2.66
N THR H 272 42.20 -15.88 -1.74
CA THR H 272 40.84 -16.24 -2.09
C THR H 272 39.92 -15.02 -2.20
N THR H 273 38.92 -15.14 -3.07
CA THR H 273 37.87 -14.14 -3.17
C THR H 273 36.51 -14.82 -3.35
N HIS H 274 35.61 -14.58 -2.40
CA HIS H 274 34.28 -15.20 -2.43
C HIS H 274 33.23 -14.12 -2.22
N HIS H 275 32.02 -14.36 -2.71
CA HIS H 275 30.99 -13.33 -2.68
C HIS H 275 29.55 -13.85 -2.69
N SER H 276 28.62 -12.92 -2.55
CA SER H 276 27.20 -13.17 -2.72
C SER H 276 26.49 -11.84 -2.96
N ILE H 277 25.49 -11.84 -3.82
CA ILE H 277 24.78 -10.62 -4.19
C ILE H 277 23.31 -10.70 -3.81
N VAL H 278 22.81 -9.67 -3.14
CA VAL H 278 21.41 -9.65 -2.71
C VAL H 278 20.87 -8.22 -2.62
N GLU H 279 19.58 -8.06 -2.91
CA GLU H 279 18.93 -6.76 -2.78
C GLU H 279 18.26 -6.64 -1.41
N PHE H 280 18.52 -5.52 -0.73
CA PHE H 280 17.99 -5.31 0.61
C PHE H 280 17.58 -3.85 0.84
N LYS H 281 16.31 -3.65 1.15
CA LYS H 281 15.76 -2.32 1.42
C LYS H 281 15.95 -1.36 0.25
N GLY H 282 15.81 -1.88 -0.97
CA GLY H 282 15.89 -1.07 -2.17
C GLY H 282 17.31 -0.78 -2.62
N LYS H 283 18.25 -1.59 -2.14
CA LYS H 283 19.65 -1.41 -2.52
C LYS H 283 20.32 -2.76 -2.80
N TRP H 284 21.29 -2.75 -3.70
CA TRP H 284 22.04 -3.97 -4.03
C TRP H 284 23.44 -3.93 -3.43
N TYR H 285 23.80 -5.00 -2.72
CA TYR H 285 25.12 -5.07 -2.07
C TYR H 285 25.95 -6.23 -2.60
N LEU H 286 27.26 -6.14 -2.40
CA LEU H 286 28.17 -7.24 -2.72
C LEU H 286 28.90 -7.69 -1.47
N PHE H 287 28.37 -8.70 -0.80
CA PHE H 287 29.03 -9.26 0.38
C PHE H 287 30.22 -10.11 -0.06
N HIS H 288 31.40 -9.78 0.45
CA HIS H 288 32.61 -10.51 0.11
C HIS H 288 33.58 -10.50 1.29
N HIS H 289 34.86 -10.73 1.03
CA HIS H 289 35.87 -10.72 2.09
C HIS H 289 37.28 -10.42 1.60
N ASP H 290 38.16 -10.09 2.54
CA ASP H 290 39.59 -9.93 2.26
C ASP H 290 40.40 -10.18 3.53
N CYS H 291 41.72 -10.06 3.43
CA CYS H 291 42.59 -10.38 4.56
C CYS H 291 43.35 -9.18 5.11
N VAL H 292 42.67 -8.04 5.21
CA VAL H 292 43.28 -6.85 5.80
C VAL H 292 43.43 -6.93 7.33
N PRO H 293 42.36 -7.30 8.06
CA PRO H 293 42.53 -7.38 9.52
C PRO H 293 43.53 -8.44 9.97
N SER H 294 43.75 -9.48 9.16
CA SER H 294 44.71 -10.53 9.50
C SER H 294 46.07 -10.24 8.88
N LYS H 295 46.15 -9.14 8.14
CA LYS H 295 47.38 -8.70 7.49
C LYS H 295 47.95 -9.72 6.49
N GLY H 296 47.14 -10.06 5.49
CA GLY H 296 47.60 -10.87 4.38
C GLY H 296 47.57 -12.38 4.61
N LYS H 297 46.97 -12.79 5.73
CA LYS H 297 46.89 -14.21 6.04
C LYS H 297 45.70 -14.85 5.33
N THR H 298 45.99 -15.62 4.29
CA THR H 298 44.98 -16.22 3.42
C THR H 298 43.91 -17.03 4.16
N TRP H 299 44.34 -17.88 5.10
CA TRP H 299 43.40 -18.77 5.80
C TRP H 299 42.60 -18.07 6.89
N LEU H 300 42.88 -16.79 7.12
CA LEU H 300 42.11 -16.00 8.07
C LEU H 300 41.51 -14.76 7.39
N ARG H 301 40.19 -14.80 7.17
CA ARG H 301 39.54 -13.80 6.36
C ARG H 301 38.44 -13.05 7.13
N SER H 302 38.17 -11.81 6.70
CA SER H 302 37.13 -11.00 7.32
C SER H 302 36.13 -10.53 6.27
N LEU H 303 34.85 -10.80 6.49
CA LEU H 303 33.84 -10.44 5.52
C LEU H 303 33.46 -8.95 5.55
N LYS H 304 33.20 -8.42 4.36
CA LYS H 304 32.85 -7.01 4.20
C LYS H 304 31.69 -6.87 3.24
N VAL H 305 31.23 -5.65 3.01
CA VAL H 305 30.09 -5.43 2.13
C VAL H 305 30.14 -4.07 1.45
N ALA H 306 30.08 -4.08 0.11
CA ALA H 306 30.01 -2.85 -0.67
C ALA H 306 28.73 -2.86 -1.49
N GLU H 307 28.18 -1.67 -1.72
CA GLU H 307 26.95 -1.59 -2.50
C GLU H 307 27.23 -1.81 -3.98
N LEU H 308 26.33 -2.51 -4.66
CA LEU H 308 26.50 -2.83 -6.06
C LEU H 308 25.50 -2.05 -6.90
N LYS H 309 26.01 -1.32 -7.88
CA LYS H 309 25.14 -0.52 -8.76
C LYS H 309 25.23 -0.98 -10.21
N TYR H 310 24.12 -0.90 -10.93
CA TYR H 310 24.05 -1.36 -12.30
C TYR H 310 24.16 -0.20 -13.29
N ASN H 311 24.15 -0.55 -14.57
CA ASN H 311 24.07 0.42 -15.66
C ASN H 311 22.79 0.14 -16.45
N PRO H 312 22.35 1.10 -17.27
CA PRO H 312 21.13 0.89 -18.07
C PRO H 312 21.20 -0.35 -18.97
N ASP H 313 22.39 -0.69 -19.45
CA ASP H 313 22.54 -1.82 -20.36
C ASP H 313 22.56 -3.17 -19.64
N GLY H 314 22.36 -3.13 -18.32
CA GLY H 314 22.31 -4.35 -17.53
C GLY H 314 23.64 -4.75 -16.94
N SER H 315 24.71 -4.07 -17.37
CA SER H 315 26.05 -4.37 -16.89
C SER H 315 26.23 -3.99 -15.43
N ILE H 316 27.36 -4.39 -14.85
CA ILE H 316 27.64 -4.10 -13.44
C ILE H 316 28.89 -3.23 -13.29
N GLN H 317 28.76 -2.14 -12.53
CA GLN H 317 29.88 -1.25 -12.27
C GLN H 317 30.96 -1.95 -11.45
N PRO H 318 32.18 -2.05 -12.00
CA PRO H 318 33.29 -2.78 -11.37
C PRO H 318 33.71 -2.18 -10.04
N ILE H 319 33.68 -2.98 -8.99
CA ILE H 319 34.11 -2.56 -7.67
C ILE H 319 35.59 -2.90 -7.45
N LYS H 320 36.35 -1.95 -6.94
CA LYS H 320 37.78 -2.16 -6.71
C LYS H 320 38.05 -2.91 -5.42
N GLY H 321 38.95 -3.88 -5.49
CA GLY H 321 39.38 -4.62 -4.31
C GLY H 321 40.41 -3.84 -3.53
N THR H 322 40.99 -4.46 -2.52
CA THR H 322 41.96 -3.78 -1.66
C THR H 322 43.40 -4.06 -2.05
N ALA H 323 43.58 -4.94 -3.04
CA ALA H 323 44.92 -5.29 -3.51
C ALA H 323 45.18 -4.76 -4.92
N GLU H 324 44.43 -5.27 -5.89
CA GLU H 324 44.51 -4.89 -7.29
C GLU H 324 45.94 -4.75 -7.82
N GLU I 3 -60.86 -16.96 18.89
CA GLU I 3 -60.86 -15.62 19.45
C GLU I 3 -59.67 -15.37 20.40
N PRO I 4 -58.45 -15.35 19.84
CA PRO I 4 -57.21 -15.21 20.63
C PRO I 4 -57.22 -13.97 21.51
N ARG I 5 -57.33 -14.18 22.82
CA ARG I 5 -57.43 -13.09 23.78
C ARG I 5 -56.05 -12.60 24.22
N TYR I 6 -55.85 -11.29 24.14
CA TYR I 6 -54.62 -10.68 24.66
C TYR I 6 -54.74 -10.51 26.17
N LEU I 7 -53.61 -10.66 26.87
CA LEU I 7 -53.63 -10.74 28.32
C LEU I 7 -53.20 -9.45 29.03
N VAL I 8 -52.16 -8.82 28.54
CA VAL I 8 -51.64 -7.61 29.19
C VAL I 8 -51.42 -6.44 28.22
N PRO I 9 -52.46 -5.62 28.00
CA PRO I 9 -52.40 -4.46 27.11
C PRO I 9 -51.52 -3.35 27.67
N GLY I 10 -51.32 -3.34 28.99
CA GLY I 10 -50.58 -2.29 29.65
C GLY I 10 -49.10 -2.28 29.30
N ASP I 11 -48.49 -3.47 29.29
CA ASP I 11 -47.06 -3.59 29.00
C ASP I 11 -46.77 -4.65 27.95
N TYR I 12 -45.49 -4.95 27.77
CA TYR I 12 -45.06 -5.92 26.76
C TYR I 12 -44.42 -7.16 27.38
N MET I 13 -45.10 -8.30 27.24
CA MET I 13 -44.60 -9.56 27.77
C MET I 13 -44.50 -10.61 26.66
N ALA I 14 -43.47 -11.44 26.73
CA ALA I 14 -43.27 -12.48 25.72
C ALA I 14 -42.72 -13.75 26.35
N ASP I 15 -42.54 -14.78 25.52
CA ASP I 15 -42.06 -16.09 25.96
C ASP I 15 -42.84 -16.59 27.18
N PRO I 16 -44.17 -16.73 27.04
CA PRO I 16 -44.98 -17.07 28.22
C PRO I 16 -44.79 -18.53 28.65
N ALA I 17 -44.71 -18.76 29.95
CA ALA I 17 -44.62 -20.12 30.49
C ALA I 17 -45.75 -20.34 31.48
N ALA I 18 -46.78 -21.04 31.04
CA ALA I 18 -47.98 -21.23 31.86
C ALA I 18 -47.93 -22.50 32.70
N HIS I 19 -48.31 -22.36 33.97
CA HIS I 19 -48.38 -23.50 34.88
C HIS I 19 -49.62 -23.42 35.76
N VAL I 20 -50.08 -24.57 36.23
CA VAL I 20 -51.25 -24.63 37.10
C VAL I 20 -50.83 -24.93 38.55
N PHE I 21 -50.78 -23.89 39.36
CA PHE I 21 -50.39 -24.03 40.76
C PHE I 21 -51.52 -23.63 41.70
N ASN I 22 -51.85 -24.52 42.63
CA ASN I 22 -52.92 -24.29 43.60
C ASN I 22 -54.25 -23.91 42.95
N ASP I 23 -54.64 -24.68 41.94
CA ASP I 23 -55.88 -24.46 41.19
C ASP I 23 -55.91 -23.10 40.50
N LYS I 24 -54.75 -22.48 40.36
CA LYS I 24 -54.62 -21.20 39.68
C LYS I 24 -53.67 -21.32 38.50
N LEU I 25 -53.88 -20.50 37.48
CA LEU I 25 -53.02 -20.53 36.30
C LEU I 25 -52.01 -19.39 36.34
N TYR I 26 -50.75 -19.73 36.58
CA TYR I 26 -49.68 -18.74 36.64
C TYR I 26 -48.90 -18.68 35.34
N ILE I 27 -48.45 -17.48 34.98
CA ILE I 27 -47.69 -17.28 33.76
C ILE I 27 -46.35 -16.61 34.06
N TYR I 28 -45.27 -17.16 33.52
CA TYR I 28 -43.93 -16.63 33.75
C TYR I 28 -43.28 -16.23 32.43
N PRO I 29 -43.54 -14.99 31.99
CA PRO I 29 -43.07 -14.48 30.69
C PRO I 29 -41.79 -13.67 30.80
N SER I 30 -41.25 -13.27 29.66
CA SER I 30 -40.11 -12.35 29.61
C SER I 30 -40.64 -10.93 29.44
N HIS I 31 -40.01 -9.98 30.12
CA HIS I 31 -40.49 -8.60 30.12
C HIS I 31 -39.75 -7.71 29.11
N ASP I 32 -40.36 -7.51 27.95
CA ASP I 32 -39.79 -6.62 26.93
C ASP I 32 -39.93 -5.16 27.34
N TRP I 33 -38.91 -4.37 27.06
CA TRP I 33 -38.95 -2.93 27.34
C TRP I 33 -38.13 -2.17 26.29
N GLU I 34 -38.54 -0.94 26.01
CA GLU I 34 -37.89 -0.13 24.99
C GLU I 34 -36.50 0.35 25.43
N SER I 35 -35.48 -0.40 25.04
CA SER I 35 -34.10 0.01 25.27
C SER I 35 -33.64 0.91 24.13
N GLY I 36 -32.64 1.75 24.40
CA GLY I 36 -32.11 2.62 23.37
C GLY I 36 -31.28 1.87 22.35
N ILE I 37 -30.97 0.61 22.66
CA ILE I 37 -30.16 -0.24 21.80
C ILE I 37 -30.89 -0.57 20.49
N PRO I 38 -30.30 -0.16 19.35
CA PRO I 38 -30.87 -0.44 18.03
C PRO I 38 -30.79 -1.92 17.67
N GLU I 39 -31.62 -2.36 16.73
CA GLU I 39 -31.68 -3.76 16.33
C GLU I 39 -30.40 -4.24 15.65
N ASN I 40 -29.97 -5.45 15.99
CA ASN I 40 -28.83 -6.09 15.34
C ASN I 40 -28.96 -7.61 15.26
N ASP I 41 -27.96 -8.26 14.68
CA ASP I 41 -27.97 -9.72 14.54
C ASP I 41 -27.80 -10.42 15.88
N ASN I 42 -27.00 -9.84 16.77
CA ASN I 42 -26.67 -10.48 18.04
C ASN I 42 -27.79 -10.39 19.08
N GLY I 43 -28.93 -9.83 18.67
CA GLY I 43 -30.09 -9.75 19.54
C GLY I 43 -29.87 -8.90 20.77
N ASP I 44 -29.07 -7.85 20.63
CA ASP I 44 -28.78 -6.96 21.74
C ASP I 44 -30.01 -6.13 22.13
N HIS I 45 -30.95 -6.01 21.20
CA HIS I 45 -32.19 -5.28 21.47
C HIS I 45 -33.10 -6.06 22.40
N PHE I 46 -32.93 -7.38 22.42
CA PHE I 46 -33.62 -8.22 23.38
C PHE I 46 -32.93 -8.11 24.73
N ASN I 47 -33.12 -6.97 25.40
CA ASN I 47 -32.43 -6.70 26.65
C ASN I 47 -33.38 -6.68 27.85
N MET I 48 -34.14 -7.74 28.01
CA MET I 48 -35.04 -7.88 29.16
C MET I 48 -34.22 -7.94 30.44
N LYS I 49 -34.65 -7.19 31.46
CA LYS I 49 -33.87 -7.05 32.68
C LYS I 49 -34.63 -7.43 33.94
N ASP I 50 -35.86 -7.90 33.80
CA ASP I 50 -36.66 -8.30 34.96
C ASP I 50 -37.77 -9.28 34.59
N TYR I 51 -38.33 -9.93 35.62
CA TYR I 51 -39.41 -10.88 35.43
C TYR I 51 -40.65 -10.47 36.22
N HIS I 52 -41.82 -10.58 35.59
CA HIS I 52 -43.08 -10.43 36.28
C HIS I 52 -43.78 -11.78 36.30
N VAL I 53 -44.79 -11.92 37.16
CA VAL I 53 -45.62 -13.11 37.14
C VAL I 53 -47.10 -12.69 37.08
N PHE I 54 -47.91 -13.54 36.46
CA PHE I 54 -49.34 -13.25 36.35
C PHE I 54 -50.16 -14.45 36.81
N SER I 55 -51.41 -14.20 37.18
CA SER I 55 -52.28 -15.25 37.70
C SER I 55 -53.75 -14.94 37.44
N MET I 56 -54.48 -15.92 36.94
CA MET I 56 -55.90 -15.77 36.68
C MET I 56 -56.67 -17.06 36.98
N ASP I 57 -57.91 -16.90 37.42
CA ASP I 57 -58.76 -18.05 37.73
C ASP I 57 -59.54 -18.51 36.51
N ASP I 58 -59.63 -17.63 35.52
CA ASP I 58 -60.36 -17.92 34.29
C ASP I 58 -59.57 -17.45 33.07
N VAL I 59 -59.32 -18.36 32.14
CA VAL I 59 -58.53 -18.04 30.95
C VAL I 59 -59.38 -17.33 29.90
N GLU I 60 -60.59 -17.82 29.69
CA GLU I 60 -61.50 -17.30 28.67
C GLU I 60 -61.80 -15.81 28.84
N GLN I 61 -62.25 -15.43 30.02
CA GLN I 61 -62.60 -14.04 30.28
C GLN I 61 -62.40 -13.67 31.76
N GLY I 62 -61.26 -14.06 32.32
CA GLY I 62 -60.97 -13.78 33.72
C GLY I 62 -60.08 -12.58 33.91
N GLU I 63 -59.85 -12.23 35.18
CA GLU I 63 -59.08 -11.05 35.54
C GLU I 63 -57.59 -11.37 35.63
N VAL I 64 -56.79 -10.70 34.79
CA VAL I 64 -55.34 -10.93 34.79
C VAL I 64 -54.66 -10.08 35.85
N THR I 65 -54.31 -10.70 36.97
CA THR I 65 -53.68 -10.00 38.09
C THR I 65 -52.16 -9.95 37.94
N ASP I 66 -51.59 -8.75 38.11
CA ASP I 66 -50.15 -8.56 38.06
C ASP I 66 -49.59 -8.57 39.48
N HIS I 67 -48.52 -9.32 39.69
CA HIS I 67 -47.91 -9.41 41.02
C HIS I 67 -46.60 -8.63 41.10
N GLY I 68 -46.26 -7.93 40.04
CA GLY I 68 -45.08 -7.09 40.01
C GLY I 68 -43.79 -7.85 39.72
N VAL I 69 -42.66 -7.21 39.99
CA VAL I 69 -41.36 -7.79 39.73
C VAL I 69 -41.02 -8.87 40.77
N VAL I 70 -40.51 -10.00 40.31
CA VAL I 70 -40.14 -11.11 41.19
C VAL I 70 -38.65 -11.39 41.09
N LEU I 71 -38.01 -10.87 40.05
CA LEU I 71 -36.58 -11.05 39.84
C LEU I 71 -36.06 -10.04 38.84
N ARG I 72 -34.98 -9.34 39.20
CA ARG I 72 -34.33 -8.40 38.29
C ARG I 72 -32.84 -8.69 38.21
N THR I 73 -32.21 -8.26 37.12
CA THR I 73 -30.81 -8.57 36.84
C THR I 73 -29.85 -8.19 37.97
N GLU I 74 -29.99 -6.96 38.49
CA GLU I 74 -29.08 -6.45 39.51
C GLU I 74 -29.27 -7.10 40.88
N ASP I 75 -30.18 -8.08 40.96
CA ASP I 75 -30.39 -8.83 42.20
C ASP I 75 -29.70 -10.19 42.11
N ILE I 76 -29.10 -10.47 40.96
CA ILE I 76 -28.37 -11.71 40.74
C ILE I 76 -26.87 -11.46 40.90
N PRO I 77 -26.21 -12.24 41.77
CA PRO I 77 -24.78 -12.08 42.08
C PRO I 77 -23.87 -12.22 40.85
N TRP I 78 -24.10 -13.24 40.04
CA TRP I 78 -23.26 -13.49 38.88
C TRP I 78 -23.76 -12.79 37.62
N ALA I 79 -24.59 -11.77 37.81
CA ALA I 79 -25.30 -11.13 36.70
C ALA I 79 -24.39 -10.55 35.62
N GLY I 80 -24.79 -10.79 34.38
CA GLY I 80 -24.20 -10.14 33.22
C GLY I 80 -25.26 -9.29 32.56
N ARG I 81 -26.02 -9.89 31.65
CA ARG I 81 -27.11 -9.19 30.98
C ARG I 81 -28.08 -10.15 30.28
N GLN I 82 -29.26 -9.63 29.95
CA GLN I 82 -30.27 -10.33 29.15
C GLN I 82 -30.94 -11.52 29.83
N LEU I 83 -31.99 -11.24 30.59
CA LEU I 83 -32.86 -12.30 31.13
C LEU I 83 -33.83 -12.73 30.06
N TRP I 84 -33.73 -13.99 29.63
CA TRP I 84 -34.60 -14.49 28.57
C TRP I 84 -35.62 -15.51 29.08
N ASP I 85 -36.12 -16.35 28.18
CA ASP I 85 -37.21 -17.27 28.50
C ASP I 85 -36.91 -18.20 29.67
N SER I 86 -37.62 -18.00 30.79
CA SER I 86 -37.44 -18.83 31.97
C SER I 86 -38.58 -19.80 32.16
N ASP I 87 -38.51 -20.62 33.21
CA ASP I 87 -39.56 -21.56 33.56
C ASP I 87 -39.50 -21.91 35.03
N VAL I 88 -40.63 -22.32 35.60
CA VAL I 88 -40.73 -22.61 37.03
C VAL I 88 -41.23 -24.03 37.29
N ALA I 89 -40.58 -24.72 38.23
CA ALA I 89 -40.99 -26.07 38.61
C ALA I 89 -41.27 -26.15 40.11
N PHE I 90 -42.33 -26.88 40.46
CA PHE I 90 -42.67 -27.08 41.87
C PHE I 90 -42.18 -28.43 42.37
N ARG I 91 -41.34 -28.40 43.40
CA ARG I 91 -40.83 -29.64 44.00
C ARG I 91 -40.41 -29.40 45.45
N ASN I 92 -40.68 -30.39 46.29
CA ASN I 92 -40.30 -30.36 47.71
C ASN I 92 -40.92 -29.19 48.46
N GLY I 93 -42.08 -28.74 48.00
CA GLY I 93 -42.79 -27.64 48.64
C GLY I 93 -42.26 -26.28 48.25
N LYS I 94 -41.31 -26.27 47.31
CA LYS I 94 -40.70 -25.02 46.87
C LYS I 94 -40.80 -24.84 45.36
N TYR I 95 -40.63 -23.61 44.90
CA TYR I 95 -40.72 -23.29 43.49
C TYR I 95 -39.35 -22.89 42.94
N TYR I 96 -38.93 -23.55 41.87
CA TYR I 96 -37.61 -23.31 41.29
C TYR I 96 -37.70 -22.62 39.93
N MET I 97 -37.28 -21.36 39.88
CA MET I 97 -37.27 -20.61 38.63
C MET I 97 -35.92 -20.74 37.91
N TYR I 98 -35.92 -21.46 36.80
CA TYR I 98 -34.70 -21.59 36.00
C TYR I 98 -34.69 -20.54 34.90
N PHE I 99 -33.65 -19.70 34.91
CA PHE I 99 -33.58 -18.57 33.99
C PHE I 99 -32.26 -18.51 33.24
N PRO I 100 -32.31 -18.20 31.95
CA PRO I 100 -31.11 -18.01 31.13
C PRO I 100 -30.57 -16.60 31.32
N LEU I 101 -29.25 -16.45 31.21
CA LEU I 101 -28.60 -15.17 31.47
C LEU I 101 -27.15 -15.22 31.02
N LYS I 102 -26.76 -14.29 30.14
CA LYS I 102 -25.37 -14.14 29.77
C LYS I 102 -24.58 -13.75 31.01
N ASP I 103 -23.52 -14.50 31.32
CA ASP I 103 -22.70 -14.20 32.48
C ASP I 103 -21.80 -12.99 32.21
N GLN I 104 -20.81 -12.77 33.08
CA GLN I 104 -19.94 -11.62 32.94
C GLN I 104 -18.95 -11.75 31.79
N ASN I 105 -19.07 -12.84 31.03
CA ASN I 105 -18.25 -13.05 29.85
C ASN I 105 -19.09 -13.15 28.58
N ASP I 106 -20.34 -12.68 28.67
CA ASP I 106 -21.31 -12.75 27.59
C ASP I 106 -21.55 -14.17 27.09
N ILE I 107 -21.47 -15.13 28.02
CA ILE I 107 -21.78 -16.53 27.71
C ILE I 107 -23.06 -16.92 28.42
N PHE I 108 -24.03 -17.44 27.67
CA PHE I 108 -25.31 -17.82 28.26
C PHE I 108 -25.19 -18.97 29.24
N ARG I 109 -25.52 -18.70 30.50
CA ARG I 109 -25.56 -19.73 31.53
C ARG I 109 -26.99 -19.81 32.06
N ILE I 110 -27.26 -20.81 32.90
CA ILE I 110 -28.58 -20.95 33.50
C ILE I 110 -28.47 -21.05 35.02
N GLY I 111 -29.24 -20.23 35.72
CA GLY I 111 -29.22 -20.24 37.17
C GLY I 111 -30.58 -20.59 37.76
N VAL I 112 -30.65 -20.68 39.08
CA VAL I 112 -31.89 -21.05 39.75
C VAL I 112 -32.35 -19.96 40.73
N ALA I 113 -33.63 -19.62 40.66
CA ALA I 113 -34.24 -18.70 41.63
C ALA I 113 -35.29 -19.47 42.43
N ILE I 114 -35.38 -19.18 43.73
CA ILE I 114 -36.25 -19.95 44.62
C ILE I 114 -37.24 -19.07 45.39
N SER I 115 -38.49 -19.52 45.44
CA SER I 115 -39.53 -18.88 46.23
C SER I 115 -40.43 -19.94 46.86
N ASP I 116 -41.07 -19.59 47.97
CA ASP I 116 -41.96 -20.52 48.66
C ASP I 116 -43.37 -20.46 48.07
N ARG I 117 -43.64 -19.41 47.31
CA ARG I 117 -44.94 -19.21 46.69
C ARG I 117 -44.78 -18.88 45.20
N PRO I 118 -45.75 -19.30 44.37
CA PRO I 118 -45.65 -19.14 42.92
C PRO I 118 -45.55 -17.69 42.45
N GLU I 119 -45.98 -16.75 43.28
CA GLU I 119 -45.98 -15.34 42.90
C GLU I 119 -44.95 -14.53 43.69
N GLY I 120 -44.53 -15.06 44.83
CA GLY I 120 -43.59 -14.37 45.71
C GLY I 120 -42.24 -14.11 45.06
N PRO I 121 -41.47 -13.18 45.63
CA PRO I 121 -40.13 -12.82 45.15
C PRO I 121 -39.20 -14.03 45.04
N PHE I 122 -38.56 -14.18 43.89
CA PHE I 122 -37.62 -15.27 43.67
C PHE I 122 -36.19 -14.84 44.01
N ILE I 123 -35.61 -15.48 45.02
CA ILE I 123 -34.25 -15.17 45.43
C ILE I 123 -33.26 -16.07 44.70
N PRO I 124 -32.47 -15.47 43.79
CA PRO I 124 -31.57 -16.22 42.91
C PRO I 124 -30.35 -16.78 43.62
N GLN I 125 -29.82 -17.89 43.10
CA GLN I 125 -28.61 -18.49 43.65
C GLN I 125 -27.38 -17.65 43.28
N GLU I 126 -26.31 -17.84 44.04
CA GLU I 126 -25.11 -17.02 43.90
C GLU I 126 -24.34 -17.30 42.60
N ASN I 127 -24.49 -18.50 42.05
CA ASN I 127 -23.77 -18.89 40.84
C ASN I 127 -24.65 -19.70 39.88
N PRO I 128 -24.32 -19.66 38.58
CA PRO I 128 -25.09 -20.43 37.59
C PRO I 128 -24.88 -21.93 37.75
N ILE I 129 -25.79 -22.72 37.19
CA ILE I 129 -25.69 -24.18 37.24
C ILE I 129 -24.43 -24.69 36.54
N LYS I 130 -23.72 -25.60 37.21
CA LYS I 130 -22.50 -26.16 36.65
C LYS I 130 -22.74 -26.91 35.35
N GLY I 131 -22.02 -26.53 34.30
CA GLY I 131 -22.15 -27.19 33.01
C GLY I 131 -23.29 -26.68 32.16
N SER I 132 -24.04 -25.72 32.69
CA SER I 132 -25.18 -25.16 31.96
C SER I 132 -24.71 -24.25 30.82
N TYR I 133 -25.44 -24.29 29.72
CA TYR I 133 -25.15 -23.43 28.57
C TYR I 133 -26.41 -23.18 27.76
N SER I 134 -26.29 -22.31 26.75
CA SER I 134 -27.42 -21.90 25.92
C SER I 134 -28.57 -21.31 26.74
N MET I 135 -29.81 -21.49 26.29
CA MET I 135 -30.94 -20.83 26.94
C MET I 135 -32.28 -21.53 26.71
N ASP I 136 -33.36 -20.82 27.04
CA ASP I 136 -34.73 -21.31 26.89
C ASP I 136 -34.99 -22.68 27.54
N PRO I 137 -34.89 -22.77 28.87
CA PRO I 137 -35.15 -24.04 29.54
C PRO I 137 -36.61 -24.21 29.91
N CYS I 138 -37.10 -25.45 29.83
CA CYS I 138 -38.41 -25.80 30.37
C CYS I 138 -38.24 -27.04 31.24
N ILE I 139 -38.89 -27.05 32.39
CA ILE I 139 -38.73 -28.16 33.32
C ILE I 139 -39.92 -29.09 33.25
N TRP I 140 -39.66 -30.37 33.03
CA TRP I 140 -40.71 -31.36 32.90
C TRP I 140 -40.74 -32.37 34.04
N PRO I 141 -41.71 -32.22 34.95
CA PRO I 141 -41.94 -33.21 36.01
C PRO I 141 -42.54 -34.47 35.41
N ASP I 142 -41.71 -35.46 35.13
CA ASP I 142 -42.16 -36.69 34.48
C ASP I 142 -42.94 -37.59 35.44
N LYS I 143 -43.62 -38.59 34.88
CA LYS I 143 -44.40 -39.53 35.67
C LYS I 143 -43.52 -40.45 36.52
N ASP I 144 -42.23 -40.50 36.19
CA ASP I 144 -41.30 -41.34 36.94
C ASP I 144 -40.85 -40.69 38.24
N GLY I 145 -41.30 -39.47 38.48
CA GLY I 145 -40.97 -38.75 39.70
C GLY I 145 -39.73 -37.88 39.54
N GLU I 146 -39.09 -37.96 38.39
CA GLU I 146 -37.89 -37.18 38.11
C GLU I 146 -38.22 -35.90 37.35
N TYR I 147 -37.28 -34.96 37.35
CA TYR I 147 -37.47 -33.68 36.67
C TYR I 147 -36.41 -33.50 35.58
N TYR I 148 -36.85 -33.07 34.40
CA TYR I 148 -35.96 -32.94 33.25
C TYR I 148 -35.96 -31.53 32.66
N MET I 149 -34.76 -31.01 32.37
CA MET I 149 -34.64 -29.70 31.75
C MET I 149 -34.35 -29.82 30.26
N TYR I 150 -35.21 -29.22 29.45
CA TYR I 150 -34.99 -29.14 28.01
C TYR I 150 -34.59 -27.71 27.65
N PHE I 151 -33.40 -27.56 27.07
CA PHE I 151 -32.90 -26.23 26.74
C PHE I 151 -32.23 -26.19 25.37
N GLY I 152 -31.75 -25.01 24.99
CA GLY I 152 -31.06 -24.87 23.72
C GLY I 152 -31.74 -23.85 22.82
N GLY I 153 -30.94 -23.11 22.06
CA GLY I 153 -31.44 -22.09 21.17
C GLY I 153 -30.42 -21.71 20.12
N LEU I 154 -30.85 -21.73 18.86
CA LEU I 154 -29.93 -21.48 17.75
C LEU I 154 -29.55 -20.00 17.63
N TRP I 155 -28.49 -19.75 16.85
CA TRP I 155 -28.02 -18.40 16.55
C TRP I 155 -27.63 -17.61 17.80
N GLY I 156 -28.53 -16.75 18.26
CA GLY I 156 -28.27 -15.92 19.41
C GLY I 156 -28.26 -16.67 20.72
N GLY I 157 -28.80 -17.89 20.70
CA GLY I 157 -28.87 -18.72 21.89
C GLY I 157 -27.58 -19.46 22.15
N GLN I 158 -26.61 -19.29 21.27
CA GLN I 158 -25.25 -19.85 21.44
C GLN I 158 -25.19 -21.38 21.48
N LEU I 159 -26.22 -22.05 20.95
CA LEU I 159 -26.23 -23.50 20.92
C LEU I 159 -25.17 -24.04 19.96
N GLN I 160 -24.90 -23.28 18.90
CA GLN I 160 -23.97 -23.70 17.87
C GLN I 160 -22.52 -23.60 18.32
N ARG I 161 -22.28 -23.01 19.49
CA ARG I 161 -20.94 -22.90 20.04
C ARG I 161 -20.51 -24.19 20.74
N TYR I 162 -21.43 -25.15 20.82
CA TYR I 162 -21.16 -26.37 21.58
C TYR I 162 -21.39 -27.64 20.78
N ARG I 163 -20.56 -28.64 21.08
CA ARG I 163 -20.78 -30.01 20.60
C ARG I 163 -20.52 -30.93 21.78
N ASN I 164 -21.53 -31.71 22.14
CA ASN I 164 -21.47 -32.57 23.32
C ASN I 164 -21.18 -31.78 24.60
N ASN I 165 -21.88 -30.65 24.75
CA ASN I 165 -21.76 -29.77 25.91
C ASN I 165 -20.38 -29.11 26.05
N LYS I 166 -19.56 -29.22 25.01
CA LYS I 166 -18.21 -28.65 25.05
C LYS I 166 -18.07 -27.50 24.06
N ALA I 167 -17.55 -26.38 24.53
CA ALA I 167 -17.44 -25.17 23.71
C ALA I 167 -16.40 -25.32 22.60
N LEU I 168 -16.81 -24.97 21.38
CA LEU I 168 -15.91 -25.01 20.24
C LEU I 168 -15.09 -23.74 20.16
N GLU I 169 -13.92 -23.82 19.51
CA GLU I 169 -13.06 -22.67 19.31
C GLU I 169 -13.77 -21.64 18.43
N CYS I 170 -14.35 -22.13 17.34
CA CYS I 170 -15.21 -21.31 16.48
C CYS I 170 -16.58 -21.95 16.37
N ALA I 171 -17.62 -21.13 16.43
CA ALA I 171 -18.99 -21.62 16.32
C ALA I 171 -19.22 -22.26 14.95
N LEU I 172 -20.02 -23.32 14.92
CA LEU I 172 -20.25 -24.05 13.68
C LEU I 172 -21.74 -24.36 13.48
N LEU I 173 -22.30 -23.87 12.38
CA LEU I 173 -23.68 -24.12 12.03
C LEU I 173 -23.78 -25.11 10.88
N PRO I 174 -24.53 -26.21 11.08
CA PRO I 174 -24.70 -27.25 10.05
C PRO I 174 -25.44 -26.71 8.83
N GLU I 175 -25.16 -27.28 7.66
CA GLU I 175 -25.75 -26.80 6.41
C GLU I 175 -26.22 -27.95 5.52
N GLY I 176 -27.38 -27.77 4.91
CA GLY I 176 -27.88 -28.73 3.92
C GLY I 176 -28.28 -30.08 4.48
N ASP I 177 -27.64 -31.13 3.96
CA ASP I 177 -27.98 -32.50 4.35
C ASP I 177 -27.39 -32.90 5.70
N GLU I 178 -26.47 -32.08 6.22
CA GLU I 178 -25.91 -32.31 7.56
C GLU I 178 -27.03 -32.29 8.59
N PRO I 179 -26.95 -33.19 9.58
CA PRO I 179 -27.99 -33.29 10.61
C PRO I 179 -28.11 -31.99 11.40
N ALA I 180 -29.34 -31.53 11.61
CA ALA I 180 -29.59 -30.30 12.35
C ALA I 180 -29.29 -30.49 13.83
N LEU I 181 -28.94 -29.39 14.50
CA LEU I 181 -28.68 -29.44 15.93
C LEU I 181 -29.95 -29.78 16.70
N CYS I 182 -29.83 -30.63 17.71
CA CYS I 182 -30.97 -31.03 18.53
C CYS I 182 -31.02 -30.20 19.80
N PRO I 183 -32.22 -30.05 20.38
CA PRO I 183 -32.31 -29.47 21.72
C PRO I 183 -31.70 -30.43 22.73
N LYS I 184 -31.32 -29.93 23.90
CA LYS I 184 -30.66 -30.76 24.89
C LYS I 184 -31.62 -31.16 26.01
N VAL I 185 -31.42 -32.36 26.55
CA VAL I 185 -32.19 -32.83 27.69
C VAL I 185 -31.26 -33.30 28.81
N VAL I 186 -31.58 -32.93 30.04
CA VAL I 186 -30.79 -33.33 31.20
C VAL I 186 -31.67 -33.44 32.44
N ARG I 187 -31.48 -34.52 33.20
CA ARG I 187 -32.24 -34.71 34.43
C ARG I 187 -31.62 -33.89 35.57
N LEU I 188 -32.46 -33.33 36.43
CA LEU I 188 -32.00 -32.50 37.53
C LEU I 188 -31.87 -33.33 38.81
N ARG I 189 -30.95 -32.92 39.68
CA ARG I 189 -30.81 -33.53 41.00
C ARG I 189 -32.04 -33.15 41.83
N GLU I 190 -32.29 -33.89 42.91
CA GLU I 190 -33.47 -33.65 43.73
C GLU I 190 -33.44 -32.28 44.39
N ASP I 191 -32.24 -31.79 44.72
CA ASP I 191 -32.11 -30.46 45.31
C ASP I 191 -32.39 -29.37 44.29
N MET I 192 -32.48 -29.77 43.03
CA MET I 192 -32.85 -28.89 41.93
C MET I 192 -31.85 -27.76 41.68
N LEU I 193 -30.64 -27.91 42.23
CA LEU I 193 -29.63 -26.87 42.12
C LEU I 193 -28.61 -27.16 41.02
N GLU I 194 -28.39 -28.45 40.76
CA GLU I 194 -27.42 -28.87 39.74
C GLU I 194 -28.00 -29.97 38.85
N PHE I 195 -27.27 -30.29 37.79
CA PHE I 195 -27.62 -31.40 36.92
C PHE I 195 -27.29 -32.72 37.59
N ALA I 196 -28.11 -33.74 37.35
CA ALA I 196 -27.85 -35.06 37.90
C ALA I 196 -27.04 -35.91 36.93
N GLU I 197 -26.76 -35.34 35.76
CA GLU I 197 -26.07 -36.06 34.70
C GLU I 197 -25.60 -35.09 33.63
N GLU I 198 -24.87 -35.59 32.64
CA GLU I 198 -24.46 -34.77 31.50
C GLU I 198 -25.58 -34.69 30.49
N PRO I 199 -25.91 -33.47 30.04
CA PRO I 199 -26.96 -33.23 29.03
C PRO I 199 -26.70 -34.02 27.75
N ARG I 200 -27.77 -34.31 27.01
CA ARG I 200 -27.65 -35.07 25.78
C ARG I 200 -28.68 -34.64 24.73
N ASP I 201 -28.48 -35.09 23.49
CA ASP I 201 -29.36 -34.73 22.39
C ASP I 201 -30.78 -35.28 22.60
N LEU I 202 -31.76 -34.41 22.40
CA LEU I 202 -33.14 -34.85 22.29
C LEU I 202 -33.45 -34.97 20.80
N MET I 203 -33.08 -36.10 20.23
CA MET I 203 -33.15 -36.31 18.78
C MET I 203 -34.58 -36.20 18.23
N ILE I 204 -34.77 -35.28 17.29
CA ILE I 204 -36.06 -35.13 16.63
C ILE I 204 -35.98 -35.73 15.22
N LEU I 205 -36.69 -36.83 15.02
CA LEU I 205 -36.60 -37.57 13.77
C LEU I 205 -37.78 -37.28 12.84
N ASP I 206 -37.61 -37.59 11.56
CA ASP I 206 -38.71 -37.52 10.61
C ASP I 206 -39.51 -38.81 10.66
N GLU I 207 -40.36 -39.03 9.66
CA GLU I 207 -41.20 -40.23 9.62
C GLU I 207 -40.37 -41.47 9.31
N LYS I 208 -39.23 -41.27 8.66
CA LYS I 208 -38.34 -42.38 8.31
C LYS I 208 -37.42 -42.74 9.46
N GLY I 209 -37.65 -42.14 10.62
CA GLY I 209 -36.82 -42.37 11.79
C GLY I 209 -35.43 -41.79 11.62
N LYS I 210 -35.34 -40.73 10.82
CA LYS I 210 -34.05 -40.11 10.51
C LYS I 210 -34.01 -38.68 11.05
N LEU I 211 -32.85 -38.29 11.56
CA LEU I 211 -32.63 -36.94 12.10
C LEU I 211 -32.97 -35.86 11.09
N LEU I 212 -33.60 -34.79 11.57
CA LEU I 212 -33.90 -33.64 10.73
C LEU I 212 -32.61 -32.99 10.26
N SER I 213 -32.57 -32.57 9.00
CA SER I 213 -31.38 -31.93 8.45
C SER I 213 -31.43 -30.41 8.66
N ALA I 214 -30.26 -29.78 8.63
CA ALA I 214 -30.16 -28.35 8.84
C ALA I 214 -30.85 -27.57 7.73
N GLY I 215 -30.88 -28.15 6.53
CA GLY I 215 -31.52 -27.52 5.39
C GLY I 215 -33.03 -27.50 5.51
N ASP I 216 -33.56 -28.34 6.39
CA ASP I 216 -35.00 -28.43 6.62
C ASP I 216 -35.42 -27.41 7.68
N THR I 217 -35.39 -26.13 7.32
CA THR I 217 -35.59 -25.05 8.28
C THR I 217 -37.04 -24.90 8.76
N LYS I 218 -37.96 -25.63 8.14
CA LYS I 218 -39.36 -25.55 8.54
C LYS I 218 -39.74 -26.63 9.55
N ARG I 219 -38.76 -27.41 9.98
CA ARG I 219 -39.00 -28.50 10.92
C ARG I 219 -37.91 -28.62 12.00
N ARG I 220 -36.67 -28.27 11.64
CA ARG I 220 -35.56 -28.39 12.59
C ARG I 220 -35.69 -27.46 13.78
N PHE I 221 -35.12 -27.88 14.92
CA PHE I 221 -35.21 -27.11 16.16
C PHE I 221 -34.47 -25.78 16.06
N PHE I 222 -35.06 -24.74 16.64
CA PHE I 222 -34.41 -23.45 16.75
C PHE I 222 -34.35 -22.99 18.20
N GLU I 223 -35.50 -22.96 18.86
CA GLU I 223 -35.59 -22.57 20.27
C GLU I 223 -36.96 -22.89 20.86
N ALA I 224 -37.19 -22.40 22.07
CA ALA I 224 -38.49 -22.50 22.75
C ALA I 224 -38.96 -23.93 23.00
N SER I 225 -38.14 -24.71 23.71
CA SER I 225 -38.51 -26.09 24.04
C SER I 225 -39.71 -26.12 24.99
N TRP I 226 -40.57 -27.12 24.81
CA TRP I 226 -41.69 -27.34 25.72
C TRP I 226 -42.18 -28.79 25.68
N MET I 227 -42.55 -29.31 26.84
CA MET I 227 -42.97 -30.70 26.95
C MET I 227 -44.29 -30.82 27.72
N HIS I 228 -45.17 -31.68 27.24
CA HIS I 228 -46.41 -31.99 27.96
C HIS I 228 -46.92 -33.39 27.63
N TYR I 229 -47.82 -33.89 28.46
CA TYR I 229 -48.24 -35.28 28.40
C TYR I 229 -49.75 -35.39 28.20
N TYR I 230 -50.18 -35.85 27.03
CA TYR I 230 -51.60 -36.04 26.75
C TYR I 230 -51.88 -37.42 26.16
N ASN I 231 -52.83 -38.13 26.77
CA ASN I 231 -53.28 -39.43 26.30
C ASN I 231 -52.15 -40.45 26.14
N GLY I 232 -51.37 -40.64 27.21
CA GLY I 232 -50.30 -41.62 27.22
C GLY I 232 -49.20 -41.35 26.22
N LYS I 233 -49.04 -40.09 25.84
CA LYS I 233 -48.06 -39.73 24.82
C LYS I 233 -47.36 -38.42 25.14
N TYR I 234 -46.09 -38.33 24.78
CA TYR I 234 -45.30 -37.13 25.03
C TYR I 234 -45.35 -36.17 23.85
N TYR I 235 -45.61 -34.90 24.13
CA TYR I 235 -45.62 -33.88 23.09
C TYR I 235 -44.52 -32.85 23.32
N PHE I 236 -43.49 -32.89 22.48
CA PHE I 236 -42.41 -31.91 22.53
C PHE I 236 -42.58 -30.86 21.44
N SER I 237 -42.91 -29.64 21.84
CA SER I 237 -43.11 -28.56 20.88
C SER I 237 -42.00 -27.51 21.00
N TYR I 238 -41.82 -26.74 19.92
CA TYR I 238 -40.70 -25.80 19.83
C TYR I 238 -40.93 -24.76 18.73
N SER I 239 -40.04 -23.77 18.67
CA SER I 239 -40.07 -22.77 17.61
C SER I 239 -39.03 -23.10 16.54
N THR I 240 -39.30 -22.69 15.30
CA THR I 240 -38.39 -23.00 14.19
C THR I 240 -37.62 -21.75 13.73
N GLY I 241 -37.85 -20.63 14.41
CA GLY I 241 -37.09 -19.42 14.16
C GLY I 241 -37.41 -18.68 12.88
N ASP I 242 -36.53 -18.82 11.89
CA ASP I 242 -36.63 -18.05 10.66
C ASP I 242 -37.82 -18.45 9.77
N THR I 243 -38.54 -19.49 10.17
CA THR I 243 -39.77 -19.88 9.48
C THR I 243 -40.97 -19.62 10.37
N HIS I 244 -40.69 -19.14 11.58
CA HIS I 244 -41.71 -18.63 12.50
C HIS I 244 -42.81 -19.64 12.83
N LEU I 245 -42.47 -20.92 12.80
CA LEU I 245 -43.43 -21.98 13.08
C LEU I 245 -43.31 -22.52 14.50
N ILE I 246 -44.43 -22.98 15.03
CA ILE I 246 -44.42 -23.74 16.28
C ILE I 246 -44.76 -25.19 15.95
N CYS I 247 -43.72 -26.01 15.86
CA CYS I 247 -43.89 -27.42 15.50
C CYS I 247 -43.86 -28.31 16.73
N TYR I 248 -44.25 -29.57 16.57
CA TYR I 248 -44.26 -30.52 17.68
C TYR I 248 -43.91 -31.93 17.25
N ALA I 249 -43.42 -32.73 18.19
CA ALA I 249 -43.08 -34.12 17.93
C ALA I 249 -43.57 -35.01 19.07
N THR I 250 -43.77 -36.30 18.77
CA THR I 250 -44.28 -37.23 19.76
C THR I 250 -43.29 -38.34 20.12
N GLY I 251 -43.37 -38.82 21.35
CA GLY I 251 -42.48 -39.86 21.85
C GLY I 251 -43.08 -40.61 23.02
N ASP I 252 -42.34 -41.58 23.55
CA ASP I 252 -42.85 -42.40 24.66
C ASP I 252 -42.12 -42.17 25.99
N ASN I 253 -41.02 -41.42 25.95
CA ASN I 253 -40.23 -41.18 27.15
C ASN I 253 -39.42 -39.88 27.07
N PRO I 254 -39.14 -39.26 28.22
CA PRO I 254 -38.45 -37.96 28.28
C PRO I 254 -37.09 -37.91 27.57
N TYR I 255 -36.45 -39.06 27.37
CA TYR I 255 -35.17 -39.10 26.68
C TYR I 255 -35.33 -39.50 25.22
N GLY I 256 -36.11 -40.56 24.99
CA GLY I 256 -36.24 -41.20 23.69
C GLY I 256 -36.47 -40.28 22.51
N PRO I 257 -36.03 -40.72 21.32
CA PRO I 257 -36.13 -39.95 20.07
C PRO I 257 -37.57 -39.52 19.79
N PHE I 258 -37.74 -38.29 19.34
CA PHE I 258 -39.05 -37.77 18.98
C PHE I 258 -39.24 -37.72 17.47
N THR I 259 -40.47 -37.93 17.02
CA THR I 259 -40.78 -37.92 15.60
C THR I 259 -41.67 -36.74 15.24
N TYR I 260 -41.23 -35.96 14.25
CA TYR I 260 -41.98 -34.79 13.81
C TYR I 260 -43.41 -35.14 13.40
N ARG I 261 -44.36 -34.29 13.78
CA ARG I 261 -45.75 -34.51 13.46
C ARG I 261 -46.29 -33.41 12.53
N GLY I 262 -46.26 -32.17 13.00
CA GLY I 262 -46.78 -31.07 12.23
C GLY I 262 -46.59 -29.71 12.88
N VAL I 263 -47.42 -28.76 12.49
CA VAL I 263 -47.32 -27.39 12.97
C VAL I 263 -48.48 -27.05 13.91
N ILE I 264 -48.17 -26.42 15.03
CA ILE I 264 -49.19 -25.99 15.97
C ILE I 264 -49.63 -24.56 15.65
N LEU I 265 -48.69 -23.74 15.19
CA LEU I 265 -48.96 -22.34 14.94
C LEU I 265 -48.26 -21.80 13.69
N THR I 266 -49.04 -21.23 12.78
CA THR I 266 -48.50 -20.56 11.60
C THR I 266 -47.85 -19.25 12.03
N PRO I 267 -46.94 -18.70 11.19
CA PRO I 267 -46.22 -17.46 11.53
C PRO I 267 -47.11 -16.33 12.03
N VAL I 268 -46.70 -15.70 13.13
CA VAL I 268 -47.43 -14.58 13.71
C VAL I 268 -46.73 -13.26 13.39
N VAL I 269 -47.37 -12.15 13.74
CA VAL I 269 -46.77 -10.84 13.55
C VAL I 269 -45.52 -10.70 14.41
N GLY I 270 -44.41 -10.36 13.78
CA GLY I 270 -43.13 -10.30 14.46
C GLY I 270 -42.29 -11.52 14.11
N TRP I 271 -40.97 -11.35 14.14
CA TRP I 271 -40.06 -12.42 13.78
C TRP I 271 -40.16 -13.60 14.72
N THR I 272 -39.96 -13.35 16.02
CA THR I 272 -39.94 -14.40 17.01
C THR I 272 -41.34 -14.96 17.30
N THR I 273 -41.39 -16.25 17.60
CA THR I 273 -42.60 -16.87 18.10
C THR I 273 -42.26 -17.81 19.25
N HIS I 274 -42.97 -17.68 20.36
CA HIS I 274 -42.68 -18.46 21.55
C HIS I 274 -43.99 -18.86 22.23
N HIS I 275 -44.00 -20.03 22.86
CA HIS I 275 -45.24 -20.60 23.37
C HIS I 275 -45.08 -21.44 24.63
N SER I 276 -46.21 -21.96 25.10
CA SER I 276 -46.25 -22.93 26.19
C SER I 276 -47.61 -23.62 26.16
N ILE I 277 -47.64 -24.91 26.51
CA ILE I 277 -48.88 -25.68 26.46
C ILE I 277 -49.25 -26.24 27.83
N VAL I 278 -50.50 -26.02 28.23
CA VAL I 278 -50.98 -26.50 29.52
C VAL I 278 -52.49 -26.68 29.50
N GLU I 279 -52.99 -27.66 30.26
CA GLU I 279 -54.42 -27.90 30.39
C GLU I 279 -54.96 -27.14 31.61
N PHE I 280 -56.15 -26.57 31.46
CA PHE I 280 -56.77 -25.82 32.54
C PHE I 280 -58.29 -25.89 32.47
N LYS I 281 -58.91 -26.33 33.56
CA LYS I 281 -60.36 -26.50 33.64
C LYS I 281 -60.92 -27.42 32.55
N GLY I 282 -60.15 -28.44 32.20
CA GLY I 282 -60.58 -29.42 31.21
C GLY I 282 -60.30 -29.01 29.78
N LYS I 283 -59.69 -27.84 29.60
CA LYS I 283 -59.40 -27.33 28.27
C LYS I 283 -57.90 -27.05 28.10
N TRP I 284 -57.38 -27.27 26.91
CA TRP I 284 -55.97 -27.02 26.62
C TRP I 284 -55.79 -25.65 25.95
N TYR I 285 -54.66 -25.00 26.23
CA TYR I 285 -54.41 -23.67 25.72
C TYR I 285 -53.01 -23.51 25.13
N LEU I 286 -52.88 -22.58 24.18
CA LEU I 286 -51.59 -22.24 23.59
C LEU I 286 -51.23 -20.80 23.93
N PHE I 287 -50.51 -20.61 25.03
CA PHE I 287 -50.07 -19.28 25.43
C PHE I 287 -48.89 -18.84 24.58
N HIS I 288 -49.10 -17.82 23.75
CA HIS I 288 -48.04 -17.32 22.86
C HIS I 288 -48.02 -15.80 22.81
N HIS I 289 -47.40 -15.24 21.78
CA HIS I 289 -47.28 -13.79 21.65
C HIS I 289 -47.10 -13.35 20.20
N ASP I 290 -47.45 -12.09 19.94
CA ASP I 290 -47.14 -11.45 18.65
C ASP I 290 -46.84 -9.97 18.82
N CYS I 291 -46.63 -9.26 17.71
CA CYS I 291 -46.27 -7.85 17.77
C CYS I 291 -47.36 -6.96 17.17
N VAL I 292 -48.61 -7.36 17.33
CA VAL I 292 -49.73 -6.58 16.83
C VAL I 292 -49.90 -5.21 17.50
N PRO I 293 -49.90 -5.16 18.85
CA PRO I 293 -50.03 -3.83 19.47
C PRO I 293 -48.83 -2.91 19.22
N SER I 294 -47.64 -3.49 19.09
CA SER I 294 -46.42 -2.71 18.88
C SER I 294 -46.21 -2.36 17.41
N LYS I 295 -47.20 -2.72 16.58
CA LYS I 295 -47.17 -2.43 15.15
C LYS I 295 -45.97 -3.05 14.42
N GLY I 296 -45.60 -4.26 14.80
CA GLY I 296 -44.57 -5.00 14.09
C GLY I 296 -43.19 -5.01 14.74
N LYS I 297 -43.02 -4.22 15.79
CA LYS I 297 -41.73 -4.17 16.48
C LYS I 297 -41.41 -5.49 17.17
N THR I 298 -40.40 -6.19 16.65
CA THR I 298 -40.06 -7.54 17.11
C THR I 298 -39.66 -7.60 18.58
N TRP I 299 -38.91 -6.61 19.04
CA TRP I 299 -38.42 -6.59 20.41
C TRP I 299 -39.48 -6.14 21.42
N LEU I 300 -40.68 -5.88 20.93
CA LEU I 300 -41.80 -5.49 21.78
C LEU I 300 -43.00 -6.37 21.50
N ARG I 301 -43.25 -7.34 22.38
CA ARG I 301 -44.27 -8.36 22.15
C ARG I 301 -45.27 -8.42 23.30
N SER I 302 -46.49 -8.85 23.01
CA SER I 302 -47.54 -8.93 24.02
C SER I 302 -48.13 -10.34 24.11
N LEU I 303 -48.48 -10.75 25.34
CA LEU I 303 -49.02 -12.08 25.60
C LEU I 303 -50.39 -12.31 24.98
N LYS I 304 -50.67 -13.55 24.63
CA LYS I 304 -51.98 -13.93 24.10
C LYS I 304 -52.20 -15.44 24.26
N VAL I 305 -53.48 -15.84 24.32
CA VAL I 305 -53.82 -17.24 24.54
C VAL I 305 -54.96 -17.72 23.63
N ALA I 306 -54.73 -18.83 22.94
CA ALA I 306 -55.76 -19.45 22.11
C ALA I 306 -56.08 -20.84 22.65
N GLU I 307 -57.18 -21.43 22.20
CA GLU I 307 -57.56 -22.76 22.65
C GLU I 307 -56.97 -23.84 21.74
N LEU I 308 -56.34 -24.84 22.35
CA LEU I 308 -55.72 -25.93 21.61
C LEU I 308 -56.62 -27.16 21.61
N LYS I 309 -56.64 -27.88 20.49
CA LYS I 309 -57.49 -29.06 20.36
C LYS I 309 -56.72 -30.23 19.78
N TYR I 310 -57.07 -31.44 20.21
CA TYR I 310 -56.44 -32.65 19.70
C TYR I 310 -57.39 -33.44 18.81
N ASN I 311 -56.90 -33.90 17.66
CA ASN I 311 -57.63 -34.87 16.88
C ASN I 311 -57.56 -36.21 17.59
N PRO I 312 -58.62 -37.04 17.44
CA PRO I 312 -58.72 -38.30 18.20
C PRO I 312 -57.56 -39.27 17.99
N ASP I 313 -56.70 -39.02 17.01
CA ASP I 313 -55.54 -39.88 16.79
C ASP I 313 -54.31 -39.36 17.51
N GLY I 314 -54.48 -38.25 18.23
CA GLY I 314 -53.40 -37.67 19.00
C GLY I 314 -52.82 -36.40 18.40
N SER I 315 -53.03 -36.22 17.10
CA SER I 315 -52.50 -35.06 16.40
C SER I 315 -53.15 -33.76 16.86
N ILE I 316 -52.43 -32.65 16.71
CA ILE I 316 -52.92 -31.35 17.16
C ILE I 316 -53.43 -30.52 15.98
N GLN I 317 -54.63 -29.97 16.12
CA GLN I 317 -55.21 -29.11 15.10
C GLN I 317 -54.40 -27.83 14.96
N PRO I 318 -53.94 -27.53 13.74
CA PRO I 318 -53.09 -26.36 13.49
C PRO I 318 -53.83 -25.05 13.76
N ILE I 319 -53.25 -24.22 14.63
CA ILE I 319 -53.82 -22.91 14.94
C ILE I 319 -53.20 -21.85 14.06
N LYS I 320 -54.04 -21.01 13.46
CA LYS I 320 -53.57 -20.00 12.53
C LYS I 320 -53.03 -18.77 13.27
N GLY I 321 -51.80 -18.38 12.95
CA GLY I 321 -51.20 -17.20 13.52
C GLY I 321 -51.70 -15.95 12.84
N THR I 322 -51.30 -14.79 13.36
CA THR I 322 -51.72 -13.52 12.79
C THR I 322 -51.18 -13.32 11.38
N ALA I 323 -49.88 -13.14 11.25
CA ALA I 323 -49.25 -12.94 9.95
C ALA I 323 -49.23 -14.24 9.14
N MET J 1 24.35 -19.52 42.13
CA MET J 1 25.02 -20.81 42.01
C MET J 1 25.70 -20.97 40.67
N LYS J 2 26.51 -22.02 40.53
CA LYS J 2 27.27 -22.26 39.30
C LYS J 2 26.37 -22.80 38.19
N GLU J 3 25.67 -23.89 38.49
CA GLU J 3 24.85 -24.57 37.50
C GLU J 3 23.43 -24.76 38.03
N PRO J 4 22.43 -24.65 37.15
CA PRO J 4 21.02 -24.92 37.49
C PRO J 4 20.84 -26.25 38.20
N ARG J 5 19.99 -26.26 39.22
CA ARG J 5 19.79 -27.46 40.04
C ARG J 5 18.37 -27.99 39.91
N TYR J 6 18.24 -29.26 39.54
CA TYR J 6 16.92 -29.90 39.48
C TYR J 6 16.47 -30.26 40.89
N LEU J 7 15.22 -29.93 41.21
CA LEU J 7 14.73 -30.01 42.58
C LEU J 7 13.92 -31.27 42.86
N VAL J 8 13.04 -31.64 41.93
CA VAL J 8 12.21 -32.82 42.11
C VAL J 8 12.44 -33.82 40.98
N PRO J 9 13.50 -34.64 41.10
CA PRO J 9 13.80 -35.65 40.09
C PRO J 9 12.98 -36.92 40.28
N GLY J 10 12.23 -37.00 41.38
CA GLY J 10 11.43 -38.17 41.69
C GLY J 10 10.11 -38.18 40.92
N ASP J 11 9.69 -37.02 40.47
CA ASP J 11 8.44 -36.90 39.72
C ASP J 11 8.59 -35.82 38.66
N TYR J 12 7.53 -35.56 37.91
CA TYR J 12 7.55 -34.54 36.88
C TYR J 12 6.66 -33.35 37.28
N MET J 13 7.31 -32.24 37.63
CA MET J 13 6.61 -31.04 38.05
C MET J 13 6.97 -29.86 37.15
N ALA J 14 5.98 -29.03 36.83
CA ALA J 14 6.19 -27.90 35.92
C ALA J 14 5.52 -26.64 36.42
N ASP J 15 5.80 -25.53 35.73
CA ASP J 15 5.20 -24.23 36.04
C ASP J 15 5.38 -23.83 37.49
N PRO J 16 6.64 -23.67 37.94
CA PRO J 16 6.87 -23.37 39.35
C PRO J 16 6.45 -21.94 39.72
N ALA J 17 5.83 -21.79 40.88
CA ALA J 17 5.45 -20.49 41.40
C ALA J 17 6.00 -20.34 42.82
N ALA J 18 7.09 -19.60 42.96
CA ALA J 18 7.80 -19.52 44.22
C ALA J 18 7.38 -18.34 45.10
N HIS J 19 7.12 -18.62 46.36
CA HIS J 19 6.77 -17.59 47.33
C HIS J 19 7.53 -17.79 48.63
N VAL J 20 7.79 -16.71 49.36
CA VAL J 20 8.47 -16.79 50.64
C VAL J 20 7.48 -16.60 51.79
N PHE J 21 7.12 -17.70 52.43
CA PHE J 21 6.19 -17.66 53.56
C PHE J 21 6.85 -18.20 54.82
N ASN J 22 6.79 -17.42 55.90
CA ASN J 22 7.41 -17.77 57.17
C ASN J 22 8.90 -18.10 57.03
N ASP J 23 9.60 -17.24 56.28
CA ASP J 23 11.04 -17.37 56.04
C ASP J 23 11.42 -18.61 55.21
N LYS J 24 10.43 -19.39 54.82
CA LYS J 24 10.64 -20.57 54.00
C LYS J 24 10.24 -20.32 52.55
N LEU J 25 10.87 -21.02 51.62
CA LEU J 25 10.53 -20.88 50.21
C LEU J 25 9.62 -22.01 49.75
N TYR J 26 8.36 -21.67 49.47
CA TYR J 26 7.38 -22.65 49.01
C TYR J 26 7.20 -22.60 47.50
N ILE J 27 7.05 -23.77 46.88
CA ILE J 27 6.85 -23.85 45.44
C ILE J 27 5.50 -24.49 45.12
N TYR J 28 4.79 -23.93 44.15
CA TYR J 28 3.49 -24.45 43.76
C TYR J 28 3.45 -24.76 42.27
N PRO J 29 3.94 -25.95 41.89
CA PRO J 29 4.05 -26.36 40.49
C PRO J 29 2.83 -27.12 39.99
N SER J 30 2.87 -27.53 38.73
CA SER J 30 1.84 -28.38 38.15
C SER J 30 2.36 -29.81 38.05
N HIS J 31 1.49 -30.78 38.29
CA HIS J 31 1.92 -32.19 38.35
C HIS J 31 1.72 -32.94 37.05
N ASP J 32 2.75 -32.99 36.22
CA ASP J 32 2.71 -33.72 34.96
C ASP J 32 2.65 -35.23 35.18
N TRP J 33 1.93 -35.92 34.32
CA TRP J 33 1.86 -37.38 34.37
C TRP J 33 1.52 -37.95 32.98
N GLU J 34 2.24 -38.99 32.59
CA GLU J 34 2.03 -39.60 31.28
C GLU J 34 0.69 -40.31 31.19
N SER J 35 -0.26 -39.69 30.49
CA SER J 35 -1.56 -40.29 30.25
C SER J 35 -1.52 -41.07 28.95
N GLY J 36 -2.63 -41.70 28.59
CA GLY J 36 -2.73 -42.41 27.33
C GLY J 36 -3.05 -41.47 26.19
N ILE J 37 -3.07 -40.18 26.49
CA ILE J 37 -3.43 -39.16 25.50
C ILE J 37 -2.23 -38.77 24.64
N PRO J 38 -2.34 -38.97 23.32
CA PRO J 38 -1.31 -38.56 22.37
C PRO J 38 -1.22 -37.04 22.27
N GLU J 39 -0.06 -36.53 21.89
CA GLU J 39 0.16 -35.09 21.80
C GLU J 39 -0.59 -34.45 20.63
N ASN J 40 -1.55 -33.57 20.94
CA ASN J 40 -2.25 -32.81 19.92
C ASN J 40 -2.13 -31.30 20.16
N ASP J 41 -2.69 -30.51 19.25
CA ASP J 41 -2.56 -29.06 19.33
C ASP J 41 -3.51 -28.41 20.34
N ASN J 42 -4.46 -29.19 20.85
CA ASN J 42 -5.40 -28.69 21.84
C ASN J 42 -4.81 -28.77 23.26
N GLY J 43 -3.66 -29.42 23.36
CA GLY J 43 -2.99 -29.58 24.65
C GLY J 43 -3.70 -30.57 25.55
N ASP J 44 -4.29 -31.59 24.95
CA ASP J 44 -4.97 -32.63 25.71
C ASP J 44 -3.97 -33.50 26.48
N HIS J 45 -2.72 -33.52 26.01
CA HIS J 45 -1.67 -34.28 26.66
C HIS J 45 -1.23 -33.61 27.96
N PHE J 46 -1.55 -32.33 28.12
CA PHE J 46 -1.33 -31.64 29.38
C PHE J 46 -2.51 -31.87 30.31
N ASN J 47 -2.71 -33.13 30.70
CA ASN J 47 -3.87 -33.51 31.49
C ASN J 47 -3.55 -33.66 32.98
N MET J 48 -2.93 -32.63 33.55
CA MET J 48 -2.61 -32.62 34.98
C MET J 48 -3.89 -32.61 35.80
N LYS J 49 -3.87 -33.34 36.92
CA LYS J 49 -5.09 -33.56 37.70
C LYS J 49 -4.97 -33.21 39.18
N ASP J 50 -3.75 -32.97 39.65
CA ASP J 50 -3.56 -32.60 41.06
C ASP J 50 -2.43 -31.59 41.30
N TYR J 51 -2.30 -31.17 42.55
CA TYR J 51 -1.28 -30.19 42.93
C TYR J 51 -0.42 -30.69 44.10
N HIS J 52 0.90 -30.54 43.95
CA HIS J 52 1.83 -30.82 45.05
C HIS J 52 2.42 -29.50 45.55
N VAL J 53 2.78 -29.47 46.83
CA VAL J 53 3.43 -28.31 47.41
C VAL J 53 4.81 -28.69 47.93
N PHE J 54 5.82 -27.94 47.51
CA PHE J 54 7.20 -28.21 47.93
C PHE J 54 7.75 -27.06 48.75
N SER J 55 8.78 -27.33 49.53
CA SER J 55 9.39 -26.31 50.38
C SER J 55 10.88 -26.56 50.60
N MET J 56 11.60 -25.50 50.98
CA MET J 56 13.02 -25.59 51.25
C MET J 56 13.51 -24.37 52.02
N ASP J 57 14.53 -24.55 52.84
CA ASP J 57 15.10 -23.46 53.62
C ASP J 57 16.45 -23.04 53.04
N ASP J 58 16.81 -23.67 51.93
CA ASP J 58 18.08 -23.42 51.27
C ASP J 58 17.95 -23.82 49.80
N VAL J 59 17.89 -22.82 48.93
CA VAL J 59 17.74 -23.07 47.50
C VAL J 59 19.02 -23.67 46.91
N GLU J 60 20.16 -23.33 47.53
CA GLU J 60 21.45 -23.77 47.04
C GLU J 60 21.69 -25.27 47.24
N GLN J 61 21.69 -25.71 48.50
CA GLN J 61 22.03 -27.09 48.83
C GLN J 61 21.03 -27.74 49.77
N GLY J 62 19.87 -27.12 49.93
CA GLY J 62 18.87 -27.60 50.87
C GLY J 62 18.16 -28.87 50.45
N GLU J 63 17.19 -29.27 51.26
CA GLU J 63 16.46 -30.52 51.04
C GLU J 63 15.02 -30.24 50.65
N VAL J 64 14.65 -30.63 49.42
CA VAL J 64 13.32 -30.41 48.91
C VAL J 64 12.29 -31.26 49.66
N THR J 65 11.33 -30.61 50.30
CA THR J 65 10.33 -31.30 51.10
C THR J 65 8.99 -31.40 50.38
N ASP J 66 8.57 -32.64 50.09
CA ASP J 66 7.29 -32.87 49.44
C ASP J 66 6.19 -32.92 50.49
N HIS J 67 5.18 -32.05 50.32
CA HIS J 67 4.06 -32.02 51.25
C HIS J 67 2.89 -32.87 50.76
N GLY J 68 3.05 -33.45 49.58
CA GLY J 68 2.04 -34.34 49.02
C GLY J 68 0.96 -33.64 48.23
N VAL J 69 -0.08 -34.38 47.86
CA VAL J 69 -1.21 -33.83 47.12
C VAL J 69 -1.95 -32.82 48.00
N VAL J 70 -2.14 -31.61 47.47
CA VAL J 70 -2.76 -30.54 48.22
C VAL J 70 -4.14 -30.20 47.65
N LEU J 71 -4.37 -30.61 46.40
CA LEU J 71 -5.63 -30.35 45.72
C LEU J 71 -5.72 -31.19 44.45
N ARG J 72 -6.84 -31.88 44.26
CA ARG J 72 -7.06 -32.67 43.07
C ARG J 72 -8.43 -32.38 42.44
N THR J 73 -8.57 -32.73 41.17
CA THR J 73 -9.78 -32.42 40.41
C THR J 73 -11.03 -33.10 40.96
N GLU J 74 -10.84 -34.22 41.66
CA GLU J 74 -11.97 -34.98 42.19
C GLU J 74 -12.64 -34.28 43.38
N ASP J 75 -11.95 -33.28 43.94
CA ASP J 75 -12.46 -32.56 45.10
C ASP J 75 -13.12 -31.24 44.70
N ILE J 76 -12.87 -30.81 43.48
CA ILE J 76 -13.44 -29.56 42.98
C ILE J 76 -14.87 -29.79 42.48
N PRO J 77 -15.85 -29.09 43.08
CA PRO J 77 -17.27 -29.26 42.76
C PRO J 77 -17.61 -28.96 41.31
N TRP J 78 -17.02 -27.91 40.74
CA TRP J 78 -17.32 -27.49 39.38
C TRP J 78 -16.34 -28.08 38.37
N ALA J 79 -15.56 -29.06 38.81
CA ALA J 79 -14.46 -29.60 38.02
C ALA J 79 -14.85 -30.15 36.65
N GLY J 80 -14.06 -29.79 35.65
CA GLY J 80 -14.14 -30.39 34.34
C GLY J 80 -12.90 -31.22 34.10
N ARG J 81 -11.82 -30.56 33.68
CA ARG J 81 -10.55 -31.25 33.45
C ARG J 81 -9.38 -30.27 33.32
N GLN J 82 -8.17 -30.83 33.41
CA GLN J 82 -6.93 -30.10 33.16
C GLN J 82 -6.61 -29.00 34.19
N LEU J 83 -5.86 -29.36 35.22
CA LEU J 83 -5.36 -28.40 36.20
C LEU J 83 -4.04 -27.80 35.70
N TRP J 84 -4.05 -26.53 35.33
CA TRP J 84 -2.85 -25.89 34.80
C TRP J 84 -2.19 -24.93 35.78
N ASP J 85 -1.28 -24.10 35.28
CA ASP J 85 -0.44 -23.25 36.11
C ASP J 85 -1.19 -22.37 37.11
N SER J 86 -0.93 -22.58 38.40
CA SER J 86 -1.60 -21.82 39.46
C SER J 86 -0.64 -20.89 40.21
N ASP J 87 -1.19 -20.14 41.16
CA ASP J 87 -0.40 -19.25 41.99
C ASP J 87 -1.10 -19.03 43.34
N VAL J 88 -0.32 -18.74 44.37
CA VAL J 88 -0.84 -18.60 45.73
C VAL J 88 -0.54 -17.23 46.31
N ALA J 89 -1.46 -16.69 47.11
CA ALA J 89 -1.26 -15.42 47.79
C ALA J 89 -1.70 -15.49 49.24
N PHE J 90 -1.01 -14.74 50.10
CA PHE J 90 -1.36 -14.73 51.53
C PHE J 90 -2.04 -13.43 51.92
N ARG J 91 -3.26 -13.55 52.45
CA ARG J 91 -4.03 -12.40 52.90
C ARG J 91 -5.09 -12.83 53.91
N ASN J 92 -5.45 -11.91 54.82
CA ASN J 92 -6.47 -12.15 55.83
C ASN J 92 -6.16 -13.34 56.74
N GLY J 93 -4.87 -13.66 56.88
CA GLY J 93 -4.44 -14.76 57.72
C GLY J 93 -4.57 -16.11 57.04
N LYS J 94 -5.03 -16.10 55.80
CA LYS J 94 -5.24 -17.33 55.04
C LYS J 94 -4.42 -17.32 53.76
N TYR J 95 -4.33 -18.47 53.10
CA TYR J 95 -3.65 -18.57 51.82
C TYR J 95 -4.66 -18.89 50.71
N TYR J 96 -4.62 -18.12 49.63
CA TYR J 96 -5.58 -18.30 48.54
C TYR J 96 -4.89 -18.80 47.27
N MET J 97 -5.12 -20.07 46.95
CA MET J 97 -4.58 -20.63 45.71
C MET J 97 -5.52 -20.35 44.55
N TYR J 98 -4.99 -19.76 43.48
CA TYR J 98 -5.78 -19.46 42.30
C TYR J 98 -5.42 -20.41 41.17
N PHE J 99 -6.28 -21.41 40.96
CA PHE J 99 -6.03 -22.45 39.96
C PHE J 99 -6.91 -22.26 38.73
N PRO J 100 -6.32 -22.48 37.54
CA PRO J 100 -7.09 -22.49 36.29
C PRO J 100 -7.57 -23.89 35.97
N LEU J 101 -8.78 -23.99 35.42
CA LEU J 101 -9.37 -25.28 35.13
C LEU J 101 -10.52 -25.11 34.14
N LYS J 102 -10.60 -26.02 33.16
CA LYS J 102 -11.74 -26.04 32.26
C LYS J 102 -12.96 -26.51 33.03
N ASP J 103 -14.07 -25.80 32.90
CA ASP J 103 -15.29 -26.19 33.58
C ASP J 103 -15.94 -27.39 32.91
N GLN J 104 -17.21 -27.63 33.21
CA GLN J 104 -17.93 -28.77 32.63
C GLN J 104 -18.33 -28.51 31.17
N ASN J 105 -17.93 -27.35 30.64
CA ASN J 105 -18.17 -27.01 29.25
C ASN J 105 -16.86 -26.80 28.49
N ASP J 106 -15.76 -27.29 29.09
CA ASP J 106 -14.41 -27.13 28.54
C ASP J 106 -14.02 -25.67 28.29
N ILE J 107 -14.57 -24.78 29.10
CA ILE J 107 -14.19 -23.37 29.08
C ILE J 107 -13.29 -23.08 30.27
N PHE J 108 -12.08 -22.59 30.00
CA PHE J 108 -11.12 -22.32 31.07
C PHE J 108 -11.60 -21.25 32.02
N ARG J 109 -11.85 -21.65 33.27
CA ARG J 109 -12.22 -20.72 34.32
C ARG J 109 -11.12 -20.71 35.37
N ILE J 110 -11.21 -19.78 36.32
CA ILE J 110 -10.25 -19.72 37.41
C ILE J 110 -10.98 -19.77 38.75
N GLY J 111 -10.59 -20.69 39.61
CA GLY J 111 -11.22 -20.84 40.91
C GLY J 111 -10.28 -20.57 42.06
N VAL J 112 -10.84 -20.48 43.26
CA VAL J 112 -10.06 -20.19 44.45
C VAL J 112 -10.08 -21.35 45.45
N ALA J 113 -8.91 -21.70 45.97
CA ALA J 113 -8.79 -22.71 47.02
C ALA J 113 -8.14 -22.08 48.24
N ILE J 114 -8.69 -22.37 49.42
CA ILE J 114 -8.23 -21.74 50.65
C ILE J 114 -7.59 -22.73 51.62
N SER J 115 -6.46 -22.32 52.20
CA SER J 115 -5.78 -23.12 53.21
C SER J 115 -5.29 -22.23 54.34
N ASP J 116 -5.10 -22.81 55.52
CA ASP J 116 -4.60 -22.06 56.68
C ASP J 116 -3.08 -21.98 56.69
N ARG J 117 -2.46 -22.83 55.90
CA ARG J 117 -1.01 -22.96 55.83
C ARG J 117 -0.53 -22.92 54.40
N PRO J 118 0.71 -22.53 54.17
CA PRO J 118 1.22 -22.51 52.78
C PRO J 118 1.48 -23.90 52.20
N GLU J 119 1.34 -24.93 53.02
CA GLU J 119 1.49 -26.30 52.57
C GLU J 119 0.24 -27.12 52.81
N GLY J 120 -0.55 -26.72 53.80
CA GLY J 120 -1.72 -27.45 54.22
C GLY J 120 -2.74 -27.58 53.10
N PRO J 121 -3.69 -28.51 53.24
CA PRO J 121 -4.66 -28.82 52.19
C PRO J 121 -5.51 -27.62 51.79
N PHE J 122 -5.61 -27.37 50.49
CA PHE J 122 -6.40 -26.26 49.98
C PHE J 122 -7.82 -26.71 49.64
N ILE J 123 -8.80 -26.11 50.30
CA ILE J 123 -10.21 -26.44 50.08
C ILE J 123 -10.82 -25.49 49.07
N PRO J 124 -11.20 -26.01 47.89
CA PRO J 124 -11.71 -25.20 46.79
C PRO J 124 -13.15 -24.72 47.04
N GLN J 125 -13.46 -23.52 46.53
CA GLN J 125 -14.82 -23.01 46.59
C GLN J 125 -15.69 -23.78 45.61
N GLU J 126 -17.00 -23.74 45.81
CA GLU J 126 -17.92 -24.55 45.02
C GLU J 126 -18.02 -24.12 43.55
N ASN J 127 -17.82 -22.84 43.30
CA ASN J 127 -17.94 -22.32 41.94
C ASN J 127 -16.75 -21.46 41.51
N PRO J 128 -16.46 -21.40 40.21
CA PRO J 128 -15.35 -20.58 39.72
C PRO J 128 -15.63 -19.09 39.88
N ILE J 129 -14.59 -18.27 39.77
CA ILE J 129 -14.72 -16.82 39.92
C ILE J 129 -15.62 -16.22 38.84
N LYS J 130 -16.52 -15.33 39.25
CA LYS J 130 -17.41 -14.67 38.31
C LYS J 130 -16.62 -13.76 37.36
N GLY J 131 -16.77 -13.99 36.06
CA GLY J 131 -16.08 -13.20 35.07
C GLY J 131 -14.69 -13.73 34.71
N SER J 132 -14.30 -14.82 35.36
CA SER J 132 -12.98 -15.40 35.11
C SER J 132 -12.93 -16.16 33.79
N TYR J 133 -11.76 -16.13 33.15
CA TYR J 133 -11.54 -16.86 31.91
C TYR J 133 -10.04 -17.04 31.65
N SER J 134 -9.70 -17.81 30.63
CA SER J 134 -8.32 -18.12 30.29
C SER J 134 -7.59 -18.80 31.46
N MET J 135 -6.28 -18.63 31.52
CA MET J 135 -5.48 -19.34 32.52
C MET J 135 -4.17 -18.64 32.91
N ASP J 136 -3.26 -19.42 33.50
CA ASP J 136 -1.98 -18.92 33.98
C ASP J 136 -2.06 -17.67 34.86
N PRO J 137 -2.81 -17.74 35.98
CA PRO J 137 -2.93 -16.56 36.83
C PRO J 137 -1.67 -16.31 37.66
N CYS J 138 -1.48 -15.06 38.07
CA CYS J 138 -0.36 -14.66 38.91
C CYS J 138 -0.81 -13.54 39.84
N ILE J 139 -0.81 -13.81 41.14
CA ILE J 139 -1.30 -12.84 42.11
C ILE J 139 -0.18 -11.96 42.62
N TRP J 140 -0.39 -10.65 42.54
CA TRP J 140 0.64 -9.69 42.96
C TRP J 140 0.15 -8.76 44.06
N PRO J 141 0.71 -8.92 45.28
CA PRO J 141 0.45 -8.01 46.39
C PRO J 141 1.21 -6.71 46.20
N ASP J 142 0.53 -5.68 45.70
CA ASP J 142 1.20 -4.42 45.37
C ASP J 142 1.40 -3.54 46.60
N LYS J 143 2.21 -2.50 46.45
CA LYS J 143 2.53 -1.60 47.56
C LYS J 143 1.37 -0.68 47.93
N ASP J 144 0.36 -0.62 47.07
CA ASP J 144 -0.80 0.24 47.34
C ASP J 144 -1.77 -0.41 48.33
N GLY J 145 -1.47 -1.65 48.71
CA GLY J 145 -2.28 -2.36 49.67
C GLY J 145 -3.32 -3.27 49.03
N GLU J 146 -3.22 -3.42 47.71
CA GLU J 146 -4.19 -4.24 46.98
C GLU J 146 -3.54 -5.47 46.35
N TYR J 147 -4.38 -6.40 45.89
CA TYR J 147 -3.91 -7.61 45.23
C TYR J 147 -4.41 -7.66 43.79
N TYR J 148 -3.52 -7.97 42.86
CA TYR J 148 -3.86 -7.99 41.45
C TYR J 148 -3.57 -9.34 40.80
N MET J 149 -4.45 -9.76 39.90
CA MET J 149 -4.27 -11.01 39.16
C MET J 149 -3.84 -10.75 37.73
N TYR J 150 -2.75 -11.38 37.32
CA TYR J 150 -2.31 -11.34 35.93
C TYR J 150 -2.52 -12.70 35.28
N PHE J 151 -3.46 -12.78 34.35
CA PHE J 151 -3.79 -14.04 33.69
C PHE J 151 -3.82 -13.88 32.17
N GLY J 152 -4.03 -15.00 31.49
CA GLY J 152 -4.09 -15.00 30.04
C GLY J 152 -3.14 -16.02 29.43
N GLY J 153 -3.50 -16.52 28.25
CA GLY J 153 -2.68 -17.49 27.54
C GLY J 153 -3.24 -17.78 26.16
N LEU J 154 -2.37 -17.77 25.16
CA LEU J 154 -2.80 -17.97 23.78
C LEU J 154 -3.09 -19.45 23.45
N TRP J 155 -3.81 -19.65 22.35
CA TRP J 155 -4.08 -20.97 21.80
C TRP J 155 -4.89 -21.85 22.76
N GLY J 156 -4.20 -22.78 23.42
CA GLY J 156 -4.85 -23.67 24.37
C GLY J 156 -5.36 -22.93 25.59
N GLY J 157 -4.83 -21.73 25.82
CA GLY J 157 -5.24 -20.91 26.95
C GLY J 157 -6.54 -20.17 26.70
N GLN J 158 -7.03 -20.24 25.48
CA GLN J 158 -8.35 -19.71 25.11
C GLN J 158 -8.50 -18.19 25.24
N LEU J 159 -7.39 -17.46 25.26
CA LEU J 159 -7.46 -16.00 25.38
C LEU J 159 -8.04 -15.37 24.12
N GLN J 160 -7.76 -15.99 22.98
CA GLN J 160 -8.19 -15.47 21.68
C GLN J 160 -9.70 -15.58 21.48
N ARG J 161 -10.37 -16.27 22.39
CA ARG J 161 -11.81 -16.42 22.34
C ARG J 161 -12.52 -15.19 22.88
N TYR J 162 -11.76 -14.29 23.49
CA TYR J 162 -12.37 -13.16 24.19
C TYR J 162 -11.90 -11.80 23.68
N ARG J 163 -12.79 -10.82 23.79
CA ARG J 163 -12.48 -9.43 23.51
C ARG J 163 -13.17 -8.56 24.54
N ASN J 164 -12.39 -7.81 25.32
CA ASN J 164 -12.91 -7.00 26.41
C ASN J 164 -13.72 -7.84 27.39
N ASN J 165 -13.15 -8.98 27.77
CA ASN J 165 -13.77 -9.93 28.70
C ASN J 165 -15.04 -10.58 28.17
N LYS J 166 -15.33 -10.40 26.88
CA LYS J 166 -16.52 -10.97 26.28
C LYS J 166 -16.17 -12.05 25.26
N ALA J 167 -16.85 -13.19 25.34
CA ALA J 167 -16.57 -14.31 24.45
C ALA J 167 -17.03 -14.05 23.02
N LEU J 168 -16.16 -14.34 22.07
CA LEU J 168 -16.47 -14.15 20.65
C LEU J 168 -17.23 -15.36 20.12
N GLU J 169 -18.02 -15.14 19.07
CA GLU J 169 -18.71 -16.23 18.40
C GLU J 169 -17.69 -17.15 17.76
N CYS J 170 -16.68 -16.55 17.15
CA CYS J 170 -15.58 -17.31 16.57
C CYS J 170 -14.26 -16.73 17.06
N ALA J 171 -13.35 -17.60 17.45
CA ALA J 171 -12.04 -17.19 17.95
C ALA J 171 -11.26 -16.42 16.89
N LEU J 172 -10.40 -15.51 17.33
CA LEU J 172 -9.63 -14.69 16.40
C LEU J 172 -8.22 -14.40 16.91
N LEU J 173 -7.23 -14.86 16.14
CA LEU J 173 -5.83 -14.58 16.46
C LEU J 173 -5.28 -13.53 15.50
N PRO J 174 -4.79 -12.40 16.05
CA PRO J 174 -4.24 -11.32 15.24
C PRO J 174 -3.01 -11.76 14.45
N GLU J 175 -2.79 -11.15 13.29
CA GLU J 175 -1.66 -11.51 12.44
C GLU J 175 -1.00 -10.25 11.87
N GLY J 176 0.27 -10.37 11.51
CA GLY J 176 1.00 -9.27 10.91
C GLY J 176 1.22 -8.10 11.87
N ASP J 177 0.90 -6.90 11.40
CA ASP J 177 1.13 -5.68 12.17
C ASP J 177 -0.03 -5.34 13.11
N GLU J 178 -1.02 -6.23 13.17
CA GLU J 178 -2.13 -6.08 14.11
C GLU J 178 -1.60 -6.13 15.54
N PRO J 179 -2.19 -5.34 16.45
CA PRO J 179 -1.77 -5.34 17.84
C PRO J 179 -1.95 -6.73 18.47
N ALA J 180 -0.84 -7.31 18.96
CA ALA J 180 -0.88 -8.63 19.57
C ALA J 180 -1.77 -8.63 20.80
N LEU J 181 -2.30 -9.79 21.14
CA LEU J 181 -3.15 -9.93 22.31
C LEU J 181 -2.35 -9.65 23.59
N CYS J 182 -2.94 -8.88 24.49
CA CYS J 182 -2.27 -8.48 25.71
C CYS J 182 -2.74 -9.33 26.90
N PRO J 183 -1.83 -9.60 27.84
CA PRO J 183 -2.20 -10.29 29.07
C PRO J 183 -3.17 -9.42 29.88
N LYS J 184 -4.03 -10.04 30.67
CA LYS J 184 -5.04 -9.28 31.40
C LYS J 184 -4.63 -8.99 32.83
N VAL J 185 -5.16 -7.91 33.38
CA VAL J 185 -4.92 -7.54 34.78
C VAL J 185 -6.23 -7.15 35.44
N VAL J 186 -6.42 -7.53 36.70
CA VAL J 186 -7.64 -7.23 37.43
C VAL J 186 -7.38 -7.20 38.94
N ARG J 187 -8.00 -6.23 39.62
CA ARG J 187 -7.85 -6.10 41.06
C ARG J 187 -8.86 -6.97 41.80
N LEU J 188 -8.38 -7.77 42.75
CA LEU J 188 -9.25 -8.63 43.54
C LEU J 188 -9.81 -7.85 44.73
N ARG J 189 -11.01 -8.24 45.17
CA ARG J 189 -11.60 -7.58 46.34
C ARG J 189 -11.03 -8.17 47.62
N GLU J 190 -11.41 -7.60 48.76
CA GLU J 190 -10.75 -7.90 50.02
C GLU J 190 -10.88 -9.35 50.49
N ASP J 191 -12.01 -9.99 50.20
CA ASP J 191 -12.19 -11.38 50.61
C ASP J 191 -11.48 -12.36 49.66
N MET J 192 -10.91 -11.79 48.59
CA MET J 192 -10.12 -12.55 47.61
C MET J 192 -10.93 -13.65 46.89
N LEU J 193 -12.25 -13.54 46.94
CA LEU J 193 -13.12 -14.54 46.33
C LEU J 193 -13.58 -14.13 44.93
N GLU J 194 -13.75 -12.83 44.71
CA GLU J 194 -14.22 -12.33 43.42
C GLU J 194 -13.41 -11.13 42.94
N PHE J 195 -13.59 -10.77 41.68
CA PHE J 195 -12.97 -9.59 41.12
C PHE J 195 -13.61 -8.34 41.73
N ALA J 196 -12.84 -7.25 41.83
CA ALA J 196 -13.36 -6.00 42.35
C ALA J 196 -13.74 -5.07 41.19
N GLU J 197 -13.34 -5.46 39.99
CA GLU J 197 -13.60 -4.66 38.79
C GLU J 197 -13.56 -5.55 37.56
N GLU J 198 -13.62 -4.92 36.38
CA GLU J 198 -13.47 -5.65 35.13
C GLU J 198 -12.00 -5.70 34.71
N PRO J 199 -11.54 -6.89 34.28
CA PRO J 199 -10.17 -7.09 33.80
C PRO J 199 -9.82 -6.14 32.67
N ARG J 200 -8.59 -5.62 32.69
CA ARG J 200 -8.13 -4.70 31.65
C ARG J 200 -6.94 -5.29 30.89
N ASP J 201 -6.62 -4.69 29.75
CA ASP J 201 -5.42 -5.08 29.02
C ASP J 201 -4.19 -4.58 29.76
N LEU J 202 -3.18 -5.46 29.88
CA LEU J 202 -1.88 -5.03 30.37
C LEU J 202 -0.98 -4.78 29.17
N MET J 203 -0.95 -3.53 28.71
CA MET J 203 -0.28 -3.20 27.47
C MET J 203 1.23 -3.33 27.57
N ILE J 204 1.81 -4.11 26.65
CA ILE J 204 3.25 -4.23 26.54
C ILE J 204 3.73 -3.52 25.29
N LEU J 205 4.60 -2.53 25.46
CA LEU J 205 5.03 -1.68 24.35
C LEU J 205 6.47 -1.98 23.91
N ASP J 206 6.81 -1.52 22.71
CA ASP J 206 8.17 -1.66 22.21
C ASP J 206 9.00 -0.42 22.54
N GLU J 207 10.08 -0.22 21.77
CA GLU J 207 10.96 0.93 22.01
C GLU J 207 10.29 2.26 21.64
N LYS J 208 9.44 2.24 20.63
CA LYS J 208 8.75 3.45 20.17
C LYS J 208 7.57 3.80 21.07
N GLY J 209 7.22 2.91 21.99
CA GLY J 209 6.07 3.10 22.84
C GLY J 209 4.81 2.62 22.15
N LYS J 210 4.99 1.77 21.14
CA LYS J 210 3.88 1.22 20.38
C LYS J 210 3.62 -0.22 20.81
N LEU J 211 2.36 -0.65 20.75
CA LEU J 211 1.99 -2.01 21.10
C LEU J 211 2.73 -3.03 20.25
N LEU J 212 3.16 -4.12 20.87
CA LEU J 212 3.84 -5.21 20.17
C LEU J 212 2.90 -5.83 19.14
N SER J 213 3.40 -6.02 17.92
CA SER J 213 2.60 -6.61 16.86
C SER J 213 2.43 -8.11 17.06
N ALA J 214 1.50 -8.71 16.31
CA ALA J 214 1.24 -10.14 16.42
C ALA J 214 2.35 -10.94 15.74
N GLY J 215 2.99 -10.35 14.75
CA GLY J 215 4.07 -11.00 14.03
C GLY J 215 5.38 -10.94 14.79
N ASP J 216 5.39 -10.16 15.87
CA ASP J 216 6.58 -10.02 16.71
C ASP J 216 6.59 -11.16 17.74
N THR J 217 6.61 -12.39 17.24
CA THR J 217 6.48 -13.58 18.07
C THR J 217 7.62 -13.76 19.07
N LYS J 218 8.74 -13.10 18.84
CA LYS J 218 9.89 -13.18 19.74
C LYS J 218 9.70 -12.29 20.97
N ARG J 219 8.71 -11.41 20.94
CA ARG J 219 8.52 -10.43 22.00
C ARG J 219 7.10 -10.36 22.54
N ARG J 220 6.11 -10.69 21.72
CA ARG J 220 4.71 -10.58 22.14
C ARG J 220 4.33 -11.61 23.19
N PHE J 221 3.32 -11.29 23.99
CA PHE J 221 2.89 -12.15 25.09
C PHE J 221 2.24 -13.44 24.60
N PHE J 222 2.52 -14.54 25.28
CA PHE J 222 1.89 -15.82 24.99
C PHE J 222 1.23 -16.39 26.24
N GLU J 223 2.01 -16.57 27.30
CA GLU J 223 1.50 -17.08 28.57
C GLU J 223 2.48 -16.84 29.71
N ALA J 224 2.24 -17.51 30.83
CA ALA J 224 3.16 -17.48 31.98
C ALA J 224 3.40 -16.09 32.55
N SER J 225 2.33 -15.38 32.88
CA SER J 225 2.47 -14.05 33.46
C SER J 225 3.10 -14.12 34.85
N TRP J 226 3.99 -13.17 35.13
CA TRP J 226 4.60 -13.08 36.45
C TRP J 226 5.02 -11.64 36.75
N MET J 227 4.77 -11.22 37.99
CA MET J 227 5.05 -9.85 38.41
C MET J 227 5.91 -9.80 39.67
N HIS J 228 7.04 -9.11 39.59
CA HIS J 228 7.86 -8.87 40.77
C HIS J 228 8.43 -7.46 40.75
N TYR J 229 8.74 -6.94 41.93
CA TYR J 229 9.18 -5.56 42.08
C TYR J 229 10.58 -5.50 42.65
N TYR J 230 11.52 -4.97 41.85
CA TYR J 230 12.91 -4.86 42.27
C TYR J 230 13.48 -3.46 42.07
N ASN J 231 13.98 -2.89 43.16
CA ASN J 231 14.70 -1.61 43.12
C ASN J 231 13.92 -0.46 42.48
N GLY J 232 12.72 -0.21 42.99
CA GLY J 232 11.92 0.90 42.53
C GLY J 232 11.39 0.75 41.12
N LYS J 233 11.22 -0.48 40.67
CA LYS J 233 10.76 -0.75 39.31
C LYS J 233 9.97 -2.05 39.22
N TYR J 234 8.93 -2.05 38.40
CA TYR J 234 8.13 -3.25 38.17
C TYR J 234 8.75 -4.12 37.08
N TYR J 235 8.60 -5.43 37.21
CA TYR J 235 9.11 -6.37 36.22
C TYR J 235 8.04 -7.39 35.85
N PHE J 236 7.49 -7.25 34.64
CA PHE J 236 6.52 -8.22 34.14
C PHE J 236 7.17 -9.18 33.15
N SER J 237 7.38 -10.41 33.58
CA SER J 237 7.98 -11.42 32.72
C SER J 237 6.92 -12.41 32.24
N TYR J 238 7.21 -13.09 31.13
CA TYR J 238 6.23 -13.95 30.49
C TYR J 238 6.87 -14.88 29.47
N SER J 239 6.13 -15.90 29.07
CA SER J 239 6.58 -16.82 28.02
C SER J 239 6.12 -16.31 26.66
N THR J 240 6.89 -16.63 25.63
CA THR J 240 6.57 -16.16 24.27
C THR J 240 6.09 -17.30 23.38
N GLY J 241 5.95 -18.48 23.96
CA GLY J 241 5.35 -19.62 23.28
C GLY J 241 6.18 -20.26 22.19
N ASP J 242 5.81 -20.00 20.93
CA ASP J 242 6.43 -20.68 19.80
C ASP J 242 7.87 -20.23 19.52
N THR J 243 8.34 -19.24 20.26
CA THR J 243 9.73 -18.83 20.18
C THR J 243 10.49 -19.32 21.41
N HIS J 244 9.75 -19.93 22.32
CA HIS J 244 10.32 -20.58 23.51
C HIS J 244 11.16 -19.64 24.37
N LEU J 245 10.78 -18.37 24.42
CA LEU J 245 11.55 -17.38 25.16
C LEU J 245 10.80 -16.86 26.39
N ILE J 246 11.55 -16.50 27.41
CA ILE J 246 10.99 -15.79 28.56
C ILE J 246 11.51 -14.37 28.57
N CYS J 247 10.68 -13.43 28.10
CA CYS J 247 11.07 -12.03 28.05
C CYS J 247 10.52 -11.29 29.26
N TYR J 248 10.89 -10.02 29.40
CA TYR J 248 10.40 -9.21 30.51
C TYR J 248 10.18 -7.76 30.11
N ALA J 249 9.27 -7.09 30.82
CA ALA J 249 8.99 -5.69 30.59
C ALA J 249 9.00 -4.92 31.91
N THR J 250 9.16 -3.60 31.82
CA THR J 250 9.24 -2.77 33.03
C THR J 250 8.18 -1.67 33.04
N GLY J 251 7.70 -1.33 34.24
CA GLY J 251 6.69 -0.31 34.42
C GLY J 251 6.78 0.33 35.79
N ASP J 252 5.85 1.24 36.09
CA ASP J 252 5.87 1.94 37.36
C ASP J 252 4.57 1.82 38.15
N ASN J 253 3.68 0.95 37.69
CA ASN J 253 2.43 0.65 38.40
C ASN J 253 1.78 -0.63 37.86
N PRO J 254 0.99 -1.32 38.71
CA PRO J 254 0.40 -2.61 38.34
C PRO J 254 -0.54 -2.55 37.13
N TYR J 255 -1.03 -1.37 36.77
CA TYR J 255 -1.92 -1.23 35.62
C TYR J 255 -1.20 -0.70 34.40
N GLY J 256 -0.26 0.22 34.63
CA GLY J 256 0.36 1.00 33.58
C GLY J 256 1.02 0.24 32.46
N PRO J 257 1.30 0.94 31.35
CA PRO J 257 1.93 0.36 30.16
C PRO J 257 3.34 -0.14 30.45
N PHE J 258 3.60 -1.41 30.14
CA PHE J 258 4.92 -1.99 30.32
C PHE J 258 5.73 -1.92 29.02
N THR J 259 7.05 -1.81 29.15
CA THR J 259 7.92 -1.67 28.00
C THR J 259 8.93 -2.82 27.93
N TYR J 260 8.95 -3.50 26.79
CA TYR J 260 9.87 -4.61 26.57
C TYR J 260 11.32 -4.19 26.78
N ARG J 261 12.11 -5.07 27.38
CA ARG J 261 13.51 -4.76 27.66
C ARG J 261 14.46 -5.79 27.08
N GLY J 262 14.22 -7.06 27.37
CA GLY J 262 15.09 -8.13 26.89
C GLY J 262 14.61 -9.52 27.24
N VAL J 263 15.49 -10.50 27.01
CA VAL J 263 15.18 -11.90 27.25
C VAL J 263 15.78 -12.38 28.56
N ILE J 264 14.99 -13.08 29.38
CA ILE J 264 15.48 -13.64 30.62
C ILE J 264 16.02 -15.05 30.41
N LEU J 265 15.29 -15.85 29.64
CA LEU J 265 15.68 -17.24 29.41
C LEU J 265 15.54 -17.65 27.94
N THR J 266 16.63 -18.17 27.39
CA THR J 266 16.67 -18.67 26.03
C THR J 266 15.91 -20.01 25.96
N PRO J 267 15.59 -20.50 24.75
CA PRO J 267 14.83 -21.76 24.63
C PRO J 267 15.45 -22.93 25.39
N VAL J 268 14.60 -23.65 26.13
CA VAL J 268 15.03 -24.82 26.89
C VAL J 268 14.66 -26.10 26.14
N VAL J 269 14.94 -27.25 26.76
CA VAL J 269 14.56 -28.53 26.18
C VAL J 269 13.07 -28.79 26.44
N GLY J 270 12.32 -28.98 25.36
CA GLY J 270 10.88 -29.08 25.45
C GLY J 270 10.25 -27.82 24.90
N TRP J 271 9.01 -27.93 24.44
CA TRP J 271 8.33 -26.80 23.80
C TRP J 271 7.97 -25.71 24.79
N THR J 272 7.34 -26.08 25.89
CA THR J 272 6.87 -25.11 26.88
C THR J 272 7.97 -24.61 27.80
N THR J 273 7.92 -23.33 28.12
CA THR J 273 8.81 -22.74 29.12
C THR J 273 7.99 -21.85 30.07
N HIS J 274 8.17 -22.08 31.36
CA HIS J 274 7.40 -21.37 32.38
C HIS J 274 8.33 -21.03 33.54
N HIS J 275 7.94 -20.07 34.38
CA HIS J 275 8.85 -19.60 35.41
C HIS J 275 8.19 -18.82 36.55
N SER J 276 9.03 -18.42 37.50
CA SER J 276 8.67 -17.51 38.58
C SER J 276 9.94 -16.93 39.17
N ILE J 277 9.93 -15.62 39.45
CA ILE J 277 11.11 -14.95 39.96
C ILE J 277 10.87 -14.49 41.40
N VAL J 278 11.82 -14.79 42.27
CA VAL J 278 11.68 -14.42 43.69
C VAL J 278 13.05 -14.28 44.35
N GLU J 279 13.11 -13.43 45.38
CA GLU J 279 14.34 -13.27 46.15
C GLU J 279 14.25 -14.10 47.41
N PHE J 280 15.35 -14.78 47.74
CA PHE J 280 15.40 -15.61 48.94
C PHE J 280 16.78 -15.59 49.58
N LYS J 281 16.86 -15.03 50.79
CA LYS J 281 18.09 -14.94 51.55
C LYS J 281 19.20 -14.15 50.83
N GLY J 282 18.81 -13.07 50.16
CA GLY J 282 19.77 -12.18 49.54
C GLY J 282 19.96 -12.35 48.04
N LYS J 283 19.55 -13.51 47.52
CA LYS J 283 19.76 -13.82 46.11
C LYS J 283 18.46 -13.97 45.35
N TRP J 284 18.48 -13.64 44.06
CA TRP J 284 17.32 -13.79 43.20
C TRP J 284 17.40 -15.09 42.40
N TYR J 285 16.26 -15.76 42.25
CA TYR J 285 16.24 -17.05 41.56
C TYR J 285 15.21 -17.10 40.44
N LEU J 286 15.57 -17.79 39.36
CA LEU J 286 14.64 -18.04 38.27
C LEU J 286 14.21 -19.50 38.26
N PHE J 287 13.15 -19.81 39.01
CA PHE J 287 12.58 -21.14 39.00
C PHE J 287 11.90 -21.37 37.66
N HIS J 288 12.19 -22.51 37.04
CA HIS J 288 11.63 -22.82 35.72
C HIS J 288 11.63 -24.33 35.50
N HIS J 289 11.59 -24.75 34.24
CA HIS J 289 11.62 -26.17 33.91
C HIS J 289 12.07 -26.47 32.48
N ASP J 290 12.40 -27.74 32.24
CA ASP J 290 12.66 -28.23 30.89
C ASP J 290 12.38 -29.73 30.85
N CYS J 291 12.74 -30.37 29.74
CA CYS J 291 12.44 -31.79 29.56
C CYS J 291 13.69 -32.62 29.33
N VAL J 292 14.75 -32.31 30.05
CA VAL J 292 15.99 -33.06 29.94
C VAL J 292 15.93 -34.45 30.61
N PRO J 293 15.42 -34.54 31.85
CA PRO J 293 15.34 -35.89 32.43
C PRO J 293 14.34 -36.79 31.72
N SER J 294 13.37 -36.19 31.03
CA SER J 294 12.37 -36.96 30.30
C SER J 294 12.80 -37.19 28.85
N LYS J 295 14.04 -36.85 28.55
CA LYS J 295 14.61 -37.01 27.21
C LYS J 295 13.86 -36.25 26.12
N GLY J 296 13.25 -35.12 26.48
CA GLY J 296 12.62 -34.27 25.49
C GLY J 296 11.10 -34.40 25.39
N LYS J 297 10.51 -35.24 26.24
CA LYS J 297 9.06 -35.37 26.27
C LYS J 297 8.41 -34.12 26.85
N THR J 298 7.78 -33.34 25.98
CA THR J 298 7.27 -32.02 26.33
C THR J 298 6.25 -32.04 27.48
N TRP J 299 5.39 -33.06 27.48
CA TRP J 299 4.36 -33.16 28.52
C TRP J 299 4.92 -33.67 29.85
N LEU J 300 6.18 -34.08 29.85
CA LEU J 300 6.85 -34.49 31.07
C LEU J 300 7.99 -33.53 31.42
N ARG J 301 7.71 -32.61 32.34
CA ARG J 301 8.64 -31.54 32.66
C ARG J 301 9.21 -31.67 34.07
N SER J 302 10.51 -31.41 34.20
CA SER J 302 11.17 -31.44 35.50
C SER J 302 11.60 -30.02 35.88
N LEU J 303 11.10 -29.53 37.00
CA LEU J 303 11.41 -28.16 37.41
C LEU J 303 12.85 -27.99 37.88
N LYS J 304 13.37 -26.78 37.72
CA LYS J 304 14.75 -26.47 38.04
C LYS J 304 14.87 -25.02 38.44
N VAL J 305 16.00 -24.65 39.03
CA VAL J 305 16.20 -23.27 39.46
C VAL J 305 17.61 -22.78 39.14
N ALA J 306 17.69 -21.60 38.52
CA ALA J 306 18.96 -20.96 38.23
C ALA J 306 18.96 -19.56 38.84
N GLU J 307 20.13 -19.11 39.29
CA GLU J 307 20.24 -17.79 39.91
C GLU J 307 19.98 -16.68 38.89
N LEU J 308 19.29 -15.63 39.34
CA LEU J 308 19.05 -14.47 38.50
C LEU J 308 19.86 -13.27 39.03
N LYS J 309 20.55 -12.60 38.12
CA LYS J 309 21.36 -11.44 38.49
C LYS J 309 20.91 -10.18 37.74
N TYR J 310 20.89 -9.06 38.44
CA TYR J 310 20.52 -7.78 37.84
C TYR J 310 21.73 -6.98 37.41
N ASN J 311 21.49 -5.75 36.95
CA ASN J 311 22.54 -4.86 36.48
C ASN J 311 22.37 -3.44 37.02
N PRO J 312 23.45 -2.63 36.99
CA PRO J 312 23.39 -1.21 37.35
C PRO J 312 22.22 -0.47 36.70
N ASP J 313 21.99 -0.71 35.41
CA ASP J 313 20.91 -0.04 34.70
C ASP J 313 19.55 -0.67 34.98
N GLY J 314 19.55 -1.78 35.72
CA GLY J 314 18.32 -2.44 36.10
C GLY J 314 17.93 -3.60 35.19
N SER J 315 18.68 -3.77 34.10
CA SER J 315 18.40 -4.85 33.16
C SER J 315 18.70 -6.20 33.78
N ILE J 316 18.09 -7.26 33.25
CA ILE J 316 18.28 -8.60 33.77
C ILE J 316 19.29 -9.39 32.94
N GLN J 317 20.25 -10.00 33.63
CA GLN J 317 21.27 -10.82 32.96
C GLN J 317 20.63 -12.02 32.27
N PRO J 318 20.92 -12.17 30.97
CA PRO J 318 20.35 -13.26 30.16
C PRO J 318 20.82 -14.63 30.64
N ILE J 319 19.87 -15.54 30.83
CA ILE J 319 20.18 -16.89 31.29
C ILE J 319 19.97 -17.88 30.14
N LYS J 320 20.90 -18.83 29.99
CA LYS J 320 20.86 -19.77 28.87
C LYS J 320 19.96 -20.98 29.12
N GLY J 321 19.00 -21.18 28.22
CA GLY J 321 18.18 -22.38 28.24
C GLY J 321 19.02 -23.58 27.86
N THR J 322 18.52 -24.76 28.15
CA THR J 322 19.30 -25.99 27.95
C THR J 322 19.62 -26.25 26.48
N ALA J 323 18.65 -25.99 25.60
CA ALA J 323 18.82 -26.25 24.17
C ALA J 323 19.93 -25.43 23.54
N MET K 1 -30.60 90.65 32.89
CA MET K 1 -29.37 89.88 32.79
C MET K 1 -28.39 90.53 31.85
N LYS K 2 -27.75 91.58 32.35
CA LYS K 2 -26.61 92.18 31.69
C LYS K 2 -25.48 91.16 31.65
N GLU K 3 -25.33 90.43 32.74
CA GLU K 3 -24.23 89.49 32.92
C GLU K 3 -24.68 88.11 33.36
N PRO K 4 -23.87 87.08 33.07
CA PRO K 4 -24.26 85.71 33.39
C PRO K 4 -24.45 85.48 34.88
N ARG K 5 -25.46 84.70 35.26
CA ARG K 5 -25.76 84.46 36.66
C ARG K 5 -25.28 83.09 37.14
N TYR K 6 -24.55 83.08 38.25
CA TYR K 6 -24.20 81.83 38.91
C TYR K 6 -25.34 81.38 39.82
N LEU K 7 -25.78 80.14 39.65
CA LEU K 7 -26.99 79.66 40.31
C LEU K 7 -26.73 78.94 41.63
N VAL K 8 -25.76 78.04 41.65
CA VAL K 8 -25.43 77.30 42.86
C VAL K 8 -24.03 77.66 43.35
N PRO K 9 -23.94 78.63 44.28
CA PRO K 9 -22.67 79.11 44.83
C PRO K 9 -22.23 78.34 46.08
N GLY K 10 -23.13 77.57 46.66
CA GLY K 10 -22.83 76.83 47.88
C GLY K 10 -22.12 75.51 47.63
N ASP K 11 -21.96 75.17 46.36
CA ASP K 11 -21.28 73.93 45.99
C ASP K 11 -20.82 74.01 44.54
N TYR K 12 -20.11 72.97 44.08
CA TYR K 12 -19.62 72.93 42.70
C TYR K 12 -20.44 71.98 41.85
N MET K 13 -21.14 72.54 40.85
CA MET K 13 -21.98 71.75 39.96
C MET K 13 -21.63 72.05 38.50
N ALA K 14 -21.66 71.01 37.67
CA ALA K 14 -21.32 71.16 36.26
C ALA K 14 -22.26 70.36 35.37
N ASP K 15 -22.04 70.47 34.06
CA ASP K 15 -22.84 69.76 33.06
C ASP K 15 -24.34 69.97 33.27
N PRO K 16 -24.81 71.22 33.20
CA PRO K 16 -26.22 71.48 33.49
C PRO K 16 -27.12 71.01 32.35
N ALA K 17 -28.23 70.36 32.71
CA ALA K 17 -29.22 69.93 31.74
C ALA K 17 -30.59 70.45 32.17
N ALA K 18 -31.02 71.54 31.54
CA ALA K 18 -32.24 72.22 31.95
C ALA K 18 -33.48 71.76 31.21
N HIS K 19 -34.58 71.62 31.95
CA HIS K 19 -35.87 71.25 31.37
C HIS K 19 -36.99 72.03 32.04
N VAL K 20 -38.13 72.15 31.36
CA VAL K 20 -39.29 72.82 31.93
C VAL K 20 -40.35 71.82 32.36
N PHE K 21 -40.45 71.60 33.68
CA PHE K 21 -41.43 70.67 34.23
C PHE K 21 -42.37 71.40 35.19
N ASN K 22 -43.66 71.29 34.93
CA ASN K 22 -44.70 71.90 35.76
C ASN K 22 -44.51 73.41 35.93
N ASP K 23 -44.28 74.09 34.81
CA ASP K 23 -44.05 75.54 34.79
C ASP K 23 -42.80 75.97 35.57
N LYS K 24 -42.04 74.99 36.03
CA LYS K 24 -40.78 75.24 36.72
C LYS K 24 -39.61 74.82 35.83
N LEU K 25 -38.47 75.47 36.00
CA LEU K 25 -37.27 75.08 35.28
C LEU K 25 -36.37 74.24 36.17
N TYR K 26 -36.23 72.96 35.81
CA TYR K 26 -35.41 72.04 36.58
C TYR K 26 -34.03 71.85 35.95
N ILE K 27 -33.00 71.73 36.79
CA ILE K 27 -31.64 71.54 36.31
C ILE K 27 -31.06 70.24 36.86
N TYR K 28 -30.45 69.46 35.98
CA TYR K 28 -29.83 68.20 36.38
C TYR K 28 -28.33 68.20 36.07
N PRO K 29 -27.52 68.66 37.04
CA PRO K 29 -26.08 68.82 36.86
C PRO K 29 -25.26 67.66 37.42
N SER K 30 -23.95 67.73 37.24
CA SER K 30 -23.02 66.79 37.85
C SER K 30 -22.48 67.40 39.15
N HIS K 31 -22.18 66.55 40.13
CA HIS K 31 -21.72 67.03 41.43
C HIS K 31 -20.21 66.88 41.58
N ASP K 32 -19.48 67.94 41.24
CA ASP K 32 -18.03 67.94 41.39
C ASP K 32 -17.65 68.05 42.87
N TRP K 33 -16.52 67.44 43.22
CA TRP K 33 -15.99 67.51 44.58
C TRP K 33 -14.49 67.24 44.56
N GLU K 34 -13.76 67.87 45.48
CA GLU K 34 -12.32 67.69 45.56
C GLU K 34 -11.99 66.24 45.93
N SER K 35 -11.89 65.39 44.91
CA SER K 35 -11.50 64.00 45.11
C SER K 35 -10.00 63.95 45.40
N GLY K 36 -9.59 62.98 46.20
CA GLY K 36 -8.19 62.81 46.53
C GLY K 36 -7.35 62.46 45.31
N ILE K 37 -8.01 61.98 44.27
CA ILE K 37 -7.35 61.60 43.03
C ILE K 37 -6.72 62.80 42.34
N PRO K 38 -5.39 62.76 42.14
CA PRO K 38 -4.66 63.81 41.43
C PRO K 38 -5.12 63.88 39.98
N GLU K 39 -4.85 65.01 39.31
CA GLU K 39 -5.30 65.18 37.93
C GLU K 39 -4.55 64.26 36.97
N ASN K 40 -5.31 63.50 36.19
CA ASN K 40 -4.75 62.58 35.21
C ASN K 40 -5.27 62.84 33.80
N ASP K 41 -4.82 62.03 32.84
CA ASP K 41 -5.27 62.18 31.45
C ASP K 41 -6.56 61.40 31.20
N ASN K 42 -6.73 60.32 31.95
CA ASN K 42 -7.94 59.50 31.85
C ASN K 42 -9.16 60.32 32.26
N GLY K 43 -8.95 61.18 33.25
CA GLY K 43 -10.03 61.95 33.83
C GLY K 43 -10.51 61.35 35.14
N ASP K 44 -9.61 60.72 35.87
CA ASP K 44 -9.95 60.10 37.15
C ASP K 44 -10.29 61.13 38.21
N HIS K 45 -9.85 62.37 37.99
CA HIS K 45 -10.18 63.46 38.90
C HIS K 45 -11.65 63.84 38.79
N PHE K 46 -12.25 63.54 37.64
CA PHE K 46 -13.69 63.70 37.48
C PHE K 46 -14.41 62.50 38.08
N ASN K 47 -14.34 62.39 39.40
CA ASN K 47 -14.91 61.25 40.11
C ASN K 47 -16.18 61.60 40.86
N MET K 48 -17.16 62.13 40.14
CA MET K 48 -18.46 62.47 40.72
C MET K 48 -19.18 61.19 41.16
N LYS K 49 -19.90 61.26 42.27
CA LYS K 49 -20.50 60.06 42.85
C LYS K 49 -21.97 60.24 43.26
N ASP K 50 -22.57 61.36 42.89
CA ASP K 50 -23.98 61.59 43.18
C ASP K 50 -24.60 62.71 42.32
N TYR K 51 -25.91 62.83 42.39
CA TYR K 51 -26.63 63.84 41.63
C TYR K 51 -27.53 64.69 42.52
N HIS K 52 -27.61 65.98 42.23
CA HIS K 52 -28.56 66.87 42.89
C HIS K 52 -29.57 67.37 41.86
N VAL K 53 -30.67 67.92 42.34
CA VAL K 53 -31.68 68.50 41.45
C VAL K 53 -32.06 69.89 41.92
N PHE K 54 -31.98 70.86 41.01
CA PHE K 54 -32.32 72.24 41.33
C PHE K 54 -33.53 72.72 40.53
N SER K 55 -34.31 73.62 41.11
CA SER K 55 -35.48 74.17 40.44
C SER K 55 -35.64 75.66 40.75
N MET K 56 -36.32 76.38 39.86
CA MET K 56 -36.54 77.80 40.03
C MET K 56 -37.72 78.29 39.20
N ASP K 57 -38.46 79.25 39.75
CA ASP K 57 -39.60 79.83 39.05
C ASP K 57 -39.14 81.00 38.18
N ASP K 58 -37.91 81.44 38.42
CA ASP K 58 -37.33 82.56 37.67
C ASP K 58 -35.84 82.32 37.48
N VAL K 59 -35.37 82.49 36.26
CA VAL K 59 -33.97 82.24 35.92
C VAL K 59 -33.08 83.43 36.28
N GLU K 60 -33.52 84.62 35.91
CA GLU K 60 -32.76 85.85 36.11
C GLU K 60 -32.51 86.29 37.55
N GLN K 61 -33.50 86.14 38.42
CA GLN K 61 -33.38 86.63 39.79
C GLN K 61 -34.16 85.81 40.82
N GLY K 62 -34.70 84.67 40.39
CA GLY K 62 -35.46 83.81 41.28
C GLY K 62 -34.57 82.93 42.15
N GLU K 63 -35.08 82.57 43.33
CA GLU K 63 -34.33 81.71 44.24
C GLU K 63 -34.14 80.31 43.65
N VAL K 64 -32.95 79.75 43.86
CA VAL K 64 -32.66 78.40 43.39
C VAL K 64 -32.87 77.40 44.53
N THR K 65 -33.81 76.49 44.35
CA THR K 65 -34.14 75.50 45.38
C THR K 65 -33.35 74.20 45.20
N ASP K 66 -32.62 73.81 46.25
CA ASP K 66 -31.87 72.56 46.24
C ASP K 66 -32.76 71.44 46.80
N HIS K 67 -32.96 70.40 45.99
CA HIS K 67 -33.80 69.28 46.40
C HIS K 67 -32.97 68.15 47.00
N GLY K 68 -31.65 68.32 47.01
CA GLY K 68 -30.76 67.34 47.59
C GLY K 68 -30.41 66.19 46.66
N VAL K 69 -29.77 65.17 47.22
CA VAL K 69 -29.34 64.01 46.44
C VAL K 69 -30.53 63.15 46.00
N VAL K 70 -30.62 62.90 44.70
CA VAL K 70 -31.69 62.06 44.16
C VAL K 70 -31.14 60.72 43.68
N LEU K 71 -29.81 60.62 43.62
CA LEU K 71 -29.14 59.40 43.20
C LEU K 71 -27.65 59.44 43.53
N ARG K 72 -27.13 58.32 44.03
CA ARG K 72 -25.70 58.18 44.29
C ARG K 72 -25.19 56.83 43.78
N THR K 73 -23.88 56.71 43.59
CA THR K 73 -23.29 55.49 43.06
C THR K 73 -23.55 54.27 43.94
N GLU K 74 -23.80 54.50 45.22
CA GLU K 74 -24.11 53.43 46.16
C GLU K 74 -25.49 52.84 45.90
N ASP K 75 -26.35 53.61 45.24
CA ASP K 75 -27.72 53.18 44.94
C ASP K 75 -27.77 52.29 43.70
N ILE K 76 -26.73 52.39 42.87
CA ILE K 76 -26.69 51.66 41.60
C ILE K 76 -26.09 50.27 41.76
N PRO K 77 -26.89 49.23 41.48
CA PRO K 77 -26.49 47.83 41.66
C PRO K 77 -25.31 47.38 40.79
N TRP K 78 -25.16 47.99 39.61
CA TRP K 78 -24.09 47.61 38.69
C TRP K 78 -22.95 48.62 38.72
N ALA K 79 -22.98 49.51 39.71
CA ALA K 79 -22.06 50.64 39.76
C ALA K 79 -20.58 50.28 39.80
N GLY K 80 -19.80 51.03 39.04
CA GLY K 80 -18.36 50.96 39.10
C GLY K 80 -17.83 52.27 39.65
N ARG K 81 -17.75 53.28 38.80
CA ARG K 81 -17.29 54.61 39.23
C ARG K 81 -17.64 55.72 38.23
N GLN K 82 -17.61 56.95 38.72
CA GLN K 82 -17.76 58.16 37.89
C GLN K 82 -19.15 58.36 37.28
N LEU K 83 -20.01 59.06 38.01
CA LEU K 83 -21.32 59.49 37.49
C LEU K 83 -21.15 60.79 36.70
N TRP K 84 -21.14 60.69 35.38
CA TRP K 84 -20.89 61.86 34.55
C TRP K 84 -22.19 62.51 34.05
N ASP K 85 -22.08 63.35 33.01
CA ASP K 85 -23.20 64.14 32.52
C ASP K 85 -24.45 63.32 32.16
N SER K 86 -25.53 63.52 32.91
CA SER K 86 -26.78 62.81 32.68
C SER K 86 -27.87 63.72 32.12
N ASP K 87 -29.01 63.13 31.78
CA ASP K 87 -30.17 63.89 31.29
C ASP K 87 -31.46 63.25 31.79
N VAL K 88 -32.56 63.99 31.70
CA VAL K 88 -33.86 63.51 32.18
C VAL K 88 -34.95 63.71 31.13
N ALA K 89 -35.79 62.68 30.95
CA ALA K 89 -36.91 62.76 30.01
C ALA K 89 -38.24 62.50 30.70
N PHE K 90 -39.29 63.15 30.20
CA PHE K 90 -40.63 62.96 30.75
C PHE K 90 -41.52 62.21 29.77
N ARG K 91 -41.99 61.04 30.19
CA ARG K 91 -42.84 60.20 29.36
C ARG K 91 -43.61 59.21 30.24
N ASN K 92 -44.81 58.83 29.78
CA ASN K 92 -45.65 57.88 30.49
C ASN K 92 -46.01 58.31 31.90
N GLY K 93 -45.96 59.62 32.16
CA GLY K 93 -46.26 60.17 33.47
C GLY K 93 -45.12 59.98 34.46
N LYS K 94 -43.98 59.53 33.95
CA LYS K 94 -42.81 59.31 34.79
C LYS K 94 -41.59 60.07 34.28
N TYR K 95 -40.60 60.23 35.14
CA TYR K 95 -39.37 60.91 34.77
C TYR K 95 -38.20 59.93 34.68
N TYR K 96 -37.59 59.86 33.52
CA TYR K 96 -36.50 58.91 33.27
C TYR K 96 -35.14 59.58 33.22
N MET K 97 -34.28 59.24 34.17
CA MET K 97 -32.93 59.78 34.21
C MET K 97 -31.93 58.84 33.54
N TYR K 98 -31.27 59.32 32.50
CA TYR K 98 -30.27 58.53 31.79
C TYR K 98 -28.87 58.97 32.18
N PHE K 99 -28.25 58.23 33.08
CA PHE K 99 -26.93 58.57 33.59
C PHE K 99 -25.84 57.68 33.01
N PRO K 100 -24.68 58.27 32.71
CA PRO K 100 -23.51 57.51 32.29
C PRO K 100 -22.69 57.05 33.49
N LEU K 101 -22.15 55.85 33.42
CA LEU K 101 -21.38 55.29 34.52
C LEU K 101 -20.57 54.09 34.04
N LYS K 102 -19.29 54.06 34.40
CA LYS K 102 -18.45 52.91 34.10
C LYS K 102 -18.93 51.72 34.92
N ASP K 103 -19.05 50.56 34.28
CA ASP K 103 -19.45 49.35 34.99
C ASP K 103 -18.29 48.77 35.79
N GLN K 104 -18.45 47.56 36.30
CA GLN K 104 -17.42 46.93 37.12
C GLN K 104 -16.20 46.51 36.30
N ASN K 105 -16.28 46.69 34.99
CA ASN K 105 -15.15 46.41 34.10
C ASN K 105 -14.50 47.69 33.60
N ASP K 106 -14.84 48.81 34.23
CA ASP K 106 -14.35 50.13 33.83
C ASP K 106 -14.74 50.49 32.40
N ILE K 107 -15.90 50.03 31.96
CA ILE K 107 -16.39 50.38 30.64
C ILE K 107 -17.61 51.27 30.81
N PHE K 108 -17.62 52.41 30.15
CA PHE K 108 -18.73 53.35 30.29
C PHE K 108 -20.00 52.77 29.70
N ARG K 109 -21.09 52.87 30.46
CA ARG K 109 -22.38 52.33 30.08
C ARG K 109 -23.43 53.31 30.54
N ILE K 110 -24.62 53.21 29.98
CA ILE K 110 -25.69 54.15 30.34
C ILE K 110 -26.82 53.42 31.05
N GLY K 111 -27.22 53.95 32.21
CA GLY K 111 -28.28 53.35 32.99
C GLY K 111 -29.52 54.21 33.08
N VAL K 112 -30.60 53.64 33.63
CA VAL K 112 -31.86 54.35 33.75
C VAL K 112 -32.34 54.41 35.20
N ALA K 113 -32.64 55.62 35.68
CA ALA K 113 -33.20 55.80 37.00
C ALA K 113 -34.57 56.44 36.87
N ILE K 114 -35.55 55.91 37.61
CA ILE K 114 -36.94 56.31 37.43
C ILE K 114 -37.55 56.97 38.66
N SER K 115 -38.24 58.10 38.45
CA SER K 115 -38.94 58.80 39.52
C SER K 115 -40.29 59.30 39.02
N ASP K 116 -41.26 59.39 39.92
CA ASP K 116 -42.59 59.87 39.55
C ASP K 116 -42.69 61.40 39.64
N ARG K 117 -41.66 62.02 40.21
CA ARG K 117 -41.60 63.47 40.34
C ARG K 117 -40.31 64.01 39.71
N PRO K 118 -40.33 65.25 39.23
CA PRO K 118 -39.13 65.82 38.60
C PRO K 118 -38.03 66.11 39.61
N GLU K 119 -38.39 66.26 40.89
CA GLU K 119 -37.42 66.56 41.93
C GLU K 119 -37.21 65.37 42.86
N GLY K 120 -38.13 64.40 42.78
CA GLY K 120 -38.10 63.24 43.65
C GLY K 120 -36.89 62.35 43.43
N PRO K 121 -36.66 61.40 44.35
CA PRO K 121 -35.51 60.50 44.28
C PRO K 121 -35.62 59.56 43.07
N PHE K 122 -34.50 59.32 42.40
CA PHE K 122 -34.48 58.47 41.22
C PHE K 122 -34.02 57.04 41.55
N ILE K 123 -34.89 56.07 41.27
CA ILE K 123 -34.58 54.67 41.52
C ILE K 123 -33.99 54.02 40.27
N PRO K 124 -32.72 53.61 40.35
CA PRO K 124 -31.99 53.05 39.20
C PRO K 124 -32.33 51.58 38.93
N GLN K 125 -32.29 51.20 37.66
CA GLN K 125 -32.46 49.80 37.28
C GLN K 125 -31.20 49.03 37.69
N GLU K 126 -31.34 47.72 37.82
CA GLU K 126 -30.23 46.91 38.34
C GLU K 126 -29.11 46.69 37.32
N ASN K 127 -29.42 46.92 36.05
CA ASN K 127 -28.42 46.74 34.99
C ASN K 127 -28.46 47.87 33.96
N PRO K 128 -27.31 48.14 33.32
CA PRO K 128 -27.23 49.21 32.32
C PRO K 128 -28.00 48.86 31.04
N ILE K 129 -28.29 49.87 30.24
CA ILE K 129 -29.00 49.69 28.97
C ILE K 129 -28.21 48.78 28.03
N LYS K 130 -28.91 47.82 27.43
CA LYS K 130 -28.28 46.89 26.49
C LYS K 130 -27.76 47.61 25.24
N GLY K 131 -26.53 47.31 24.85
CA GLY K 131 -25.95 47.89 23.66
C GLY K 131 -25.51 49.33 23.84
N SER K 132 -25.55 49.82 25.07
CA SER K 132 -25.15 51.19 25.36
C SER K 132 -23.65 51.30 25.60
N TYR K 133 -23.09 52.46 25.27
CA TYR K 133 -21.68 52.72 25.48
C TYR K 133 -21.40 54.22 25.54
N SER K 134 -20.15 54.57 25.83
CA SER K 134 -19.73 55.97 25.95
C SER K 134 -20.53 56.72 27.02
N MET K 135 -20.67 58.02 26.85
CA MET K 135 -21.33 58.85 27.86
C MET K 135 -21.99 60.11 27.29
N ASP K 136 -22.37 61.01 28.19
CA ASP K 136 -23.04 62.27 27.83
C ASP K 136 -24.28 62.09 26.97
N PRO K 137 -25.33 61.46 27.52
CA PRO K 137 -26.56 61.26 26.75
C PRO K 137 -27.46 62.49 26.79
N CYS K 138 -28.17 62.72 25.68
CA CYS K 138 -29.17 63.78 25.61
C CYS K 138 -30.47 63.21 25.05
N ILE K 139 -31.55 63.30 25.82
CA ILE K 139 -32.82 62.75 25.38
C ILE K 139 -33.71 63.82 24.74
N TRP K 140 -34.09 63.60 23.49
CA TRP K 140 -34.90 64.58 22.76
C TRP K 140 -36.32 64.10 22.47
N PRO K 141 -37.30 64.76 23.10
CA PRO K 141 -38.72 64.51 22.81
C PRO K 141 -39.11 65.15 21.49
N ASP K 142 -39.03 64.38 20.40
CA ASP K 142 -39.30 64.91 19.06
C ASP K 142 -40.80 65.13 18.83
N LYS K 143 -41.11 65.90 17.79
CA LYS K 143 -42.49 66.19 17.43
C LYS K 143 -43.22 64.99 16.85
N ASP K 144 -42.49 63.91 16.59
CA ASP K 144 -43.09 62.69 16.07
C ASP K 144 -43.68 61.81 17.17
N GLY K 145 -43.31 62.11 18.41
CA GLY K 145 -43.80 61.36 19.55
C GLY K 145 -42.74 60.43 20.13
N GLU K 146 -41.75 60.10 19.32
CA GLU K 146 -40.66 59.24 19.76
C GLU K 146 -39.61 60.00 20.53
N TYR K 147 -38.82 59.29 21.32
CA TYR K 147 -37.78 59.90 22.13
C TYR K 147 -36.40 59.40 21.69
N TYR K 148 -35.51 60.32 21.39
CA TYR K 148 -34.21 59.96 20.84
C TYR K 148 -33.07 60.31 21.80
N MET K 149 -32.11 59.40 21.93
CA MET K 149 -30.93 59.64 22.76
C MET K 149 -29.72 59.99 21.91
N TYR K 150 -29.12 61.14 22.19
CA TYR K 150 -27.87 61.52 21.56
C TYR K 150 -26.75 61.38 22.58
N PHE K 151 -25.78 60.52 22.29
CA PHE K 151 -24.68 60.28 23.22
C PHE K 151 -23.33 60.23 22.51
N GLY K 152 -22.27 60.07 23.30
CA GLY K 152 -20.93 59.99 22.75
C GLY K 152 -20.00 61.03 23.34
N GLY K 153 -18.76 60.63 23.60
CA GLY K 153 -17.74 61.52 24.12
C GLY K 153 -16.35 61.05 23.76
N LEU K 154 -15.53 61.94 23.24
CA LEU K 154 -14.19 61.58 22.78
C LEU K 154 -13.22 61.36 23.94
N TRP K 155 -12.13 60.65 23.66
CA TRP K 155 -11.05 60.41 24.61
C TRP K 155 -11.51 59.66 25.86
N GLY K 156 -11.75 60.39 26.95
CA GLY K 156 -12.16 59.78 28.20
C GLY K 156 -13.54 59.17 28.14
N GLY K 157 -14.31 59.56 27.13
CA GLY K 157 -15.65 59.05 26.94
C GLY K 157 -15.70 57.73 26.20
N GLN K 158 -14.52 57.23 25.82
CA GLN K 158 -14.38 55.92 25.20
C GLN K 158 -15.17 55.73 23.90
N LEU K 159 -15.35 56.81 23.15
CA LEU K 159 -16.07 56.72 21.88
C LEU K 159 -15.21 56.07 20.81
N GLN K 160 -13.91 56.30 20.88
CA GLN K 160 -12.97 55.81 19.88
C GLN K 160 -12.81 54.28 19.89
N ARG K 161 -13.35 53.64 20.92
CA ARG K 161 -13.26 52.19 21.04
C ARG K 161 -14.32 51.49 20.21
N TYR K 162 -15.24 52.25 19.66
CA TYR K 162 -16.40 51.68 18.98
C TYR K 162 -16.55 52.12 17.52
N ARG K 163 -16.79 51.15 16.65
CA ARG K 163 -17.18 51.41 15.27
C ARG K 163 -18.44 50.60 14.97
N ASN K 164 -19.49 51.29 14.53
CA ASN K 164 -20.79 50.66 14.32
C ASN K 164 -21.30 49.97 15.59
N ASN K 165 -21.19 50.67 16.71
CA ASN K 165 -21.63 50.19 18.02
C ASN K 165 -20.85 48.98 18.55
N LYS K 166 -19.83 48.55 17.81
CA LYS K 166 -19.05 47.37 18.20
C LYS K 166 -17.68 47.77 18.71
N ALA K 167 -17.27 47.17 19.83
CA ALA K 167 -15.99 47.47 20.45
C ALA K 167 -14.82 46.97 19.60
N LEU K 168 -13.70 47.69 19.67
CA LEU K 168 -12.50 47.31 18.93
C LEU K 168 -11.47 46.66 19.86
N GLU K 169 -10.44 46.07 19.26
CA GLU K 169 -9.33 45.53 20.05
C GLU K 169 -8.47 46.67 20.55
N CYS K 170 -8.08 47.55 19.63
CA CYS K 170 -7.30 48.74 19.98
C CYS K 170 -8.04 49.99 19.49
N ALA K 171 -8.21 50.95 20.39
CA ALA K 171 -8.93 52.19 20.07
C ALA K 171 -8.27 52.94 18.93
N LEU K 172 -9.08 53.47 18.02
CA LEU K 172 -8.57 54.19 16.85
C LEU K 172 -9.12 55.60 16.76
N LEU K 173 -8.26 56.59 16.94
CA LEU K 173 -8.63 57.99 16.77
C LEU K 173 -8.20 58.48 15.40
N PRO K 174 -9.16 58.94 14.60
CA PRO K 174 -8.86 59.44 13.25
C PRO K 174 -8.09 60.74 13.30
N GLU K 175 -7.35 61.05 12.23
CA GLU K 175 -6.61 62.30 12.15
C GLU K 175 -6.52 62.77 10.70
N GLY K 176 -6.17 64.05 10.52
CA GLY K 176 -6.04 64.61 9.19
C GLY K 176 -7.36 64.77 8.49
N ASP K 177 -7.41 64.38 7.22
CA ASP K 177 -8.62 64.53 6.40
C ASP K 177 -9.60 63.38 6.60
N GLU K 178 -9.24 62.42 7.46
CA GLU K 178 -10.13 61.33 7.80
C GLU K 178 -11.35 61.88 8.54
N PRO K 179 -12.55 61.44 8.15
CA PRO K 179 -13.80 61.88 8.77
C PRO K 179 -13.79 61.63 10.28
N ALA K 180 -13.95 62.70 11.06
CA ALA K 180 -13.94 62.59 12.51
C ALA K 180 -15.07 61.72 13.03
N LEU K 181 -14.91 61.18 14.22
CA LEU K 181 -15.94 60.35 14.84
C LEU K 181 -17.20 61.17 15.10
N CYS K 182 -18.34 60.61 14.71
CA CYS K 182 -19.61 61.30 14.86
C CYS K 182 -20.30 60.91 16.16
N PRO K 183 -21.11 61.82 16.73
CA PRO K 183 -21.95 61.47 17.87
C PRO K 183 -23.01 60.46 17.44
N LYS K 184 -23.61 59.77 18.40
CA LYS K 184 -24.56 58.71 18.07
C LYS K 184 -26.00 59.09 18.42
N VAL K 185 -26.94 58.57 17.63
CA VAL K 185 -28.36 58.78 17.89
C VAL K 185 -29.12 57.46 17.83
N VAL K 186 -29.95 57.21 18.85
CA VAL K 186 -30.75 55.98 18.89
C VAL K 186 -32.16 56.25 19.44
N ARG K 187 -33.17 55.73 18.75
CA ARG K 187 -34.54 55.87 19.19
C ARG K 187 -34.84 54.94 20.35
N LEU K 188 -35.38 55.51 21.43
CA LEU K 188 -35.73 54.73 22.61
C LEU K 188 -37.11 54.12 22.45
N ARG K 189 -37.33 52.96 23.06
CA ARG K 189 -38.63 52.32 23.02
C ARG K 189 -39.57 52.93 24.06
N GLU K 190 -40.83 52.51 24.04
CA GLU K 190 -41.88 53.17 24.82
C GLU K 190 -41.67 53.15 26.33
N ASP K 191 -41.28 52.00 26.88
CA ASP K 191 -41.07 51.90 28.32
C ASP K 191 -39.78 52.59 28.77
N MET K 192 -39.02 53.09 27.79
CA MET K 192 -37.85 53.93 28.05
C MET K 192 -36.74 53.23 28.83
N LEU K 193 -36.71 51.90 28.75
CA LEU K 193 -35.71 51.12 29.48
C LEU K 193 -34.61 50.60 28.55
N GLU K 194 -34.92 50.51 27.26
CA GLU K 194 -33.97 49.98 26.28
C GLU K 194 -34.02 50.77 24.98
N PHE K 195 -33.08 50.46 24.09
CA PHE K 195 -33.07 51.04 22.75
C PHE K 195 -34.13 50.35 21.89
N ALA K 196 -34.73 51.10 20.97
CA ALA K 196 -35.72 50.53 20.06
C ALA K 196 -35.09 50.10 18.75
N GLU K 197 -33.80 50.38 18.61
CA GLU K 197 -33.05 50.04 17.41
C GLU K 197 -31.56 50.10 17.68
N GLU K 198 -30.75 49.91 16.64
CA GLU K 198 -29.31 50.07 16.75
C GLU K 198 -28.93 51.52 16.51
N PRO K 199 -28.10 52.08 17.39
CA PRO K 199 -27.62 53.46 17.26
C PRO K 199 -26.85 53.68 15.97
N ARG K 200 -26.84 54.92 15.47
CA ARG K 200 -26.15 55.24 14.24
C ARG K 200 -25.50 56.62 14.29
N ASP K 201 -24.66 56.91 13.31
CA ASP K 201 -23.96 58.19 13.23
C ASP K 201 -24.91 59.34 12.99
N LEU K 202 -24.82 60.38 13.82
CA LEU K 202 -25.47 61.65 13.54
C LEU K 202 -24.46 62.53 12.82
N MET K 203 -24.48 62.45 11.48
CA MET K 203 -23.46 63.11 10.67
C MET K 203 -23.48 64.62 10.80
N ILE K 204 -22.33 65.20 11.11
CA ILE K 204 -22.18 66.65 11.15
C ILE K 204 -21.37 67.11 9.94
N LEU K 205 -22.01 67.87 9.06
CA LEU K 205 -21.41 68.25 7.79
C LEU K 205 -20.94 69.70 7.81
N ASP K 206 -20.03 70.05 6.91
CA ASP K 206 -19.58 71.42 6.77
C ASP K 206 -20.52 72.20 5.86
N GLU K 207 -20.07 73.35 5.37
CA GLU K 207 -20.87 74.17 4.48
C GLU K 207 -21.03 73.52 3.10
N LYS K 208 -20.03 72.76 2.68
CA LYS K 208 -20.05 72.13 1.37
C LYS K 208 -20.69 70.74 1.40
N GLY K 209 -21.22 70.35 2.57
CA GLY K 209 -21.92 69.09 2.71
C GLY K 209 -21.03 67.87 2.87
N LYS K 210 -19.81 68.08 3.38
CA LYS K 210 -18.88 66.99 3.61
C LYS K 210 -18.64 66.81 5.11
N LEU K 211 -18.47 65.57 5.53
CA LEU K 211 -18.19 65.23 6.92
C LEU K 211 -16.98 66.00 7.48
N LEU K 212 -17.08 66.45 8.72
CA LEU K 212 -16.00 67.17 9.37
C LEU K 212 -14.77 66.29 9.56
N SER K 213 -13.62 66.77 9.10
CA SER K 213 -12.36 66.05 9.25
C SER K 213 -11.93 66.04 10.72
N ALA K 214 -11.06 65.10 11.07
CA ALA K 214 -10.60 64.96 12.44
C ALA K 214 -9.64 66.05 12.85
N GLY K 215 -8.93 66.61 11.88
CA GLY K 215 -8.00 67.70 12.14
C GLY K 215 -8.72 69.01 12.38
N ASP K 216 -10.02 69.03 12.07
CA ASP K 216 -10.83 70.23 12.26
C ASP K 216 -11.30 70.32 13.70
N THR K 217 -10.36 70.40 14.63
CA THR K 217 -10.65 70.35 16.07
C THR K 217 -11.50 71.53 16.57
N LYS K 218 -11.68 72.55 15.73
CA LYS K 218 -12.47 73.70 16.10
C LYS K 218 -13.93 73.54 15.69
N ARG K 219 -14.25 72.40 15.07
CA ARG K 219 -15.60 72.17 14.56
C ARG K 219 -16.13 70.76 14.82
N ARG K 220 -15.24 69.76 14.77
CA ARG K 220 -15.66 68.36 14.95
C ARG K 220 -16.10 68.05 16.38
N PHE K 221 -16.98 67.05 16.51
CA PHE K 221 -17.58 66.69 17.79
C PHE K 221 -16.57 66.13 18.79
N PHE K 222 -16.79 66.41 20.07
CA PHE K 222 -15.97 65.87 21.14
C PHE K 222 -16.84 65.23 22.22
N GLU K 223 -17.75 66.02 22.79
CA GLU K 223 -18.66 65.53 23.82
C GLU K 223 -19.84 66.48 24.01
N ALA K 224 -20.62 66.23 25.06
CA ALA K 224 -21.71 67.12 25.47
C ALA K 224 -22.75 67.35 24.38
N SER K 225 -23.44 66.28 23.97
CA SER K 225 -24.46 66.39 22.95
C SER K 225 -25.70 67.10 23.47
N TRP K 226 -26.31 67.93 22.62
CA TRP K 226 -27.56 68.59 22.96
C TRP K 226 -28.36 68.94 21.72
N MET K 227 -29.68 68.73 21.80
CA MET K 227 -30.57 68.98 20.67
C MET K 227 -31.78 69.78 21.14
N HIS K 228 -32.19 70.77 20.34
CA HIS K 228 -33.42 71.50 20.61
C HIS K 228 -34.07 72.00 19.33
N TYR K 229 -35.30 72.48 19.44
CA TYR K 229 -36.07 72.90 18.27
C TYR K 229 -36.49 74.35 18.39
N TYR K 230 -36.32 75.11 17.31
CA TYR K 230 -36.69 76.52 17.31
C TYR K 230 -36.99 77.04 15.90
N ASN K 231 -38.19 77.62 15.75
CA ASN K 231 -38.59 78.28 14.52
C ASN K 231 -38.47 77.40 13.27
N GLY K 232 -38.89 76.15 13.41
CA GLY K 232 -38.87 75.22 12.28
C GLY K 232 -37.52 74.68 11.91
N LYS K 233 -36.61 74.61 12.89
CA LYS K 233 -35.25 74.13 12.64
C LYS K 233 -34.70 73.33 13.81
N TYR K 234 -33.97 72.26 13.48
CA TYR K 234 -33.29 71.46 14.49
C TYR K 234 -31.89 71.99 14.75
N TYR K 235 -31.57 72.24 16.01
CA TYR K 235 -30.25 72.71 16.40
C TYR K 235 -29.51 71.67 17.22
N PHE K 236 -28.36 71.24 16.73
CA PHE K 236 -27.52 70.30 17.47
C PHE K 236 -26.26 71.00 17.95
N SER K 237 -26.22 71.29 19.26
CA SER K 237 -25.06 71.95 19.84
C SER K 237 -24.21 70.96 20.64
N TYR K 238 -22.91 71.23 20.74
CA TYR K 238 -21.97 70.31 21.36
C TYR K 238 -20.70 71.01 21.83
N SER K 239 -19.85 70.28 22.54
CA SER K 239 -18.55 70.78 22.96
C SER K 239 -17.45 70.25 22.04
N THR K 240 -16.44 71.06 21.79
CA THR K 240 -15.34 70.67 20.91
C THR K 240 -14.11 70.23 21.69
N GLY K 241 -14.19 70.30 23.02
CA GLY K 241 -13.15 69.79 23.88
C GLY K 241 -11.88 70.61 23.95
N ASP K 242 -10.86 70.20 23.21
CA ASP K 242 -9.54 70.81 23.30
C ASP K 242 -9.45 72.22 22.70
N THR K 243 -10.47 72.63 21.98
CA THR K 243 -10.54 74.01 21.49
C THR K 243 -11.51 74.83 22.36
N HIS K 244 -12.10 74.16 23.34
CA HIS K 244 -12.94 74.81 24.36
C HIS K 244 -14.14 75.56 23.77
N LEU K 245 -14.62 75.12 22.61
CA LEU K 245 -15.73 75.80 21.95
C LEU K 245 -17.06 75.06 22.12
N ILE K 246 -18.15 75.79 21.98
CA ILE K 246 -19.48 75.20 21.91
C ILE K 246 -20.11 75.57 20.57
N CYS K 247 -20.07 74.63 19.63
CA CYS K 247 -20.57 74.87 18.28
C CYS K 247 -21.96 74.28 18.10
N TYR K 248 -22.66 74.69 17.05
CA TYR K 248 -24.01 74.20 16.79
C TYR K 248 -24.23 73.90 15.30
N ALA K 249 -25.06 72.91 15.02
CA ALA K 249 -25.34 72.50 13.65
C ALA K 249 -26.83 72.59 13.31
N THR K 250 -27.15 72.43 12.04
CA THR K 250 -28.53 72.61 11.55
C THR K 250 -29.03 71.42 10.74
N GLY K 251 -30.22 70.92 11.10
CA GLY K 251 -30.84 69.82 10.40
C GLY K 251 -32.34 69.96 10.33
N ASP K 252 -33.00 69.05 9.63
CA ASP K 252 -34.46 69.10 9.47
C ASP K 252 -35.19 67.96 10.18
N ASN K 253 -34.43 67.00 10.68
CA ASN K 253 -35.00 65.85 11.38
C ASN K 253 -34.00 65.27 12.37
N PRO K 254 -34.50 64.55 13.40
CA PRO K 254 -33.63 64.00 14.45
C PRO K 254 -32.53 63.06 13.94
N TYR K 255 -32.72 62.47 12.77
CA TYR K 255 -31.72 61.57 12.19
C TYR K 255 -30.84 62.26 11.16
N GLY K 256 -31.44 63.15 10.39
CA GLY K 256 -30.81 63.74 9.22
C GLY K 256 -29.44 64.36 9.43
N PRO K 257 -28.67 64.50 8.33
CA PRO K 257 -27.34 65.09 8.34
C PRO K 257 -27.36 66.54 8.82
N PHE K 258 -26.64 66.83 9.90
CA PHE K 258 -26.59 68.19 10.42
C PHE K 258 -25.45 69.00 9.79
N THR K 259 -25.71 70.27 9.53
CA THR K 259 -24.74 71.14 8.88
C THR K 259 -24.19 72.17 9.86
N TYR K 260 -22.87 72.23 9.98
CA TYR K 260 -22.20 73.14 10.90
C TYR K 260 -22.54 74.60 10.60
N ARG K 261 -22.79 75.37 11.66
CA ARG K 261 -23.16 76.78 11.53
C ARG K 261 -22.03 77.67 12.03
N GLY K 262 -21.98 77.87 13.35
CA GLY K 262 -20.98 78.72 13.97
C GLY K 262 -20.68 78.32 15.40
N VAL K 263 -20.31 79.31 16.21
CA VAL K 263 -19.94 79.05 17.60
C VAL K 263 -20.88 79.78 18.56
N ILE K 264 -21.58 79.01 19.39
CA ILE K 264 -22.42 79.55 20.45
C ILE K 264 -21.64 80.23 21.56
N LEU K 265 -20.54 79.59 21.95
CA LEU K 265 -19.74 80.03 23.09
C LEU K 265 -18.25 79.85 22.84
N THR K 266 -17.48 80.78 23.36
CA THR K 266 -16.02 80.76 23.37
C THR K 266 -15.46 80.05 24.59
N PRO K 267 -14.15 79.88 24.66
CA PRO K 267 -13.55 79.15 25.79
C PRO K 267 -13.83 79.85 27.12
N VAL K 268 -14.08 79.07 28.16
CA VAL K 268 -14.43 79.60 29.47
C VAL K 268 -13.45 79.09 30.52
N VAL K 269 -13.40 79.74 31.67
CA VAL K 269 -12.42 79.39 32.69
C VAL K 269 -12.58 77.92 33.07
N GLY K 270 -11.56 77.14 32.78
CA GLY K 270 -11.61 75.70 32.96
C GLY K 270 -11.49 75.01 31.61
N TRP K 271 -10.88 73.83 31.62
CA TRP K 271 -10.63 73.11 30.37
C TRP K 271 -11.91 72.57 29.74
N THR K 272 -12.90 72.29 30.57
CA THR K 272 -14.14 71.70 30.06
C THR K 272 -15.25 72.74 29.92
N THR K 273 -16.02 72.63 28.84
CA THR K 273 -17.19 73.47 28.65
C THR K 273 -18.41 72.61 28.29
N HIS K 274 -19.50 72.81 29.02
CA HIS K 274 -20.69 72.00 28.86
C HIS K 274 -21.93 72.88 28.99
N HIS K 275 -23.02 72.50 28.32
CA HIS K 275 -24.17 73.38 28.21
C HIS K 275 -25.51 72.66 28.10
N SER K 276 -26.57 73.45 28.00
CA SER K 276 -27.91 72.98 27.65
C SER K 276 -28.75 74.19 27.27
N ILE K 277 -29.53 74.07 26.20
CA ILE K 277 -30.33 75.19 25.71
C ILE K 277 -31.82 74.92 25.89
N VAL K 278 -32.51 75.85 26.52
CA VAL K 278 -33.94 75.71 26.79
C VAL K 278 -34.63 77.07 26.83
N GLU K 279 -35.90 77.11 26.41
CA GLU K 279 -36.70 78.32 26.48
C GLU K 279 -37.56 78.30 27.73
N PHE K 280 -37.60 79.42 28.45
CA PHE K 280 -38.38 79.50 29.67
C PHE K 280 -39.04 80.85 29.83
N LYS K 281 -40.35 80.88 29.63
CA LYS K 281 -41.17 82.09 29.75
C LYS K 281 -40.73 83.21 28.80
N GLY K 282 -40.63 82.88 27.52
CA GLY K 282 -40.38 83.89 26.49
C GLY K 282 -38.93 84.13 26.13
N LYS K 283 -38.01 83.59 26.92
CA LYS K 283 -36.59 83.82 26.70
C LYS K 283 -35.80 82.53 26.54
N TRP K 284 -34.74 82.59 25.74
CA TRP K 284 -33.84 81.45 25.56
C TRP K 284 -32.59 81.62 26.41
N TYR K 285 -32.16 80.54 27.05
CA TYR K 285 -31.01 80.60 27.95
C TYR K 285 -29.96 79.55 27.62
N LEU K 286 -28.69 79.88 27.86
CA LEU K 286 -27.61 78.91 27.72
C LEU K 286 -27.04 78.56 29.09
N PHE K 287 -27.57 77.50 29.68
CA PHE K 287 -27.06 77.01 30.97
C PHE K 287 -25.73 76.31 30.76
N HIS K 288 -24.67 76.89 31.32
CA HIS K 288 -23.32 76.34 31.19
C HIS K 288 -22.54 76.46 32.49
N HIS K 289 -21.21 76.37 32.41
CA HIS K 289 -20.38 76.50 33.59
C HIS K 289 -18.94 76.92 33.27
N ASP K 290 -18.29 77.57 34.24
CA ASP K 290 -16.86 77.80 34.20
C ASP K 290 -16.24 77.54 35.56
N CYS K 291 -14.99 77.95 35.75
CA CYS K 291 -14.28 77.68 37.00
C CYS K 291 -13.78 78.96 37.67
N VAL K 292 -14.50 80.06 37.46
CA VAL K 292 -14.16 81.34 38.11
C VAL K 292 -14.19 81.26 39.65
N PRO K 293 -15.24 80.65 40.24
CA PRO K 293 -15.20 80.52 41.70
C PRO K 293 -14.08 79.59 42.19
N SER K 294 -13.58 78.72 41.31
CA SER K 294 -12.48 77.83 41.67
C SER K 294 -11.13 78.34 41.16
N LYS K 295 -11.14 79.53 40.56
CA LYS K 295 -9.93 80.18 40.08
C LYS K 295 -9.13 79.35 39.06
N GLY K 296 -9.83 78.49 38.32
CA GLY K 296 -9.19 77.72 37.27
C GLY K 296 -9.11 76.23 37.51
N LYS K 297 -9.59 75.78 38.67
CA LYS K 297 -9.60 74.35 38.98
C LYS K 297 -10.61 73.61 38.10
N THR K 298 -10.08 72.84 37.15
CA THR K 298 -10.90 72.18 36.13
C THR K 298 -11.93 71.21 36.71
N TRP K 299 -11.52 70.43 37.71
CA TRP K 299 -12.39 69.41 38.29
C TRP K 299 -13.42 69.98 39.26
N LEU K 300 -13.34 71.29 39.51
CA LEU K 300 -14.31 71.97 40.34
C LEU K 300 -15.00 73.08 39.57
N ARG K 301 -16.21 72.81 39.10
CA ARG K 301 -16.92 73.72 38.21
C ARG K 301 -18.21 74.26 38.83
N SER K 302 -18.53 75.51 38.52
CA SER K 302 -19.74 76.14 39.02
C SER K 302 -20.66 76.51 37.85
N LEU K 303 -21.90 76.05 37.89
CA LEU K 303 -22.82 76.29 36.78
C LEU K 303 -23.38 77.71 36.73
N LYS K 304 -23.63 78.19 35.52
CA LYS K 304 -24.10 79.55 35.30
C LYS K 304 -25.06 79.58 34.12
N VAL K 305 -25.79 80.68 33.98
CA VAL K 305 -26.74 80.81 32.88
C VAL K 305 -26.64 82.17 32.20
N ALA K 306 -26.59 82.16 30.88
CA ALA K 306 -26.55 83.38 30.09
C ALA K 306 -27.74 83.42 29.14
N GLU K 307 -28.16 84.62 28.76
CA GLU K 307 -29.29 84.76 27.85
C GLU K 307 -28.87 84.50 26.41
N LEU K 308 -29.61 83.62 25.73
CA LEU K 308 -29.30 83.26 24.36
C LEU K 308 -30.29 83.92 23.41
N LYS K 309 -29.78 84.53 22.35
CA LYS K 309 -30.62 85.22 21.36
C LYS K 309 -30.33 84.76 19.94
N TYR K 310 -31.38 84.77 19.11
CA TYR K 310 -31.24 84.35 17.72
C TYR K 310 -31.22 85.52 16.76
N ASN K 311 -30.66 85.30 15.58
CA ASN K 311 -30.74 86.26 14.49
C ASN K 311 -31.89 85.84 13.57
N PRO K 312 -32.42 86.79 12.76
CA PRO K 312 -33.59 86.49 11.92
C PRO K 312 -33.39 85.30 10.97
N ASP K 313 -32.14 84.96 10.64
CA ASP K 313 -31.87 83.83 9.78
C ASP K 313 -31.76 82.52 10.56
N GLY K 314 -32.02 82.59 11.86
CA GLY K 314 -31.97 81.42 12.71
C GLY K 314 -30.63 81.20 13.39
N SER K 315 -29.62 81.95 12.97
CA SER K 315 -28.29 81.84 13.54
C SER K 315 -28.26 82.35 14.99
N ILE K 316 -27.26 81.94 15.74
CA ILE K 316 -27.18 82.30 17.15
C ILE K 316 -26.09 83.35 17.41
N GLN K 317 -26.46 84.41 18.12
CA GLN K 317 -25.50 85.42 18.54
C GLN K 317 -24.54 84.81 19.56
N PRO K 318 -23.23 84.82 19.24
CA PRO K 318 -22.21 84.17 20.07
C PRO K 318 -22.07 84.81 21.45
N ILE K 319 -22.19 83.98 22.49
CA ILE K 319 -22.00 84.43 23.85
C ILE K 319 -20.52 84.32 24.22
N LYS K 320 -19.98 85.34 24.89
CA LYS K 320 -18.56 85.37 25.21
C LYS K 320 -18.18 84.47 26.40
N GLY K 321 -17.15 83.68 26.20
CA GLY K 321 -16.56 82.88 27.26
C GLY K 321 -15.73 83.69 28.23
N THR K 322 -15.57 83.18 29.46
CA THR K 322 -14.76 83.81 30.50
C THR K 322 -13.27 83.91 30.13
N ALA K 323 -12.76 82.87 29.49
CA ALA K 323 -11.42 82.86 28.93
C ALA K 323 -11.42 83.60 27.61
N GLU K 324 -10.23 83.84 27.07
CA GLU K 324 -10.11 84.46 25.75
C GLU K 324 -11.12 83.87 24.77
N MET L 1 -12.78 1.27 28.05
CA MET L 1 -12.78 1.33 26.58
C MET L 1 -11.36 1.28 26.02
N LYS L 2 -11.21 0.56 24.91
CA LYS L 2 -9.90 0.41 24.28
C LYS L 2 -9.80 1.30 23.03
N GLU L 3 -10.87 2.03 22.75
CA GLU L 3 -10.88 2.97 21.62
C GLU L 3 -11.78 4.16 21.93
N PRO L 4 -11.30 5.37 21.62
CA PRO L 4 -12.07 6.61 21.79
C PRO L 4 -13.46 6.52 21.17
N ARG L 5 -14.50 6.65 22.01
CA ARG L 5 -15.87 6.49 21.57
C ARG L 5 -16.54 7.82 21.26
N TYR L 6 -16.87 8.04 19.99
CA TYR L 6 -17.61 9.22 19.60
C TYR L 6 -19.07 9.10 20.04
N LEU L 7 -19.62 10.18 20.58
CA LEU L 7 -20.93 10.12 21.23
C LEU L 7 -22.08 10.61 20.35
N VAL L 8 -21.84 11.65 19.57
CA VAL L 8 -22.89 12.24 18.76
C VAL L 8 -22.56 12.28 17.26
N PRO L 9 -22.80 11.15 16.56
CA PRO L 9 -22.52 11.04 15.13
C PRO L 9 -23.47 11.86 14.27
N GLY L 10 -24.73 11.99 14.72
CA GLY L 10 -25.75 12.64 13.94
C GLY L 10 -25.56 14.13 13.72
N ASP L 11 -24.86 14.78 14.65
CA ASP L 11 -24.66 16.23 14.57
C ASP L 11 -23.24 16.61 14.98
N TYR L 12 -22.97 17.91 15.00
CA TYR L 12 -21.66 18.41 15.39
C TYR L 12 -21.70 19.15 16.73
N MET L 13 -21.09 18.55 17.74
CA MET L 13 -21.04 19.16 19.07
C MET L 13 -19.59 19.28 19.54
N ALA L 14 -19.29 20.36 20.27
CA ALA L 14 -17.93 20.60 20.75
C ALA L 14 -17.94 21.24 22.13
N ASP L 15 -16.75 21.37 22.72
CA ASP L 15 -16.58 21.95 24.05
C ASP L 15 -17.47 21.28 25.09
N PRO L 16 -17.23 19.97 25.35
CA PRO L 16 -18.11 19.24 26.26
C PRO L 16 -17.92 19.61 27.72
N ALA L 17 -19.03 19.73 28.45
CA ALA L 17 -18.99 19.98 29.88
C ALA L 17 -19.75 18.87 30.59
N ALA L 18 -19.03 17.94 31.19
CA ALA L 18 -19.64 16.75 31.78
C ALA L 18 -19.80 16.84 33.29
N HIS L 19 -21.01 16.54 33.76
CA HIS L 19 -21.31 16.50 35.19
C HIS L 19 -22.13 15.25 35.50
N VAL L 20 -22.14 14.85 36.77
CA VAL L 20 -22.92 13.71 37.20
C VAL L 20 -24.13 14.16 38.03
N PHE L 21 -25.30 14.15 37.40
CA PHE L 21 -26.54 14.55 38.07
C PHE L 21 -27.52 13.39 38.12
N ASN L 22 -28.07 13.14 39.30
CA ASN L 22 -28.99 12.02 39.53
C ASN L 22 -28.39 10.67 39.13
N ASP L 23 -27.09 10.53 39.37
CA ASP L 23 -26.32 9.34 38.99
C ASP L 23 -26.37 9.07 37.48
N LYS L 24 -26.66 10.13 36.71
CA LYS L 24 -26.61 10.07 35.26
C LYS L 24 -25.48 10.98 34.79
N LEU L 25 -24.98 10.75 33.59
CA LEU L 25 -23.89 11.57 33.07
C LEU L 25 -24.37 12.56 32.01
N TYR L 26 -24.58 13.79 32.43
CA TYR L 26 -25.03 14.85 31.52
C TYR L 26 -23.86 15.57 30.87
N ILE L 27 -24.01 15.91 29.60
CA ILE L 27 -22.99 16.65 28.87
C ILE L 27 -23.56 17.96 28.34
N TYR L 28 -22.79 19.04 28.44
CA TYR L 28 -23.24 20.34 27.97
C TYR L 28 -22.26 20.94 26.97
N PRO L 29 -22.33 20.48 25.71
CA PRO L 29 -21.41 20.92 24.65
C PRO L 29 -21.91 22.17 23.92
N SER L 30 -21.11 22.64 22.96
CA SER L 30 -21.50 23.74 22.09
C SER L 30 -21.95 23.19 20.75
N HIS L 31 -23.07 23.67 20.24
CA HIS L 31 -23.63 23.16 18.99
C HIS L 31 -23.09 23.90 17.78
N ASP L 32 -22.14 23.28 17.08
CA ASP L 32 -21.59 23.83 15.86
C ASP L 32 -22.53 23.57 14.68
N TRP L 33 -22.46 24.43 13.68
CA TRP L 33 -23.27 24.27 12.48
C TRP L 33 -22.62 25.02 11.33
N GLU L 34 -22.87 24.56 10.10
CA GLU L 34 -22.26 25.17 8.93
C GLU L 34 -22.86 26.53 8.61
N SER L 35 -22.21 27.59 9.09
CA SER L 35 -22.63 28.95 8.78
C SER L 35 -21.93 29.44 7.52
N GLY L 36 -22.55 30.39 6.83
CA GLY L 36 -22.02 30.88 5.57
C GLY L 36 -20.76 31.70 5.68
N ILE L 37 -20.42 32.13 6.89
CA ILE L 37 -19.25 32.97 7.11
C ILE L 37 -17.94 32.16 7.04
N PRO L 38 -17.03 32.57 6.15
CA PRO L 38 -15.71 31.93 6.04
C PRO L 38 -14.86 32.17 7.29
N GLU L 39 -13.76 31.44 7.41
CA GLU L 39 -12.93 31.51 8.61
C GLU L 39 -11.90 32.63 8.57
N ASN L 40 -11.77 33.33 9.69
CA ASN L 40 -10.77 34.40 9.84
C ASN L 40 -10.14 34.36 11.23
N ASP L 41 -9.43 35.43 11.59
CA ASP L 41 -8.75 35.49 12.88
C ASP L 41 -9.62 36.12 13.97
N ASN L 42 -10.90 36.35 13.65
CA ASN L 42 -11.84 36.90 14.61
C ASN L 42 -12.74 35.82 15.21
N GLY L 43 -12.74 34.65 14.57
CA GLY L 43 -13.52 33.53 15.05
C GLY L 43 -14.99 33.65 14.72
N ASP L 44 -15.29 34.35 13.62
CA ASP L 44 -16.68 34.54 13.18
C ASP L 44 -17.30 33.24 12.72
N HIS L 45 -16.48 32.34 12.19
CA HIS L 45 -16.97 31.05 11.69
C HIS L 45 -17.50 30.17 12.82
N PHE L 46 -16.99 30.40 14.03
CA PHE L 46 -17.55 29.75 15.22
C PHE L 46 -18.82 30.48 15.61
N ASN L 47 -19.86 30.35 14.78
CA ASN L 47 -21.09 31.09 14.96
C ASN L 47 -22.20 30.24 15.59
N MET L 48 -21.89 29.59 16.70
CA MET L 48 -22.86 28.76 17.42
C MET L 48 -23.94 29.63 18.04
N LYS L 49 -25.19 29.19 17.92
CA LYS L 49 -26.33 29.98 18.36
C LYS L 49 -27.25 29.25 19.33
N ASP L 50 -26.88 28.02 19.70
CA ASP L 50 -27.71 27.24 20.61
C ASP L 50 -26.94 26.15 21.36
N TYR L 51 -27.56 25.62 22.42
CA TYR L 51 -26.97 24.54 23.20
C TYR L 51 -27.84 23.29 23.14
N HIS L 52 -27.21 22.13 23.29
CA HIS L 52 -27.93 20.86 23.40
C HIS L 52 -27.46 20.12 24.66
N VAL L 53 -28.35 19.31 25.22
CA VAL L 53 -28.02 18.55 26.42
C VAL L 53 -28.16 17.05 26.15
N PHE L 54 -27.18 16.27 26.62
CA PHE L 54 -27.17 14.83 26.40
C PHE L 54 -27.11 14.05 27.71
N SER L 55 -27.67 12.85 27.70
CA SER L 55 -27.71 12.01 28.89
C SER L 55 -27.03 10.67 28.66
N MET L 56 -26.58 10.05 29.75
CA MET L 56 -25.90 8.77 29.69
C MET L 56 -26.02 7.98 30.98
N ASP L 57 -26.05 6.65 30.86
CA ASP L 57 -26.04 5.77 32.03
C ASP L 57 -24.79 4.91 32.00
N ASP L 58 -24.23 4.76 30.81
CA ASP L 58 -22.99 4.01 30.62
C ASP L 58 -22.12 4.72 29.58
N VAL L 59 -20.83 4.85 29.89
CA VAL L 59 -19.93 5.60 29.01
C VAL L 59 -19.35 4.73 27.90
N GLU L 60 -18.95 3.51 28.25
CA GLU L 60 -18.30 2.61 27.31
C GLU L 60 -19.18 2.23 26.11
N GLN L 61 -20.40 1.78 26.37
CA GLN L 61 -21.28 1.31 25.31
C GLN L 61 -22.71 1.81 25.44
N GLY L 62 -22.96 2.65 26.44
CA GLY L 62 -24.30 3.17 26.68
C GLY L 62 -24.79 4.07 25.58
N GLU L 63 -26.12 4.15 25.44
CA GLU L 63 -26.73 4.99 24.41
C GLU L 63 -26.90 6.42 24.91
N VAL L 64 -26.53 7.38 24.07
CA VAL L 64 -26.66 8.79 24.43
C VAL L 64 -28.07 9.29 24.15
N THR L 65 -28.59 10.14 25.04
CA THR L 65 -29.95 10.65 24.90
C THR L 65 -29.97 12.16 24.66
N ASP L 66 -30.35 12.55 23.44
CA ASP L 66 -30.46 13.95 23.08
C ASP L 66 -31.72 14.55 23.70
N HIS L 67 -31.56 15.69 24.36
CA HIS L 67 -32.69 16.37 25.00
C HIS L 67 -33.16 17.59 24.20
N GLY L 68 -32.58 17.79 23.03
CA GLY L 68 -32.96 18.88 22.16
C GLY L 68 -32.42 20.23 22.60
N VAL L 69 -32.83 21.27 21.90
CA VAL L 69 -32.39 22.63 22.21
C VAL L 69 -32.88 23.07 23.58
N VAL L 70 -31.96 23.56 24.42
CA VAL L 70 -32.30 24.00 25.76
C VAL L 70 -32.10 25.51 25.92
N LEU L 71 -31.37 26.11 24.98
CA LEU L 71 -31.09 27.54 25.02
C LEU L 71 -30.62 28.04 23.67
N ARG L 72 -31.24 29.10 23.17
CA ARG L 72 -30.80 29.74 21.93
C ARG L 72 -30.74 31.26 22.13
N THR L 73 -29.98 31.93 21.27
CA THR L 73 -29.74 33.36 21.41
C THR L 73 -31.01 34.21 21.28
N GLU L 74 -32.00 33.69 20.56
CA GLU L 74 -33.25 34.41 20.36
C GLU L 74 -34.09 34.48 21.64
N ASP L 75 -33.70 33.74 22.65
CA ASP L 75 -34.38 33.75 23.94
C ASP L 75 -33.65 34.64 24.94
N ILE L 76 -32.37 34.87 24.68
CA ILE L 76 -31.56 35.74 25.54
C ILE L 76 -31.86 37.21 25.22
N PRO L 77 -32.37 37.94 26.22
CA PRO L 77 -32.79 39.34 26.04
C PRO L 77 -31.65 40.28 25.65
N TRP L 78 -30.44 40.01 26.14
CA TRP L 78 -29.29 40.87 25.88
C TRP L 78 -28.40 40.30 24.78
N ALA L 79 -28.95 39.38 24.00
CA ALA L 79 -28.16 38.62 23.03
C ALA L 79 -27.50 39.47 21.96
N GLY L 80 -26.29 39.08 21.59
CA GLY L 80 -25.59 39.65 20.46
C GLY L 80 -25.31 38.55 19.46
N ARG L 81 -24.30 37.73 19.75
CA ARG L 81 -23.94 36.61 18.89
C ARG L 81 -22.90 35.69 19.54
N GLN L 82 -22.74 34.50 18.96
CA GLN L 82 -21.71 33.54 19.35
C GLN L 82 -21.84 32.98 20.77
N LEU L 83 -22.65 31.92 20.90
CA LEU L 83 -22.72 31.17 22.14
C LEU L 83 -21.57 30.16 22.20
N TRP L 84 -20.60 30.43 23.06
CA TRP L 84 -19.42 29.57 23.15
C TRP L 84 -19.47 28.60 24.32
N ASP L 85 -18.32 28.08 24.72
CA ASP L 85 -18.24 27.04 25.75
C ASP L 85 -18.85 27.43 27.08
N SER L 86 -19.87 26.68 27.51
CA SER L 86 -20.56 26.96 28.77
C SER L 86 -20.33 25.87 29.82
N ASP L 87 -20.92 26.06 31.00
CA ASP L 87 -20.85 25.08 32.07
C ASP L 87 -22.06 25.21 32.99
N VAL L 88 -22.41 24.13 33.68
CA VAL L 88 -23.58 24.10 34.54
C VAL L 88 -23.19 23.70 35.97
N ALA L 89 -23.90 24.24 36.95
CA ALA L 89 -23.66 23.92 38.35
C ALA L 89 -24.97 23.69 39.11
N PHE L 90 -25.01 22.64 39.91
CA PHE L 90 -26.19 22.35 40.73
C PHE L 90 -26.07 22.99 42.10
N ARG L 91 -27.10 23.73 42.50
CA ARG L 91 -27.14 24.37 43.81
C ARG L 91 -28.56 24.83 44.12
N ASN L 92 -28.94 24.74 45.40
CA ASN L 92 -30.25 25.18 45.86
C ASN L 92 -31.42 24.47 45.17
N GLY L 93 -31.18 23.24 44.74
CA GLY L 93 -32.19 22.45 44.05
C GLY L 93 -32.47 22.95 42.64
N LYS L 94 -31.58 23.80 42.13
CA LYS L 94 -31.75 24.37 40.79
C LYS L 94 -30.46 24.23 39.99
N TYR L 95 -30.56 24.32 38.67
CA TYR L 95 -29.40 24.17 37.80
C TYR L 95 -29.08 25.48 37.08
N TYR L 96 -27.88 26.00 37.32
CA TYR L 96 -27.47 27.27 36.72
C TYR L 96 -26.49 27.06 35.57
N MET L 97 -26.92 27.37 34.36
CA MET L 97 -26.06 27.30 33.19
C MET L 97 -25.34 28.63 32.96
N TYR L 98 -24.02 28.61 33.03
CA TYR L 98 -23.22 29.81 32.81
C TYR L 98 -22.68 29.82 31.39
N PHE L 99 -23.22 30.72 30.57
CA PHE L 99 -22.87 30.77 29.16
C PHE L 99 -22.16 32.07 28.79
N PRO L 100 -21.15 31.98 27.92
CA PRO L 100 -20.47 33.15 27.37
C PRO L 100 -21.19 33.65 26.12
N LEU L 101 -21.23 34.96 25.92
CA LEU L 101 -21.93 35.54 24.79
C LEU L 101 -21.51 36.99 24.59
N LYS L 102 -21.16 37.33 23.36
CA LYS L 102 -20.86 38.72 23.02
C LYS L 102 -22.15 39.54 23.09
N ASP L 103 -22.09 40.67 23.78
CA ASP L 103 -23.26 41.54 23.89
C ASP L 103 -23.57 42.25 22.58
N GLN L 104 -24.43 43.26 22.65
CA GLN L 104 -24.80 44.03 21.47
C GLN L 104 -23.67 44.99 21.06
N ASN L 105 -22.62 45.03 21.86
CA ASN L 105 -21.43 45.80 21.54
C ASN L 105 -20.28 44.87 21.14
N ASP L 106 -20.62 43.60 20.91
CA ASP L 106 -19.64 42.57 20.57
C ASP L 106 -18.56 42.39 21.65
N ILE L 107 -18.96 42.59 22.91
CA ILE L 107 -18.06 42.39 24.03
C ILE L 107 -18.47 41.12 24.78
N PHE L 108 -17.55 40.18 24.92
CA PHE L 108 -17.91 38.94 25.56
C PHE L 108 -18.29 39.21 26.99
N ARG L 109 -19.45 38.70 27.35
CA ARG L 109 -19.94 38.72 28.73
C ARG L 109 -20.37 37.32 29.10
N ILE L 110 -20.62 37.08 30.38
CA ILE L 110 -21.10 35.79 30.84
C ILE L 110 -22.50 35.91 31.44
N GLY L 111 -23.40 35.05 30.98
CA GLY L 111 -24.78 35.09 31.44
C GLY L 111 -25.18 33.86 32.24
N VAL L 112 -26.30 33.97 32.94
CA VAL L 112 -26.80 32.88 33.77
C VAL L 112 -28.15 32.39 33.26
N ALA L 113 -28.29 31.07 33.11
CA ALA L 113 -29.56 30.47 32.72
C ALA L 113 -29.99 29.47 33.80
N ILE L 114 -31.27 29.45 34.12
CA ILE L 114 -31.77 28.65 35.23
C ILE L 114 -32.75 27.56 34.79
N SER L 115 -32.66 26.39 35.42
CA SER L 115 -33.58 25.29 35.16
C SER L 115 -33.82 24.46 36.42
N ASP L 116 -34.98 23.82 36.49
CA ASP L 116 -35.32 22.99 37.64
C ASP L 116 -34.72 21.59 37.52
N ARG L 117 -34.37 21.20 36.30
CA ARG L 117 -33.83 19.87 36.03
C ARG L 117 -32.64 19.96 35.07
N PRO L 118 -31.68 19.03 35.19
CA PRO L 118 -30.42 19.11 34.43
C PRO L 118 -30.60 19.05 32.91
N GLU L 119 -31.68 18.45 32.45
CA GLU L 119 -31.92 18.32 31.02
C GLU L 119 -32.98 19.32 30.54
N GLY L 120 -33.73 19.89 31.49
CA GLY L 120 -34.81 20.80 31.18
C GLY L 120 -34.33 22.09 30.53
N PRO L 121 -35.28 22.88 30.00
CA PRO L 121 -34.96 24.14 29.32
C PRO L 121 -34.39 25.17 30.29
N PHE L 122 -33.31 25.85 29.87
CA PHE L 122 -32.68 26.86 30.71
C PHE L 122 -33.19 28.26 30.39
N ILE L 123 -33.87 28.88 31.34
CA ILE L 123 -34.40 30.22 31.17
C ILE L 123 -33.36 31.27 31.56
N PRO L 124 -32.89 32.04 30.58
CA PRO L 124 -31.80 33.01 30.78
C PRO L 124 -32.25 34.29 31.48
N GLN L 125 -31.35 34.89 32.24
CA GLN L 125 -31.61 36.18 32.90
C GLN L 125 -31.64 37.28 31.84
N GLU L 126 -32.25 38.40 32.18
CA GLU L 126 -32.41 39.50 31.23
C GLU L 126 -31.08 40.16 30.87
N ASN L 127 -30.14 40.16 31.81
CA ASN L 127 -28.87 40.84 31.63
C ASN L 127 -27.68 39.97 32.05
N PRO L 128 -26.50 40.23 31.46
CA PRO L 128 -25.30 39.46 31.81
C PRO L 128 -24.81 39.77 33.22
N ILE L 129 -23.90 38.94 33.73
CA ILE L 129 -23.35 39.13 35.07
C ILE L 129 -22.52 40.41 35.15
N LYS L 130 -22.73 41.17 36.23
CA LYS L 130 -21.96 42.39 36.45
C LYS L 130 -20.48 42.08 36.61
N GLY L 131 -19.63 42.84 35.94
CA GLY L 131 -18.19 42.67 36.06
C GLY L 131 -17.66 41.45 35.36
N SER L 132 -18.50 40.79 34.57
CA SER L 132 -18.08 39.60 33.84
C SER L 132 -17.46 39.98 32.50
N TYR L 133 -16.47 39.19 32.08
CA TYR L 133 -15.80 39.41 30.80
C TYR L 133 -15.17 38.12 30.30
N SER L 134 -14.70 38.14 29.06
CA SER L 134 -14.12 36.97 28.40
C SER L 134 -15.10 35.80 28.32
N MET L 135 -14.58 34.58 28.21
CA MET L 135 -15.43 33.40 28.00
C MET L 135 -14.89 32.14 28.67
N ASP L 136 -15.41 31.00 28.21
CA ASP L 136 -15.02 29.67 28.72
C ASP L 136 -15.10 29.55 30.24
N PRO L 137 -16.30 29.71 30.82
CA PRO L 137 -16.41 29.59 32.29
C PRO L 137 -16.43 28.13 32.75
N CYS L 138 -15.87 27.90 33.93
CA CYS L 138 -15.91 26.59 34.56
C CYS L 138 -16.34 26.76 36.01
N ILE L 139 -17.45 26.15 36.39
CA ILE L 139 -17.96 26.28 37.75
C ILE L 139 -17.56 25.09 38.61
N TRP L 140 -17.07 25.37 39.80
CA TRP L 140 -16.53 24.34 40.68
C TRP L 140 -17.12 24.39 42.09
N PRO L 141 -17.86 23.34 42.47
CA PRO L 141 -18.36 23.18 43.84
C PRO L 141 -17.24 22.70 44.76
N ASP L 142 -16.72 23.59 45.60
CA ASP L 142 -15.59 23.25 46.46
C ASP L 142 -16.03 22.55 47.73
N LYS L 143 -15.09 21.92 48.41
CA LYS L 143 -15.35 21.20 49.66
C LYS L 143 -15.80 22.14 50.78
N ASP L 144 -15.45 23.41 50.67
CA ASP L 144 -15.84 24.40 51.68
C ASP L 144 -17.31 24.78 51.56
N GLY L 145 -17.96 24.33 50.50
CA GLY L 145 -19.37 24.60 50.28
C GLY L 145 -19.61 25.72 49.29
N GLU L 146 -18.54 26.42 48.92
CA GLU L 146 -18.65 27.55 48.00
C GLU L 146 -18.52 27.12 46.54
N TYR L 147 -18.89 28.02 45.63
CA TYR L 147 -18.80 27.76 44.20
C TYR L 147 -17.92 28.80 43.52
N TYR L 148 -17.00 28.33 42.68
CA TYR L 148 -16.04 29.22 42.03
C TYR L 148 -16.11 29.13 40.51
N MET L 149 -15.96 30.27 39.85
CA MET L 149 -15.93 30.32 38.39
C MET L 149 -14.52 30.57 37.89
N TYR L 150 -14.07 29.73 36.96
CA TYR L 150 -12.79 29.91 36.31
C TYR L 150 -13.02 30.26 34.84
N PHE L 151 -12.53 31.41 34.41
CA PHE L 151 -12.78 31.88 33.05
C PHE L 151 -11.57 32.57 32.44
N GLY L 152 -11.68 32.93 31.17
CA GLY L 152 -10.61 33.60 30.45
C GLY L 152 -10.23 32.86 29.17
N GLY L 153 -9.95 33.63 28.13
CA GLY L 153 -9.54 33.05 26.85
C GLY L 153 -8.79 34.06 26.00
N LEU L 154 -7.59 33.69 25.57
CA LEU L 154 -6.77 34.60 24.77
C LEU L 154 -7.35 34.79 23.36
N TRP L 155 -6.85 35.81 22.67
CA TRP L 155 -7.23 36.10 21.30
C TRP L 155 -8.72 36.37 21.12
N GLY L 156 -9.45 35.39 20.61
CA GLY L 156 -10.87 35.53 20.36
C GLY L 156 -11.72 35.67 21.60
N GLY L 157 -11.14 35.28 22.74
CA GLY L 157 -11.85 35.35 24.01
C GLY L 157 -11.72 36.69 24.71
N GLN L 158 -11.01 37.62 24.07
CA GLN L 158 -10.89 38.99 24.55
C GLN L 158 -10.25 39.15 25.92
N LEU L 159 -9.46 38.17 26.36
CA LEU L 159 -8.84 38.25 27.67
C LEU L 159 -7.75 39.32 27.73
N GLN L 160 -7.09 39.53 26.60
CA GLN L 160 -6.00 40.51 26.53
C GLN L 160 -6.51 41.95 26.51
N ARG L 161 -7.83 42.11 26.47
CA ARG L 161 -8.44 43.43 26.55
C ARG L 161 -8.48 43.94 27.98
N TYR L 162 -8.25 43.03 28.94
CA TYR L 162 -8.46 43.35 30.34
C TYR L 162 -7.22 43.20 31.21
N ARG L 163 -7.07 44.11 32.17
CA ARG L 163 -6.05 44.01 33.21
C ARG L 163 -6.69 44.33 34.54
N ASN L 164 -6.59 43.39 35.49
CA ASN L 164 -7.25 43.51 36.79
C ASN L 164 -8.75 43.72 36.64
N ASN L 165 -9.36 42.96 35.74
CA ASN L 165 -10.79 43.05 35.42
C ASN L 165 -11.21 44.40 34.84
N LYS L 166 -10.24 45.17 34.36
CA LYS L 166 -10.52 46.49 33.80
C LYS L 166 -10.13 46.53 32.33
N ALA L 167 -11.00 47.10 31.49
CA ALA L 167 -10.76 47.17 30.06
C ALA L 167 -9.63 48.11 29.71
N LEU L 168 -8.79 47.71 28.75
CA LEU L 168 -7.71 48.55 28.27
C LEU L 168 -8.15 49.34 27.05
N GLU L 169 -7.51 50.49 26.83
CA GLU L 169 -7.81 51.30 25.66
C GLU L 169 -7.36 50.57 24.39
N CYS L 170 -6.35 49.72 24.54
CA CYS L 170 -5.85 48.91 23.44
C CYS L 170 -5.43 47.53 23.95
N ALA L 171 -5.84 46.49 23.23
CA ALA L 171 -5.52 45.12 23.62
C ALA L 171 -4.02 44.88 23.66
N LEU L 172 -3.54 44.27 24.75
CA LEU L 172 -2.12 44.04 24.95
C LEU L 172 -1.79 42.57 25.13
N LEU L 173 -1.12 41.99 24.14
CA LEU L 173 -0.65 40.61 24.22
C LEU L 173 0.82 40.57 24.64
N PRO L 174 1.09 40.03 25.84
CA PRO L 174 2.48 39.91 26.32
C PRO L 174 3.29 38.99 25.42
N GLU L 175 4.61 39.15 25.43
CA GLU L 175 5.48 38.38 24.54
C GLU L 175 6.86 38.16 25.14
N GLY L 176 7.54 37.11 24.70
CA GLY L 176 8.88 36.81 25.17
C GLY L 176 8.93 36.35 26.61
N ASP L 177 9.81 36.97 27.39
CA ASP L 177 9.98 36.60 28.79
C ASP L 177 8.94 37.24 29.70
N GLU L 178 8.05 38.03 29.12
CA GLU L 178 6.96 38.63 29.87
C GLU L 178 6.03 37.55 30.40
N PRO L 179 5.48 37.75 31.60
CA PRO L 179 4.53 36.80 32.20
C PRO L 179 3.31 36.62 31.32
N ALA L 180 2.89 35.37 31.13
CA ALA L 180 1.72 35.07 30.32
C ALA L 180 0.45 35.49 31.06
N LEU L 181 -0.62 35.73 30.30
CA LEU L 181 -1.91 36.08 30.88
C LEU L 181 -2.48 34.87 31.64
N CYS L 182 -2.91 35.11 32.88
CA CYS L 182 -3.42 34.05 33.74
C CYS L 182 -4.94 33.95 33.65
N PRO L 183 -5.48 32.75 33.88
CA PRO L 183 -6.93 32.58 33.99
C PRO L 183 -7.45 33.27 35.25
N LYS L 184 -8.75 33.52 35.31
CA LYS L 184 -9.32 34.23 36.44
C LYS L 184 -10.16 33.31 37.33
N VAL L 185 -10.26 33.67 38.61
CA VAL L 185 -11.07 32.91 39.55
C VAL L 185 -11.87 33.85 40.46
N VAL L 186 -13.16 33.58 40.60
CA VAL L 186 -14.03 34.42 41.41
C VAL L 186 -15.12 33.58 42.09
N ARG L 187 -15.30 33.81 43.40
CA ARG L 187 -16.35 33.11 44.15
C ARG L 187 -17.71 33.71 43.84
N LEU L 188 -18.65 32.87 43.44
CA LEU L 188 -20.02 33.32 43.18
C LEU L 188 -20.79 33.40 44.48
N ARG L 189 -21.69 34.36 44.59
CA ARG L 189 -22.53 34.47 45.77
C ARG L 189 -23.60 33.37 45.78
N GLU L 190 -24.32 33.26 46.90
CA GLU L 190 -25.21 32.13 47.13
C GLU L 190 -26.30 31.94 46.08
N ASP L 191 -26.93 33.03 45.65
CA ASP L 191 -28.01 32.94 44.67
C ASP L 191 -27.50 32.61 43.28
N MET L 192 -26.18 32.62 43.12
CA MET L 192 -25.51 32.20 41.89
C MET L 192 -25.92 33.02 40.67
N LEU L 193 -26.15 34.32 40.87
CA LEU L 193 -26.52 35.21 39.78
C LEU L 193 -25.45 36.27 39.53
N GLU L 194 -24.71 36.61 40.59
CA GLU L 194 -23.65 37.60 40.48
C GLU L 194 -22.38 37.10 41.17
N PHE L 195 -21.29 37.85 41.04
CA PHE L 195 -20.05 37.55 41.72
C PHE L 195 -20.15 38.00 43.18
N ALA L 196 -19.52 37.27 44.08
CA ALA L 196 -19.50 37.64 45.49
C ALA L 196 -18.27 38.49 45.79
N GLU L 197 -17.30 38.47 44.89
CA GLU L 197 -16.06 39.22 45.05
C GLU L 197 -15.55 39.70 43.70
N GLU L 198 -14.30 40.14 43.67
CA GLU L 198 -13.66 40.57 42.43
C GLU L 198 -12.70 39.51 41.93
N PRO L 199 -12.83 39.14 40.65
CA PRO L 199 -12.02 38.09 40.00
C PRO L 199 -10.52 38.33 40.16
N ARG L 200 -9.80 37.28 40.56
CA ARG L 200 -8.37 37.37 40.78
C ARG L 200 -7.63 36.50 39.78
N ASP L 201 -6.33 36.72 39.64
CA ASP L 201 -5.51 35.86 38.80
C ASP L 201 -5.42 34.46 39.36
N LEU L 202 -5.64 33.46 38.52
CA LEU L 202 -5.34 32.08 38.89
C LEU L 202 -3.97 31.74 38.34
N MET L 203 -2.96 31.87 39.18
CA MET L 203 -1.57 31.75 38.73
C MET L 203 -1.15 30.31 38.43
N ILE L 204 -0.59 30.11 37.26
CA ILE L 204 0.01 28.83 36.89
C ILE L 204 1.52 28.97 36.94
N LEU L 205 2.14 28.34 37.95
CA LEU L 205 3.56 28.50 38.19
C LEU L 205 4.42 27.41 37.54
N ASP L 206 5.67 27.74 37.24
CA ASP L 206 6.63 26.76 36.77
C ASP L 206 7.06 25.91 37.96
N GLU L 207 7.76 24.81 37.69
CA GLU L 207 8.21 23.91 38.74
C GLU L 207 9.11 24.62 39.75
N LYS L 208 9.77 25.68 39.29
CA LYS L 208 10.62 26.50 40.16
C LYS L 208 9.77 27.38 41.06
N GLY L 209 8.77 28.03 40.49
CA GLY L 209 7.87 28.90 41.25
C GLY L 209 7.54 30.20 40.56
N LYS L 210 7.92 30.31 39.29
CA LYS L 210 7.66 31.52 38.51
C LYS L 210 6.45 31.35 37.61
N LEU L 211 5.78 32.47 37.31
CA LEU L 211 4.64 32.43 36.40
C LEU L 211 5.12 32.14 34.97
N LEU L 212 4.31 31.40 34.23
CA LEU L 212 4.66 30.99 32.87
C LEU L 212 4.79 32.19 31.93
N SER L 213 5.61 32.05 30.90
CA SER L 213 5.87 33.14 29.96
C SER L 213 5.04 33.00 28.69
N ALA L 214 4.89 34.11 27.96
CA ALA L 214 4.07 34.13 26.75
C ALA L 214 4.71 33.35 25.60
N GLY L 215 6.04 33.37 25.56
CA GLY L 215 6.77 32.63 24.53
C GLY L 215 6.62 31.14 24.71
N ASP L 216 6.44 30.71 25.95
CA ASP L 216 6.27 29.31 26.28
C ASP L 216 4.86 28.85 25.90
N THR L 217 4.59 28.84 24.59
CA THR L 217 3.24 28.56 24.08
C THR L 217 2.79 27.12 24.31
N LYS L 218 3.73 26.24 24.65
CA LYS L 218 3.42 24.83 24.86
C LYS L 218 2.81 24.58 26.23
N ARG L 219 2.86 25.58 27.11
CA ARG L 219 2.43 25.39 28.50
C ARG L 219 1.53 26.52 29.02
N ARG L 220 1.72 27.73 28.51
CA ARG L 220 0.95 28.88 28.99
C ARG L 220 -0.54 28.76 28.69
N PHE L 221 -1.36 29.31 29.58
CA PHE L 221 -2.81 29.24 29.44
C PHE L 221 -3.31 29.92 28.17
N PHE L 222 -4.34 29.34 27.56
CA PHE L 222 -4.96 29.92 26.38
C PHE L 222 -6.47 29.96 26.56
N GLU L 223 -7.06 28.81 26.85
CA GLU L 223 -8.50 28.67 27.03
C GLU L 223 -8.87 27.34 27.68
N ALA L 224 -10.14 26.98 27.59
CA ALA L 224 -10.63 25.68 28.04
C ALA L 224 -10.32 25.39 29.51
N SER L 225 -10.65 26.34 30.38
CA SER L 225 -10.40 26.19 31.80
C SER L 225 -11.27 25.09 32.41
N TRP L 226 -10.67 24.28 33.29
CA TRP L 226 -11.39 23.22 33.98
C TRP L 226 -10.71 22.86 35.31
N MET L 227 -11.51 22.40 36.28
CA MET L 227 -10.99 22.10 37.60
C MET L 227 -11.66 20.86 38.19
N HIS L 228 -10.85 19.93 38.69
CA HIS L 228 -11.38 18.76 39.41
C HIS L 228 -10.50 18.37 40.60
N TYR L 229 -11.06 17.57 41.51
CA TYR L 229 -10.38 17.19 42.73
C TYR L 229 -10.12 15.67 42.73
N TYR L 230 -8.88 15.29 43.01
CA TYR L 230 -8.51 13.88 43.02
C TYR L 230 -7.42 13.57 44.04
N ASN L 231 -7.71 12.65 44.95
CA ASN L 231 -6.77 12.21 45.99
C ASN L 231 -6.13 13.35 46.79
N GLY L 232 -6.97 14.19 47.39
CA GLY L 232 -6.50 15.26 48.24
C GLY L 232 -5.81 16.40 47.51
N LYS L 233 -6.00 16.47 46.20
CA LYS L 233 -5.37 17.52 45.40
C LYS L 233 -6.35 18.19 44.43
N TYR L 234 -6.01 19.41 44.02
CA TYR L 234 -6.77 20.12 43.00
C TYR L 234 -6.06 19.99 41.65
N TYR L 235 -6.82 19.68 40.61
CA TYR L 235 -6.28 19.57 39.27
C TYR L 235 -6.87 20.62 38.35
N PHE L 236 -6.06 21.57 37.92
CA PHE L 236 -6.51 22.59 36.97
C PHE L 236 -5.95 22.33 35.58
N SER L 237 -6.83 22.04 34.63
CA SER L 237 -6.43 21.75 33.26
C SER L 237 -6.96 22.79 32.28
N TYR L 238 -6.34 22.87 31.11
CA TYR L 238 -6.67 23.91 30.13
C TYR L 238 -6.16 23.58 28.74
N SER L 239 -6.45 24.45 27.79
CA SER L 239 -5.90 24.33 26.43
C SER L 239 -4.78 25.33 26.24
N THR L 240 -3.88 25.04 25.30
CA THR L 240 -2.74 25.91 25.04
C THR L 240 -2.83 26.56 23.66
N GLY L 241 -3.94 26.30 22.97
CA GLY L 241 -4.23 26.97 21.72
C GLY L 241 -3.37 26.56 20.54
N ASP L 242 -2.40 27.39 20.20
CA ASP L 242 -1.60 27.22 18.99
C ASP L 242 -0.62 26.04 19.05
N THR L 243 -0.55 25.37 20.18
CA THR L 243 0.25 24.16 20.29
C THR L 243 -0.65 22.93 20.37
N HIS L 244 -1.95 23.18 20.58
CA HIS L 244 -2.98 22.14 20.58
C HIS L 244 -2.81 21.15 21.72
N LEU L 245 -2.33 21.63 22.86
CA LEU L 245 -2.12 20.77 24.03
C LEU L 245 -3.21 20.96 25.10
N ILE L 246 -3.54 19.87 25.77
CA ILE L 246 -4.35 19.95 26.98
C ILE L 246 -3.46 19.62 28.17
N CYS L 247 -3.02 20.67 28.87
CA CYS L 247 -2.10 20.51 29.99
C CYS L 247 -2.85 20.66 31.31
N TYR L 248 -2.18 20.31 32.41
CA TYR L 248 -2.80 20.41 33.72
C TYR L 248 -1.83 20.86 34.80
N ALA L 249 -2.38 21.37 35.90
CA ALA L 249 -1.58 21.84 37.02
C ALA L 249 -2.17 21.37 38.35
N THR L 250 -1.40 21.50 39.43
CA THR L 250 -1.84 20.99 40.73
C THR L 250 -1.82 22.08 41.80
N GLY L 251 -2.87 22.12 42.61
CA GLY L 251 -2.98 23.08 43.70
C GLY L 251 -3.57 22.46 44.95
N ASP L 252 -3.73 23.28 45.99
CA ASP L 252 -4.26 22.80 47.27
C ASP L 252 -5.52 23.54 47.70
N ASN L 253 -5.89 24.56 46.94
CA ASN L 253 -7.11 25.32 47.20
C ASN L 253 -7.54 26.07 45.95
N PRO L 254 -8.83 26.46 45.86
CA PRO L 254 -9.34 27.12 44.64
C PRO L 254 -8.64 28.42 44.25
N TYR L 255 -8.05 29.12 45.22
CA TYR L 255 -7.43 30.41 44.94
C TYR L 255 -5.93 30.31 44.66
N GLY L 256 -5.22 29.54 45.48
CA GLY L 256 -3.77 29.49 45.43
C GLY L 256 -3.18 29.11 44.09
N PRO L 257 -1.89 29.44 43.90
CA PRO L 257 -1.16 29.20 42.64
C PRO L 257 -1.14 27.72 42.26
N PHE L 258 -1.09 27.45 40.96
CA PHE L 258 -1.00 26.08 40.47
C PHE L 258 0.34 25.86 39.77
N THR L 259 0.78 24.61 39.71
CA THR L 259 2.08 24.29 39.13
C THR L 259 1.94 23.29 37.98
N TYR L 260 2.44 23.67 36.81
CA TYR L 260 2.40 22.83 35.62
C TYR L 260 3.06 21.47 35.86
N ARG L 261 2.39 20.40 35.44
CA ARG L 261 2.90 19.05 35.63
C ARG L 261 3.21 18.35 34.32
N GLY L 262 2.19 18.18 33.48
CA GLY L 262 2.37 17.48 32.22
C GLY L 262 1.27 17.70 31.21
N VAL L 263 1.26 16.88 30.17
CA VAL L 263 0.29 16.99 29.08
C VAL L 263 -0.73 15.87 29.12
N ILE L 264 -2.01 16.25 29.22
CA ILE L 264 -3.09 15.28 29.24
C ILE L 264 -3.43 14.79 27.83
N LEU L 265 -3.59 15.73 26.91
CA LEU L 265 -3.99 15.40 25.55
C LEU L 265 -3.07 16.00 24.49
N THR L 266 -2.46 15.13 23.68
CA THR L 266 -1.64 15.54 22.54
C THR L 266 -2.57 16.08 21.45
N PRO L 267 -2.08 16.99 20.61
CA PRO L 267 -2.83 17.59 19.50
C PRO L 267 -3.74 16.63 18.74
N VAL L 268 -4.95 17.10 18.45
CA VAL L 268 -5.93 16.32 17.69
C VAL L 268 -6.16 16.99 16.34
N VAL L 269 -6.84 16.30 15.43
CA VAL L 269 -7.18 16.92 14.16
C VAL L 269 -8.23 18.01 14.40
N GLY L 270 -8.12 19.11 13.65
CA GLY L 270 -8.89 20.30 13.96
C GLY L 270 -8.07 21.20 14.87
N TRP L 271 -8.17 22.50 14.65
CA TRP L 271 -7.31 23.46 15.35
C TRP L 271 -7.63 23.57 16.84
N THR L 272 -8.92 23.50 17.18
CA THR L 272 -9.34 23.65 18.57
C THR L 272 -9.27 22.34 19.35
N THR L 273 -9.12 22.46 20.66
CA THR L 273 -9.11 21.30 21.55
C THR L 273 -9.64 21.65 22.94
N HIS L 274 -10.93 21.45 23.14
CA HIS L 274 -11.55 21.72 24.43
C HIS L 274 -11.82 20.40 25.14
N HIS L 275 -11.90 20.43 26.47
CA HIS L 275 -12.02 19.19 27.23
C HIS L 275 -12.82 19.31 28.52
N SER L 276 -12.95 18.17 29.20
CA SER L 276 -13.63 18.09 30.49
C SER L 276 -13.24 16.78 31.17
N ILE L 277 -13.05 16.83 32.49
CA ILE L 277 -12.64 15.64 33.24
C ILE L 277 -13.60 15.34 34.39
N VAL L 278 -14.20 14.15 34.35
CA VAL L 278 -15.18 13.76 35.36
C VAL L 278 -15.02 12.30 35.77
N GLU L 279 -15.47 11.97 36.97
CA GLU L 279 -15.47 10.59 37.43
C GLU L 279 -16.88 10.04 37.44
N PHE L 280 -17.09 8.91 36.76
CA PHE L 280 -18.41 8.30 36.67
C PHE L 280 -18.35 6.80 36.93
N LYS L 281 -18.91 6.39 38.07
CA LYS L 281 -18.93 4.99 38.49
C LYS L 281 -17.53 4.37 38.59
N GLY L 282 -16.67 4.98 39.38
CA GLY L 282 -15.35 4.44 39.66
C GLY L 282 -14.27 4.84 38.66
N LYS L 283 -14.66 5.08 37.42
CA LYS L 283 -13.69 5.40 36.37
C LYS L 283 -13.65 6.90 36.03
N TRP L 284 -12.50 7.33 35.51
CA TRP L 284 -12.33 8.71 35.07
C TRP L 284 -12.30 8.79 33.55
N TYR L 285 -12.96 9.80 32.99
CA TYR L 285 -13.03 9.95 31.54
C TYR L 285 -12.59 11.34 31.08
N LEU L 286 -11.94 11.40 29.93
CA LEU L 286 -11.57 12.68 29.32
C LEU L 286 -12.48 12.99 28.13
N PHE L 287 -13.45 13.87 28.35
CA PHE L 287 -14.33 14.29 27.27
C PHE L 287 -13.67 15.39 26.45
N HIS L 288 -13.83 15.32 25.14
CA HIS L 288 -13.22 16.29 24.23
C HIS L 288 -13.88 16.23 22.85
N HIS L 289 -13.21 16.76 21.84
CA HIS L 289 -13.76 16.73 20.49
C HIS L 289 -12.71 16.58 19.39
N ASP L 290 -13.16 16.13 18.23
CA ASP L 290 -12.28 15.93 17.08
C ASP L 290 -12.96 16.44 15.82
N CYS L 291 -12.18 16.60 14.76
CA CYS L 291 -12.73 17.03 13.47
C CYS L 291 -12.59 15.92 12.44
N VAL L 292 -12.33 14.70 12.90
CA VAL L 292 -12.22 13.54 12.02
C VAL L 292 -13.49 13.25 11.20
N PRO L 293 -14.68 13.28 11.82
CA PRO L 293 -15.88 13.04 11.01
C PRO L 293 -16.16 14.15 9.99
N SER L 294 -15.54 15.32 10.16
CA SER L 294 -15.75 16.44 9.25
C SER L 294 -14.56 16.63 8.31
N LYS L 295 -13.62 15.70 8.35
CA LYS L 295 -12.40 15.75 7.55
C LYS L 295 -11.54 16.99 7.80
N GLY L 296 -11.45 17.41 9.06
CA GLY L 296 -10.53 18.45 9.45
C GLY L 296 -11.06 19.87 9.44
N LYS L 297 -12.37 20.03 9.33
CA LYS L 297 -12.97 21.36 9.35
C LYS L 297 -13.10 21.87 10.79
N THR L 298 -12.30 22.87 11.12
CA THR L 298 -12.19 23.39 12.48
C THR L 298 -13.52 23.82 13.10
N TRP L 299 -14.36 24.44 12.29
CA TRP L 299 -15.65 24.93 12.78
C TRP L 299 -16.64 23.79 13.05
N LEU L 300 -16.38 22.62 12.48
CA LEU L 300 -17.23 21.45 12.69
C LEU L 300 -16.51 20.35 13.47
N ARG L 301 -16.79 20.28 14.78
CA ARG L 301 -16.16 19.28 15.62
C ARG L 301 -17.16 18.22 16.07
N SER L 302 -16.65 17.06 16.48
CA SER L 302 -17.51 15.98 16.96
C SER L 302 -17.02 15.48 18.32
N LEU L 303 -17.95 15.28 19.24
CA LEU L 303 -17.62 14.85 20.59
C LEU L 303 -17.05 13.43 20.63
N LYS L 304 -16.03 13.24 21.47
CA LYS L 304 -15.43 11.94 21.67
C LYS L 304 -14.98 11.81 23.13
N VAL L 305 -14.91 10.57 23.62
CA VAL L 305 -14.52 10.34 25.01
C VAL L 305 -13.43 9.26 25.12
N ALA L 306 -12.47 9.50 26.01
CA ALA L 306 -11.44 8.52 26.29
C ALA L 306 -11.41 8.24 27.79
N GLU L 307 -10.66 7.21 28.20
CA GLU L 307 -10.55 6.90 29.61
C GLU L 307 -9.27 7.49 30.20
N LEU L 308 -9.42 8.31 31.24
CA LEU L 308 -8.29 8.92 31.91
C LEU L 308 -7.90 8.10 33.13
N LYS L 309 -6.59 7.88 33.31
CA LYS L 309 -6.09 7.10 34.43
C LYS L 309 -4.89 7.75 35.10
N TYR L 310 -4.81 7.59 36.42
CA TYR L 310 -3.77 8.25 37.21
C TYR L 310 -2.65 7.29 37.59
N ASN L 311 -1.42 7.77 37.52
CA ASN L 311 -0.29 7.04 38.08
C ASN L 311 -0.33 7.15 39.60
N PRO L 312 0.20 6.13 40.31
CA PRO L 312 0.13 6.09 41.78
C PRO L 312 0.75 7.30 42.48
N ASP L 313 1.62 8.02 41.78
CA ASP L 313 2.22 9.23 42.34
C ASP L 313 1.27 10.43 42.22
N GLY L 314 0.21 10.26 41.43
CA GLY L 314 -0.78 11.30 41.25
C GLY L 314 -0.82 11.85 39.84
N SER L 315 0.26 11.69 39.10
CA SER L 315 0.36 12.21 37.75
C SER L 315 -0.58 11.49 36.77
N ILE L 316 -1.06 12.22 35.78
CA ILE L 316 -1.98 11.68 34.79
C ILE L 316 -1.23 11.11 33.58
N GLN L 317 -1.61 9.91 33.16
CA GLN L 317 -1.02 9.28 31.99
C GLN L 317 -1.39 10.06 30.72
N PRO L 318 -0.39 10.41 29.91
CA PRO L 318 -0.58 11.21 28.70
C PRO L 318 -1.37 10.47 27.62
N ILE L 319 -2.45 11.07 27.15
CA ILE L 319 -3.28 10.47 26.11
C ILE L 319 -2.91 11.04 24.75
N LYS L 320 -2.71 10.16 23.76
CA LYS L 320 -2.48 10.60 22.39
C LYS L 320 -3.80 11.00 21.76
N GLY L 321 -3.85 12.20 21.20
CA GLY L 321 -5.09 12.75 20.69
C GLY L 321 -5.26 12.67 19.19
N THR L 322 -4.25 12.13 18.50
CA THR L 322 -4.25 12.02 17.04
C THR L 322 -4.46 13.36 16.35
CA CA M . -19.75 -5.98 -14.25
S SO4 N . -18.03 0.00 -8.50
O1 SO4 N . -16.74 0.32 -9.11
O2 SO4 N . -18.27 -1.43 -8.61
O3 SO4 N . -18.02 0.39 -7.10
O4 SO4 N . -19.08 0.72 -9.22
S SO4 O . -16.35 2.45 1.69
O1 SO4 O . -15.83 1.77 0.51
O2 SO4 O . -17.68 1.95 1.99
O3 SO4 O . -15.46 2.20 2.83
O4 SO4 O . -16.41 3.88 1.44
CA CA P . -44.82 30.34 -16.06
S SO4 Q . -48.03 24.03 -11.35
O1 SO4 Q . -46.79 23.49 -11.90
O2 SO4 Q . -48.29 23.44 -10.04
O3 SO4 Q . -47.90 25.47 -11.21
O4 SO4 Q . -49.14 23.71 -12.24
S SO4 R . -51.05 20.70 -2.88
O1 SO4 R . -49.81 21.18 -3.51
O2 SO4 R . -51.09 19.25 -2.95
O3 SO4 R . -51.07 21.13 -1.48
O4 SO4 R . -52.20 21.25 -3.58
CA CA S . 32.80 19.17 24.44
S SO4 T . 35.26 14.60 17.79
O1 SO4 T . 36.26 14.53 16.73
O2 SO4 T . 34.95 13.26 18.27
O3 SO4 T . 35.77 15.41 18.90
O4 SO4 T . 34.04 15.23 17.27
S SO4 U . 39.87 13.96 11.47
O1 SO4 U . 40.99 13.86 12.40
O2 SO4 U . 39.13 12.71 11.48
O3 SO4 U . 38.99 15.06 11.86
O4 SO4 U . 40.39 14.21 10.12
CA CA V . 9.11 23.81 -12.50
S SO4 W . 15.10 29.71 -11.38
O1 SO4 W . 16.40 30.23 -11.79
O2 SO4 W . 15.19 29.11 -10.06
O3 SO4 W . 14.14 30.81 -11.36
O4 SO4 W . 14.64 28.70 -12.34
S SO4 X . 22.61 32.75 -13.91
O1 SO4 X . 23.64 32.21 -14.78
O2 SO4 X . 21.42 31.90 -13.98
O3 SO4 X . 23.09 32.77 -12.54
O4 SO4 X . 22.27 34.10 -14.35
CA CA Y . 14.64 3.02 -53.55
S SO4 Z . 21.61 -0.62 -55.93
O1 SO4 Z . 22.26 -1.00 -57.17
O2 SO4 Z . 21.16 -1.81 -55.22
O3 SO4 Z . 22.55 0.12 -55.09
O4 SO4 Z . 20.45 0.23 -56.22
S SO4 AA . 27.25 -3.48 -63.18
O1 SO4 AA . 27.41 -3.82 -64.59
O2 SO4 AA . 28.04 -4.41 -62.38
O3 SO4 AA . 27.72 -2.12 -62.96
O4 SO4 AA . 25.85 -3.58 -62.80
CA CA BA . 17.71 -39.64 -42.24
S SO4 CA . 13.78 -38.03 -49.46
O1 SO4 CA . 13.99 -38.24 -50.89
O2 SO4 CA . 14.68 -38.90 -48.70
O3 SO4 CA . 14.04 -36.65 -49.11
O4 SO4 CA . 12.39 -38.37 -49.12
S SO4 DA . 13.95 -38.82 -59.16
O1 SO4 DA . 14.47 -39.31 -60.43
O2 SO4 DA . 14.98 -38.91 -58.14
O3 SO4 DA . 13.54 -37.42 -59.31
O4 SO4 DA . 12.79 -39.62 -58.77
CA CA EA . 34.04 -62.98 -0.87
S SO4 FA . 35.18 -59.62 -8.86
O1 SO4 FA . 35.96 -59.46 -10.08
O2 SO4 FA . 35.88 -60.55 -7.97
O3 SO4 FA . 35.04 -58.34 -8.20
O4 SO4 FA . 33.87 -60.15 -9.18
S SO4 GA . 39.57 -57.30 -15.99
O1 SO4 GA . 40.29 -58.57 -15.88
O2 SO4 GA . 38.25 -57.44 -15.41
O3 SO4 GA . 40.32 -56.26 -15.29
O4 SO4 GA . 39.45 -56.94 -17.40
CA CA HA . 28.74 -19.28 -2.30
S SO4 IA . 36.69 -21.86 -0.41
O1 SO4 IA . 38.03 -21.56 -0.92
O2 SO4 IA . 36.34 -23.24 -0.72
O3 SO4 IA . 36.68 -21.67 1.04
O4 SO4 IA . 35.71 -20.97 -1.02
S SO4 JA . 46.02 -22.63 -3.16
O1 SO4 JA . 46.96 -22.84 -4.26
O2 SO4 JA . 46.30 -23.59 -2.09
O3 SO4 JA . 46.18 -21.27 -2.65
O4 SO4 JA . 44.65 -22.82 -3.63
CA CA KA . -40.39 -21.63 27.15
S SO4 LA . -36.25 -15.84 23.03
O1 SO4 LA . -35.23 -16.00 24.07
O2 SO4 LA . -36.99 -17.08 22.90
O3 SO4 LA . -37.16 -14.76 23.41
O4 SO4 LA . -35.60 -15.50 21.77
S SO4 MA . -34.44 -10.79 14.95
O1 SO4 MA . -34.93 -10.09 13.76
O2 SO4 MA . -33.91 -12.10 14.56
O3 SO4 MA . -33.37 -10.01 15.57
O4 SO4 MA . -35.53 -10.96 15.90
CA CA NA . 2.82 -18.63 36.33
S SO4 OA . 0.73 -24.26 30.59
O1 SO4 OA . 0.93 -24.62 29.19
O2 SO4 OA . 0.86 -25.46 31.43
O3 SO4 OA . 1.71 -23.27 31.01
O4 SO4 OA . -0.61 -23.70 30.77
S SO4 PA . 2.45 -28.22 20.58
O1 SO4 PA . 3.71 -28.72 20.03
O2 SO4 PA . 1.45 -29.28 20.52
O3 SO4 PA . 2.65 -27.81 21.97
O4 SO4 PA . 1.99 -27.07 19.79
CA CA QA . -25.41 67.12 28.43
S SO4 RA . -17.87 65.33 31.36
O1 SO4 RA . -16.46 65.47 31.01
O2 SO4 RA . -18.31 63.96 31.06
O3 SO4 RA . -18.05 65.59 32.79
O4 SO4 RA . -18.66 66.27 30.59
S SO4 SA . -8.19 67.24 31.23
O1 SO4 SA . -7.00 67.83 30.61
O2 SO4 SA . -7.82 66.00 31.90
O3 SO4 SA . -8.74 68.18 32.20
O4 SO4 SA . -9.18 66.96 30.20
CA CA TA . -15.32 24.73 29.93
S SO4 UA . -14.08 27.99 22.13
O1 SO4 UA . -13.27 28.54 21.05
O2 SO4 UA . -13.25 27.13 22.97
O3 SO4 UA . -14.63 29.07 22.94
O4 SO4 UA . -15.16 27.20 21.56
S SO4 VA . -8.05 30.05 13.21
O1 SO4 VA . -6.86 30.53 12.53
O2 SO4 VA . -7.85 30.15 14.65
O3 SO4 VA . -9.20 30.86 12.83
O4 SO4 VA . -8.30 28.66 12.85
#